data_8ZET
#
_entry.id   8ZET
#
_cell.length_a   1.00
_cell.length_b   1.00
_cell.length_c   1.00
_cell.angle_alpha   90.00
_cell.angle_beta   90.00
_cell.angle_gamma   90.00
#
_symmetry.space_group_name_H-M   'P 1'
#
loop_
_entity.id
_entity.type
_entity.pdbx_description
1 polymer 'Photosystem I P700 chlorophyll a apoprotein A1'
2 polymer 'Photosystem I P700 chlorophyll a apoprotein A2'
3 polymer 'Photosystem I iron-sulfur center'
4 polymer 'Photosystem I reaction center subunit II'
5 polymer 'Photosystem I reaction center subunit IV'
6 polymer 'Photosystem I reaction center subunit III'
7 polymer 'Photosystem I reaction center subunit Psa29'
8 polymer 'Photosystem I reaction center subunit VIII'
9 polymer 'Photosystem I reaction center subunit IX'
10 polymer 'Photosystem I reaction center subunit XI'
11 polymer 'Photosystem I reaction center subunit XII'
12 polymer Tp-PsaR
13 polymer 'Fucoxanthin chlorophyll a/c-binding protein Lhcq8'
14 polymer 'Fucoxanthin chl a/c light-harvesting protein, major type'
15 polymer 'Pt17531-like protein'
16 polymer Tp-RedCAP
17 polymer 'Fucoxanthin chl a/c light-harvesting protein'
18 non-polymer 'CHLOROPHYLL A'
19 non-polymer PHYLLOQUINONE
20 non-polymer 1,2-DIPALMITOYL-PHOSPHATIDYL-GLYCEROLE
21 non-polymer BETA-CAROTENE
22 non-polymer 1,2-DI-O-ACYL-3-O-[6-DEOXY-6-SULFO-ALPHA-D-GLUCOPYRANOSYL]-SN-GLYCEROL
23 non-polymer 1,2-DISTEAROYL-MONOGALACTOSYL-DIGLYCERIDE
24 non-polymer 'IRON/SULFUR CLUSTER'
25 non-polymer 'DIGALACTOSYL DIACYL GLYCEROL (DGDG)'
26 non-polymer "(3S,3'S,5R,5'R,6S,6'R,8'R)-3,5'-dihydroxy-8-oxo-6',7'-didehydro-5,5',6,6',7,8-hexahydro-5,6-epoxy-beta,beta-caroten-3'- yl acetate"
27 non-polymer (1~{R})-3,5,5-trimethyl-4-[(1~{E},3~{E},5~{E},7~{E},9~{E},11~{E},13~{E},15~{E})-3,7,12,16-tetramethyl-18-[(4~{R})-2,6,6-trimethyl-4-oxidanyl-cyclohexen-1-yl]octadeca-1,3,5,7,9,11,13,15-octaen-17-ynyl]cyclohex-3-en-1-ol
28 non-polymer "(3S,3'R,5R,6S,7cis)-7',8'-didehydro-5,6-dihydro-5,6-epoxy-beta,beta-carotene-3,3'-diol"
29 non-polymer 'Chlorophyll c1'
#
loop_
_entity_poly.entity_id
_entity_poly.type
_entity_poly.pdbx_seq_one_letter_code
_entity_poly.pdbx_strand_id
1 'polypeptide(L)'
;SKNVQVFVEKDAVETSFAKWAQPGHFSRTLAKGPKTTTWIWNLHADAHDFDSQTSSLEEVSRKIFSAHFGQLAIIFLWIS
GMHFHGAYFSNYSAWLTDPISIKQSSQVVWPIVGQEILNADVGGNFQGIQTTSGWFQMWRAEGITSEVELYWTAIGGLAM
SAIMLFAGWFHYHKAAPKLEWFQNAESMMNHHLAGLLGLGCLSWSGHQIHIALPINKLLDAGVSPQEIPLPHEFLINRDL
MAQLYPSFSKGLAPFFGGNWGEYSDFLTFKGGLNPVTGGLWLSDIAHHHLALSVLFIIAGHMYRTNWGIGHNMKEILEAH
KGPFTGEGHKGLYEILTTSWHAQLAINLAMMGSLSIIVAHHMYAMPPYPYLATDYATQLSLFTHHMWIGGFCVVGGAAHG
AIFMVRDYTPANNYNNLLDRVLRHRDAIISHLNWVCIFLGCHAFGFYIHNDTMRALGRPQDMFSDKAIQLQPIFAQWIQN
IHLLAPGTTAPNALATTSYAFGGDVIEVGGKIAMMPIKLGTADFMVHHIHAFTIHVTVLILLKGVLYARSSKLIPDKANL
GFRFPCDGPGRGGTCQSSSWDHVFLGLFWMYNSISVVIFHFSWKMQSDVWGTITPDGAISHITGGNFAQSSITINGWLRD
FLWSQASQVIQSYGSASSAYGLIFLGAHFIWAFSLMFLFSGRGYWQELIESIVWAHNKLNFAPTIQPRALSITQGRAVGL
AHYLLGGIGTTWAFFLARAISIT
;
a
2 'polypeptide(L)'
;ATKFPKFSQALAQDPATRRIWYGIATAHDLEAHDGMTEENLYQKIFASHFGHLAIIFLWTSGNLFHVAWQGNFEKWVSNP
LKTRPIAHSIWDPHFGESALKAFSKGNTYPVNITFSGLYQWWYTIGFRTNQELYKGSIGLLLLASVLLIAGWLHLQPKFR
PSLSWFKNNESRLNHHLSGLLGFSSLAWTGHLVHVAIPASRGVHVGWDNFLTTPPHPAGLTPFFTGNWTVYAENPDSATH
VFNTSEGSGTAILTFLGGFHPQTQSLWLSDMAHHHLAIAVVFIVAGHMYRTNFGIGHNMKEILDAHRPPGGRLGAGHVGL
FETITNSLHMQLGLALACLGVATSLTAQHMYALTPYAYLSKDFTTEAALYTHHQYIAGFLMVGAFAHGAIFFVRDYDPEL
NKNNVLARMLEHKEAIISHLSWASLFLGFHTLGLYIHNDTVVAFGQPEKQILFEPLFAEYIQAASGKAVYQFNVLLASST
SPATAAGNQVWLPGWLEAINNPKTDLFLKIGPGDFLVHHAIALGLHVTALILVKGALDARGSKLMPDKKDFGYSFPCDGP
GRGGTCDISAWDAFYLAMFWMLNTIGWVTFYWHWKHMTIWGGNPGQFDESSNYIMGWLRDYLWLNSSPLINGYNPFGMNN
LSVWSWMFLFGHLIWATGFMFLISWRGYWQELIETLVWAHERTPLANLIRWRDKPVALSIVQARLVGLVHFSVGYILTYA
AFVIASTSGKFA
;
b
3 'polypeptide(L)' SHTVKIYDTCIGCTQCVRACPTDVLEMVPWDGCKSGQIASSPRVEDCVGCKRCETACPTDFLSVRVYLGAETTRSLGLAY c
4 'polypeptide(L)'
;PFPTFGGSTGGWLRAAEVEEKYAITWTSTKEQIFEMPTGGAAIMRNGENLLYLARKEQCLALSTQLRTFKINDYKIYRIF
PSGEVQYLHPKDGVFPEKVNPGRTSVNSRGFSIGKNPNPASIKFSGITTYES
;
d
5 'polypeptide(L)' MIDRNSKVRILRKESYWFNQIGTVATVDQSGIRYPAVVRFESVNYAGTNTNNFALDELVEVK e
6 'polypeptide(L)'
;EIGGLTKCSESAAFTKRLNASVKKLEQRASQYEADSPPALALKQQVERTQARFDKYSRSELLCGADGLPHLVADGRWSHA
AEFILPGFGFIYISGWIGWVGRKYLRAVSTSANPSESEIIINVPLALKIMTTGYIWPISAWQELISNDLVAVSEEITVSP
;
f
7 'polypeptide(L)'
;VDLDYGMKNSYVPATGGDGGQGQFGAQSPNDWRVAGTSPVGETSYAGAADGGEEPWFAEAISTVSLDLQKADETLKAFTK
DAAAFKIEEFAAEKPYGFTSSDAAMEELVGKLGYSKFLEMSTKQLMKTWGT
;
g
8 'polypeptide(L)' AASFLPSILVPLVGLIFPAFSMALFFLYVQTDD i
9 'polypeptide(L)' MNDFQKYLSTAPVLLTLWMTFTAGFIIEVNRFFPDMLGLY j
10 'polypeptide(L)'
;ANFIKPYNDDPFVGHLATPITSSSLTRALLKNLPAYRFGLTPLLRGLEIGLAHGYFLIGPFAQLGPLRNSDIGLLAGFLS
TIGLILILTLGLTIYGAAAFGQEKSNGSELQTKKSWDQFKGGFFVGACGSAGFAFICLSSIPTFAL
;
l
11 'polypeptide(L)' MITDFQVYIALMAALLASVLAIRLGATLY m
12 'polypeptide(L)'
;DMTWEGEYPPSKVLGPIMSKMPSGLLAIISMASLGVCVYSCVQTGFLLREPGAIENGSWVRWYYVVEGLGGPLAWGTHVA
SWIQRKNGM
;
r
13 'polypeptide(L)'
;YASELDSMTGTGIESPKVFDPLNLSDYVPVDWARRAELSNGRSAMLATVGWFFPKVFGTFDSTDVTTTDPIDAIMQADPQ
WWAQWILICGVFETWKYKKEMEGKSFLGGADPAVDYLKLWPADAAAQEEMKTKELKNARLAMIGIAGFAANHFIPGSCPV
PDFIA
;
B
14 'polypeptide(L)'
;ADFSGEIGAANAELGCWDPLNFCTDQASFDKMRYAELKHGRVAQLAAWGYATTWSGARFPGCEDFPAGHEAVLKIGTENL
IPVLVVAGALETLWKQKEGSFPGDFSATSFPVGFGPFAKTEADMIDLRTKELNNGRAAMMGILGMIVHEQIDGKPFIFFD
KFEIYAPFGN
;
C
15 'polypeptide(L)'
;AWRDEVVVGITAPVGFFDPLGLSKGKDDATMAYYREAELKNGRVAMAACLGWYLNAGGVHPAFNSELSNDPLKAMVELPA
VGWLQFVLGCGAIEWLGQQIKERPGYVPGDLLGASYWVDNSDEGWVMYQNKELNNGRLAMLAIVGMVYQDVFVGDYGDMM
YKQL
;
D
16 'polypeptide(L)'
;SVFDDAVKDWAEEYPQFAAWGWGPSVQAEIWNGRHAMFGWVVMCACAYAKGHGLIPDADQTLDLKEWGTLATISGKNTIT
NERAIILIANVHALMVGLAATISPNSFADTLLLDPNHPMYEWQMERNSKLGGVMPNLGKMGVTPEAELANGRMAMMGIIT
CIAYSGIQGQSMIDTINEWVGGAYF
;
E
17 'polypeptide(L)'
;EMSKSIPFLTVPEKLDGSMAGDVGFDPMGLSDIQTDLNYARWAELKHGRICMLAVVGMVWQEYGPHLPGDAYATKDPWEA
ISSVGFASNFQTLLAIGVVELANWNKYYGDGTPGDIGWTGGQLSKMNDAQIKTRMESEIVHCRLAMIAFIGATHQTFLLH
KGLLDFSY
;
H
#
# COMPACT_ATOMS: atom_id res chain seq x y z
N SER A 1 16.55 -5.43 -63.78
CA SER A 1 17.90 -4.97 -64.09
C SER A 1 18.66 -4.63 -62.83
N LYS A 2 18.90 -3.34 -62.61
CA LYS A 2 19.63 -2.91 -61.44
C LYS A 2 18.85 -3.26 -60.20
N ASN A 3 19.55 -3.67 -59.14
CA ASN A 3 18.88 -3.98 -57.89
C ASN A 3 18.21 -2.74 -57.35
N VAL A 4 18.91 -1.60 -57.41
CA VAL A 4 18.35 -0.37 -56.89
C VAL A 4 17.95 0.56 -58.02
N GLN A 5 16.65 0.78 -58.17
CA GLN A 5 16.15 1.68 -59.22
C GLN A 5 15.08 2.60 -58.68
N VAL A 6 14.70 3.60 -59.46
CA VAL A 6 13.66 4.51 -59.05
C VAL A 6 12.36 4.22 -59.77
N PHE A 7 11.31 3.91 -59.01
CA PHE A 7 10.01 3.64 -59.61
C PHE A 7 8.99 4.61 -59.07
N VAL A 8 8.37 5.40 -59.94
CA VAL A 8 7.43 6.41 -59.49
C VAL A 8 6.18 6.43 -60.36
N GLU A 9 5.02 6.58 -59.74
CA GLU A 9 3.77 6.65 -60.49
C GLU A 9 3.36 8.10 -60.72
N LYS A 10 3.07 8.45 -61.96
CA LYS A 10 2.72 9.83 -62.27
C LYS A 10 1.24 10.13 -62.04
N ASP A 11 0.95 11.34 -61.56
CA ASP A 11 -0.44 11.74 -61.35
C ASP A 11 -1.25 10.70 -60.59
N ALA A 12 -0.85 10.45 -59.35
CA ALA A 12 -1.55 9.44 -58.55
C ALA A 12 -2.83 9.94 -57.91
N VAL A 13 -2.80 11.15 -57.35
CA VAL A 13 -3.98 11.68 -56.67
C VAL A 13 -4.35 13.05 -57.19
N GLU A 14 -5.59 13.24 -57.57
CA GLU A 14 -6.05 14.53 -58.07
C GLU A 14 -6.13 15.55 -56.95
N THR A 15 -5.69 16.77 -57.22
CA THR A 15 -5.76 17.83 -56.22
C THR A 15 -7.09 18.54 -56.31
N SER A 16 -7.89 18.46 -55.25
CA SER A 16 -9.18 19.13 -55.23
C SER A 16 -9.60 19.41 -53.80
N PHE A 17 -10.60 20.27 -53.63
CA PHE A 17 -11.06 20.62 -52.30
C PHE A 17 -12.30 19.85 -51.90
N ALA A 18 -12.70 18.89 -52.71
CA ALA A 18 -13.93 18.15 -52.43
C ALA A 18 -13.83 17.38 -51.13
N LYS A 19 -12.76 16.60 -50.97
CA LYS A 19 -12.61 15.80 -49.77
C LYS A 19 -12.52 16.68 -48.55
N TRP A 20 -12.00 17.90 -48.72
CA TRP A 20 -11.86 18.81 -47.60
C TRP A 20 -13.23 19.10 -47.02
N ALA A 21 -14.25 19.11 -47.87
CA ALA A 21 -15.59 19.42 -47.42
C ALA A 21 -16.34 18.19 -46.98
N GLN A 22 -15.64 17.06 -46.91
CA GLN A 22 -16.27 15.82 -46.50
C GLN A 22 -15.50 15.25 -45.34
N PRO A 23 -15.67 15.84 -44.16
CA PRO A 23 -14.88 15.37 -43.01
C PRO A 23 -15.07 13.89 -42.76
N GLY A 24 -13.98 13.18 -42.48
CA GLY A 24 -14.07 11.75 -42.21
C GLY A 24 -13.92 10.90 -43.44
N HIS A 25 -13.49 11.51 -44.54
CA HIS A 25 -13.31 10.76 -45.77
C HIS A 25 -12.33 9.62 -45.63
N PHE A 26 -11.31 9.80 -44.80
CA PHE A 26 -10.28 8.78 -44.66
C PHE A 26 -10.81 7.47 -44.13
N SER A 27 -11.84 7.52 -43.30
CA SER A 27 -12.37 6.31 -42.68
C SER A 27 -13.67 5.85 -43.30
N ARG A 28 -13.86 4.55 -43.38
CA ARG A 28 -15.10 4.01 -43.91
C ARG A 28 -16.24 4.26 -42.93
N THR A 29 -15.97 4.01 -41.65
CA THR A 29 -17.00 4.19 -40.64
C THR A 29 -17.37 5.65 -40.46
N LEU A 30 -16.38 6.51 -40.30
CA LEU A 30 -16.66 7.92 -40.06
C LEU A 30 -17.28 8.59 -41.26
N ALA A 31 -16.99 8.10 -42.44
CA ALA A 31 -17.50 8.73 -43.65
C ALA A 31 -19.02 8.75 -43.72
N LYS A 32 -19.65 7.77 -43.09
CA LYS A 32 -21.11 7.69 -43.16
C LYS A 32 -21.78 8.95 -42.64
N GLY A 33 -21.22 9.55 -41.60
CA GLY A 33 -21.78 10.79 -41.08
C GLY A 33 -21.84 10.83 -39.58
N PRO A 34 -22.02 12.03 -39.01
CA PRO A 34 -22.09 12.16 -37.55
C PRO A 34 -23.47 11.89 -37.00
N LYS A 35 -23.56 11.05 -35.97
CA LYS A 35 -24.83 10.78 -35.33
C LYS A 35 -24.72 11.08 -33.85
N THR A 36 -23.51 11.05 -33.32
CA THR A 36 -23.28 11.37 -31.92
C THR A 36 -21.97 12.13 -31.82
N THR A 37 -21.73 12.76 -30.68
CA THR A 37 -20.53 13.58 -30.53
C THR A 37 -19.25 12.75 -30.62
N THR A 38 -19.35 11.44 -30.45
CA THR A 38 -18.18 10.59 -30.51
C THR A 38 -17.53 10.67 -31.88
N TRP A 39 -18.34 10.84 -32.91
CA TRP A 39 -17.80 10.92 -34.26
C TRP A 39 -16.76 12.02 -34.35
N ILE A 40 -17.05 13.17 -33.76
CA ILE A 40 -16.14 14.29 -33.82
C ILE A 40 -14.79 13.92 -33.24
N TRP A 41 -14.79 13.35 -32.06
CA TRP A 41 -13.53 13.01 -31.42
C TRP A 41 -12.78 11.94 -32.19
N ASN A 42 -13.51 10.97 -32.72
CA ASN A 42 -12.88 9.89 -33.47
C ASN A 42 -12.22 10.40 -34.72
N LEU A 43 -12.81 11.41 -35.33
CA LEU A 43 -12.24 12.00 -36.53
C LEU A 43 -10.82 12.44 -36.26
N HIS A 44 -10.61 13.12 -35.14
CA HIS A 44 -9.30 13.64 -34.83
C HIS A 44 -8.33 12.57 -34.35
N ALA A 45 -8.84 11.49 -33.77
CA ALA A 45 -7.98 10.45 -33.22
C ALA A 45 -7.53 9.41 -34.24
N ASP A 46 -8.18 9.38 -35.40
CA ASP A 46 -7.84 8.39 -36.40
C ASP A 46 -7.31 9.06 -37.64
N ALA A 47 -6.98 10.34 -37.53
CA ALA A 47 -6.54 11.11 -38.68
C ALA A 47 -5.24 10.62 -39.28
N HIS A 48 -4.27 10.29 -38.45
CA HIS A 48 -2.96 9.92 -38.97
C HIS A 48 -2.66 8.44 -38.81
N ASP A 49 -3.66 7.63 -38.54
CA ASP A 49 -3.46 6.19 -38.47
C ASP A 49 -3.68 5.63 -39.85
N PHE A 50 -2.72 5.79 -40.74
CA PHE A 50 -2.88 5.35 -42.12
C PHE A 50 -3.11 3.86 -42.27
N ASP A 51 -2.56 3.07 -41.35
CA ASP A 51 -2.69 1.62 -41.44
C ASP A 51 -4.15 1.20 -41.40
N SER A 52 -4.97 1.94 -40.66
CA SER A 52 -6.38 1.62 -40.56
C SER A 52 -7.18 2.27 -41.67
N GLN A 53 -6.58 3.24 -42.36
CA GLN A 53 -7.27 3.94 -43.44
C GLN A 53 -7.12 3.21 -44.76
N THR A 54 -6.03 2.47 -44.92
CA THR A 54 -5.80 1.71 -46.14
C THR A 54 -5.14 0.37 -45.83
N SER A 55 -5.25 -0.58 -46.74
CA SER A 55 -4.68 -1.90 -46.51
C SER A 55 -3.44 -2.16 -47.36
N SER A 56 -2.99 -1.15 -48.09
CA SER A 56 -1.84 -1.31 -48.95
C SER A 56 -0.62 -0.59 -48.41
N LEU A 57 0.47 -1.31 -48.22
CA LEU A 57 1.67 -0.70 -47.66
C LEU A 57 2.14 0.44 -48.54
N GLU A 58 2.01 0.29 -49.85
CA GLU A 58 2.46 1.33 -50.76
C GLU A 58 1.76 2.64 -50.45
N GLU A 59 0.45 2.59 -50.27
CA GLU A 59 -0.30 3.79 -49.99
C GLU A 59 0.09 4.39 -48.66
N VAL A 60 0.20 3.55 -47.64
CA VAL A 60 0.60 4.03 -46.33
C VAL A 60 1.96 4.68 -46.45
N SER A 61 2.88 4.02 -47.15
CA SER A 61 4.22 4.54 -47.27
C SER A 61 4.22 5.88 -47.96
N ARG A 62 3.45 6.02 -49.02
CA ARG A 62 3.42 7.26 -49.77
C ARG A 62 2.99 8.41 -48.88
N LYS A 63 1.97 8.18 -48.07
CA LYS A 63 1.48 9.23 -47.19
C LYS A 63 2.53 9.67 -46.21
N ILE A 64 3.26 8.71 -45.64
CA ILE A 64 4.27 9.04 -44.64
C ILE A 64 5.37 9.92 -45.22
N PHE A 65 5.82 9.62 -46.42
CA PHE A 65 6.89 10.39 -47.03
C PHE A 65 6.45 11.84 -47.19
N SER A 66 5.25 12.03 -47.72
CA SER A 66 4.74 13.38 -47.93
C SER A 66 4.50 14.11 -46.63
N ALA A 67 3.97 13.40 -45.63
CA ALA A 67 3.68 14.02 -44.35
C ALA A 67 4.95 14.53 -43.73
N HIS A 68 6.04 13.79 -43.92
CA HIS A 68 7.31 14.20 -43.36
C HIS A 68 7.75 15.52 -43.97
N PHE A 69 7.54 15.70 -45.27
CA PHE A 69 7.88 16.96 -45.90
C PHE A 69 7.14 18.09 -45.22
N GLY A 70 5.89 17.83 -44.83
CA GLY A 70 5.10 18.84 -44.14
C GLY A 70 5.73 19.27 -42.83
N GLN A 71 6.17 18.31 -42.03
CA GLN A 71 6.82 18.64 -40.77
C GLN A 71 8.06 19.49 -41.03
N LEU A 72 8.83 19.12 -42.05
CA LEU A 72 10.04 19.86 -42.36
C LEU A 72 9.71 21.30 -42.71
N ALA A 73 8.63 21.50 -43.44
CA ALA A 73 8.21 22.84 -43.78
C ALA A 73 7.90 23.64 -42.52
N ILE A 74 7.17 23.03 -41.60
CA ILE A 74 6.84 23.70 -40.36
C ILE A 74 8.09 24.07 -39.59
N ILE A 75 9.04 23.13 -39.51
CA ILE A 75 10.26 23.39 -38.78
C ILE A 75 11.01 24.56 -39.39
N PHE A 76 11.06 24.62 -40.71
CA PHE A 76 11.75 25.71 -41.38
C PHE A 76 11.09 27.04 -41.09
N LEU A 77 9.77 27.10 -41.11
CA LEU A 77 9.08 28.32 -40.78
C LEU A 77 9.40 28.76 -39.36
N TRP A 78 9.46 27.80 -38.45
CA TRP A 78 9.78 28.09 -37.06
C TRP A 78 11.14 28.76 -36.95
N ILE A 79 12.16 28.14 -37.54
CA ILE A 79 13.50 28.69 -37.49
C ILE A 79 13.54 30.07 -38.13
N SER A 80 12.84 30.22 -39.25
CA SER A 80 12.80 31.50 -39.94
C SER A 80 12.27 32.58 -39.04
N GLY A 81 11.19 32.30 -38.34
CA GLY A 81 10.59 33.28 -37.47
C GLY A 81 11.54 33.72 -36.40
N MET A 82 12.28 32.77 -35.83
CA MET A 82 13.20 33.10 -34.76
C MET A 82 14.26 34.07 -35.22
N HIS A 83 14.83 33.82 -36.40
CA HIS A 83 15.85 34.70 -36.93
C HIS A 83 15.27 36.07 -37.24
N PHE A 84 14.07 36.12 -37.78
CA PHE A 84 13.44 37.40 -38.07
C PHE A 84 13.22 38.17 -36.78
N HIS A 85 12.69 37.50 -35.77
CA HIS A 85 12.42 38.17 -34.51
C HIS A 85 13.71 38.63 -33.88
N GLY A 86 14.81 37.97 -34.24
CA GLY A 86 16.10 38.37 -33.71
C GLY A 86 16.69 39.48 -34.53
N ALA A 87 16.06 39.80 -35.66
CA ALA A 87 16.54 40.87 -36.51
C ALA A 87 15.74 42.14 -36.30
N TYR A 88 14.46 42.00 -35.97
CA TYR A 88 13.60 43.18 -35.84
C TYR A 88 13.14 43.46 -34.41
N PHE A 89 13.24 42.46 -33.54
CA PHE A 89 12.73 42.64 -32.19
C PHE A 89 13.73 42.17 -31.14
N SER A 90 15.01 42.49 -31.33
CA SER A 90 16.01 41.99 -30.39
C SER A 90 17.09 42.99 -30.06
N ASN A 91 17.94 42.65 -29.10
CA ASN A 91 19.03 43.53 -28.73
C ASN A 91 20.36 42.83 -28.99
N TYR A 92 20.41 42.05 -30.07
CA TYR A 92 21.62 41.29 -30.37
C TYR A 92 22.83 42.18 -30.55
N SER A 93 22.66 43.29 -31.26
CA SER A 93 23.79 44.17 -31.52
C SER A 93 24.42 44.63 -30.23
N ALA A 94 23.59 45.12 -29.32
CA ALA A 94 24.10 45.61 -28.06
C ALA A 94 24.75 44.49 -27.26
N TRP A 95 24.09 43.34 -27.22
CA TRP A 95 24.64 42.21 -26.49
C TRP A 95 25.97 41.83 -27.08
N LEU A 96 26.07 41.88 -28.40
CA LEU A 96 27.30 41.48 -29.05
C LEU A 96 28.45 42.33 -28.54
N THR A 97 28.23 43.62 -28.37
CA THR A 97 29.27 44.51 -27.86
C THR A 97 29.61 44.24 -26.40
N ASP A 98 28.60 44.07 -25.56
CA ASP A 98 28.84 43.76 -24.15
C ASP A 98 28.04 42.54 -23.74
N PRO A 99 28.56 41.35 -24.05
CA PRO A 99 27.82 40.12 -23.77
C PRO A 99 27.59 39.88 -22.28
N ILE A 100 28.51 40.33 -21.44
CA ILE A 100 28.38 40.05 -20.01
C ILE A 100 27.25 40.81 -19.32
N SER A 101 27.02 42.06 -19.71
CA SER A 101 26.00 42.87 -19.03
C SER A 101 24.59 42.79 -19.65
N ILE A 102 24.48 43.08 -20.94
CA ILE A 102 23.17 43.08 -21.60
C ILE A 102 22.51 41.72 -21.52
N LYS A 103 21.19 41.70 -21.30
CA LYS A 103 20.47 40.43 -21.23
C LYS A 103 19.76 40.11 -22.54
N GLN A 104 19.82 38.86 -22.96
CA GLN A 104 19.22 38.46 -24.24
C GLN A 104 17.72 38.63 -24.28
N SER A 105 17.19 39.25 -25.33
CA SER A 105 15.76 39.40 -25.47
C SER A 105 15.36 39.45 -26.93
N SER A 106 14.34 38.69 -27.30
CA SER A 106 13.92 38.63 -28.70
C SER A 106 12.41 38.63 -28.85
N GLN A 107 11.67 38.90 -27.78
CA GLN A 107 10.22 39.00 -27.87
C GLN A 107 9.74 40.27 -27.20
N VAL A 108 8.86 41.00 -27.86
CA VAL A 108 8.32 42.22 -27.29
C VAL A 108 6.80 42.18 -27.29
N VAL A 109 6.17 42.63 -26.22
CA VAL A 109 4.72 42.60 -26.13
C VAL A 109 4.10 43.94 -26.50
N TRP A 110 2.93 43.92 -27.11
CA TRP A 110 2.24 45.15 -27.47
C TRP A 110 1.76 45.82 -26.23
N PRO A 111 1.61 47.15 -26.26
CA PRO A 111 1.22 47.88 -25.08
C PRO A 111 -0.27 47.82 -24.82
N ILE A 112 -0.82 46.62 -24.72
CA ILE A 112 -2.25 46.47 -24.44
C ILE A 112 -2.45 45.99 -23.04
N VAL A 113 -3.43 46.57 -22.38
CA VAL A 113 -3.79 46.15 -21.02
C VAL A 113 -2.73 45.88 -19.95
N GLY A 114 -1.78 46.78 -19.80
CA GLY A 114 -0.82 46.62 -18.72
C GLY A 114 0.07 45.42 -18.91
N GLN A 115 -0.06 44.75 -20.04
CA GLN A 115 0.77 43.60 -20.31
C GLN A 115 2.17 44.10 -20.59
N GLU A 116 2.31 45.41 -20.78
CA GLU A 116 3.62 45.99 -21.10
C GLU A 116 4.60 45.75 -19.96
N ILE A 117 4.08 45.56 -18.76
CA ILE A 117 4.95 45.30 -17.63
C ILE A 117 5.86 44.15 -17.99
N LEU A 118 5.39 43.28 -18.85
CA LEU A 118 6.18 42.11 -19.21
C LEU A 118 7.40 42.48 -20.01
N ASN A 119 7.42 43.69 -20.56
CA ASN A 119 8.60 44.15 -21.29
C ASN A 119 9.61 44.66 -20.29
N ALA A 120 10.61 43.83 -19.98
CA ALA A 120 11.60 44.20 -18.97
C ALA A 120 12.69 45.09 -19.51
N ASP A 121 13.42 45.73 -18.60
CA ASP A 121 14.54 46.56 -19.01
C ASP A 121 15.76 45.68 -19.17
N VAL A 122 15.79 44.88 -20.23
CA VAL A 122 16.88 43.95 -20.44
C VAL A 122 18.23 44.62 -20.59
N GLY A 123 18.27 45.75 -21.30
CA GLY A 123 19.53 46.45 -21.51
C GLY A 123 19.65 46.93 -22.94
N GLY A 124 20.71 47.69 -23.23
CA GLY A 124 20.93 48.20 -24.57
C GLY A 124 19.79 49.04 -25.10
N ASN A 125 19.24 49.92 -24.26
CA ASN A 125 18.15 50.79 -24.69
C ASN A 125 17.06 49.97 -25.33
N PHE A 126 16.72 48.84 -24.72
CA PHE A 126 15.70 47.96 -25.28
C PHE A 126 14.88 47.34 -24.17
N GLN A 127 13.59 47.19 -24.39
CA GLN A 127 12.72 46.57 -23.39
C GLN A 127 11.96 45.41 -23.99
N GLY A 128 12.12 44.22 -23.42
CA GLY A 128 11.45 43.05 -23.95
C GLY A 128 11.54 41.86 -23.02
N ILE A 129 11.00 40.72 -23.46
CA ILE A 129 11.03 39.51 -22.64
C ILE A 129 12.38 38.84 -22.79
N GLN A 130 12.97 38.45 -21.66
CA GLN A 130 14.26 37.79 -21.69
C GLN A 130 14.11 36.36 -22.18
N THR A 131 14.61 36.07 -23.37
CA THR A 131 14.50 34.73 -23.94
C THR A 131 15.57 33.82 -23.38
N THR A 132 15.34 32.52 -23.41
CA THR A 132 16.29 31.58 -22.82
C THR A 132 16.60 30.39 -23.72
N SER A 133 16.48 30.58 -25.04
CA SER A 133 16.71 29.47 -25.95
C SER A 133 18.15 29.39 -26.41
N GLY A 134 18.92 30.45 -26.20
CA GLY A 134 20.33 30.43 -26.54
C GLY A 134 20.66 30.83 -27.96
N TRP A 135 19.77 31.55 -28.61
CA TRP A 135 20.00 31.96 -29.98
C TRP A 135 21.19 32.88 -30.11
N PHE A 136 21.30 33.85 -29.22
CA PHE A 136 22.38 34.83 -29.34
C PHE A 136 23.74 34.15 -29.34
N GLN A 137 23.95 33.22 -28.42
CA GLN A 137 25.23 32.54 -28.33
C GLN A 137 25.55 31.80 -29.61
N MET A 138 24.56 31.10 -30.15
CA MET A 138 24.77 30.34 -31.38
C MET A 138 25.15 31.26 -32.52
N TRP A 139 24.44 32.37 -32.65
CA TRP A 139 24.71 33.29 -33.73
C TRP A 139 26.12 33.86 -33.62
N ARG A 140 26.55 34.17 -32.41
CA ARG A 140 27.89 34.70 -32.21
C ARG A 140 28.92 33.69 -32.66
N ALA A 141 28.70 32.43 -32.33
CA ALA A 141 29.63 31.37 -32.70
C ALA A 141 29.71 31.24 -34.20
N GLU A 142 28.59 31.41 -34.88
CA GLU A 142 28.56 31.33 -36.33
C GLU A 142 29.24 32.53 -36.95
N GLY A 143 29.30 33.63 -36.21
CA GLY A 143 29.93 34.84 -36.72
C GLY A 143 28.98 35.78 -37.41
N ILE A 144 27.75 35.88 -36.92
CA ILE A 144 26.75 36.72 -37.58
C ILE A 144 27.14 38.19 -37.56
N THR A 145 27.44 38.74 -36.38
CA THR A 145 27.87 40.15 -36.27
C THR A 145 26.78 41.17 -36.59
N SER A 146 26.10 41.03 -37.71
CA SER A 146 25.10 42.01 -38.12
C SER A 146 23.68 41.49 -37.98
N GLU A 147 22.71 42.38 -38.13
CA GLU A 147 21.32 41.95 -38.07
C GLU A 147 20.78 41.83 -39.48
N VAL A 148 21.55 42.30 -40.45
CA VAL A 148 21.16 42.14 -41.84
C VAL A 148 21.29 40.68 -42.18
N GLU A 149 22.33 40.05 -41.69
CA GLU A 149 22.55 38.65 -41.97
C GLU A 149 21.43 37.81 -41.41
N LEU A 150 20.94 38.16 -40.23
CA LEU A 150 19.85 37.42 -39.63
C LEU A 150 18.62 37.53 -40.51
N TYR A 151 18.39 38.69 -41.09
CA TYR A 151 17.24 38.88 -41.96
C TYR A 151 17.32 37.96 -43.14
N TRP A 152 18.50 37.83 -43.72
CA TRP A 152 18.65 37.01 -44.91
C TRP A 152 18.47 35.52 -44.63
N THR A 153 18.97 35.06 -43.51
CA THR A 153 18.78 33.66 -43.16
C THR A 153 17.30 33.41 -42.92
N ALA A 154 16.59 34.42 -42.45
CA ALA A 154 15.14 34.29 -42.27
C ALA A 154 14.47 34.10 -43.62
N ILE A 155 14.88 34.88 -44.60
CA ILE A 155 14.30 34.77 -45.93
C ILE A 155 14.58 33.40 -46.51
N GLY A 156 15.80 32.91 -46.30
CA GLY A 156 16.15 31.60 -46.78
C GLY A 156 15.24 30.56 -46.18
N GLY A 157 14.95 30.72 -44.89
CA GLY A 157 14.10 29.77 -44.21
C GLY A 157 12.72 29.72 -44.81
N LEU A 158 12.14 30.88 -45.09
CA LEU A 158 10.82 30.92 -45.69
C LEU A 158 10.84 30.21 -47.03
N ALA A 159 11.86 30.49 -47.83
CA ALA A 159 11.97 29.85 -49.13
C ALA A 159 12.04 28.35 -48.97
N MET A 160 12.87 27.89 -48.06
CA MET A 160 13.02 26.46 -47.85
C MET A 160 11.71 25.83 -47.42
N SER A 161 10.97 26.52 -46.57
CA SER A 161 9.69 26.00 -46.11
C SER A 161 8.79 25.74 -47.29
N ALA A 162 8.73 26.71 -48.20
CA ALA A 162 7.89 26.56 -49.39
C ALA A 162 8.33 25.38 -50.23
N ILE A 163 9.63 25.23 -50.42
CA ILE A 163 10.13 24.15 -51.26
C ILE A 163 9.69 22.81 -50.69
N MET A 164 9.77 22.67 -49.38
CA MET A 164 9.37 21.42 -48.74
C MET A 164 7.90 21.14 -48.95
N LEU A 165 7.08 22.17 -48.82
CA LEU A 165 5.64 22.00 -48.98
C LEU A 165 5.33 21.56 -50.40
N PHE A 166 6.01 22.16 -51.38
CA PHE A 166 5.81 21.75 -52.75
C PHE A 166 6.21 20.31 -52.92
N ALA A 167 7.32 19.93 -52.31
CA ALA A 167 7.80 18.57 -52.44
C ALA A 167 6.76 17.60 -51.94
N GLY A 168 6.10 17.94 -50.85
CA GLY A 168 5.09 17.07 -50.30
C GLY A 168 3.96 16.87 -51.28
N TRP A 169 3.47 17.96 -51.86
CA TRP A 169 2.40 17.87 -52.83
C TRP A 169 2.87 17.10 -54.03
N PHE A 170 4.06 17.40 -54.52
CA PHE A 170 4.57 16.76 -55.72
C PHE A 170 4.71 15.27 -55.56
N HIS A 171 5.25 14.82 -54.44
CA HIS A 171 5.52 13.39 -54.29
C HIS A 171 4.32 12.62 -53.76
N TYR A 172 3.15 13.26 -53.74
CA TYR A 172 1.95 12.52 -53.34
C TYR A 172 0.90 12.64 -54.43
N HIS A 173 0.87 13.77 -55.11
CA HIS A 173 -0.17 13.98 -56.10
C HIS A 173 0.33 13.85 -57.53
N LYS A 174 1.62 14.11 -57.75
CA LYS A 174 2.14 14.10 -59.12
C LYS A 174 3.16 13.01 -59.40
N ALA A 175 4.06 12.76 -58.46
CA ALA A 175 5.08 11.74 -58.63
C ALA A 175 5.24 10.90 -57.40
N ALA A 176 4.36 9.92 -57.21
CA ALA A 176 4.40 9.13 -56.00
C ALA A 176 5.25 7.88 -56.18
N PRO A 177 6.27 7.72 -55.34
CA PRO A 177 7.15 6.56 -55.44
C PRO A 177 6.41 5.27 -55.14
N LYS A 178 6.81 4.17 -55.76
CA LYS A 178 6.18 2.88 -55.50
C LYS A 178 6.84 2.18 -54.33
N LEU A 179 6.23 1.11 -53.84
CA LEU A 179 6.75 0.43 -52.65
C LEU A 179 8.17 -0.06 -52.84
N GLU A 180 8.49 -0.52 -54.04
CA GLU A 180 9.82 -1.04 -54.30
C GLU A 180 10.86 0.03 -54.01
N TRP A 181 10.55 1.27 -54.36
CA TRP A 181 11.49 2.35 -54.11
C TRP A 181 11.75 2.49 -52.62
N PHE A 182 10.70 2.47 -51.83
CA PHE A 182 10.85 2.66 -50.38
C PHE A 182 11.67 1.55 -49.76
N GLN A 183 11.48 0.33 -50.22
CA GLN A 183 12.18 -0.81 -49.61
C GLN A 183 13.59 -0.97 -50.13
N ASN A 184 14.44 0.01 -49.87
CA ASN A 184 15.84 -0.08 -50.29
C ASN A 184 16.69 0.40 -49.14
N ALA A 185 16.73 -0.37 -48.06
CA ALA A 185 17.45 0.04 -46.86
C ALA A 185 18.93 0.29 -47.09
N GLU A 186 19.61 -0.62 -47.78
CA GLU A 186 21.04 -0.48 -47.96
C GLU A 186 21.36 0.84 -48.63
N SER A 187 20.64 1.16 -49.70
CA SER A 187 20.87 2.40 -50.40
C SER A 187 20.59 3.59 -49.50
N MET A 188 19.48 3.55 -48.78
CA MET A 188 19.12 4.67 -47.92
C MET A 188 20.19 4.93 -46.90
N MET A 189 20.67 3.88 -46.26
CA MET A 189 21.70 4.05 -45.25
C MET A 189 23.00 4.57 -45.84
N ASN A 190 23.37 4.05 -47.00
CA ASN A 190 24.56 4.55 -47.66
C ASN A 190 24.45 6.04 -47.92
N HIS A 191 23.31 6.47 -48.44
CA HIS A 191 23.11 7.89 -48.74
C HIS A 191 23.00 8.75 -47.49
N HIS A 192 22.24 8.31 -46.51
CA HIS A 192 22.04 9.10 -45.30
C HIS A 192 23.27 9.16 -44.41
N LEU A 193 24.10 8.14 -44.46
CA LEU A 193 25.26 8.08 -43.58
C LEU A 193 26.47 8.73 -44.21
N ALA A 194 26.42 8.96 -45.51
CA ALA A 194 27.55 9.56 -46.20
C ALA A 194 27.20 10.93 -46.74
N GLY A 195 25.96 11.10 -47.19
CA GLY A 195 25.54 12.37 -47.73
C GLY A 195 24.94 13.31 -46.71
N LEU A 196 23.95 12.84 -45.97
CA LEU A 196 23.29 13.70 -45.00
C LEU A 196 24.21 14.05 -43.85
N LEU A 197 24.91 13.06 -43.32
CA LEU A 197 25.76 13.31 -42.15
C LEU A 197 27.19 13.64 -42.52
N GLY A 198 27.77 12.88 -43.43
CA GLY A 198 29.15 13.11 -43.80
C GLY A 198 29.37 14.42 -44.52
N LEU A 199 28.66 14.64 -45.61
CA LEU A 199 28.79 15.87 -46.35
C LEU A 199 28.34 17.03 -45.49
N GLY A 200 27.33 16.80 -44.67
CA GLY A 200 26.85 17.85 -43.79
C GLY A 200 27.93 18.32 -42.85
N CYS A 201 28.61 17.40 -42.20
CA CYS A 201 29.69 17.76 -41.29
C CYS A 201 30.80 18.48 -42.02
N LEU A 202 31.17 17.97 -43.20
CA LEU A 202 32.26 18.57 -43.95
C LEU A 202 31.91 20.00 -44.34
N SER A 203 30.68 20.21 -44.79
CA SER A 203 30.26 21.53 -45.18
C SER A 203 30.33 22.47 -43.98
N TRP A 204 29.87 22.00 -42.83
CA TRP A 204 29.88 22.83 -41.64
C TRP A 204 31.29 23.18 -41.25
N SER A 205 32.20 22.22 -41.38
CA SER A 205 33.58 22.46 -41.02
C SER A 205 34.12 23.58 -41.89
N GLY A 206 33.71 23.61 -43.15
CA GLY A 206 34.14 24.65 -44.05
C GLY A 206 33.75 26.01 -43.54
N HIS A 207 32.50 26.15 -43.13
CA HIS A 207 32.02 27.42 -42.62
C HIS A 207 32.79 27.79 -41.38
N GLN A 208 32.98 26.83 -40.49
CA GLN A 208 33.68 27.09 -39.24
C GLN A 208 35.13 27.48 -39.46
N ILE A 209 35.80 26.83 -40.41
CA ILE A 209 37.20 27.11 -40.66
C ILE A 209 37.41 28.42 -41.40
N HIS A 210 36.57 28.71 -42.38
CA HIS A 210 36.77 29.90 -43.20
C HIS A 210 36.03 31.14 -42.72
N ILE A 211 34.91 30.98 -42.02
CA ILE A 211 34.13 32.15 -41.62
C ILE A 211 34.03 32.34 -40.12
N ALA A 212 33.63 31.31 -39.38
CA ALA A 212 33.43 31.45 -37.94
C ALA A 212 34.72 31.63 -37.15
N LEU A 213 35.69 30.75 -37.35
CA LEU A 213 36.92 30.82 -36.57
C LEU A 213 37.57 32.19 -36.66
N PRO A 214 37.78 32.69 -37.89
CA PRO A 214 38.50 33.97 -37.94
C PRO A 214 37.74 35.08 -37.24
N ILE A 215 36.46 35.21 -37.52
CA ILE A 215 35.67 36.30 -36.94
C ILE A 215 35.65 36.22 -35.42
N ASN A 216 35.51 35.02 -34.89
CA ASN A 216 35.42 34.87 -33.44
C ASN A 216 36.72 35.23 -32.75
N LYS A 217 37.85 34.92 -33.38
CA LYS A 217 39.13 35.31 -32.83
C LYS A 217 39.20 36.81 -32.68
N LEU A 218 38.82 37.53 -33.74
CA LEU A 218 38.85 38.98 -33.69
C LEU A 218 37.91 39.50 -32.63
N LEU A 219 36.72 38.91 -32.52
CA LEU A 219 35.76 39.35 -31.53
C LEU A 219 36.33 39.20 -30.13
N ASP A 220 36.91 38.04 -29.86
CA ASP A 220 37.46 37.77 -28.53
C ASP A 220 38.60 38.72 -28.22
N ALA A 221 39.44 38.99 -29.21
CA ALA A 221 40.57 39.88 -29.00
C ALA A 221 40.09 41.24 -28.53
N GLY A 222 39.00 41.72 -29.11
CA GLY A 222 38.46 43.01 -28.71
C GLY A 222 37.97 43.85 -29.86
N VAL A 223 38.25 43.43 -31.09
CA VAL A 223 37.85 44.20 -32.25
C VAL A 223 36.35 44.46 -32.21
N SER A 224 35.95 45.70 -32.45
CA SER A 224 34.54 46.04 -32.46
C SER A 224 33.86 45.32 -33.60
N PRO A 225 32.61 44.89 -33.39
CA PRO A 225 31.92 44.13 -34.42
C PRO A 225 31.94 44.86 -35.75
N GLN A 226 31.78 46.18 -35.71
CA GLN A 226 31.76 46.97 -36.94
C GLN A 226 33.11 46.98 -37.64
N GLU A 227 34.18 46.75 -36.89
CA GLU A 227 35.51 46.81 -37.48
C GLU A 227 35.96 45.47 -38.04
N ILE A 228 35.27 44.39 -37.69
CA ILE A 228 35.61 43.09 -38.22
C ILE A 228 35.25 43.01 -39.69
N PRO A 229 36.16 42.51 -40.52
CA PRO A 229 35.91 42.42 -41.96
C PRO A 229 34.71 41.55 -42.26
N LEU A 230 34.01 41.83 -43.35
CA LEU A 230 32.85 41.05 -43.72
C LEU A 230 33.26 39.62 -44.04
N PRO A 231 32.33 38.68 -43.91
CA PRO A 231 32.68 37.27 -44.12
C PRO A 231 33.32 37.00 -45.48
N HIS A 232 32.79 37.56 -46.54
CA HIS A 232 33.31 37.28 -47.87
C HIS A 232 34.77 37.71 -47.99
N GLU A 233 35.14 38.76 -47.28
CA GLU A 233 36.51 39.26 -47.36
C GLU A 233 37.50 38.20 -46.91
N PHE A 234 37.16 37.48 -45.85
CA PHE A 234 38.05 36.42 -45.36
C PHE A 234 38.18 35.33 -46.40
N LEU A 235 37.09 35.01 -47.07
CA LEU A 235 37.11 33.93 -48.06
C LEU A 235 37.99 34.26 -49.24
N ILE A 236 38.07 35.53 -49.61
CA ILE A 236 38.86 35.93 -50.79
C ILE A 236 40.31 36.22 -50.46
N ASN A 237 40.56 37.07 -49.47
CA ASN A 237 41.93 37.46 -49.14
C ASN A 237 42.59 36.45 -48.23
N ARG A 238 43.41 35.58 -48.79
CA ARG A 238 44.10 34.57 -47.99
C ARG A 238 45.07 35.21 -47.02
N ASP A 239 45.62 36.37 -47.39
CA ASP A 239 46.57 37.05 -46.53
C ASP A 239 45.95 37.40 -45.19
N LEU A 240 44.70 37.86 -45.21
CA LEU A 240 44.02 38.21 -43.99
C LEU A 240 43.95 37.01 -43.07
N MET A 241 43.61 35.85 -43.62
CA MET A 241 43.54 34.64 -42.81
C MET A 241 44.91 34.27 -42.28
N ALA A 242 45.94 34.47 -43.11
CA ALA A 242 47.30 34.13 -42.71
C ALA A 242 47.70 34.89 -41.46
N GLN A 243 47.25 36.13 -41.36
CA GLN A 243 47.56 36.94 -40.20
C GLN A 243 47.05 36.27 -38.94
N LEU A 244 45.80 35.85 -38.97
CA LEU A 244 45.20 35.20 -37.81
C LEU A 244 45.78 33.82 -37.63
N TYR A 245 45.60 32.96 -38.62
CA TYR A 245 46.15 31.62 -38.55
C TYR A 245 47.28 31.53 -39.55
N PRO A 246 48.52 31.47 -39.07
CA PRO A 246 49.66 31.49 -39.98
C PRO A 246 49.97 30.16 -40.63
N SER A 247 49.00 29.57 -41.33
CA SER A 247 49.24 28.32 -42.05
C SER A 247 48.53 28.38 -43.38
N PHE A 248 47.52 29.25 -43.48
CA PHE A 248 46.80 29.39 -44.72
C PHE A 248 47.75 29.88 -45.78
N SER A 249 48.87 30.45 -45.35
CA SER A 249 49.87 30.92 -46.30
C SER A 249 50.33 29.76 -47.16
N LYS A 250 50.48 28.59 -46.57
CA LYS A 250 50.94 27.43 -47.31
C LYS A 250 49.89 26.92 -48.28
N GLY A 251 48.62 27.23 -48.02
CA GLY A 251 47.56 26.83 -48.93
C GLY A 251 47.13 25.40 -48.76
N LEU A 252 46.51 24.83 -49.78
CA LEU A 252 46.02 23.46 -49.70
C LEU A 252 47.12 22.49 -50.08
N ALA A 253 48.31 23.00 -50.34
CA ALA A 253 49.43 22.15 -50.69
C ALA A 253 49.74 21.15 -49.59
N PRO A 254 49.80 21.63 -48.33
CA PRO A 254 50.02 20.63 -47.28
C PRO A 254 48.98 19.52 -47.26
N PHE A 255 47.73 19.82 -47.58
CA PHE A 255 46.68 18.80 -47.49
C PHE A 255 46.84 17.71 -48.51
N PHE A 256 47.09 18.06 -49.76
CA PHE A 256 47.23 17.06 -50.81
C PHE A 256 48.48 16.28 -50.53
N GLY A 257 49.49 16.93 -49.97
CA GLY A 257 50.68 16.20 -49.55
C GLY A 257 50.25 15.63 -48.21
N GLY A 258 51.08 14.79 -47.60
CA GLY A 258 50.66 14.18 -46.36
C GLY A 258 50.89 15.03 -45.14
N ASN A 259 51.42 16.23 -45.33
CA ASN A 259 51.77 17.06 -44.18
C ASN A 259 50.55 17.77 -43.60
N TRP A 260 49.69 17.02 -42.93
CA TRP A 260 48.51 17.60 -42.32
C TRP A 260 48.86 18.32 -41.03
N GLY A 261 50.10 18.18 -40.59
CA GLY A 261 50.52 18.81 -39.34
C GLY A 261 50.55 20.30 -39.43
N GLU A 262 50.85 20.83 -40.61
CA GLU A 262 50.97 22.28 -40.76
C GLU A 262 49.67 22.99 -40.42
N TYR A 263 48.56 22.28 -40.49
CA TYR A 263 47.27 22.90 -40.23
C TYR A 263 46.95 22.88 -38.75
N SER A 264 47.96 22.67 -37.92
CA SER A 264 47.73 22.63 -36.48
C SER A 264 47.28 23.96 -35.93
N ASP A 265 47.43 25.01 -36.72
CA ASP A 265 47.03 26.34 -36.27
C ASP A 265 45.54 26.40 -36.00
N PHE A 266 44.73 25.84 -36.90
CA PHE A 266 43.29 25.92 -36.72
C PHE A 266 42.66 24.58 -36.35
N LEU A 267 43.35 23.48 -36.62
CA LEU A 267 42.85 22.18 -36.20
C LEU A 267 43.62 21.74 -34.97
N THR A 268 42.99 21.79 -33.82
CA THR A 268 43.69 21.48 -32.58
C THR A 268 42.98 20.51 -31.66
N PHE A 269 43.68 19.98 -30.67
CA PHE A 269 43.08 19.09 -29.70
C PHE A 269 43.36 19.65 -28.33
N LYS A 270 43.04 20.92 -28.13
CA LYS A 270 43.34 21.58 -26.87
C LYS A 270 42.55 21.06 -25.68
N GLY A 271 41.25 20.94 -25.83
CA GLY A 271 40.42 20.49 -24.72
C GLY A 271 40.16 21.65 -23.78
N GLY A 272 39.28 21.45 -22.81
CA GLY A 272 38.99 22.51 -21.85
C GLY A 272 38.10 23.59 -22.42
N LEU A 273 38.06 24.74 -21.76
CA LEU A 273 37.18 25.81 -22.21
C LEU A 273 37.93 27.12 -22.42
N ASN A 274 37.54 27.88 -23.45
CA ASN A 274 38.18 29.16 -23.70
C ASN A 274 38.01 30.06 -22.50
N PRO A 275 39.10 30.63 -22.00
CA PRO A 275 39.03 31.44 -20.79
C PRO A 275 38.17 32.69 -20.97
N VAL A 276 38.23 33.32 -22.14
CA VAL A 276 37.48 34.56 -22.37
C VAL A 276 35.98 34.37 -22.47
N THR A 277 35.52 33.41 -23.28
CA THR A 277 34.08 33.24 -23.49
C THR A 277 33.47 32.16 -22.63
N GLY A 278 34.27 31.22 -22.15
CA GLY A 278 33.76 30.14 -21.34
C GLY A 278 33.11 29.06 -22.19
N GLY A 279 33.57 28.92 -23.42
CA GLY A 279 33.03 27.89 -24.30
C GLY A 279 34.14 27.09 -24.95
N LEU A 280 33.79 25.95 -25.53
CA LEU A 280 34.79 25.11 -26.15
C LEU A 280 35.49 25.85 -27.26
N TRP A 281 36.79 25.63 -27.43
CA TRP A 281 37.53 26.29 -28.49
C TRP A 281 36.99 25.88 -29.85
N LEU A 282 36.75 26.85 -30.71
CA LEU A 282 36.19 26.55 -32.02
C LEU A 282 37.14 25.75 -32.87
N SER A 283 38.44 25.90 -32.63
CA SER A 283 39.42 25.14 -33.37
C SER A 283 39.19 23.66 -33.13
N ASP A 284 38.94 23.28 -31.89
CA ASP A 284 38.67 21.89 -31.57
C ASP A 284 37.39 21.44 -32.23
N ILE A 285 36.37 22.29 -32.21
CA ILE A 285 35.09 21.94 -32.82
C ILE A 285 35.25 21.71 -34.31
N ALA A 286 36.09 22.49 -34.96
CA ALA A 286 36.31 22.33 -36.38
C ALA A 286 36.96 20.99 -36.68
N HIS A 287 37.94 20.60 -35.90
CA HIS A 287 38.59 19.31 -36.09
C HIS A 287 37.61 18.21 -35.80
N HIS A 288 36.75 18.43 -34.81
CA HIS A 288 35.73 17.46 -34.46
C HIS A 288 34.89 17.10 -35.65
N HIS A 289 34.27 18.10 -36.26
CA HIS A 289 33.39 17.84 -37.39
C HIS A 289 34.13 17.28 -38.58
N LEU A 290 35.34 17.74 -38.83
CA LEU A 290 36.14 17.22 -39.93
C LEU A 290 36.40 15.74 -39.74
N ALA A 291 36.78 15.36 -38.52
CA ALA A 291 37.05 13.96 -38.24
C ALA A 291 35.79 13.12 -38.37
N LEU A 292 34.71 13.60 -37.79
CA LEU A 292 33.45 12.88 -37.89
C LEU A 292 33.02 12.72 -39.33
N SER A 293 33.27 13.75 -40.14
CA SER A 293 32.85 13.69 -41.53
C SER A 293 33.51 12.53 -42.23
N VAL A 294 34.82 12.40 -42.05
CA VAL A 294 35.53 11.32 -42.69
C VAL A 294 34.96 9.99 -42.27
N LEU A 295 34.70 9.84 -40.98
CA LEU A 295 34.19 8.58 -40.49
C LEU A 295 32.87 8.23 -41.12
N PHE A 296 31.95 9.19 -41.17
CA PHE A 296 30.63 8.93 -41.72
C PHE A 296 30.69 8.57 -43.20
N ILE A 297 31.50 9.28 -43.96
CA ILE A 297 31.59 9.03 -45.39
C ILE A 297 32.10 7.62 -45.64
N ILE A 298 33.08 7.19 -44.86
CA ILE A 298 33.61 5.85 -45.00
C ILE A 298 32.53 4.82 -44.66
N ALA A 299 31.77 5.08 -43.61
CA ALA A 299 30.74 4.14 -43.18
C ALA A 299 29.64 4.00 -44.20
N GLY A 300 29.44 5.02 -45.02
CA GLY A 300 28.38 4.98 -46.00
C GLY A 300 28.67 4.05 -47.16
N HIS A 301 29.85 3.44 -47.15
CA HIS A 301 30.22 2.55 -48.22
C HIS A 301 30.29 1.12 -47.72
N MET A 302 29.35 0.74 -46.86
CA MET A 302 29.38 -0.60 -46.28
C MET A 302 28.33 -1.54 -46.85
N TYR A 303 27.27 -0.98 -47.42
CA TYR A 303 26.19 -1.84 -47.89
C TYR A 303 26.10 -1.96 -49.40
N ARG A 304 25.73 -3.13 -49.90
CA ARG A 304 25.63 -3.36 -51.34
C ARG A 304 24.50 -2.60 -51.96
N THR A 305 24.73 -2.10 -53.17
CA THR A 305 23.66 -1.40 -53.89
C THR A 305 23.56 -1.99 -55.28
N ASN A 306 24.39 -1.52 -56.20
CA ASN A 306 24.34 -2.00 -57.58
C ASN A 306 25.71 -2.36 -58.14
N TRP A 307 26.72 -2.52 -57.30
CA TRP A 307 28.07 -2.78 -57.81
C TRP A 307 28.74 -4.00 -57.19
N GLY A 308 27.98 -4.89 -56.57
CA GLY A 308 28.57 -6.10 -56.02
C GLY A 308 29.21 -5.97 -54.66
N ILE A 309 30.18 -5.09 -54.53
CA ILE A 309 30.86 -4.90 -53.26
C ILE A 309 29.89 -4.40 -52.20
N GLY A 310 30.12 -4.78 -50.95
CA GLY A 310 29.27 -4.32 -49.87
C GLY A 310 28.71 -5.43 -49.01
N HIS A 311 27.86 -5.07 -48.07
CA HIS A 311 27.25 -6.07 -47.20
C HIS A 311 25.76 -6.11 -47.38
N ASN A 312 25.16 -7.28 -47.27
CA ASN A 312 23.71 -7.37 -47.32
C ASN A 312 23.27 -7.56 -45.89
N MET A 313 22.44 -6.67 -45.38
CA MET A 313 22.08 -6.73 -43.97
C MET A 313 21.42 -8.06 -43.61
N LYS A 314 20.64 -8.62 -44.51
CA LYS A 314 19.95 -9.87 -44.22
C LYS A 314 20.95 -10.94 -43.87
N GLU A 315 22.00 -11.05 -44.66
CA GLU A 315 23.01 -12.06 -44.43
C GLU A 315 23.69 -11.87 -43.09
N ILE A 316 24.02 -10.62 -42.77
CA ILE A 316 24.70 -10.34 -41.52
C ILE A 316 23.83 -10.74 -40.35
N LEU A 317 22.56 -10.38 -40.41
CA LEU A 317 21.66 -10.68 -39.32
C LEU A 317 21.47 -12.18 -39.13
N GLU A 318 21.29 -12.90 -40.22
CA GLU A 318 21.02 -14.33 -40.14
C GLU A 318 22.22 -15.14 -39.66
N ALA A 319 23.42 -14.66 -39.95
CA ALA A 319 24.63 -15.37 -39.56
C ALA A 319 24.85 -15.33 -38.06
N HIS A 320 24.39 -14.27 -37.41
CA HIS A 320 24.63 -14.11 -35.99
C HIS A 320 23.64 -14.89 -35.13
N LYS A 321 23.91 -16.17 -34.94
CA LYS A 321 23.04 -17.00 -34.10
C LYS A 321 23.89 -17.87 -33.20
N GLY A 322 23.39 -18.20 -32.02
CA GLY A 322 24.19 -18.96 -31.07
C GLY A 322 23.53 -20.12 -30.37
N PRO A 323 24.26 -20.80 -29.49
CA PRO A 323 23.73 -21.97 -28.78
C PRO A 323 22.53 -21.68 -27.89
N PHE A 324 22.45 -20.47 -27.33
CA PHE A 324 21.36 -20.15 -26.42
C PHE A 324 20.26 -19.35 -27.06
N THR A 325 20.38 -19.05 -28.35
CA THR A 325 19.38 -18.18 -28.99
C THR A 325 18.74 -18.71 -30.26
N GLY A 326 18.64 -20.02 -30.41
CA GLY A 326 17.95 -20.59 -31.56
C GLY A 326 18.34 -20.07 -32.92
N GLU A 327 17.36 -19.66 -33.71
CA GLU A 327 17.61 -19.19 -35.06
C GLU A 327 18.23 -17.81 -35.08
N GLY A 328 18.41 -17.21 -33.91
CA GLY A 328 19.07 -15.93 -33.84
C GLY A 328 18.33 -14.75 -34.38
N HIS A 329 18.98 -13.96 -35.22
CA HIS A 329 18.35 -12.74 -35.74
C HIS A 329 17.65 -12.94 -37.06
N LYS A 330 17.29 -14.18 -37.36
CA LYS A 330 16.55 -14.44 -38.59
C LYS A 330 15.14 -13.89 -38.50
N GLY A 331 14.69 -13.23 -39.56
CA GLY A 331 13.34 -12.73 -39.58
C GLY A 331 13.23 -11.25 -39.26
N LEU A 332 14.27 -10.70 -38.66
CA LEU A 332 14.25 -9.30 -38.28
C LEU A 332 14.30 -8.37 -39.49
N TYR A 333 15.04 -8.75 -40.52
CA TYR A 333 15.16 -7.90 -41.68
C TYR A 333 13.80 -7.67 -42.31
N GLU A 334 13.05 -8.74 -42.49
CA GLU A 334 11.74 -8.62 -43.10
C GLU A 334 10.84 -7.74 -42.27
N ILE A 335 10.89 -7.90 -40.95
CA ILE A 335 10.08 -7.08 -40.07
C ILE A 335 10.39 -5.62 -40.25
N LEU A 336 11.67 -5.27 -40.26
CA LEU A 336 12.06 -3.87 -40.35
C LEU A 336 11.96 -3.31 -41.75
N THR A 337 11.68 -4.15 -42.73
CA THR A 337 11.50 -3.68 -44.09
C THR A 337 10.05 -3.82 -44.53
N THR A 338 9.19 -4.25 -43.63
CA THR A 338 7.77 -4.39 -43.96
C THR A 338 6.85 -3.86 -42.87
N SER A 339 7.42 -3.18 -41.87
CA SER A 339 6.62 -2.62 -40.79
C SER A 339 7.12 -1.26 -40.35
N TRP A 340 6.34 -0.22 -40.62
CA TRP A 340 6.75 1.12 -40.24
C TRP A 340 6.77 1.28 -38.74
N HIS A 341 5.84 0.64 -38.04
CA HIS A 341 5.77 0.77 -36.59
C HIS A 341 7.03 0.26 -35.93
N ALA A 342 7.56 -0.86 -36.41
CA ALA A 342 8.77 -1.42 -35.85
C ALA A 342 9.92 -0.45 -36.03
N GLN A 343 10.02 0.12 -37.22
CA GLN A 343 11.10 1.05 -37.48
C GLN A 343 10.98 2.24 -36.57
N LEU A 344 9.77 2.77 -36.43
CA LEU A 344 9.57 3.94 -35.59
C LEU A 344 9.98 3.65 -34.17
N ALA A 345 9.69 2.45 -33.70
CA ALA A 345 10.01 2.08 -32.33
C ALA A 345 11.49 2.27 -32.08
N ILE A 346 12.32 1.62 -32.89
CA ILE A 346 13.75 1.72 -32.71
C ILE A 346 14.22 3.15 -32.90
N ASN A 347 13.80 3.78 -33.98
CA ASN A 347 14.25 5.13 -34.27
C ASN A 347 13.82 6.11 -33.18
N LEU A 348 12.59 6.01 -32.71
CA LEU A 348 12.10 6.96 -31.72
C LEU A 348 12.83 6.80 -30.39
N ALA A 349 13.09 5.57 -29.99
CA ALA A 349 13.80 5.32 -28.74
C ALA A 349 15.19 5.90 -28.80
N MET A 350 15.88 5.68 -29.91
CA MET A 350 17.24 6.17 -30.04
C MET A 350 17.28 7.69 -30.09
N MET A 351 16.30 8.29 -30.74
CA MET A 351 16.26 9.74 -30.84
C MET A 351 16.09 10.34 -29.45
N GLY A 352 15.17 9.79 -28.67
CA GLY A 352 14.97 10.28 -27.33
C GLY A 352 16.19 10.08 -26.47
N SER A 353 16.83 8.93 -26.62
CA SER A 353 18.03 8.66 -25.86
C SER A 353 19.12 9.66 -26.19
N LEU A 354 19.21 10.06 -27.45
CA LEU A 354 20.21 11.05 -27.84
C LEU A 354 19.96 12.38 -27.17
N SER A 355 18.71 12.78 -27.08
CA SER A 355 18.37 14.07 -26.48
C SER A 355 18.86 14.12 -25.05
N ILE A 356 18.66 13.03 -24.30
CA ILE A 356 19.11 12.98 -22.92
C ILE A 356 20.62 13.11 -22.86
N ILE A 357 21.33 12.47 -23.78
CA ILE A 357 22.78 12.57 -23.82
C ILE A 357 23.21 13.99 -24.13
N VAL A 358 22.51 14.65 -25.04
CA VAL A 358 22.84 16.01 -25.40
C VAL A 358 22.75 16.89 -24.17
N ALA A 359 21.73 16.66 -23.37
CA ALA A 359 21.54 17.47 -22.17
C ALA A 359 22.73 17.37 -21.23
N HIS A 360 23.22 16.15 -21.01
CA HIS A 360 24.34 15.95 -20.12
C HIS A 360 25.64 16.50 -20.69
N HIS A 361 25.91 16.22 -21.94
CA HIS A 361 27.17 16.64 -22.55
C HIS A 361 27.23 18.13 -22.84
N MET A 362 26.09 18.78 -22.94
CA MET A 362 26.07 20.19 -23.30
C MET A 362 26.21 21.14 -22.12
N TYR A 363 26.13 20.62 -20.90
CA TYR A 363 26.32 21.46 -19.73
C TYR A 363 27.72 21.26 -19.19
N ALA A 364 28.20 20.03 -19.22
CA ALA A 364 29.52 19.72 -18.73
C ALA A 364 30.56 20.30 -19.65
N MET A 365 30.26 20.30 -20.93
CA MET A 365 31.20 20.83 -21.91
C MET A 365 30.49 21.90 -22.70
N PRO A 366 30.33 23.09 -22.11
CA PRO A 366 29.57 24.14 -22.78
C PRO A 366 30.05 24.35 -24.21
N PRO A 367 29.14 24.29 -25.19
CA PRO A 367 29.56 24.38 -26.58
C PRO A 367 29.53 25.77 -27.21
N TYR A 368 28.85 26.73 -26.58
CA TYR A 368 28.72 28.04 -27.19
C TYR A 368 29.35 29.14 -26.34
N PRO A 369 29.77 30.23 -27.00
CA PRO A 369 30.37 31.35 -26.27
C PRO A 369 29.37 32.02 -25.35
N TYR A 370 29.77 32.30 -24.11
CA TYR A 370 28.88 33.00 -23.17
C TYR A 370 27.58 32.27 -22.89
N LEU A 371 27.65 30.95 -22.74
CA LEU A 371 26.45 30.17 -22.44
C LEU A 371 26.46 29.71 -21.00
N ALA A 372 27.62 29.27 -20.53
CA ALA A 372 27.73 28.75 -19.18
C ALA A 372 27.34 29.78 -18.12
N THR A 373 27.80 31.00 -18.29
CA THR A 373 27.50 32.04 -17.31
C THR A 373 26.02 32.41 -17.34
N ASP A 374 25.35 32.17 -18.45
CA ASP A 374 23.92 32.43 -18.52
C ASP A 374 23.21 31.24 -17.91
N TYR A 375 23.03 31.28 -16.60
CA TYR A 375 22.43 30.14 -15.90
C TYR A 375 21.03 29.85 -16.40
N ALA A 376 20.29 30.88 -16.76
CA ALA A 376 18.92 30.68 -17.23
C ALA A 376 18.90 29.80 -18.47
N THR A 377 19.73 30.13 -19.45
CA THR A 377 19.75 29.36 -20.69
C THR A 377 20.21 27.93 -20.43
N GLN A 378 21.21 27.77 -19.59
CA GLN A 378 21.72 26.45 -19.29
C GLN A 378 20.62 25.58 -18.70
N LEU A 379 19.91 26.10 -17.71
CA LEU A 379 18.87 25.32 -17.07
C LEU A 379 17.77 25.00 -18.06
N SER A 380 17.37 26.00 -18.84
CA SER A 380 16.30 25.80 -19.79
C SER A 380 16.62 24.70 -20.78
N LEU A 381 17.82 24.72 -21.33
CA LEU A 381 18.18 23.73 -22.34
C LEU A 381 18.24 22.33 -21.76
N PHE A 382 18.83 22.19 -20.57
CA PHE A 382 18.96 20.88 -19.98
C PHE A 382 17.58 20.28 -19.77
N THR A 383 16.69 21.04 -19.16
CA THR A 383 15.36 20.53 -18.87
C THR A 383 14.60 20.26 -20.15
N HIS A 384 14.72 21.14 -21.13
CA HIS A 384 13.96 20.98 -22.35
C HIS A 384 14.32 19.69 -23.04
N HIS A 385 15.61 19.44 -23.20
CA HIS A 385 16.02 18.26 -23.93
C HIS A 385 15.83 17.00 -23.11
N MET A 386 15.81 17.13 -21.79
CA MET A 386 15.55 15.98 -20.95
C MET A 386 14.13 15.53 -21.18
N TRP A 387 13.20 16.48 -21.23
CA TRP A 387 11.81 16.14 -21.48
C TRP A 387 11.61 15.54 -22.86
N ILE A 388 12.02 16.25 -23.90
CA ILE A 388 11.80 15.74 -25.25
C ILE A 388 12.23 14.29 -25.28
N GLY A 389 13.35 13.98 -24.64
CA GLY A 389 13.85 12.62 -24.65
C GLY A 389 12.93 11.62 -24.01
N GLY A 390 12.39 11.97 -22.84
CA GLY A 390 11.51 11.05 -22.13
C GLY A 390 10.29 10.69 -22.94
N PHE A 391 9.66 11.68 -23.55
CA PHE A 391 8.46 11.42 -24.33
C PHE A 391 8.78 10.49 -25.48
N CYS A 392 9.86 10.77 -26.19
CA CYS A 392 10.21 9.96 -27.34
C CYS A 392 10.48 8.51 -26.96
N VAL A 393 11.17 8.30 -25.85
CA VAL A 393 11.48 6.95 -25.43
C VAL A 393 10.21 6.17 -25.15
N VAL A 394 9.27 6.77 -24.43
CA VAL A 394 8.00 6.10 -24.16
C VAL A 394 7.27 5.84 -25.46
N GLY A 395 7.37 6.76 -26.40
CA GLY A 395 6.70 6.60 -27.68
C GLY A 395 7.22 5.41 -28.44
N GLY A 396 8.51 5.18 -28.36
CA GLY A 396 9.10 4.04 -29.05
C GLY A 396 8.48 2.78 -28.53
N ALA A 397 8.31 2.69 -27.22
CA ALA A 397 7.71 1.52 -26.63
C ALA A 397 6.29 1.34 -27.14
N ALA A 398 5.55 2.43 -27.23
CA ALA A 398 4.17 2.36 -27.68
C ALA A 398 4.08 1.76 -29.06
N HIS A 399 4.89 2.26 -29.98
CA HIS A 399 4.80 1.79 -31.35
C HIS A 399 5.32 0.38 -31.46
N GLY A 400 6.20 -0.01 -30.54
CA GLY A 400 6.67 -1.38 -30.53
C GLY A 400 5.50 -2.31 -30.25
N ALA A 401 4.66 -1.90 -29.31
CA ALA A 401 3.49 -2.71 -28.97
C ALA A 401 2.49 -2.75 -30.13
N ILE A 402 2.32 -1.64 -30.81
CA ILE A 402 1.41 -1.61 -31.94
C ILE A 402 1.88 -2.62 -32.97
N PHE A 403 3.19 -2.79 -33.10
CA PHE A 403 3.71 -3.79 -34.02
C PHE A 403 3.26 -5.18 -33.62
N MET A 404 3.45 -5.53 -32.36
CA MET A 404 3.11 -6.87 -31.91
C MET A 404 1.65 -7.18 -32.15
N VAL A 405 0.80 -6.18 -32.00
CA VAL A 405 -0.64 -6.42 -32.14
C VAL A 405 -1.10 -6.37 -33.58
N ARG A 406 -0.40 -5.61 -34.42
CA ARG A 406 -0.86 -5.43 -35.79
C ARG A 406 -0.02 -6.08 -36.87
N ASP A 407 1.29 -6.14 -36.68
CA ASP A 407 2.15 -6.66 -37.75
C ASP A 407 2.84 -7.99 -37.45
N TYR A 408 2.90 -8.38 -36.20
CA TYR A 408 3.57 -9.62 -35.85
C TYR A 408 2.89 -10.79 -36.50
N THR A 409 3.66 -11.68 -37.12
CA THR A 409 3.10 -12.87 -37.72
C THR A 409 3.85 -14.08 -37.19
N PRO A 410 3.14 -15.01 -36.58
CA PRO A 410 3.80 -16.16 -35.98
C PRO A 410 4.59 -16.94 -37.00
N ALA A 411 4.08 -17.07 -38.22
CA ALA A 411 4.75 -17.86 -39.24
C ALA A 411 6.14 -17.36 -39.56
N ASN A 412 6.31 -16.05 -39.65
CA ASN A 412 7.61 -15.50 -40.02
C ASN A 412 8.58 -15.45 -38.86
N ASN A 413 8.12 -15.80 -37.67
CA ASN A 413 8.97 -15.73 -36.50
C ASN A 413 8.95 -17.04 -35.72
N TYR A 414 9.67 -18.04 -36.21
CA TYR A 414 9.74 -19.32 -35.51
C TYR A 414 11.11 -19.54 -34.90
N ASN A 415 11.17 -19.66 -33.58
CA ASN A 415 12.44 -19.90 -32.89
C ASN A 415 13.45 -18.80 -33.14
N ASN A 416 12.98 -17.60 -33.47
CA ASN A 416 13.90 -16.48 -33.61
C ASN A 416 14.02 -15.83 -32.25
N LEU A 417 14.79 -14.75 -32.17
CA LEU A 417 14.98 -14.10 -30.89
C LEU A 417 13.65 -13.60 -30.33
N LEU A 418 12.82 -13.03 -31.18
CA LEU A 418 11.53 -12.51 -30.74
C LEU A 418 10.66 -13.60 -30.15
N ASP A 419 10.58 -14.72 -30.84
CA ASP A 419 9.75 -15.82 -30.38
C ASP A 419 10.23 -16.30 -29.02
N ARG A 420 11.52 -16.49 -28.88
CA ARG A 420 12.07 -17.00 -27.64
C ARG A 420 11.83 -16.03 -26.50
N VAL A 421 11.84 -14.73 -26.79
CA VAL A 421 11.56 -13.73 -25.77
C VAL A 421 10.13 -13.86 -25.28
N LEU A 422 9.20 -14.03 -26.19
CA LEU A 422 7.80 -14.13 -25.82
C LEU A 422 7.49 -15.47 -25.17
N ARG A 423 8.44 -16.38 -25.16
CA ARG A 423 8.23 -17.69 -24.58
C ARG A 423 8.72 -17.78 -23.14
N HIS A 424 9.47 -16.78 -22.69
CA HIS A 424 9.90 -16.75 -21.30
C HIS A 424 9.56 -15.41 -20.71
N ARG A 425 8.46 -14.82 -21.18
CA ARG A 425 8.08 -13.49 -20.71
C ARG A 425 7.80 -13.47 -19.22
N ASP A 426 7.26 -14.55 -18.69
CA ASP A 426 6.95 -14.60 -17.27
C ASP A 426 8.22 -14.42 -16.46
N ALA A 427 9.29 -15.07 -16.87
CA ALA A 427 10.54 -14.96 -16.14
C ALA A 427 11.09 -13.55 -16.18
N ILE A 428 11.08 -12.94 -17.35
CA ILE A 428 11.61 -11.60 -17.48
C ILE A 428 10.86 -10.62 -16.60
N ILE A 429 9.54 -10.64 -16.68
CA ILE A 429 8.74 -9.70 -15.92
C ILE A 429 8.84 -9.95 -14.43
N SER A 430 8.87 -11.21 -14.04
CA SER A 430 8.95 -11.54 -12.63
C SER A 430 10.22 -10.99 -12.03
N HIS A 431 11.34 -11.19 -12.72
CA HIS A 431 12.62 -10.74 -12.19
C HIS A 431 12.68 -9.23 -12.13
N LEU A 432 12.19 -8.56 -13.15
CA LEU A 432 12.24 -7.10 -13.18
C LEU A 432 11.39 -6.55 -12.04
N ASN A 433 10.28 -7.19 -11.76
CA ASN A 433 9.44 -6.75 -10.65
C ASN A 433 10.26 -6.75 -9.37
N TRP A 434 10.97 -7.84 -9.12
CA TRP A 434 11.81 -7.91 -7.93
C TRP A 434 12.88 -6.83 -7.92
N VAL A 435 13.54 -6.62 -9.04
CA VAL A 435 14.60 -5.64 -9.11
C VAL A 435 14.04 -4.28 -8.72
N CYS A 436 12.85 -3.98 -9.21
CA CYS A 436 12.23 -2.70 -8.91
C CYS A 436 11.93 -2.57 -7.43
N ILE A 437 11.40 -3.62 -6.83
CA ILE A 437 11.10 -3.60 -5.40
C ILE A 437 12.37 -3.45 -4.58
N PHE A 438 13.40 -4.22 -4.92
CA PHE A 438 14.67 -4.12 -4.21
C PHE A 438 15.16 -2.70 -4.23
N LEU A 439 15.35 -2.17 -5.42
CA LEU A 439 15.88 -0.83 -5.55
C LEU A 439 15.03 0.18 -4.82
N GLY A 440 13.72 0.11 -5.02
CA GLY A 440 12.84 1.08 -4.41
C GLY A 440 12.85 1.08 -2.90
N CYS A 441 12.83 -0.10 -2.30
CA CYS A 441 12.82 -0.22 -0.86
C CYS A 441 14.12 0.31 -0.28
N HIS A 442 15.23 -0.11 -0.86
CA HIS A 442 16.52 0.30 -0.33
C HIS A 442 16.81 1.76 -0.58
N ALA A 443 16.58 2.22 -1.80
CA ALA A 443 16.91 3.61 -2.15
C ALA A 443 16.07 4.63 -1.40
N PHE A 444 14.76 4.49 -1.42
CA PHE A 444 13.89 5.45 -0.77
C PHE A 444 13.93 5.26 0.72
N GLY A 445 14.23 4.04 1.15
CA GLY A 445 14.30 3.76 2.56
C GLY A 445 15.37 4.61 3.20
N PHE A 446 16.46 4.83 2.49
CA PHE A 446 17.54 5.63 3.02
C PHE A 446 17.00 6.99 3.45
N TYR A 447 16.21 7.61 2.59
CA TYR A 447 15.66 8.91 2.90
C TYR A 447 14.72 8.88 4.10
N ILE A 448 13.82 7.90 4.14
CA ILE A 448 12.88 7.79 5.25
C ILE A 448 13.62 7.53 6.55
N HIS A 449 14.65 6.70 6.50
CA HIS A 449 15.43 6.41 7.68
C HIS A 449 16.00 7.69 8.21
N ASN A 450 16.62 8.47 7.33
CA ASN A 450 17.25 9.70 7.75
C ASN A 450 16.25 10.68 8.35
N ASP A 451 15.09 10.80 7.73
CA ASP A 451 14.07 11.71 8.24
C ASP A 451 13.68 11.34 9.65
N THR A 452 13.41 10.06 9.88
CA THR A 452 13.04 9.60 11.20
C THR A 452 14.13 9.89 12.20
N MET A 453 15.37 9.60 11.82
CA MET A 453 16.48 9.78 12.75
C MET A 453 16.67 11.23 13.15
N ARG A 454 16.60 12.14 12.18
CA ARG A 454 16.81 13.54 12.46
C ARG A 454 15.69 14.07 13.32
N ALA A 455 14.48 13.58 13.10
CA ALA A 455 13.34 14.02 13.89
C ALA A 455 13.39 13.49 15.30
N LEU A 456 14.01 12.33 15.49
CA LEU A 456 14.07 11.72 16.82
C LEU A 456 15.29 12.20 17.57
N GLY A 457 16.01 13.17 17.02
CA GLY A 457 17.17 13.70 17.69
C GLY A 457 18.35 12.76 17.68
N ARG A 458 18.45 11.92 16.66
CA ARG A 458 19.54 10.97 16.57
C ARG A 458 20.26 11.16 15.26
N PRO A 459 20.98 12.29 15.13
CA PRO A 459 21.65 12.59 13.86
C PRO A 459 22.83 11.68 13.58
N GLN A 460 23.36 11.02 14.59
CA GLN A 460 24.54 10.17 14.40
C GLN A 460 24.19 8.84 13.75
N ASP A 461 22.90 8.58 13.56
CA ASP A 461 22.49 7.31 13.00
C ASP A 461 22.00 7.46 11.58
N MET A 462 22.23 8.61 10.97
CA MET A 462 21.78 8.87 9.62
C MET A 462 22.77 8.38 8.59
N PHE A 463 22.31 8.16 7.37
CA PHE A 463 23.21 7.78 6.30
C PHE A 463 23.75 9.05 5.71
N SER A 464 24.76 9.64 6.34
CA SER A 464 25.29 10.91 5.87
C SER A 464 26.80 10.88 5.82
N ASP A 465 27.39 11.88 5.20
CA ASP A 465 28.84 11.98 5.13
C ASP A 465 29.43 12.21 6.49
N LYS A 466 28.60 12.45 7.49
CA LYS A 466 29.07 12.68 8.84
C LYS A 466 28.67 11.55 9.76
N ALA A 467 28.10 10.50 9.21
CA ALA A 467 27.70 9.35 9.99
C ALA A 467 27.92 8.12 9.15
N ILE A 468 26.97 7.20 9.16
CA ILE A 468 27.10 6.04 8.29
C ILE A 468 27.16 6.59 6.89
N GLN A 469 28.24 6.36 6.17
CA GLN A 469 28.36 6.97 4.85
C GLN A 469 28.31 5.99 3.70
N LEU A 470 27.66 6.38 2.61
CA LEU A 470 27.55 5.52 1.45
C LEU A 470 28.20 6.22 0.29
N GLN A 471 29.52 6.12 0.19
CA GLN A 471 30.24 6.84 -0.87
C GLN A 471 30.19 6.17 -2.22
N PRO A 472 30.09 6.98 -3.29
CA PRO A 472 30.08 6.44 -4.65
C PRO A 472 31.48 6.14 -5.11
N ILE A 473 32.10 5.07 -4.61
CA ILE A 473 33.49 4.78 -4.91
C ILE A 473 33.78 4.59 -6.39
N PHE A 474 32.94 3.85 -7.10
CA PHE A 474 33.19 3.57 -8.50
C PHE A 474 33.28 4.87 -9.30
N ALA A 475 32.30 5.74 -9.11
CA ALA A 475 32.26 6.99 -9.87
C ALA A 475 33.44 7.87 -9.52
N GLN A 476 33.80 7.92 -8.25
CA GLN A 476 34.92 8.74 -7.84
C GLN A 476 36.16 8.26 -8.57
N TRP A 477 36.27 6.95 -8.77
CA TRP A 477 37.43 6.39 -9.45
C TRP A 477 37.50 6.82 -10.90
N ILE A 478 36.38 6.72 -11.60
CA ILE A 478 36.34 7.08 -13.02
C ILE A 478 36.71 8.55 -13.19
N GLN A 479 36.27 9.38 -12.27
CA GLN A 479 36.57 10.79 -12.35
C GLN A 479 38.08 11.02 -12.33
N ASN A 480 38.78 10.32 -11.44
CA ASN A 480 40.21 10.48 -11.36
C ASN A 480 40.86 10.03 -12.64
N ILE A 481 40.36 8.95 -13.22
CA ILE A 481 40.92 8.44 -14.46
C ILE A 481 40.82 9.50 -15.53
N HIS A 482 39.66 10.12 -15.65
CA HIS A 482 39.46 11.13 -16.68
C HIS A 482 40.27 12.38 -16.42
N LEU A 483 40.48 12.72 -15.15
CA LEU A 483 41.27 13.89 -14.81
C LEU A 483 42.73 13.73 -15.20
N LEU A 484 43.27 12.55 -14.99
CA LEU A 484 44.68 12.33 -15.27
C LEU A 484 44.93 11.89 -16.71
N ALA A 485 43.86 11.74 -17.48
CA ALA A 485 44.00 11.29 -18.86
C ALA A 485 44.84 12.23 -19.70
N PRO A 486 44.56 13.54 -19.63
CA PRO A 486 45.34 14.41 -20.51
C PRO A 486 46.83 14.22 -20.25
N GLY A 487 47.59 13.89 -21.29
CA GLY A 487 49.01 13.69 -21.14
C GLY A 487 49.42 12.25 -20.86
N THR A 488 48.45 11.39 -20.60
CA THR A 488 48.75 9.98 -20.32
C THR A 488 48.01 9.08 -21.30
N THR A 489 46.78 8.72 -20.97
CA THR A 489 45.99 7.89 -21.87
C THR A 489 45.59 8.70 -23.08
N ALA A 490 45.64 10.02 -22.95
CA ALA A 490 45.36 10.89 -24.08
C ALA A 490 46.55 11.81 -24.17
N PRO A 491 47.65 11.30 -24.72
CA PRO A 491 48.89 12.10 -24.73
C PRO A 491 48.81 13.41 -25.48
N ASN A 492 48.19 13.45 -26.65
CA ASN A 492 48.19 14.67 -27.45
C ASN A 492 47.20 15.74 -26.99
N ALA A 493 46.34 15.40 -26.04
CA ALA A 493 45.40 16.38 -25.50
C ALA A 493 46.13 17.32 -24.55
N LEU A 494 45.50 18.46 -24.25
CA LEU A 494 46.16 19.45 -23.40
C LEU A 494 45.39 19.70 -22.10
N ALA A 495 44.12 19.31 -22.08
CA ALA A 495 43.31 19.54 -20.89
C ALA A 495 42.15 18.56 -20.80
N THR A 496 41.47 18.54 -19.65
CA THR A 496 40.37 17.62 -19.46
C THR A 496 39.22 17.92 -20.41
N THR A 497 38.52 16.88 -20.84
CA THR A 497 37.37 17.08 -21.70
C THR A 497 36.38 17.96 -20.99
N SER A 498 36.24 17.79 -19.68
CA SER A 498 35.34 18.63 -18.90
C SER A 498 35.99 18.93 -17.56
N TYR A 499 35.75 20.14 -17.06
CA TYR A 499 36.31 20.50 -15.77
C TYR A 499 35.50 19.88 -14.65
N ALA A 500 34.39 19.24 -15.00
CA ALA A 500 33.57 18.57 -14.01
C ALA A 500 34.35 17.46 -13.35
N PHE A 501 35.10 16.72 -14.15
CA PHE A 501 35.89 15.61 -13.61
C PHE A 501 36.93 16.14 -12.67
N GLY A 502 37.55 17.25 -13.02
CA GLY A 502 38.55 17.85 -12.16
C GLY A 502 39.26 18.96 -12.89
N GLY A 503 39.99 19.79 -12.14
CA GLY A 503 40.72 20.87 -12.75
C GLY A 503 40.56 22.16 -11.98
N ASP A 504 40.61 23.29 -12.67
CA ASP A 504 40.48 24.57 -12.01
C ASP A 504 39.10 25.16 -12.24
N VAL A 505 38.83 26.29 -11.62
CA VAL A 505 37.54 26.94 -11.79
C VAL A 505 37.62 27.96 -12.91
N ILE A 506 36.85 27.75 -13.97
CA ILE A 506 36.83 28.70 -15.06
C ILE A 506 35.77 29.75 -14.78
N GLU A 507 36.18 31.01 -14.71
CA GLU A 507 35.23 32.08 -14.41
C GLU A 507 35.19 33.09 -15.54
N VAL A 508 33.99 33.53 -15.90
CA VAL A 508 33.85 34.54 -16.94
C VAL A 508 32.93 35.63 -16.45
N GLY A 509 33.48 36.83 -16.27
CA GLY A 509 32.67 37.95 -15.81
C GLY A 509 32.39 37.92 -14.32
N GLY A 510 33.26 37.27 -13.56
CA GLY A 510 33.08 37.19 -12.13
C GLY A 510 32.14 36.08 -11.73
N LYS A 511 31.65 35.33 -12.72
CA LYS A 511 30.73 34.24 -12.46
C LYS A 511 31.37 32.93 -12.83
N ILE A 512 31.09 31.88 -12.07
CA ILE A 512 31.69 30.58 -12.33
C ILE A 512 31.05 29.89 -13.51
N ALA A 513 31.85 29.47 -14.48
CA ALA A 513 31.32 28.78 -15.64
C ALA A 513 31.33 27.28 -15.40
N MET A 514 32.47 26.75 -14.96
CA MET A 514 32.56 25.35 -14.66
C MET A 514 33.52 25.11 -13.51
N MET A 515 33.30 24.04 -12.76
CA MET A 515 34.13 23.76 -11.61
C MET A 515 34.07 22.27 -11.37
N PRO A 516 35.11 21.69 -10.77
CA PRO A 516 35.00 20.26 -10.47
C PRO A 516 33.76 19.94 -9.65
N ILE A 517 32.96 18.97 -10.09
CA ILE A 517 31.77 18.56 -9.36
C ILE A 517 32.08 17.30 -8.57
N LYS A 518 31.98 17.36 -7.25
CA LYS A 518 32.35 16.21 -6.43
C LYS A 518 31.17 15.33 -6.10
N LEU A 519 31.42 14.06 -5.84
CA LEU A 519 30.35 13.12 -5.56
C LEU A 519 30.48 12.53 -4.16
N GLY A 520 29.43 12.63 -3.36
CA GLY A 520 29.46 12.09 -2.01
C GLY A 520 28.27 11.19 -1.71
N THR A 521 27.91 11.07 -0.45
CA THR A 521 26.81 10.19 -0.06
C THR A 521 25.50 10.60 -0.67
N ALA A 522 25.23 11.90 -0.67
CA ALA A 522 23.97 12.40 -1.21
C ALA A 522 23.85 12.03 -2.66
N ASP A 523 24.95 12.12 -3.40
CA ASP A 523 24.93 11.80 -4.81
C ASP A 523 24.64 10.32 -5.02
N PHE A 524 25.21 9.47 -4.18
CA PHE A 524 24.95 8.05 -4.26
C PHE A 524 23.46 7.83 -4.11
N MET A 525 22.88 8.42 -3.09
CA MET A 525 21.48 8.21 -2.81
C MET A 525 20.58 8.63 -3.96
N VAL A 526 20.86 9.78 -4.56
CA VAL A 526 20.01 10.29 -5.63
C VAL A 526 20.18 9.47 -6.91
N HIS A 527 21.40 9.07 -7.22
CA HIS A 527 21.65 8.33 -8.44
C HIS A 527 20.89 7.02 -8.43
N HIS A 528 20.87 6.35 -7.28
CA HIS A 528 20.18 5.08 -7.18
C HIS A 528 18.68 5.26 -7.27
N ILE A 529 18.18 6.43 -6.87
CA ILE A 529 16.76 6.71 -7.02
C ILE A 529 16.44 6.85 -8.50
N HIS A 530 17.35 7.44 -9.25
CA HIS A 530 17.15 7.57 -10.69
C HIS A 530 17.01 6.19 -11.30
N ALA A 531 17.84 5.26 -10.84
CA ALA A 531 17.78 3.90 -11.35
C ALA A 531 16.43 3.29 -11.09
N PHE A 532 15.91 3.48 -9.89
CA PHE A 532 14.62 2.91 -9.54
C PHE A 532 13.53 3.44 -10.45
N THR A 533 13.51 4.75 -10.65
CA THR A 533 12.47 5.35 -11.47
C THR A 533 12.51 4.82 -12.90
N ILE A 534 13.70 4.77 -13.48
CA ILE A 534 13.82 4.29 -14.85
C ILE A 534 13.42 2.85 -14.95
N HIS A 535 13.83 2.04 -14.00
CA HIS A 535 13.53 0.61 -14.05
C HIS A 535 12.03 0.35 -14.01
N VAL A 536 11.31 1.07 -13.15
CA VAL A 536 9.87 0.87 -13.06
C VAL A 536 9.20 1.25 -14.36
N THR A 537 9.66 2.32 -14.98
CA THR A 537 9.09 2.74 -16.25
C THR A 537 9.25 1.64 -17.27
N VAL A 538 10.42 1.01 -17.29
CA VAL A 538 10.68 -0.06 -18.24
C VAL A 538 9.75 -1.23 -17.97
N LEU A 539 9.50 -1.53 -16.71
CA LEU A 539 8.65 -2.65 -16.36
C LEU A 539 7.29 -2.49 -16.99
N ILE A 540 6.67 -1.35 -16.77
CA ILE A 540 5.33 -1.12 -17.28
C ILE A 540 5.34 -1.21 -18.80
N LEU A 541 6.28 -0.53 -19.43
CA LEU A 541 6.32 -0.50 -20.88
C LEU A 541 6.64 -1.85 -21.49
N LEU A 542 7.61 -2.57 -20.94
CA LEU A 542 7.98 -3.86 -21.48
C LEU A 542 6.87 -4.87 -21.29
N LYS A 543 6.19 -4.81 -20.15
CA LYS A 543 5.10 -5.73 -19.90
C LYS A 543 4.07 -5.53 -20.99
N GLY A 544 3.84 -4.28 -21.36
CA GLY A 544 2.87 -3.99 -22.40
C GLY A 544 3.23 -4.59 -23.74
N VAL A 545 4.51 -4.51 -24.11
CA VAL A 545 4.94 -5.08 -25.37
C VAL A 545 4.88 -6.59 -25.37
N LEU A 546 5.35 -7.21 -24.28
CA LEU A 546 5.40 -8.67 -24.22
C LEU A 546 4.01 -9.30 -24.09
N TYR A 547 3.13 -8.69 -23.34
CA TYR A 547 1.80 -9.25 -23.12
C TYR A 547 0.75 -8.55 -23.96
N ALA A 548 1.16 -7.99 -25.08
CA ALA A 548 0.23 -7.26 -25.94
C ALA A 548 -0.76 -8.16 -26.65
N ARG A 549 -0.30 -9.31 -27.11
CA ARG A 549 -1.18 -10.19 -27.88
C ARG A 549 -1.99 -11.14 -27.01
N SER A 550 -1.43 -11.57 -25.89
CA SER A 550 -2.14 -12.51 -25.04
C SER A 550 -1.68 -12.48 -23.60
N SER A 551 -2.46 -13.07 -22.71
CA SER A 551 -2.10 -13.15 -21.31
C SER A 551 -2.87 -14.30 -20.73
N LYS A 552 -2.51 -14.74 -19.53
CA LYS A 552 -3.27 -15.80 -18.88
C LYS A 552 -4.68 -15.33 -18.59
N LEU A 553 -4.82 -14.04 -18.30
CA LEU A 553 -6.13 -13.48 -18.00
C LEU A 553 -6.99 -13.38 -19.25
N ILE A 554 -6.48 -12.72 -20.28
CA ILE A 554 -7.22 -12.61 -21.53
C ILE A 554 -6.42 -13.25 -22.63
N PRO A 555 -6.71 -14.50 -22.94
CA PRO A 555 -5.92 -15.23 -23.93
C PRO A 555 -5.99 -14.65 -25.35
N ASP A 556 -7.04 -13.91 -25.68
CA ASP A 556 -7.19 -13.39 -27.04
C ASP A 556 -7.11 -11.88 -27.12
N LYS A 557 -6.21 -11.28 -26.34
CA LYS A 557 -6.11 -9.82 -26.30
C LYS A 557 -5.85 -9.25 -27.67
N ALA A 558 -5.14 -9.98 -28.51
CA ALA A 558 -4.80 -9.48 -29.84
C ALA A 558 -6.02 -9.04 -30.63
N ASN A 559 -7.03 -9.89 -30.67
CA ASN A 559 -8.23 -9.57 -31.44
C ASN A 559 -8.89 -8.32 -30.93
N LEU A 560 -8.81 -8.09 -29.62
CA LEU A 560 -9.40 -6.90 -29.03
C LEU A 560 -8.73 -5.63 -29.54
N GLY A 561 -7.44 -5.70 -29.84
CA GLY A 561 -6.74 -4.55 -30.38
C GLY A 561 -5.64 -3.98 -29.52
N PHE A 562 -5.10 -2.84 -29.92
CA PHE A 562 -4.06 -2.19 -29.14
C PHE A 562 -4.66 -1.20 -28.17
N ARG A 563 -5.86 -0.72 -28.47
CA ARG A 563 -6.47 0.30 -27.63
C ARG A 563 -7.91 -0.05 -27.30
N PHE A 564 -8.11 -1.00 -26.40
CA PHE A 564 -9.45 -1.34 -25.98
C PHE A 564 -9.61 -0.93 -24.53
N PRO A 565 -10.82 -0.55 -24.13
CA PRO A 565 -11.03 -0.08 -22.77
C PRO A 565 -10.80 -1.17 -21.74
N CYS A 566 -11.33 -2.37 -21.99
CA CYS A 566 -11.22 -3.47 -21.05
C CYS A 566 -11.83 -4.67 -21.71
N ASP A 567 -12.00 -5.76 -20.96
CA ASP A 567 -12.68 -6.92 -21.51
C ASP A 567 -13.98 -7.12 -20.76
N GLY A 568 -14.08 -6.52 -19.58
CA GLY A 568 -15.31 -6.61 -18.82
C GLY A 568 -15.09 -6.60 -17.33
N PRO A 569 -16.18 -6.67 -16.56
CA PRO A 569 -16.08 -6.68 -15.11
C PRO A 569 -15.75 -8.06 -14.59
N GLY A 570 -15.65 -9.04 -15.48
CA GLY A 570 -15.42 -10.41 -15.08
C GLY A 570 -13.97 -10.74 -14.78
N ARG A 571 -13.70 -12.00 -14.47
CA ARG A 571 -12.35 -12.42 -14.13
C ARG A 571 -11.85 -11.56 -12.98
N GLY A 572 -12.77 -11.02 -12.21
CA GLY A 572 -12.39 -10.18 -11.08
C GLY A 572 -12.20 -8.74 -11.47
N GLY A 573 -12.21 -8.46 -12.77
CA GLY A 573 -11.98 -7.10 -13.24
C GLY A 573 -10.85 -7.10 -14.24
N THR A 574 -11.10 -6.56 -15.43
CA THR A 574 -10.09 -6.55 -16.47
C THR A 574 -9.84 -5.14 -16.96
N CYS A 575 -10.04 -4.17 -16.09
CA CYS A 575 -9.89 -2.78 -16.49
C CYS A 575 -8.45 -2.39 -16.83
N GLN A 576 -8.26 -1.61 -17.88
CA GLN A 576 -6.92 -1.16 -18.25
C GLN A 576 -5.93 -2.29 -18.46
N SER A 577 -6.26 -3.22 -19.34
CA SER A 577 -5.36 -4.34 -19.61
C SER A 577 -4.74 -4.30 -21.01
N SER A 578 -5.05 -3.25 -21.76
CA SER A 578 -4.51 -3.11 -23.11
C SER A 578 -3.11 -2.58 -23.07
N SER A 579 -2.42 -2.68 -24.20
CA SER A 579 -1.07 -2.16 -24.27
C SER A 579 -1.09 -0.65 -24.22
N TRP A 580 -2.15 -0.05 -24.75
CA TRP A 580 -2.27 1.39 -24.71
C TRP A 580 -2.26 1.86 -23.28
N ASP A 581 -2.95 1.12 -22.41
CA ASP A 581 -3.04 1.51 -21.02
C ASP A 581 -1.70 1.41 -20.32
N HIS A 582 -0.86 0.47 -20.76
CA HIS A 582 0.47 0.36 -20.19
C HIS A 582 1.27 1.60 -20.55
N VAL A 583 1.11 2.10 -21.77
CA VAL A 583 1.78 3.33 -22.15
C VAL A 583 1.23 4.46 -21.32
N PHE A 584 -0.08 4.45 -21.08
CA PHE A 584 -0.70 5.49 -20.27
C PHE A 584 -0.05 5.56 -18.91
N LEU A 585 0.15 4.42 -18.29
CA LEU A 585 0.74 4.40 -16.96
C LEU A 585 2.23 4.69 -16.99
N GLY A 586 2.89 4.29 -18.07
CA GLY A 586 4.31 4.53 -18.20
C GLY A 586 4.66 6.00 -18.23
N LEU A 587 3.81 6.80 -18.87
CA LEU A 587 4.07 8.23 -18.97
C LEU A 587 4.08 8.90 -17.61
N PHE A 588 3.22 8.44 -16.70
CA PHE A 588 3.21 9.00 -15.36
C PHE A 588 4.55 8.76 -14.66
N TRP A 589 5.09 7.56 -14.81
CA TRP A 589 6.38 7.26 -14.21
C TRP A 589 7.51 7.99 -14.89
N MET A 590 7.40 8.21 -16.19
CA MET A 590 8.41 8.98 -16.89
C MET A 590 8.41 10.39 -16.36
N TYR A 591 7.22 10.91 -16.07
CA TYR A 591 7.13 12.25 -15.53
C TYR A 591 7.89 12.32 -14.22
N ASN A 592 7.64 11.36 -13.36
CA ASN A 592 8.32 11.32 -12.07
C ASN A 592 9.81 11.23 -12.24
N SER A 593 10.25 10.32 -13.10
CA SER A 593 11.68 10.13 -13.30
C SER A 593 12.35 11.41 -13.75
N ILE A 594 11.82 12.05 -14.78
CA ILE A 594 12.47 13.25 -15.31
C ILE A 594 12.43 14.37 -14.31
N SER A 595 11.33 14.49 -13.58
CA SER A 595 11.20 15.56 -12.60
C SER A 595 12.32 15.49 -11.58
N VAL A 596 12.58 14.31 -11.06
CA VAL A 596 13.64 14.14 -10.08
C VAL A 596 14.99 14.50 -10.69
N VAL A 597 15.22 14.09 -11.93
CA VAL A 597 16.50 14.36 -12.57
C VAL A 597 16.74 15.86 -12.71
N ILE A 598 15.75 16.58 -13.19
CA ILE A 598 15.91 18.01 -13.40
C ILE A 598 16.09 18.73 -12.07
N PHE A 599 15.40 18.27 -11.03
CA PHE A 599 15.56 18.86 -9.71
C PHE A 599 16.95 18.62 -9.18
N HIS A 600 17.50 17.44 -9.42
CA HIS A 600 18.86 17.14 -9.00
C HIS A 600 19.80 18.12 -9.65
N PHE A 601 19.63 18.33 -10.94
CA PHE A 601 20.49 19.26 -11.67
C PHE A 601 20.39 20.66 -11.08
N SER A 602 19.17 21.13 -10.86
CA SER A 602 18.98 22.49 -10.36
C SER A 602 19.62 22.70 -9.00
N TRP A 603 19.45 21.77 -8.07
CA TRP A 603 19.96 22.01 -6.73
C TRP A 603 21.46 21.80 -6.66
N LYS A 604 21.95 20.75 -7.31
CA LYS A 604 23.37 20.46 -7.26
C LYS A 604 24.17 21.60 -7.84
N MET A 605 23.74 22.12 -8.99
CA MET A 605 24.49 23.18 -9.64
C MET A 605 24.46 24.46 -8.84
N GLN A 606 23.29 24.84 -8.35
CA GLN A 606 23.17 26.09 -7.61
C GLN A 606 23.83 25.99 -6.27
N SER A 607 24.27 24.80 -5.89
CA SER A 607 24.86 24.61 -4.58
C SER A 607 26.33 24.29 -4.62
N ASP A 608 26.77 23.59 -5.66
CA ASP A 608 28.17 23.16 -5.71
C ASP A 608 28.95 23.60 -6.94
N VAL A 609 28.32 24.39 -7.81
CA VAL A 609 29.02 24.85 -9.02
C VAL A 609 28.78 26.32 -9.28
N TRP A 610 27.56 26.67 -9.67
CA TRP A 610 27.26 28.05 -10.01
C TRP A 610 27.52 29.00 -8.86
N GLY A 611 27.80 30.25 -9.18
CA GLY A 611 28.07 31.23 -8.15
C GLY A 611 29.04 32.29 -8.61
N THR A 612 29.64 33.01 -7.67
CA THR A 612 30.61 34.04 -8.02
C THR A 612 31.92 33.79 -7.31
N ILE A 613 33.02 34.17 -7.94
CA ILE A 613 34.32 34.03 -7.32
C ILE A 613 35.00 35.39 -7.30
N THR A 614 35.62 35.74 -6.19
CA THR A 614 36.26 37.04 -6.06
C THR A 614 37.54 37.10 -6.88
N PRO A 615 38.16 38.29 -6.96
CA PRO A 615 39.44 38.34 -7.66
C PRO A 615 40.36 37.33 -7.02
N ASP A 616 40.34 37.23 -5.69
CA ASP A 616 41.11 36.19 -5.02
C ASP A 616 40.24 34.95 -4.98
N GLY A 617 40.73 33.87 -4.40
CA GLY A 617 39.95 32.63 -4.42
C GLY A 617 38.87 32.50 -3.38
N ALA A 618 37.74 33.17 -3.60
CA ALA A 618 36.61 33.02 -2.68
C ALA A 618 35.37 32.65 -3.46
N ILE A 619 34.91 31.42 -3.34
CA ILE A 619 33.77 30.98 -4.12
C ILE A 619 32.48 31.01 -3.31
N SER A 620 31.51 31.75 -3.80
CA SER A 620 30.22 31.81 -3.12
C SER A 620 29.15 31.22 -4.01
N HIS A 621 28.72 30.01 -3.70
CA HIS A 621 27.70 29.36 -4.51
C HIS A 621 26.34 29.96 -4.24
N ILE A 622 25.42 29.82 -5.20
CA ILE A 622 24.12 30.46 -5.06
C ILE A 622 23.34 30.05 -3.83
N THR A 623 23.31 28.75 -3.52
CA THR A 623 22.54 28.29 -2.37
C THR A 623 23.41 28.04 -1.16
N GLY A 624 24.73 27.99 -1.33
CA GLY A 624 25.62 27.86 -0.20
C GLY A 624 26.10 26.49 0.21
N GLY A 625 25.94 25.49 -0.65
CA GLY A 625 26.43 24.16 -0.35
C GLY A 625 25.48 23.35 0.51
N ASN A 626 24.21 23.72 0.52
CA ASN A 626 23.22 23.03 1.33
C ASN A 626 22.91 21.63 0.85
N PHE A 627 23.28 21.30 -0.38
CA PHE A 627 22.93 20.00 -0.94
C PHE A 627 23.45 18.82 -0.14
N ALA A 628 24.66 18.93 0.39
CA ALA A 628 25.25 17.81 1.11
C ALA A 628 24.44 17.34 2.32
N GLN A 629 24.04 18.25 3.19
CA GLN A 629 23.35 17.83 4.41
C GLN A 629 21.85 18.05 4.42
N SER A 630 21.29 18.52 3.32
CA SER A 630 19.87 18.81 3.28
C SER A 630 19.15 17.92 2.29
N SER A 631 19.86 17.47 1.27
CA SER A 631 19.24 16.63 0.25
C SER A 631 19.21 15.18 0.69
N ILE A 632 19.65 14.90 1.91
CA ILE A 632 19.64 13.54 2.43
C ILE A 632 18.34 13.22 3.12
N THR A 633 17.44 14.19 3.21
CA THR A 633 16.15 13.98 3.85
C THR A 633 15.05 14.61 3.02
N ILE A 634 13.84 14.06 3.07
CA ILE A 634 12.74 14.59 2.29
C ILE A 634 12.34 15.98 2.75
N ASN A 635 12.41 16.23 4.05
CA ASN A 635 12.09 17.54 4.57
C ASN A 635 13.02 18.57 3.97
N GLY A 636 14.27 18.19 3.76
CA GLY A 636 15.24 19.09 3.18
C GLY A 636 14.84 19.56 1.80
N TRP A 637 14.40 18.63 0.96
CA TRP A 637 13.95 19.00 -0.37
C TRP A 637 12.76 19.94 -0.32
N LEU A 638 11.83 19.67 0.58
CA LEU A 638 10.63 20.50 0.69
C LEU A 638 10.95 21.89 1.20
N ARG A 639 11.94 22.00 2.08
CA ARG A 639 12.26 23.29 2.68
C ARG A 639 13.39 24.01 1.99
N ASP A 640 14.52 23.36 1.82
CA ASP A 640 15.68 24.03 1.26
C ASP A 640 15.66 24.11 -0.26
N PHE A 641 14.70 23.45 -0.89
CA PHE A 641 14.58 23.54 -2.34
C PHE A 641 13.26 24.13 -2.77
N LEU A 642 12.18 23.37 -2.69
CA LEU A 642 10.90 23.84 -3.18
C LEU A 642 10.43 25.10 -2.46
N TRP A 643 10.45 25.10 -1.14
CA TRP A 643 9.94 26.24 -0.39
C TRP A 643 10.82 27.47 -0.55
N SER A 644 12.13 27.28 -0.55
CA SER A 644 13.05 28.41 -0.62
C SER A 644 13.25 28.93 -2.02
N GLN A 645 13.39 28.05 -2.98
CA GLN A 645 13.68 28.48 -4.35
C GLN A 645 12.42 28.93 -5.07
N ALA A 646 11.28 28.85 -4.39
CA ALA A 646 10.02 29.28 -5.00
C ALA A 646 9.67 30.68 -4.56
N SER A 647 10.57 31.31 -3.82
CA SER A 647 10.31 32.65 -3.34
C SER A 647 10.20 33.63 -4.49
N GLN A 648 10.81 33.28 -5.62
CA GLN A 648 10.81 34.19 -6.77
C GLN A 648 9.47 34.23 -7.48
N VAL A 649 8.93 33.08 -7.83
CA VAL A 649 7.65 33.04 -8.52
C VAL A 649 6.55 33.66 -7.69
N ILE A 650 6.50 33.31 -6.41
CA ILE A 650 5.42 33.79 -5.56
C ILE A 650 5.50 35.28 -5.34
N GLN A 651 6.67 35.86 -5.50
CA GLN A 651 6.84 37.29 -5.27
C GLN A 651 7.13 38.00 -6.58
N SER A 652 6.58 37.49 -7.67
CA SER A 652 6.85 38.06 -8.98
C SER A 652 5.84 39.11 -9.39
N TYR A 653 4.74 39.22 -8.68
CA TYR A 653 3.70 40.17 -9.05
C TYR A 653 4.24 41.59 -9.03
N GLY A 654 3.83 42.40 -10.00
CA GLY A 654 4.29 43.78 -10.06
C GLY A 654 5.62 43.92 -10.76
N SER A 655 6.10 42.83 -11.35
CA SER A 655 7.39 42.86 -12.03
C SER A 655 7.29 42.25 -13.41
N ALA A 656 8.39 42.29 -14.14
CA ALA A 656 8.40 41.73 -15.48
C ALA A 656 8.33 40.23 -15.43
N SER A 657 8.49 39.67 -14.24
CA SER A 657 8.43 38.23 -14.08
C SER A 657 7.05 37.81 -13.62
N SER A 658 6.09 38.72 -13.71
CA SER A 658 4.74 38.43 -13.25
C SER A 658 4.10 37.31 -14.03
N ALA A 659 4.45 37.18 -15.30
CA ALA A 659 3.86 36.16 -16.14
C ALA A 659 4.11 34.79 -15.56
N TYR A 660 5.32 34.57 -15.08
CA TYR A 660 5.67 33.27 -14.54
C TYR A 660 4.80 32.95 -13.33
N GLY A 661 4.51 33.95 -12.52
CA GLY A 661 3.66 33.74 -11.37
C GLY A 661 2.28 33.29 -11.79
N LEU A 662 1.72 33.97 -12.78
CA LEU A 662 0.39 33.61 -13.25
C LEU A 662 0.38 32.21 -13.83
N ILE A 663 1.39 31.88 -14.61
CA ILE A 663 1.48 30.56 -15.22
C ILE A 663 1.67 29.49 -14.16
N PHE A 664 2.44 29.79 -13.13
CA PHE A 664 2.64 28.85 -12.04
C PHE A 664 1.29 28.47 -11.48
N LEU A 665 0.46 29.48 -11.20
CA LEU A 665 -0.87 29.22 -10.65
C LEU A 665 -1.76 28.51 -11.66
N GLY A 666 -1.72 28.93 -12.90
CA GLY A 666 -2.57 28.33 -13.92
C GLY A 666 -2.25 26.87 -14.10
N ALA A 667 -0.97 26.53 -14.04
CA ALA A 667 -0.56 25.15 -14.23
C ALA A 667 -1.07 24.29 -13.10
N HIS A 668 -1.01 24.79 -11.87
CA HIS A 668 -1.54 24.04 -10.74
C HIS A 668 -2.99 23.74 -10.98
N PHE A 669 -3.73 24.73 -11.48
CA PHE A 669 -5.15 24.55 -11.72
C PHE A 669 -5.40 23.43 -12.72
N ILE A 670 -4.68 23.45 -13.83
CA ILE A 670 -4.86 22.44 -14.86
C ILE A 670 -4.52 21.05 -14.34
N TRP A 671 -3.49 20.96 -13.51
CA TRP A 671 -3.09 19.68 -12.95
C TRP A 671 -4.22 19.10 -12.12
N ALA A 672 -4.82 19.93 -11.28
CA ALA A 672 -5.93 19.48 -10.46
C ALA A 672 -7.12 19.16 -11.32
N PHE A 673 -7.38 19.97 -12.33
CA PHE A 673 -8.50 19.74 -13.21
C PHE A 673 -8.45 18.34 -13.78
N SER A 674 -7.25 17.87 -14.09
CA SER A 674 -7.12 16.55 -14.70
C SER A 674 -7.53 15.44 -13.80
N LEU A 675 -7.40 15.63 -12.50
CA LEU A 675 -7.70 14.56 -11.56
C LEU A 675 -9.16 14.14 -11.59
N MET A 676 -10.02 14.96 -12.17
CA MET A 676 -11.42 14.59 -12.25
C MET A 676 -11.66 13.62 -13.39
N PHE A 677 -10.81 13.64 -14.40
CA PHE A 677 -10.94 12.69 -15.49
C PHE A 677 -10.25 11.40 -15.12
N LEU A 678 -9.25 11.47 -14.28
CA LEU A 678 -8.48 10.27 -13.92
C LEU A 678 -9.11 9.46 -12.80
N PHE A 679 -10.02 10.05 -12.04
CA PHE A 679 -10.62 9.35 -10.91
C PHE A 679 -12.06 8.96 -11.19
N SER A 680 -12.72 9.65 -12.10
CA SER A 680 -14.14 9.38 -12.37
C SER A 680 -14.38 8.41 -13.51
N GLY A 681 -15.64 8.18 -13.84
CA GLY A 681 -15.98 7.26 -14.90
C GLY A 681 -17.03 7.78 -15.84
N ARG A 682 -17.14 7.19 -17.02
CA ARG A 682 -18.09 7.67 -18.03
C ARG A 682 -19.52 7.59 -17.57
N GLY A 683 -19.86 6.58 -16.78
CA GLY A 683 -21.24 6.40 -16.38
C GLY A 683 -21.88 7.58 -15.70
N TYR A 684 -21.21 8.16 -14.70
CA TYR A 684 -21.77 9.28 -13.98
C TYR A 684 -22.02 10.41 -14.95
N TRP A 685 -21.04 10.69 -15.78
CA TRP A 685 -21.15 11.81 -16.69
C TRP A 685 -22.27 11.61 -17.71
N GLN A 686 -22.41 10.40 -18.22
CA GLN A 686 -23.44 10.16 -19.22
C GLN A 686 -24.81 10.43 -18.62
N GLU A 687 -25.03 9.97 -17.40
CA GLU A 687 -26.32 10.16 -16.75
C GLU A 687 -26.58 11.64 -16.48
N LEU A 688 -25.56 12.37 -16.08
CA LEU A 688 -25.73 13.79 -15.84
C LEU A 688 -26.13 14.46 -17.14
N ILE A 689 -25.51 14.07 -18.24
CA ILE A 689 -25.82 14.67 -19.53
C ILE A 689 -27.27 14.44 -19.86
N GLU A 690 -27.80 13.27 -19.51
CA GLU A 690 -29.19 12.97 -19.79
C GLU A 690 -30.12 13.99 -19.17
N SER A 691 -29.86 14.34 -17.91
CA SER A 691 -30.69 15.32 -17.23
C SER A 691 -30.57 16.68 -17.89
N ILE A 692 -29.36 17.06 -18.27
CA ILE A 692 -29.15 18.33 -18.93
C ILE A 692 -29.91 18.38 -20.25
N VAL A 693 -29.86 17.29 -21.00
CA VAL A 693 -30.55 17.23 -22.28
C VAL A 693 -32.05 17.35 -22.07
N TRP A 694 -32.55 16.84 -20.94
CA TRP A 694 -33.96 16.96 -20.65
C TRP A 694 -34.35 18.42 -20.67
N ALA A 695 -33.53 19.27 -20.08
CA ALA A 695 -33.85 20.68 -20.03
C ALA A 695 -33.98 21.27 -21.42
N HIS A 696 -33.02 20.97 -22.28
CA HIS A 696 -33.05 21.52 -23.63
C HIS A 696 -34.29 21.02 -24.35
N ASN A 697 -34.62 19.76 -24.20
CA ASN A 697 -35.82 19.22 -24.82
C ASN A 697 -37.07 19.89 -24.29
N LYS A 698 -37.10 20.14 -22.99
CA LYS A 698 -38.27 20.78 -22.40
C LYS A 698 -38.52 22.13 -23.03
N LEU A 699 -37.49 22.71 -23.61
CA LEU A 699 -37.65 24.00 -24.29
C LEU A 699 -37.74 23.82 -25.80
N ASN A 700 -38.06 22.62 -26.25
CA ASN A 700 -38.25 22.36 -27.69
C ASN A 700 -37.01 22.50 -28.57
N PHE A 701 -35.84 22.17 -28.05
CA PHE A 701 -34.64 22.19 -28.89
C PHE A 701 -33.58 21.24 -28.37
N ALA A 702 -32.93 20.52 -29.27
CA ALA A 702 -31.86 19.62 -28.86
C ALA A 702 -31.03 19.24 -30.08
N PRO A 703 -29.72 19.03 -29.87
CA PRO A 703 -28.84 18.73 -31.00
C PRO A 703 -29.14 17.37 -31.63
N THR A 704 -29.13 17.29 -32.95
CA THR A 704 -29.33 16.00 -33.62
C THR A 704 -28.10 15.15 -33.36
N ILE A 705 -26.93 15.77 -33.31
CA ILE A 705 -25.73 15.02 -32.97
C ILE A 705 -25.87 14.81 -31.49
N GLN A 706 -26.48 13.70 -31.08
CA GLN A 706 -26.75 13.47 -29.68
C GLN A 706 -25.51 13.62 -28.82
N PRO A 707 -25.62 14.43 -27.76
CA PRO A 707 -24.48 14.62 -26.85
C PRO A 707 -24.17 13.35 -26.08
N ARG A 708 -22.93 12.91 -26.11
CA ARG A 708 -22.52 11.71 -25.39
C ARG A 708 -21.29 12.01 -24.58
N ALA A 709 -21.02 11.21 -23.56
CA ALA A 709 -19.84 11.41 -22.73
C ALA A 709 -18.58 10.87 -23.40
N LEU A 710 -17.42 11.36 -23.00
CA LEU A 710 -16.17 10.93 -23.60
C LEU A 710 -15.93 9.45 -23.35
N SER A 711 -15.33 8.76 -24.30
CA SER A 711 -15.09 7.33 -24.15
C SER A 711 -14.18 7.06 -22.98
N ILE A 712 -14.16 5.82 -22.52
CA ILE A 712 -13.30 5.45 -21.42
C ILE A 712 -11.87 5.81 -21.75
N THR A 713 -11.40 5.39 -22.91
CA THR A 713 -10.02 5.64 -23.29
C THR A 713 -9.73 7.13 -23.41
N GLN A 714 -10.64 7.88 -24.00
CA GLN A 714 -10.44 9.32 -24.15
C GLN A 714 -10.38 10.00 -22.80
N GLY A 715 -11.20 9.53 -21.87
CA GLY A 715 -11.19 10.10 -20.54
C GLY A 715 -9.81 10.01 -19.96
N ARG A 716 -9.19 8.84 -20.07
CA ARG A 716 -7.85 8.64 -19.55
C ARG A 716 -6.87 9.54 -20.27
N ALA A 717 -7.01 9.66 -21.58
CA ALA A 717 -6.10 10.48 -22.36
C ALA A 717 -6.20 11.94 -21.97
N VAL A 718 -7.42 12.44 -21.83
CA VAL A 718 -7.61 13.84 -21.47
C VAL A 718 -6.98 14.09 -20.11
N GLY A 719 -7.16 13.15 -19.19
CA GLY A 719 -6.59 13.29 -17.87
C GLY A 719 -5.08 13.34 -17.89
N LEU A 720 -4.47 12.41 -18.60
CA LEU A 720 -3.01 12.37 -18.67
C LEU A 720 -2.50 13.65 -19.30
N ALA A 721 -3.18 14.12 -20.33
CA ALA A 721 -2.71 15.30 -21.04
C ALA A 721 -2.66 16.49 -20.11
N HIS A 722 -3.76 16.74 -19.40
CA HIS A 722 -3.81 17.88 -18.52
C HIS A 722 -2.86 17.71 -17.36
N TYR A 723 -2.72 16.48 -16.89
CA TYR A 723 -1.81 16.20 -15.78
C TYR A 723 -0.40 16.58 -16.17
N LEU A 724 0.03 16.13 -17.34
CA LEU A 724 1.40 16.40 -17.78
C LEU A 724 1.61 17.89 -18.02
N LEU A 725 0.65 18.53 -18.68
CA LEU A 725 0.79 19.94 -18.97
C LEU A 725 0.93 20.72 -17.69
N GLY A 726 0.06 20.44 -16.73
CA GLY A 726 0.09 21.16 -15.47
C GLY A 726 1.38 20.97 -14.70
N GLY A 727 1.83 19.74 -14.58
CA GLY A 727 3.03 19.47 -13.82
C GLY A 727 4.25 20.09 -14.45
N ILE A 728 4.43 19.87 -15.74
CA ILE A 728 5.60 20.40 -16.43
C ILE A 728 5.53 21.92 -16.47
N GLY A 729 4.32 22.45 -16.66
CA GLY A 729 4.16 23.89 -16.71
C GLY A 729 4.57 24.55 -15.41
N THR A 730 4.19 23.95 -14.29
CA THR A 730 4.53 24.50 -13.00
C THR A 730 6.04 24.61 -12.84
N THR A 731 6.76 23.53 -13.10
CA THR A 731 8.21 23.56 -13.01
C THR A 731 8.80 24.55 -13.99
N TRP A 732 8.22 24.63 -15.17
CA TRP A 732 8.71 25.55 -16.19
C TRP A 732 8.81 26.93 -15.60
N ALA A 733 7.71 27.44 -15.05
CA ALA A 733 7.71 28.78 -14.49
C ALA A 733 8.64 28.88 -13.30
N PHE A 734 8.58 27.90 -12.42
CA PHE A 734 9.42 27.90 -11.24
C PHE A 734 10.86 28.05 -11.64
N PHE A 735 11.32 27.22 -12.56
CA PHE A 735 12.71 27.27 -12.98
C PHE A 735 13.06 28.57 -13.65
N LEU A 736 12.26 28.99 -14.62
CA LEU A 736 12.61 30.20 -15.37
C LEU A 736 12.68 31.43 -14.47
N ALA A 737 11.70 31.58 -13.59
CA ALA A 737 11.68 32.74 -12.73
C ALA A 737 12.88 32.75 -11.81
N ARG A 738 13.17 31.61 -11.20
CA ARG A 738 14.31 31.50 -10.32
C ARG A 738 15.58 31.79 -11.10
N ALA A 739 15.69 31.23 -12.28
CA ALA A 739 16.91 31.39 -13.06
C ALA A 739 17.17 32.84 -13.44
N ILE A 740 16.12 33.54 -13.84
CA ILE A 740 16.30 34.92 -14.24
C ILE A 740 16.96 35.67 -13.11
N SER A 741 16.48 35.46 -11.89
CA SER A 741 17.03 36.15 -10.74
C SER A 741 18.48 35.75 -10.46
N ILE A 742 18.76 34.45 -10.45
CA ILE A 742 20.10 33.99 -10.13
C ILE A 742 21.09 34.48 -11.17
N THR A 743 20.66 34.55 -12.43
CA THR A 743 21.54 35.08 -13.47
C THR A 743 21.74 36.57 -13.21
N ALA B 1 -21.86 -20.90 7.11
CA ALA B 1 -20.62 -21.19 6.40
C ALA B 1 -19.61 -21.85 7.31
N THR B 2 -18.54 -22.37 6.74
CA THR B 2 -17.52 -23.03 7.53
C THR B 2 -16.19 -22.32 7.41
N LYS B 3 -16.20 -21.16 6.77
CA LYS B 3 -14.98 -20.38 6.63
C LYS B 3 -15.11 -19.04 7.34
N PHE B 4 -14.22 -18.10 7.04
CA PHE B 4 -14.23 -16.83 7.76
C PHE B 4 -15.55 -16.08 7.64
N PRO B 5 -16.06 -15.90 6.42
CA PRO B 5 -17.31 -15.15 6.42
C PRO B 5 -18.46 -16.07 6.75
N LYS B 6 -18.67 -16.36 8.03
CA LYS B 6 -19.73 -17.26 8.44
C LYS B 6 -21.08 -16.77 7.99
N PHE B 7 -21.20 -15.46 7.80
CA PHE B 7 -22.48 -14.88 7.42
C PHE B 7 -22.71 -14.88 5.91
N SER B 8 -21.76 -15.43 5.16
CA SER B 8 -21.89 -15.48 3.71
C SER B 8 -21.28 -16.72 3.10
N GLN B 9 -22.11 -17.61 2.58
CA GLN B 9 -21.59 -18.81 1.93
C GLN B 9 -20.86 -18.43 0.66
N ALA B 10 -21.37 -17.43 -0.05
CA ALA B 10 -20.76 -17.04 -1.31
C ALA B 10 -19.30 -16.67 -1.11
N LEU B 11 -19.03 -15.79 -0.15
CA LEU B 11 -17.67 -15.38 0.11
C LEU B 11 -16.89 -16.52 0.73
N ALA B 12 -17.54 -17.31 1.57
CA ALA B 12 -16.85 -18.40 2.25
C ALA B 12 -16.32 -19.42 1.27
N GLN B 13 -17.09 -19.73 0.23
CA GLN B 13 -16.66 -20.71 -0.75
C GLN B 13 -15.71 -20.14 -1.81
N ASP B 14 -15.23 -18.93 -1.59
CA ASP B 14 -14.33 -18.28 -2.54
C ASP B 14 -12.91 -18.80 -2.36
N PRO B 15 -12.25 -19.15 -3.47
CA PRO B 15 -10.90 -19.73 -3.34
C PRO B 15 -9.78 -18.71 -3.29
N ALA B 16 -10.11 -17.42 -3.21
CA ALA B 16 -9.07 -16.40 -3.26
C ALA B 16 -8.95 -15.56 -2.01
N THR B 17 -8.11 -14.53 -2.05
CA THR B 17 -7.92 -13.67 -0.89
C THR B 17 -9.10 -12.73 -0.69
N ARG B 18 -9.97 -12.62 -1.70
CA ARG B 18 -11.14 -11.77 -1.57
C ARG B 18 -11.99 -12.18 -0.40
N ARG B 19 -12.01 -13.47 -0.12
CA ARG B 19 -12.82 -13.96 0.98
C ARG B 19 -12.50 -13.18 2.24
N ILE B 20 -11.22 -13.00 2.51
CA ILE B 20 -10.81 -12.28 3.70
C ILE B 20 -11.14 -10.80 3.61
N TRP B 21 -10.80 -10.17 2.50
CA TRP B 21 -11.02 -8.73 2.36
C TRP B 21 -12.49 -8.38 2.49
N TYR B 22 -13.35 -9.06 1.75
CA TYR B 22 -14.78 -8.73 1.76
C TYR B 22 -15.46 -9.06 3.08
N GLY B 23 -15.09 -10.17 3.69
CA GLY B 23 -15.70 -10.55 4.94
C GLY B 23 -15.55 -9.47 5.98
N ILE B 24 -14.41 -8.81 6.00
CA ILE B 24 -14.17 -7.74 6.96
C ILE B 24 -15.03 -6.52 6.68
N ALA B 25 -15.22 -6.19 5.41
CA ALA B 25 -15.96 -4.98 5.06
C ALA B 25 -17.46 -5.20 4.91
N THR B 26 -17.90 -6.44 5.02
CA THR B 26 -19.33 -6.72 4.93
C THR B 26 -19.83 -7.23 6.25
N ALA B 27 -19.03 -7.04 7.30
CA ALA B 27 -19.38 -7.57 8.62
C ALA B 27 -20.55 -6.88 9.28
N HIS B 28 -20.66 -5.56 9.10
CA HIS B 28 -21.70 -4.83 9.82
C HIS B 28 -22.95 -4.57 9.00
N ASP B 29 -23.04 -5.16 7.81
CA ASP B 29 -24.26 -5.02 7.03
C ASP B 29 -25.14 -6.17 7.44
N LEU B 30 -25.60 -6.16 8.68
CA LEU B 30 -26.37 -7.28 9.20
C LEU B 30 -27.59 -7.64 8.36
N GLU B 31 -28.14 -6.67 7.65
CA GLU B 31 -29.35 -6.91 6.87
C GLU B 31 -29.13 -7.88 5.73
N ALA B 32 -27.91 -7.99 5.25
CA ALA B 32 -27.63 -8.84 4.09
C ALA B 32 -27.03 -10.19 4.46
N HIS B 33 -26.85 -10.43 5.75
CA HIS B 33 -26.24 -11.68 6.19
C HIS B 33 -27.14 -12.85 5.86
N ASP B 34 -26.56 -14.01 5.64
CA ASP B 34 -27.35 -15.20 5.34
C ASP B 34 -28.28 -15.52 6.49
N GLY B 35 -29.55 -15.76 6.18
CA GLY B 35 -30.53 -16.11 7.21
C GLY B 35 -30.76 -15.07 8.28
N MET B 36 -31.14 -13.86 7.87
CA MET B 36 -31.40 -12.80 8.84
C MET B 36 -32.88 -12.46 8.89
N THR B 37 -33.48 -12.57 10.07
CA THR B 37 -34.87 -12.20 10.23
C THR B 37 -34.92 -10.80 10.79
N GLU B 38 -36.01 -10.08 10.57
CA GLU B 38 -36.09 -8.70 11.02
C GLU B 38 -35.92 -8.60 12.54
N GLU B 39 -36.52 -9.52 13.26
CA GLU B 39 -36.44 -9.48 14.71
C GLU B 39 -35.01 -9.59 15.18
N ASN B 40 -34.27 -10.53 14.62
CA ASN B 40 -32.89 -10.71 15.02
C ASN B 40 -32.10 -9.46 14.68
N LEU B 41 -32.37 -8.88 13.53
CA LEU B 41 -31.64 -7.70 13.12
C LEU B 41 -31.74 -6.63 14.15
N TYR B 42 -32.97 -6.31 14.55
CA TYR B 42 -33.16 -5.23 15.51
C TYR B 42 -32.47 -5.57 16.81
N GLN B 43 -32.59 -6.80 17.25
CA GLN B 43 -32.02 -7.18 18.54
C GLN B 43 -30.50 -7.05 18.54
N LYS B 44 -29.86 -7.50 17.47
CA LYS B 44 -28.42 -7.39 17.38
C LYS B 44 -27.96 -5.94 17.30
N ILE B 45 -28.70 -5.12 16.55
CA ILE B 45 -28.35 -3.71 16.46
C ILE B 45 -28.45 -3.05 17.82
N PHE B 46 -29.49 -3.37 18.58
CA PHE B 46 -29.66 -2.77 19.89
C PHE B 46 -28.47 -3.09 20.76
N ALA B 47 -28.03 -4.33 20.75
CA ALA B 47 -26.90 -4.74 21.57
C ALA B 47 -25.62 -4.06 21.12
N SER B 48 -25.44 -3.94 19.82
CA SER B 48 -24.26 -3.30 19.29
C SER B 48 -24.19 -1.86 19.77
N HIS B 49 -25.33 -1.21 19.89
CA HIS B 49 -25.36 0.17 20.35
C HIS B 49 -24.84 0.27 21.78
N PHE B 50 -25.19 -0.70 22.62
CA PHE B 50 -24.68 -0.70 23.99
C PHE B 50 -23.17 -0.71 23.99
N GLY B 51 -22.58 -1.52 23.11
CA GLY B 51 -21.13 -1.58 23.01
C GLY B 51 -20.51 -0.26 22.60
N HIS B 52 -21.11 0.41 21.64
CA HIS B 52 -20.61 1.70 21.20
C HIS B 52 -20.62 2.68 22.35
N LEU B 53 -21.72 2.71 23.10
CA LEU B 53 -21.83 3.60 24.24
C LEU B 53 -20.71 3.34 25.21
N ALA B 54 -20.41 2.07 25.47
CA ALA B 54 -19.36 1.71 26.39
C ALA B 54 -18.01 2.24 25.92
N ILE B 55 -17.73 2.11 24.63
CA ILE B 55 -16.48 2.61 24.09
C ILE B 55 -16.36 4.11 24.32
N ILE B 56 -17.45 4.83 24.12
CA ILE B 56 -17.41 6.28 24.30
C ILE B 56 -17.07 6.63 25.74
N PHE B 57 -17.66 5.92 26.68
CA PHE B 57 -17.40 6.20 28.10
C PHE B 57 -15.99 5.81 28.49
N LEU B 58 -15.48 4.72 27.95
CA LEU B 58 -14.11 4.32 28.24
C LEU B 58 -13.16 5.39 27.74
N TRP B 59 -13.45 5.95 26.58
CA TRP B 59 -12.62 7.01 26.02
C TRP B 59 -12.59 8.22 26.94
N THR B 60 -13.75 8.64 27.42
CA THR B 60 -13.81 9.78 28.31
C THR B 60 -13.05 9.48 29.60
N SER B 61 -13.21 8.26 30.11
CA SER B 61 -12.53 7.89 31.34
C SER B 61 -11.04 8.03 31.19
N GLY B 62 -10.52 7.63 30.04
CA GLY B 62 -9.08 7.70 29.82
C GLY B 62 -8.53 9.10 29.86
N ASN B 63 -9.25 10.03 29.27
CA ASN B 63 -8.79 11.41 29.25
C ASN B 63 -8.68 11.94 30.66
N LEU B 64 -9.70 11.70 31.47
CA LEU B 64 -9.68 12.15 32.84
C LEU B 64 -8.53 11.50 33.58
N PHE B 65 -8.37 10.19 33.41
CA PHE B 65 -7.32 9.47 34.12
C PHE B 65 -5.94 10.00 33.76
N HIS B 66 -5.67 10.13 32.47
CA HIS B 66 -4.33 10.54 32.06
C HIS B 66 -4.04 11.99 32.45
N VAL B 67 -5.02 12.87 32.35
CA VAL B 67 -4.83 14.24 32.78
C VAL B 67 -4.55 14.27 34.27
N ALA B 68 -5.27 13.47 35.03
CA ALA B 68 -5.11 13.44 36.47
C ALA B 68 -3.79 12.82 36.90
N TRP B 69 -3.35 11.80 36.20
CA TRP B 69 -2.14 11.09 36.61
C TRP B 69 -0.87 11.66 36.00
N GLN B 70 -0.97 12.29 34.84
CA GLN B 70 0.22 12.78 34.16
C GLN B 70 0.10 14.22 33.69
N GLY B 71 -0.89 14.95 34.17
CA GLY B 71 -1.11 16.31 33.70
C GLY B 71 -0.76 17.44 34.64
N ASN B 72 -1.16 18.66 34.30
CA ASN B 72 -0.87 19.81 35.12
C ASN B 72 -2.12 20.62 35.36
N PHE B 73 -3.23 19.96 35.60
CA PHE B 73 -4.49 20.67 35.74
C PHE B 73 -4.49 21.62 36.92
N GLU B 74 -4.00 21.18 38.06
CA GLU B 74 -4.02 22.03 39.24
C GLU B 74 -3.16 23.27 39.05
N LYS B 75 -1.99 23.12 38.46
CA LYS B 75 -1.14 24.27 38.19
C LYS B 75 -1.84 25.19 37.20
N TRP B 76 -2.47 24.62 36.19
CA TRP B 76 -3.16 25.42 35.21
C TRP B 76 -4.26 26.20 35.89
N VAL B 77 -4.97 25.56 36.80
CA VAL B 77 -6.05 26.22 37.51
C VAL B 77 -5.50 27.44 38.22
N SER B 78 -4.32 27.32 38.80
CA SER B 78 -3.71 28.44 39.52
C SER B 78 -3.32 29.58 38.59
N ASN B 79 -2.67 29.25 37.47
CA ASN B 79 -2.29 30.26 36.50
C ASN B 79 -2.73 29.86 35.11
N PRO B 80 -4.02 30.07 34.80
CA PRO B 80 -4.56 29.60 33.52
C PRO B 80 -3.92 30.21 32.27
N LEU B 81 -3.51 31.47 32.31
CA LEU B 81 -3.00 32.12 31.10
C LEU B 81 -1.47 32.06 30.94
N LYS B 82 -0.81 31.27 31.77
CA LYS B 82 0.65 31.16 31.69
C LYS B 82 1.13 29.71 31.75
N THR B 83 0.22 28.75 31.62
CA THR B 83 0.59 27.34 31.68
C THR B 83 0.05 26.59 30.48
N ARG B 84 0.86 25.71 29.90
CA ARG B 84 0.39 24.92 28.77
C ARG B 84 -0.18 23.60 29.26
N PRO B 85 -1.44 23.32 28.91
CA PRO B 85 -2.09 22.09 29.37
C PRO B 85 -1.41 20.82 28.87
N ILE B 86 -1.29 19.81 29.72
CA ILE B 86 -0.67 18.56 29.33
C ILE B 86 -1.69 17.48 29.08
N ALA B 87 -1.52 16.72 28.00
CA ALA B 87 -2.43 15.62 27.71
C ALA B 87 -1.95 14.36 28.36
N HIS B 88 -0.90 13.75 27.82
CA HIS B 88 -0.36 12.52 28.39
C HIS B 88 1.15 12.52 28.28
N SER B 89 1.79 11.59 28.96
CA SER B 89 3.25 11.51 28.92
C SER B 89 3.72 10.72 27.73
N ILE B 90 5.01 10.75 27.47
CA ILE B 90 5.57 10.06 26.32
C ILE B 90 6.64 9.07 26.72
N TRP B 91 6.51 7.82 26.30
CA TRP B 91 7.55 6.83 26.54
C TRP B 91 7.84 6.13 25.24
N ASP B 92 8.74 6.70 24.44
CA ASP B 92 9.10 6.09 23.19
C ASP B 92 10.54 5.66 23.27
N PRO B 93 10.80 4.35 23.13
CA PRO B 93 12.16 3.84 23.23
C PRO B 93 13.03 4.25 22.05
N HIS B 94 12.44 4.87 21.04
CA HIS B 94 13.19 5.24 19.85
C HIS B 94 13.70 6.67 19.93
N PHE B 95 13.31 7.38 20.97
CA PHE B 95 13.70 8.79 21.09
C PHE B 95 15.17 8.94 21.40
N GLY B 96 15.76 10.04 20.96
CA GLY B 96 17.15 10.30 21.29
C GLY B 96 17.16 11.25 22.46
N GLU B 97 18.30 11.38 23.13
CA GLU B 97 18.37 12.22 24.31
C GLU B 97 17.89 13.62 24.01
N SER B 98 18.25 14.13 22.83
CA SER B 98 17.84 15.47 22.46
C SER B 98 16.34 15.58 22.47
N ALA B 99 15.67 14.57 21.90
CA ALA B 99 14.22 14.60 21.83
C ALA B 99 13.61 14.59 23.21
N LEU B 100 14.22 13.83 24.13
CA LEU B 100 13.70 13.77 25.48
C LEU B 100 13.72 15.15 26.10
N LYS B 101 14.75 15.92 25.82
CA LYS B 101 14.85 17.27 26.35
C LYS B 101 13.86 18.21 25.70
N ALA B 102 13.74 18.13 24.37
CA ALA B 102 12.86 19.04 23.64
C ALA B 102 11.42 18.89 24.05
N PHE B 103 10.96 17.65 24.14
CA PHE B 103 9.56 17.41 24.47
C PHE B 103 9.31 17.55 25.95
N SER B 104 10.38 17.68 26.73
CA SER B 104 10.25 17.83 28.17
C SER B 104 10.39 19.28 28.58
N LYS B 105 10.35 20.17 27.60
CA LYS B 105 10.49 21.59 27.88
C LYS B 105 9.34 22.10 28.73
N GLY B 106 9.65 22.90 29.75
CA GLY B 106 8.61 23.44 30.61
C GLY B 106 8.20 22.49 31.70
N ASN B 107 8.62 21.23 31.60
CA ASN B 107 8.25 20.24 32.59
C ASN B 107 9.48 19.43 32.95
N THR B 108 9.29 18.32 33.64
CA THR B 108 10.41 17.48 34.03
C THR B 108 10.41 16.16 33.31
N TYR B 109 9.41 15.94 32.46
CA TYR B 109 9.34 14.69 31.71
C TYR B 109 8.73 14.95 30.34
N PRO B 110 9.11 14.12 29.36
CA PRO B 110 8.56 14.30 28.01
C PRO B 110 7.05 14.28 28.03
N VAL B 111 6.40 15.22 27.37
CA VAL B 111 4.95 15.31 27.44
C VAL B 111 4.28 15.88 26.19
N ASN B 112 3.00 15.61 26.00
CA ASN B 112 2.27 16.16 24.87
C ASN B 112 1.28 17.20 25.35
N ILE B 113 1.26 18.36 24.70
CA ILE B 113 0.35 19.43 25.08
C ILE B 113 -1.01 19.21 24.42
N THR B 114 -2.09 19.35 25.17
CA THR B 114 -3.42 19.09 24.64
C THR B 114 -4.03 20.28 23.93
N PHE B 115 -4.68 20.03 22.81
CA PHE B 115 -5.36 21.09 22.09
C PHE B 115 -6.81 20.72 21.96
N SER B 116 -7.34 20.01 22.97
CA SER B 116 -8.72 19.55 22.92
C SER B 116 -9.66 20.43 23.72
N GLY B 117 -9.12 21.28 24.60
CA GLY B 117 -9.95 22.19 25.36
C GLY B 117 -10.57 21.62 26.60
N LEU B 118 -10.15 20.42 26.98
CA LEU B 118 -10.71 19.77 28.15
C LEU B 118 -10.48 20.57 29.42
N TYR B 119 -9.30 21.17 29.54
CA TYR B 119 -8.98 21.91 30.76
C TYR B 119 -9.96 23.05 30.99
N GLN B 120 -10.24 23.83 29.95
CA GLN B 120 -11.16 24.94 30.08
C GLN B 120 -12.56 24.47 30.42
N TRP B 121 -13.01 23.40 29.76
CA TRP B 121 -14.35 22.89 30.01
C TRP B 121 -14.48 22.41 31.44
N TRP B 122 -13.50 21.65 31.91
CA TRP B 122 -13.55 21.13 33.25
C TRP B 122 -13.42 22.24 34.28
N TYR B 123 -12.60 23.23 33.98
CA TYR B 123 -12.44 24.35 34.89
C TYR B 123 -13.76 25.08 35.03
N THR B 124 -14.45 25.27 33.92
CA THR B 124 -15.71 25.98 33.95
C THR B 124 -16.79 25.19 34.68
N ILE B 125 -16.85 23.89 34.45
CA ILE B 125 -17.90 23.08 35.06
C ILE B 125 -17.69 22.83 36.56
N GLY B 126 -16.51 23.12 37.09
CA GLY B 126 -16.30 23.00 38.52
C GLY B 126 -15.10 22.24 39.03
N PHE B 127 -14.44 21.48 38.17
CA PHE B 127 -13.30 20.68 38.61
C PHE B 127 -12.16 21.57 39.05
N ARG B 128 -11.58 21.29 40.21
CA ARG B 128 -10.48 22.09 40.71
C ARG B 128 -9.28 21.27 41.17
N THR B 129 -9.50 19.98 41.43
CA THR B 129 -8.41 19.13 41.92
C THR B 129 -8.27 17.84 41.12
N ASN B 130 -7.08 17.25 41.14
CA ASN B 130 -6.84 16.03 40.39
C ASN B 130 -7.63 14.86 40.95
N GLN B 131 -7.81 14.82 42.27
CA GLN B 131 -8.56 13.73 42.88
C GLN B 131 -9.98 13.70 42.35
N GLU B 132 -10.56 14.87 42.10
CA GLU B 132 -11.90 14.92 41.55
C GLU B 132 -11.96 14.26 40.19
N LEU B 133 -10.98 14.56 39.35
CA LEU B 133 -10.93 13.99 38.02
C LEU B 133 -10.84 12.48 38.11
N TYR B 134 -10.06 11.99 39.07
CA TYR B 134 -9.90 10.55 39.25
C TYR B 134 -11.23 9.88 39.53
N LYS B 135 -12.00 10.46 40.44
CA LYS B 135 -13.27 9.86 40.78
C LYS B 135 -14.12 9.73 39.54
N GLY B 136 -14.13 10.76 38.71
CA GLY B 136 -14.93 10.73 37.50
C GLY B 136 -14.53 9.56 36.61
N SER B 137 -13.24 9.37 36.40
CA SER B 137 -12.77 8.31 35.55
C SER B 137 -13.22 6.96 36.07
N ILE B 138 -13.10 6.75 37.38
CA ILE B 138 -13.47 5.47 37.97
C ILE B 138 -14.95 5.22 37.75
N GLY B 139 -15.76 6.25 37.95
CA GLY B 139 -17.19 6.11 37.78
C GLY B 139 -17.54 5.70 36.37
N LEU B 140 -16.92 6.33 35.39
CA LEU B 140 -17.22 6.02 34.00
C LEU B 140 -16.79 4.61 33.64
N LEU B 141 -15.70 4.14 34.23
CA LEU B 141 -15.29 2.77 33.98
C LEU B 141 -16.38 1.82 34.44
N LEU B 142 -16.95 2.12 35.60
CA LEU B 142 -18.02 1.29 36.12
C LEU B 142 -19.25 1.33 35.22
N LEU B 143 -19.62 2.52 34.77
CA LEU B 143 -20.77 2.65 33.89
C LEU B 143 -20.55 1.88 32.61
N ALA B 144 -19.33 1.90 32.09
CA ALA B 144 -19.03 1.17 30.88
C ALA B 144 -19.30 -0.30 31.08
N SER B 145 -18.89 -0.83 32.22
CA SER B 145 -19.12 -2.24 32.49
C SER B 145 -20.60 -2.54 32.54
N VAL B 146 -21.37 -1.65 33.15
CA VAL B 146 -22.81 -1.86 33.24
C VAL B 146 -23.43 -1.94 31.86
N LEU B 147 -22.97 -1.08 30.96
CA LEU B 147 -23.51 -1.08 29.60
C LEU B 147 -23.20 -2.39 28.88
N LEU B 148 -22.00 -2.92 29.09
CA LEU B 148 -21.63 -4.19 28.47
C LEU B 148 -22.54 -5.30 28.98
N ILE B 149 -22.86 -5.27 30.27
CA ILE B 149 -23.75 -6.28 30.82
C ILE B 149 -25.12 -6.19 30.16
N ALA B 150 -25.58 -4.97 29.90
CA ALA B 150 -26.89 -4.78 29.29
C ALA B 150 -26.93 -5.40 27.91
N GLY B 151 -25.86 -5.24 27.15
CA GLY B 151 -25.81 -5.80 25.82
C GLY B 151 -25.98 -7.29 25.85
N TRP B 152 -25.29 -7.95 26.77
CA TRP B 152 -25.41 -9.39 26.92
C TRP B 152 -26.81 -9.74 27.38
N LEU B 153 -27.32 -9.02 28.35
CA LEU B 153 -28.63 -9.32 28.92
C LEU B 153 -29.74 -9.29 27.86
N HIS B 154 -29.74 -8.28 27.01
CA HIS B 154 -30.83 -8.15 26.05
C HIS B 154 -30.65 -9.03 24.83
N LEU B 155 -29.62 -9.86 24.83
CA LEU B 155 -29.45 -10.81 23.73
C LEU B 155 -29.79 -12.18 24.27
N GLN B 156 -30.06 -12.26 25.56
CA GLN B 156 -30.44 -13.54 26.16
C GLN B 156 -31.86 -13.87 25.75
N PRO B 157 -32.24 -15.14 25.82
CA PRO B 157 -33.56 -15.53 25.31
C PRO B 157 -34.77 -14.85 25.96
N LYS B 158 -34.78 -14.67 27.28
CA LYS B 158 -35.96 -14.11 27.93
C LYS B 158 -35.97 -12.58 28.01
N PHE B 159 -34.91 -11.95 27.53
CA PHE B 159 -34.83 -10.50 27.62
C PHE B 159 -34.73 -9.83 26.26
N ARG B 160 -34.76 -10.61 25.19
CA ARG B 160 -34.72 -10.05 23.85
C ARG B 160 -36.00 -9.31 23.58
N PRO B 161 -35.89 -8.01 23.26
CA PRO B 161 -37.09 -7.19 23.03
C PRO B 161 -37.81 -7.63 21.76
N SER B 162 -39.13 -7.49 21.72
CA SER B 162 -39.91 -7.89 20.56
C SER B 162 -39.82 -6.86 19.44
N LEU B 163 -40.14 -7.27 18.23
CA LEU B 163 -40.08 -6.35 17.10
C LEU B 163 -41.06 -5.20 17.30
N SER B 164 -42.17 -5.45 17.96
CA SER B 164 -43.14 -4.41 18.23
C SER B 164 -42.57 -3.33 19.12
N TRP B 165 -41.82 -3.73 20.14
CA TRP B 165 -41.21 -2.77 21.04
C TRP B 165 -40.30 -1.86 20.25
N PHE B 166 -39.62 -2.41 19.25
CA PHE B 166 -38.68 -1.62 18.48
C PHE B 166 -39.38 -0.64 17.55
N LYS B 167 -40.69 -0.80 17.37
CA LYS B 167 -41.41 0.06 16.45
C LYS B 167 -42.49 0.90 17.13
N ASN B 168 -42.40 1.06 18.44
CA ASN B 168 -43.33 1.93 19.14
C ASN B 168 -42.77 3.33 19.11
N ASN B 169 -43.06 4.07 18.05
CA ASN B 169 -42.51 5.41 17.89
C ASN B 169 -42.96 6.39 18.94
N GLU B 170 -44.25 6.40 19.24
CA GLU B 170 -44.78 7.39 20.18
C GLU B 170 -44.09 7.35 21.52
N SER B 171 -44.01 6.17 22.12
CA SER B 171 -43.42 6.07 23.45
C SER B 171 -41.97 6.49 23.44
N ARG B 172 -41.21 6.07 22.43
CA ARG B 172 -39.80 6.41 22.39
C ARG B 172 -39.60 7.90 22.26
N LEU B 173 -40.32 8.52 21.36
CA LEU B 173 -40.18 9.96 21.15
C LEU B 173 -40.56 10.72 22.41
N ASN B 174 -41.68 10.35 23.01
CA ASN B 174 -42.09 11.03 24.23
C ASN B 174 -40.99 10.89 25.26
N HIS B 175 -40.53 9.68 25.47
CA HIS B 175 -39.52 9.45 26.49
C HIS B 175 -38.22 10.17 26.16
N HIS B 176 -37.76 10.04 24.93
CA HIS B 176 -36.50 10.65 24.55
C HIS B 176 -36.53 12.16 24.63
N LEU B 177 -37.63 12.77 24.19
CA LEU B 177 -37.75 14.22 24.24
C LEU B 177 -37.90 14.75 25.65
N SER B 178 -38.75 14.10 26.45
CA SER B 178 -39.01 14.58 27.79
C SER B 178 -37.95 14.17 28.79
N GLY B 179 -37.45 12.96 28.66
CA GLY B 179 -36.49 12.45 29.63
C GLY B 179 -35.04 12.56 29.22
N LEU B 180 -34.69 12.09 28.04
CA LEU B 180 -33.30 12.09 27.61
C LEU B 180 -32.81 13.51 27.41
N LEU B 181 -33.65 14.36 26.83
CA LEU B 181 -33.22 15.73 26.55
C LEU B 181 -33.74 16.73 27.57
N GLY B 182 -35.00 16.60 27.97
CA GLY B 182 -35.57 17.55 28.91
C GLY B 182 -35.10 17.43 30.34
N PHE B 183 -35.29 16.26 30.94
CA PHE B 183 -34.90 16.08 32.33
C PHE B 183 -33.40 16.18 32.50
N SER B 184 -32.66 15.73 31.50
CA SER B 184 -31.21 15.81 31.56
C SER B 184 -30.78 17.25 31.65
N SER B 185 -31.44 18.13 30.91
CA SER B 185 -31.10 19.55 30.97
C SER B 185 -31.42 20.11 32.34
N LEU B 186 -32.54 19.69 32.91
CA LEU B 186 -32.90 20.13 34.25
C LEU B 186 -31.85 19.68 35.24
N ALA B 187 -31.34 18.48 35.05
CA ALA B 187 -30.30 17.98 35.94
C ALA B 187 -29.05 18.82 35.79
N TRP B 188 -28.73 19.21 34.57
CA TRP B 188 -27.53 20.00 34.33
C TRP B 188 -27.61 21.36 34.99
N THR B 189 -28.76 22.03 34.88
CA THR B 189 -28.90 23.32 35.54
C THR B 189 -28.75 23.13 37.03
N GLY B 190 -29.13 21.96 37.53
CA GLY B 190 -28.94 21.69 38.93
C GLY B 190 -27.46 21.68 39.28
N HIS B 191 -26.66 21.02 38.45
CA HIS B 191 -25.24 20.97 38.69
C HIS B 191 -24.64 22.35 38.61
N LEU B 192 -25.02 23.11 37.60
CA LEU B 192 -24.46 24.43 37.42
C LEU B 192 -24.76 25.29 38.62
N VAL B 193 -25.99 25.25 39.10
CA VAL B 193 -26.38 26.06 40.25
C VAL B 193 -25.75 25.59 41.54
N HIS B 194 -25.63 24.28 41.71
CA HIS B 194 -25.11 23.74 42.95
C HIS B 194 -23.59 23.65 43.02
N VAL B 195 -22.94 23.30 41.93
CA VAL B 195 -21.49 23.12 41.97
C VAL B 195 -20.71 24.15 41.18
N ALA B 196 -21.00 24.32 39.90
CA ALA B 196 -20.22 25.24 39.07
C ALA B 196 -20.22 26.69 39.54
N ILE B 197 -21.38 27.31 39.64
CA ILE B 197 -21.43 28.72 40.02
C ILE B 197 -20.79 28.98 41.38
N PRO B 198 -21.04 28.11 42.36
CA PRO B 198 -20.34 28.32 43.62
C PRO B 198 -18.83 28.33 43.45
N ALA B 199 -18.31 27.42 42.65
CA ALA B 199 -16.86 27.34 42.44
C ALA B 199 -16.32 28.59 41.80
N SER B 200 -17.06 29.15 40.85
CA SER B 200 -16.61 30.36 40.18
C SER B 200 -16.45 31.47 41.19
N ARG B 201 -17.24 31.42 42.25
CA ARG B 201 -17.21 32.48 43.24
C ARG B 201 -16.34 32.12 44.44
N GLY B 202 -15.61 31.01 44.34
CA GLY B 202 -14.70 30.64 45.41
C GLY B 202 -15.16 29.63 46.44
N VAL B 203 -16.38 29.16 46.33
CA VAL B 203 -16.92 28.21 47.31
C VAL B 203 -16.83 26.79 46.78
N HIS B 204 -16.45 25.85 47.65
CA HIS B 204 -16.35 24.46 47.25
C HIS B 204 -17.58 23.67 47.64
N VAL B 205 -18.32 23.19 46.65
CA VAL B 205 -19.46 22.34 46.95
C VAL B 205 -19.24 21.01 46.28
N GLY B 206 -19.09 19.97 47.08
CA GLY B 206 -18.86 18.64 46.53
C GLY B 206 -19.78 17.64 47.17
N TRP B 207 -19.52 16.36 46.95
CA TRP B 207 -20.34 15.32 47.51
C TRP B 207 -20.27 15.37 49.03
N ASP B 208 -19.29 16.09 49.55
CA ASP B 208 -19.11 16.17 50.99
C ASP B 208 -20.02 17.18 51.68
N ASN B 209 -20.47 18.19 50.96
CA ASN B 209 -21.27 19.23 51.59
C ASN B 209 -22.44 19.73 50.76
N PHE B 210 -22.77 19.03 49.67
CA PHE B 210 -23.81 19.53 48.79
C PHE B 210 -25.18 19.53 49.44
N LEU B 211 -25.40 18.62 50.38
CA LEU B 211 -26.70 18.53 51.03
C LEU B 211 -26.86 19.55 52.13
N THR B 212 -25.78 20.25 52.47
CA THR B 212 -25.84 21.23 53.55
C THR B 212 -25.38 22.61 53.12
N THR B 213 -25.08 22.79 51.84
CA THR B 213 -24.66 24.08 51.33
C THR B 213 -25.68 24.63 50.36
N PRO B 214 -26.63 25.44 50.86
CA PRO B 214 -27.69 25.94 49.98
C PRO B 214 -27.15 26.73 48.83
N PRO B 215 -27.65 26.48 47.60
CA PRO B 215 -27.16 27.17 46.41
C PRO B 215 -27.43 28.66 46.46
N HIS B 216 -28.53 29.06 47.09
CA HIS B 216 -28.88 30.47 47.17
C HIS B 216 -29.28 30.83 48.58
N PRO B 217 -28.93 32.04 49.05
CA PRO B 217 -29.21 32.37 50.44
C PRO B 217 -30.69 32.30 50.78
N ALA B 218 -31.56 32.75 49.89
CA ALA B 218 -32.99 32.75 50.16
C ALA B 218 -33.53 31.35 50.36
N GLY B 219 -33.04 30.41 49.57
CA GLY B 219 -33.52 29.04 49.68
C GLY B 219 -34.47 28.75 48.54
N LEU B 220 -35.22 27.66 48.65
CA LEU B 220 -36.21 27.35 47.64
C LEU B 220 -37.50 28.08 47.93
N THR B 221 -37.47 28.99 48.89
CA THR B 221 -38.67 29.71 49.27
C THR B 221 -39.14 30.54 48.08
N PRO B 222 -38.23 31.31 47.47
CA PRO B 222 -38.71 32.15 46.39
C PRO B 222 -39.34 31.33 45.27
N PHE B 223 -38.78 30.16 44.99
CA PHE B 223 -39.28 29.35 43.89
C PHE B 223 -40.73 28.97 44.07
N PHE B 224 -41.07 28.43 45.24
CA PHE B 224 -42.44 27.97 45.45
C PHE B 224 -43.39 29.12 45.74
N THR B 225 -42.88 30.21 46.30
CA THR B 225 -43.70 31.38 46.55
C THR B 225 -44.08 32.06 45.26
N GLY B 226 -43.22 31.94 44.26
CA GLY B 226 -43.48 32.58 42.98
C GLY B 226 -42.65 33.82 42.76
N ASN B 227 -41.90 34.23 43.78
CA ASN B 227 -41.07 35.41 43.66
C ASN B 227 -39.75 35.00 43.04
N TRP B 228 -39.79 34.58 41.79
CA TRP B 228 -38.58 34.09 41.14
C TRP B 228 -37.54 35.17 40.87
N THR B 229 -37.95 36.42 40.90
CA THR B 229 -37.02 37.50 40.60
C THR B 229 -35.85 37.52 41.56
N VAL B 230 -36.04 36.97 42.75
CA VAL B 230 -34.98 36.99 43.76
C VAL B 230 -33.73 36.27 43.28
N TYR B 231 -33.90 35.24 42.47
CA TYR B 231 -32.76 34.45 42.02
C TYR B 231 -31.93 35.16 40.97
N ALA B 232 -32.39 36.31 40.51
CA ALA B 232 -31.67 37.06 39.48
C ALA B 232 -31.07 38.34 40.03
N GLU B 233 -31.24 38.58 41.32
CA GLU B 233 -30.74 39.80 41.92
C GLU B 233 -29.27 39.67 42.28
N ASN B 234 -28.56 40.79 42.34
CA ASN B 234 -27.14 40.77 42.70
C ASN B 234 -26.32 39.90 41.77
N PRO B 235 -26.21 40.30 40.50
CA PRO B 235 -25.36 39.54 39.59
C PRO B 235 -23.91 39.89 39.87
N ASP B 236 -22.98 39.02 39.50
CA ASP B 236 -21.57 39.27 39.78
C ASP B 236 -21.15 40.61 39.21
N SER B 237 -20.33 41.34 39.95
CA SER B 237 -19.89 42.65 39.50
C SER B 237 -18.98 42.54 38.31
N ALA B 238 -18.77 43.65 37.62
CA ALA B 238 -17.89 43.66 36.46
C ALA B 238 -16.44 43.57 36.89
N THR B 239 -16.21 43.67 38.18
CA THR B 239 -14.85 43.59 38.70
C THR B 239 -14.59 42.23 39.32
N HIS B 240 -15.46 41.27 39.06
CA HIS B 240 -15.31 39.96 39.67
C HIS B 240 -14.14 39.21 39.11
N VAL B 241 -13.30 38.66 39.97
CA VAL B 241 -12.20 37.84 39.50
C VAL B 241 -12.64 36.40 39.60
N PHE B 242 -12.58 35.67 38.49
CA PHE B 242 -13.08 34.30 38.47
C PHE B 242 -12.37 33.40 39.46
N ASN B 243 -13.09 32.41 39.98
CA ASN B 243 -12.51 31.46 40.93
C ASN B 243 -12.17 32.11 42.27
N THR B 244 -12.72 33.30 42.51
CA THR B 244 -12.49 33.98 43.78
C THR B 244 -13.73 34.76 44.17
N SER B 245 -13.83 35.16 45.43
CA SER B 245 -15.04 35.84 45.91
C SER B 245 -15.01 37.35 45.72
N GLU B 246 -13.89 37.88 45.23
CA GLU B 246 -13.78 39.31 45.06
C GLU B 246 -14.73 39.79 43.98
N GLY B 247 -15.69 40.64 44.34
CA GLY B 247 -16.65 41.16 43.39
C GLY B 247 -17.71 40.15 42.98
N SER B 248 -17.93 39.14 43.81
CA SER B 248 -18.90 38.10 43.47
C SER B 248 -20.32 38.55 43.73
N GLY B 249 -21.28 37.76 43.26
CA GLY B 249 -22.68 38.07 43.49
C GLY B 249 -23.40 36.89 44.10
N THR B 250 -24.73 36.90 44.07
CA THR B 250 -25.50 35.79 44.63
C THR B 250 -26.49 35.25 43.62
N ALA B 251 -26.62 35.92 42.49
CA ALA B 251 -27.58 35.50 41.48
C ALA B 251 -27.29 34.11 40.97
N ILE B 252 -28.32 33.35 40.63
CA ILE B 252 -28.13 32.02 40.10
C ILE B 252 -28.77 31.88 38.72
N LEU B 253 -29.81 32.67 38.45
CA LEU B 253 -30.46 32.62 37.15
C LEU B 253 -30.65 34.02 36.61
N THR B 254 -29.97 34.36 35.52
CA THR B 254 -30.05 35.72 34.98
C THR B 254 -30.01 35.76 33.47
N PHE B 255 -30.31 36.92 32.89
CA PHE B 255 -30.24 37.08 31.45
C PHE B 255 -29.43 38.32 31.17
N LEU B 256 -28.17 38.32 31.61
CA LEU B 256 -27.32 39.49 31.44
C LEU B 256 -26.92 39.73 30.00
N GLY B 257 -26.52 38.68 29.31
CA GLY B 257 -26.11 38.81 27.92
C GLY B 257 -24.67 39.28 27.86
N GLY B 258 -23.90 38.71 26.95
CA GLY B 258 -22.52 39.12 26.79
C GLY B 258 -21.53 38.18 27.43
N PHE B 259 -20.35 38.69 27.77
CA PHE B 259 -19.31 37.84 28.31
C PHE B 259 -18.79 38.35 29.64
N HIS B 260 -18.30 37.43 30.48
CA HIS B 260 -17.70 37.84 31.73
C HIS B 260 -16.52 38.69 31.37
N PRO B 261 -16.34 39.82 32.06
CA PRO B 261 -15.28 40.72 31.65
C PRO B 261 -13.89 40.09 31.74
N GLN B 262 -13.61 39.33 32.78
CA GLN B 262 -12.27 38.79 32.96
C GLN B 262 -11.99 37.51 32.18
N THR B 263 -12.96 36.60 32.11
CA THR B 263 -12.74 35.34 31.43
C THR B 263 -13.11 35.41 29.96
N GLN B 264 -13.75 36.49 29.55
CA GLN B 264 -14.16 36.65 28.16
C GLN B 264 -14.98 35.45 27.70
N SER B 265 -15.88 34.98 28.56
CA SER B 265 -16.73 33.85 28.20
C SER B 265 -18.13 34.11 28.71
N LEU B 266 -19.09 33.34 28.25
CA LEU B 266 -20.48 33.55 28.64
C LEU B 266 -20.67 33.38 30.14
N TRP B 267 -21.56 34.16 30.74
CA TRP B 267 -21.83 34.07 32.16
C TRP B 267 -22.44 32.73 32.53
N LEU B 268 -22.02 32.16 33.65
CA LEU B 268 -22.53 30.86 34.06
C LEU B 268 -23.99 30.94 34.45
N SER B 269 -24.38 32.04 35.06
CA SER B 269 -25.75 32.21 35.48
C SER B 269 -26.68 32.14 34.28
N ASP B 270 -26.26 32.77 33.18
CA ASP B 270 -27.07 32.77 31.98
C ASP B 270 -27.21 31.36 31.42
N MET B 271 -26.13 30.59 31.45
CA MET B 271 -26.18 29.22 30.95
C MET B 271 -27.13 28.38 31.77
N ALA B 272 -27.14 28.59 33.07
CA ALA B 272 -28.05 27.86 33.93
C ALA B 272 -29.48 28.18 33.56
N HIS B 273 -29.78 29.46 33.38
CA HIS B 273 -31.12 29.86 33.00
C HIS B 273 -31.46 29.27 31.65
N HIS B 274 -30.48 29.23 30.76
CA HIS B 274 -30.70 28.69 29.43
C HIS B 274 -31.18 27.27 29.51
N HIS B 275 -30.45 26.44 30.23
CA HIS B 275 -30.80 25.03 30.30
C HIS B 275 -32.13 24.81 31.01
N LEU B 276 -32.43 25.65 31.99
CA LEU B 276 -33.70 25.54 32.68
C LEU B 276 -34.85 25.77 31.71
N ALA B 277 -34.75 26.81 30.90
CA ALA B 277 -35.78 27.10 29.93
C ALA B 277 -35.92 25.99 28.89
N ILE B 278 -34.79 25.53 28.37
CA ILE B 278 -34.82 24.46 27.38
C ILE B 278 -35.48 23.24 28.00
N ALA B 279 -35.22 23.00 29.27
CA ALA B 279 -35.79 21.85 29.93
C ALA B 279 -37.29 21.89 29.85
N VAL B 280 -37.88 23.00 30.25
CA VAL B 280 -39.34 23.07 30.28
C VAL B 280 -39.90 22.84 28.90
N VAL B 281 -39.28 23.45 27.89
CA VAL B 281 -39.79 23.31 26.54
C VAL B 281 -39.82 21.85 26.12
N PHE B 282 -38.74 21.13 26.34
CA PHE B 282 -38.67 19.73 25.93
C PHE B 282 -39.60 18.83 26.73
N ILE B 283 -39.71 19.07 28.02
CA ILE B 283 -40.57 18.25 28.85
C ILE B 283 -42.01 18.40 28.40
N VAL B 284 -42.41 19.62 28.05
CA VAL B 284 -43.75 19.84 27.56
C VAL B 284 -43.95 19.15 26.22
N ALA B 285 -42.96 19.26 25.35
CA ALA B 285 -43.06 18.67 24.02
C ALA B 285 -43.10 17.16 24.06
N GLY B 286 -42.65 16.57 25.15
CA GLY B 286 -42.63 15.12 25.25
C GLY B 286 -43.97 14.56 25.65
N HIS B 287 -44.97 15.42 25.76
CA HIS B 287 -46.31 14.95 26.08
C HIS B 287 -47.23 15.16 24.90
N MET B 288 -46.78 14.77 23.71
CA MET B 288 -47.59 15.00 22.51
C MET B 288 -48.12 13.73 21.89
N TYR B 289 -47.49 12.59 22.14
CA TYR B 289 -47.90 11.37 21.48
C TYR B 289 -48.63 10.40 22.40
N ARG B 290 -49.54 9.62 21.85
CA ARG B 290 -50.32 8.69 22.66
C ARG B 290 -49.49 7.52 23.12
N THR B 291 -49.50 7.27 24.42
CA THR B 291 -48.72 6.18 24.98
C THR B 291 -49.51 5.44 26.04
N ASN B 292 -50.46 4.62 25.63
CA ASN B 292 -51.27 3.82 26.57
C ASN B 292 -51.92 4.59 27.73
N PHE B 293 -52.24 5.86 27.52
CA PHE B 293 -52.93 6.63 28.56
C PHE B 293 -54.08 7.43 27.98
N GLY B 294 -54.50 7.10 26.76
CA GLY B 294 -55.63 7.78 26.15
C GLY B 294 -55.28 9.04 25.40
N ILE B 295 -54.74 10.04 26.09
CA ILE B 295 -54.40 11.31 25.46
C ILE B 295 -53.22 11.18 24.52
N GLY B 296 -53.10 12.11 23.58
CA GLY B 296 -51.96 12.09 22.66
C GLY B 296 -52.27 12.09 21.19
N HIS B 297 -51.25 12.28 20.36
CA HIS B 297 -51.42 12.29 18.93
C HIS B 297 -50.95 11.00 18.30
N ASN B 298 -51.57 10.57 17.22
CA ASN B 298 -51.10 9.39 16.51
C ASN B 298 -50.39 9.89 15.28
N MET B 299 -49.10 9.57 15.15
CA MET B 299 -48.31 10.12 14.06
C MET B 299 -48.85 9.80 12.65
N LYS B 300 -49.38 8.60 12.46
CA LYS B 300 -49.86 8.23 11.14
C LYS B 300 -50.97 9.15 10.70
N GLU B 301 -51.89 9.45 11.60
CA GLU B 301 -53.00 10.31 11.26
C GLU B 301 -52.54 11.69 10.89
N ILE B 302 -51.58 12.22 11.63
CA ILE B 302 -51.08 13.55 11.36
C ILE B 302 -50.52 13.63 9.96
N LEU B 303 -49.71 12.64 9.60
CA LEU B 303 -49.08 12.64 8.29
C LEU B 303 -50.11 12.50 7.18
N ASP B 304 -51.07 11.61 7.36
CA ASP B 304 -52.06 11.36 6.31
C ASP B 304 -52.93 12.57 6.03
N ALA B 305 -53.30 13.31 7.07
CA ALA B 305 -54.21 14.44 6.89
C ALA B 305 -53.58 15.63 6.21
N HIS B 306 -52.26 15.67 6.11
CA HIS B 306 -51.61 16.87 5.56
C HIS B 306 -51.43 16.84 4.06
N ARG B 307 -52.47 17.17 3.32
CA ARG B 307 -52.39 17.24 1.87
C ARG B 307 -52.92 18.58 1.41
N PRO B 308 -52.06 19.40 0.80
CA PRO B 308 -52.55 20.72 0.43
C PRO B 308 -53.79 20.61 -0.44
N PRO B 309 -54.86 21.36 -0.12
CA PRO B 309 -56.12 21.25 -0.86
C PRO B 309 -55.96 21.52 -2.35
N GLY B 310 -55.03 22.40 -2.71
CA GLY B 310 -54.82 22.74 -4.11
C GLY B 310 -54.34 21.59 -4.96
N GLY B 311 -53.67 20.63 -4.34
CA GLY B 311 -53.19 19.46 -5.08
C GLY B 311 -51.83 19.69 -5.66
N ARG B 312 -51.19 20.80 -5.28
CA ARG B 312 -49.86 21.11 -5.78
C ARG B 312 -48.84 20.10 -5.30
N LEU B 313 -49.09 19.50 -4.14
CA LEU B 313 -48.17 18.50 -3.62
C LEU B 313 -48.77 17.10 -3.70
N GLY B 314 -49.61 16.87 -4.70
CA GLY B 314 -50.16 15.54 -4.91
C GLY B 314 -51.02 15.00 -3.79
N ALA B 315 -50.71 13.78 -3.35
CA ALA B 315 -51.49 13.14 -2.31
C ALA B 315 -50.98 13.52 -0.93
N GLY B 316 -49.91 14.30 -0.89
CA GLY B 316 -49.39 14.74 0.39
C GLY B 316 -48.44 13.78 1.04
N HIS B 317 -48.55 13.60 2.35
CA HIS B 317 -47.61 12.76 3.07
C HIS B 317 -48.14 11.37 3.38
N VAL B 318 -49.24 10.99 2.76
CA VAL B 318 -49.80 9.66 2.97
C VAL B 318 -48.83 8.58 2.54
N GLY B 319 -48.61 7.60 3.39
CA GLY B 319 -47.73 6.50 3.03
C GLY B 319 -46.34 6.61 3.59
N LEU B 320 -45.95 7.79 4.05
CA LEU B 320 -44.61 8.00 4.56
C LEU B 320 -44.42 7.34 5.92
N PHE B 321 -45.50 7.22 6.69
CA PHE B 321 -45.39 6.65 8.02
C PHE B 321 -44.87 5.24 7.96
N GLU B 322 -45.44 4.45 7.06
CA GLU B 322 -45.03 3.06 6.94
C GLU B 322 -43.63 2.96 6.37
N THR B 323 -43.30 3.84 5.43
CA THR B 323 -41.99 3.79 4.81
C THR B 323 -40.89 4.03 5.82
N ILE B 324 -41.08 5.01 6.69
CA ILE B 324 -40.07 5.34 7.68
C ILE B 324 -39.96 4.26 8.75
N THR B 325 -41.09 3.78 9.25
CA THR B 325 -41.07 2.78 10.30
C THR B 325 -40.46 1.47 9.82
N ASN B 326 -40.59 1.18 8.54
CA ASN B 326 -40.10 -0.09 8.02
C ASN B 326 -38.76 0.04 7.31
N SER B 327 -38.10 1.18 7.45
CA SER B 327 -36.79 1.38 6.83
C SER B 327 -35.82 1.97 7.81
N LEU B 328 -34.80 1.21 8.17
CA LEU B 328 -33.78 1.71 9.08
C LEU B 328 -32.84 2.67 8.38
N HIS B 329 -32.65 2.48 7.08
CA HIS B 329 -31.74 3.36 6.33
C HIS B 329 -32.26 4.79 6.26
N MET B 330 -33.55 4.97 6.03
CA MET B 330 -34.10 6.32 5.99
C MET B 330 -33.97 6.96 7.35
N GLN B 331 -34.22 6.19 8.39
CA GLN B 331 -34.11 6.72 9.74
C GLN B 331 -32.70 7.19 10.00
N LEU B 332 -31.72 6.37 9.62
CA LEU B 332 -30.33 6.74 9.82
C LEU B 332 -29.98 7.99 9.03
N GLY B 333 -30.46 8.07 7.80
CA GLY B 333 -30.18 9.23 6.97
C GLY B 333 -30.72 10.50 7.59
N LEU B 334 -31.93 10.45 8.10
CA LEU B 334 -32.52 11.62 8.72
C LEU B 334 -31.71 12.01 9.93
N ALA B 335 -31.30 11.03 10.72
CA ALA B 335 -30.51 11.32 11.90
C ALA B 335 -29.16 11.92 11.57
N LEU B 336 -28.45 11.32 10.65
CA LEU B 336 -27.13 11.80 10.30
C LEU B 336 -27.21 13.22 9.78
N ALA B 337 -28.25 13.52 9.02
CA ALA B 337 -28.41 14.85 8.46
C ALA B 337 -28.56 15.89 9.55
N CYS B 338 -29.45 15.62 10.49
CA CYS B 338 -29.69 16.56 11.57
C CYS B 338 -28.46 16.73 12.45
N LEU B 339 -27.77 15.64 12.74
CA LEU B 339 -26.55 15.71 13.54
C LEU B 339 -25.47 16.48 12.80
N GLY B 340 -25.42 16.34 11.48
CA GLY B 340 -24.44 17.06 10.70
C GLY B 340 -24.64 18.55 10.81
N VAL B 341 -25.89 18.99 10.74
CA VAL B 341 -26.19 20.41 10.89
C VAL B 341 -25.81 20.86 12.28
N ALA B 342 -26.09 20.03 13.27
CA ALA B 342 -25.78 20.39 14.64
C ALA B 342 -24.28 20.56 14.83
N THR B 343 -23.49 19.68 14.24
CA THR B 343 -22.04 19.74 14.42
C THR B 343 -21.50 21.03 13.83
N SER B 344 -22.01 21.43 12.68
CA SER B 344 -21.57 22.67 12.06
C SER B 344 -21.96 23.84 12.93
N LEU B 345 -23.14 23.80 13.51
CA LEU B 345 -23.61 24.88 14.36
C LEU B 345 -22.73 24.99 15.60
N THR B 346 -22.35 23.86 16.17
CA THR B 346 -21.48 23.89 17.33
C THR B 346 -20.20 24.62 16.97
N ALA B 347 -19.62 24.30 15.83
CA ALA B 347 -18.39 24.94 15.42
C ALA B 347 -18.57 26.43 15.20
N GLN B 348 -19.65 26.82 14.55
CA GLN B 348 -19.87 28.23 14.25
C GLN B 348 -20.18 29.06 15.48
N HIS B 349 -21.02 28.54 16.37
CA HIS B 349 -21.44 29.31 17.53
C HIS B 349 -20.45 29.25 18.68
N MET B 350 -19.58 28.26 18.70
CA MET B 350 -18.65 28.10 19.82
C MET B 350 -17.46 29.04 19.73
N TYR B 351 -17.13 29.50 18.53
CA TYR B 351 -16.00 30.40 18.36
C TYR B 351 -16.43 31.84 18.52
N ALA B 352 -17.72 32.10 18.38
CA ALA B 352 -18.24 33.44 18.53
C ALA B 352 -18.71 33.65 19.94
N LEU B 353 -19.59 32.78 20.42
CA LEU B 353 -20.08 32.87 21.78
C LEU B 353 -19.27 31.93 22.64
N THR B 354 -18.04 32.29 22.96
CA THR B 354 -17.17 31.41 23.72
C THR B 354 -17.86 30.93 24.99
N PRO B 355 -17.94 29.61 25.17
CA PRO B 355 -18.64 29.07 26.32
C PRO B 355 -17.72 28.78 27.50
N TYR B 356 -16.44 28.55 27.25
CA TYR B 356 -15.52 28.16 28.32
C TYR B 356 -14.52 29.26 28.66
N ALA B 357 -14.06 29.30 29.90
CA ALA B 357 -13.16 30.36 30.33
C ALA B 357 -11.76 30.29 29.76
N TYR B 358 -11.21 31.43 29.38
CA TYR B 358 -9.84 31.46 28.85
C TYR B 358 -9.64 30.56 27.65
N LEU B 359 -10.71 30.26 26.93
CA LEU B 359 -10.59 29.44 25.74
C LEU B 359 -10.23 30.32 24.56
N SER B 360 -10.72 31.55 24.56
CA SER B 360 -10.44 32.48 23.49
C SER B 360 -8.97 32.81 23.42
N LYS B 361 -8.29 32.77 24.56
CA LYS B 361 -6.89 33.13 24.60
C LYS B 361 -5.99 31.98 24.18
N ASP B 362 -6.54 30.78 24.07
CA ASP B 362 -5.77 29.65 23.58
C ASP B 362 -6.04 29.53 22.11
N PHE B 363 -5.19 30.14 21.29
CA PHE B 363 -5.44 30.14 19.85
C PHE B 363 -5.41 28.78 19.21
N THR B 364 -4.41 27.97 19.52
CA THR B 364 -4.29 26.66 18.87
C THR B 364 -5.48 25.76 19.14
N THR B 365 -5.94 25.71 20.39
CA THR B 365 -7.06 24.86 20.73
C THR B 365 -8.29 25.33 20.00
N GLU B 366 -8.49 26.63 19.95
CA GLU B 366 -9.66 27.16 19.30
C GLU B 366 -9.66 26.77 17.84
N ALA B 367 -8.49 26.79 17.22
CA ALA B 367 -8.39 26.43 15.81
C ALA B 367 -8.67 24.96 15.59
N ALA B 368 -8.15 24.11 16.46
CA ALA B 368 -8.34 22.68 16.31
C ALA B 368 -9.79 22.29 16.43
N LEU B 369 -10.46 22.83 17.43
CA LEU B 369 -11.85 22.45 17.66
C LEU B 369 -12.73 22.77 16.45
N TYR B 370 -12.53 23.93 15.84
CA TYR B 370 -13.35 24.31 14.70
C TYR B 370 -13.14 23.35 13.55
N THR B 371 -11.89 23.11 13.19
CA THR B 371 -11.59 22.22 12.08
C THR B 371 -12.06 20.82 12.39
N HIS B 372 -12.01 20.43 13.66
CA HIS B 372 -12.43 19.09 14.05
C HIS B 372 -13.89 18.89 13.78
N HIS B 373 -14.72 19.78 14.29
CA HIS B 373 -16.17 19.60 14.15
C HIS B 373 -16.65 19.80 12.73
N GLN B 374 -16.03 20.72 12.00
CA GLN B 374 -16.42 20.96 10.62
C GLN B 374 -16.17 19.73 9.76
N TYR B 375 -15.03 19.07 9.97
CA TYR B 375 -14.74 17.87 9.20
C TYR B 375 -15.69 16.74 9.56
N ILE B 376 -15.96 16.57 10.84
CA ILE B 376 -16.91 15.55 11.27
C ILE B 376 -18.25 15.84 10.64
N ALA B 377 -18.63 17.11 10.59
CA ALA B 377 -19.90 17.49 10.01
C ALA B 377 -20.00 17.06 8.56
N GLY B 378 -18.94 17.24 7.81
CA GLY B 378 -18.94 16.84 6.41
C GLY B 378 -19.17 15.37 6.24
N PHE B 379 -18.46 14.54 7.00
CA PHE B 379 -18.65 13.10 6.92
C PHE B 379 -20.07 12.73 7.27
N LEU B 380 -20.60 13.35 8.31
CA LEU B 380 -21.96 13.06 8.73
C LEU B 380 -22.95 13.46 7.65
N MET B 381 -22.75 14.60 7.02
CA MET B 381 -23.64 15.00 5.93
C MET B 381 -23.60 14.02 4.76
N VAL B 382 -22.42 13.64 4.31
CA VAL B 382 -22.30 12.73 3.18
C VAL B 382 -22.95 11.40 3.47
N GLY B 383 -22.78 10.90 4.69
CA GLY B 383 -23.39 9.64 5.06
C GLY B 383 -24.90 9.66 4.98
N ALA B 384 -25.49 10.78 5.34
CA ALA B 384 -26.93 10.92 5.29
C ALA B 384 -27.44 10.69 3.88
N PHE B 385 -26.82 11.35 2.91
CA PHE B 385 -27.23 11.20 1.53
C PHE B 385 -26.95 9.80 1.05
N ALA B 386 -25.87 9.19 1.52
CA ALA B 386 -25.54 7.83 1.13
C ALA B 386 -26.61 6.86 1.56
N HIS B 387 -27.03 6.94 2.81
CA HIS B 387 -28.05 6.03 3.32
C HIS B 387 -29.39 6.36 2.69
N GLY B 388 -29.59 7.59 2.27
CA GLY B 388 -30.81 7.94 1.59
C GLY B 388 -30.89 7.17 0.28
N ALA B 389 -29.78 7.07 -0.42
CA ALA B 389 -29.73 6.31 -1.65
C ALA B 389 -29.92 4.83 -1.40
N ILE B 390 -29.28 4.30 -0.37
CA ILE B 390 -29.44 2.89 -0.04
C ILE B 390 -30.91 2.61 0.18
N PHE B 391 -31.62 3.55 0.78
CA PHE B 391 -33.04 3.38 1.01
C PHE B 391 -33.79 3.18 -0.29
N PHE B 392 -33.55 4.05 -1.26
CA PHE B 392 -34.29 3.96 -2.52
C PHE B 392 -34.06 2.63 -3.20
N VAL B 393 -32.81 2.17 -3.20
CA VAL B 393 -32.49 0.90 -3.84
C VAL B 393 -33.03 -0.31 -3.09
N ARG B 394 -33.03 -0.25 -1.77
CA ARG B 394 -33.45 -1.42 -0.99
C ARG B 394 -34.83 -1.37 -0.36
N ASP B 395 -35.21 -0.26 0.25
CA ASP B 395 -36.47 -0.22 1.00
C ASP B 395 -37.63 0.57 0.40
N TYR B 396 -37.46 1.17 -0.77
CA TYR B 396 -38.52 2.00 -1.30
C TYR B 396 -39.60 1.18 -1.97
N ASP B 397 -40.85 1.39 -1.57
CA ASP B 397 -41.96 0.69 -2.20
C ASP B 397 -42.70 1.65 -3.08
N PRO B 398 -42.58 1.49 -4.40
CA PRO B 398 -43.22 2.41 -5.33
C PRO B 398 -44.72 2.46 -5.14
N GLU B 399 -45.35 1.33 -4.87
CA GLU B 399 -46.80 1.28 -4.74
C GLU B 399 -47.34 1.97 -3.49
N LEU B 400 -46.72 1.72 -2.35
CA LEU B 400 -47.17 2.35 -1.12
C LEU B 400 -47.14 3.86 -1.23
N ASN B 401 -46.05 4.39 -1.76
CA ASN B 401 -45.90 5.83 -1.88
C ASN B 401 -46.40 6.33 -3.22
N LYS B 402 -47.67 6.05 -3.54
CA LYS B 402 -48.20 6.46 -4.83
C LYS B 402 -48.61 7.92 -4.79
N ASN B 403 -48.03 8.73 -5.68
CA ASN B 403 -48.34 10.15 -5.72
C ASN B 403 -48.07 10.77 -4.37
N ASN B 404 -47.15 10.18 -3.61
CA ASN B 404 -46.80 10.70 -2.31
C ASN B 404 -45.88 11.87 -2.55
N VAL B 405 -45.56 12.61 -1.51
CA VAL B 405 -44.61 13.70 -1.65
C VAL B 405 -43.24 13.17 -2.07
N LEU B 406 -42.89 11.97 -1.63
CA LEU B 406 -41.60 11.37 -1.95
C LEU B 406 -41.53 10.91 -3.40
N ALA B 407 -42.60 10.29 -3.89
CA ALA B 407 -42.60 9.78 -5.25
C ALA B 407 -42.50 10.90 -6.24
N ARG B 408 -43.22 11.99 -5.99
CA ARG B 408 -43.23 13.11 -6.92
C ARG B 408 -41.84 13.72 -7.02
N MET B 409 -41.01 13.54 -6.00
CA MET B 409 -39.64 14.01 -6.07
C MET B 409 -38.89 13.27 -7.14
N LEU B 410 -39.16 11.98 -7.25
CA LEU B 410 -38.47 11.16 -8.23
C LEU B 410 -39.09 11.33 -9.61
N GLU B 411 -40.16 12.10 -9.70
CA GLU B 411 -40.79 12.36 -10.99
C GLU B 411 -40.17 13.56 -11.68
N HIS B 412 -39.74 14.55 -10.91
CA HIS B 412 -39.10 15.72 -11.49
C HIS B 412 -37.63 15.69 -11.17
N LYS B 413 -37.04 14.50 -11.14
CA LYS B 413 -35.63 14.36 -10.84
C LYS B 413 -34.78 15.16 -11.80
N GLU B 414 -35.12 15.11 -13.08
CA GLU B 414 -34.33 15.81 -14.07
C GLU B 414 -34.32 17.30 -13.80
N ALA B 415 -35.46 17.85 -13.42
CA ALA B 415 -35.53 19.27 -13.12
C ALA B 415 -34.61 19.62 -11.99
N ILE B 416 -34.66 18.86 -10.91
CA ILE B 416 -33.82 19.15 -9.76
C ILE B 416 -32.36 19.06 -10.14
N ILE B 417 -31.95 17.97 -10.79
CA ILE B 417 -30.55 17.78 -11.13
C ILE B 417 -30.07 18.86 -12.09
N SER B 418 -30.86 19.15 -13.11
CA SER B 418 -30.46 20.14 -14.09
C SER B 418 -30.28 21.52 -13.48
N HIS B 419 -31.21 21.92 -12.62
CA HIS B 419 -31.13 23.25 -12.03
C HIS B 419 -29.98 23.35 -11.05
N LEU B 420 -29.72 22.29 -10.30
CA LEU B 420 -28.60 22.29 -9.39
C LEU B 420 -27.34 22.41 -10.21
N SER B 421 -27.32 21.80 -11.38
CA SER B 421 -26.17 21.91 -12.27
C SER B 421 -25.93 23.34 -12.70
N TRP B 422 -27.00 24.03 -13.09
CA TRP B 422 -26.88 25.41 -13.52
C TRP B 422 -26.32 26.26 -12.41
N ALA B 423 -26.83 26.06 -11.21
CA ALA B 423 -26.37 26.86 -10.08
C ALA B 423 -24.89 26.66 -9.91
N SER B 424 -24.44 25.42 -9.96
CA SER B 424 -23.04 25.13 -9.78
C SER B 424 -22.22 25.80 -10.85
N LEU B 425 -22.68 25.75 -12.10
CA LEU B 425 -21.97 26.39 -13.19
C LEU B 425 -21.87 27.89 -13.00
N PHE B 426 -22.99 28.52 -12.67
CA PHE B 426 -23.00 29.96 -12.49
C PHE B 426 -22.02 30.36 -11.41
N LEU B 427 -22.10 29.71 -10.27
CA LEU B 427 -21.23 30.06 -9.17
C LEU B 427 -19.79 29.80 -9.55
N GLY B 428 -19.54 28.69 -10.20
CA GLY B 428 -18.17 28.33 -10.56
C GLY B 428 -17.52 29.28 -11.53
N PHE B 429 -18.19 29.58 -12.63
CA PHE B 429 -17.60 30.44 -13.63
C PHE B 429 -17.28 31.81 -13.08
N HIS B 430 -18.25 32.45 -12.45
CA HIS B 430 -18.03 33.81 -11.99
C HIS B 430 -17.07 33.94 -10.81
N THR B 431 -17.16 33.03 -9.84
CA THR B 431 -16.26 33.08 -8.70
C THR B 431 -14.83 32.94 -9.16
N LEU B 432 -14.55 31.93 -9.98
CA LEU B 432 -13.20 31.73 -10.48
C LEU B 432 -12.81 32.89 -11.37
N GLY B 433 -13.71 33.34 -12.21
CA GLY B 433 -13.41 34.42 -13.12
C GLY B 433 -12.99 35.66 -12.39
N LEU B 434 -13.74 36.04 -11.37
CA LEU B 434 -13.43 37.25 -10.62
C LEU B 434 -12.09 37.13 -9.92
N TYR B 435 -11.81 35.95 -9.37
CA TYR B 435 -10.52 35.75 -8.71
C TYR B 435 -9.39 35.92 -9.71
N ILE B 436 -9.53 35.34 -10.88
CA ILE B 436 -8.47 35.43 -11.89
C ILE B 436 -8.31 36.86 -12.41
N HIS B 437 -9.42 37.58 -12.55
CA HIS B 437 -9.32 38.97 -12.97
C HIS B 437 -8.48 39.72 -11.96
N ASN B 438 -8.79 39.55 -10.69
CA ASN B 438 -8.06 40.26 -9.65
C ASN B 438 -6.59 39.87 -9.64
N ASP B 439 -6.30 38.59 -9.86
CA ASP B 439 -4.92 38.15 -9.92
C ASP B 439 -4.18 38.80 -11.05
N THR B 440 -4.76 38.79 -12.25
CA THR B 440 -4.06 39.32 -13.41
C THR B 440 -3.77 40.80 -13.27
N VAL B 441 -4.77 41.59 -12.91
CA VAL B 441 -4.57 43.02 -12.81
C VAL B 441 -3.52 43.34 -11.76
N VAL B 442 -3.57 42.65 -10.63
CA VAL B 442 -2.59 42.88 -9.58
C VAL B 442 -1.21 42.51 -10.07
N ALA B 443 -1.11 41.40 -10.78
CA ALA B 443 0.18 40.96 -11.29
C ALA B 443 0.77 41.99 -12.23
N PHE B 444 -0.07 42.59 -13.06
CA PHE B 444 0.39 43.59 -14.00
C PHE B 444 0.68 44.90 -13.29
N GLY B 445 0.44 44.95 -11.99
CA GLY B 445 0.76 46.15 -11.22
C GLY B 445 -0.33 47.18 -11.15
N GLN B 446 -1.56 46.77 -11.37
CA GLN B 446 -2.68 47.70 -11.35
C GLN B 446 -3.77 47.20 -10.43
N PRO B 447 -3.52 47.25 -9.12
CA PRO B 447 -4.50 46.75 -8.15
C PRO B 447 -5.78 47.56 -8.13
N GLU B 448 -5.74 48.78 -8.63
CA GLU B 448 -6.91 49.64 -8.60
C GLU B 448 -7.99 49.18 -9.56
N LYS B 449 -7.69 48.17 -10.38
CA LYS B 449 -8.65 47.69 -11.36
C LYS B 449 -9.27 46.36 -10.93
N GLN B 450 -9.30 46.11 -9.63
CA GLN B 450 -9.87 44.87 -9.13
C GLN B 450 -11.36 44.98 -8.93
N ILE B 451 -12.07 43.88 -9.14
CA ILE B 451 -13.51 43.89 -8.95
C ILE B 451 -13.83 43.36 -7.56
N LEU B 452 -14.06 44.27 -6.62
CA LEU B 452 -14.30 43.86 -5.25
C LEU B 452 -15.69 44.28 -4.78
N PHE B 453 -16.55 43.30 -4.54
CA PHE B 453 -17.90 43.61 -4.08
C PHE B 453 -17.99 43.58 -2.58
N GLU B 454 -18.56 44.60 -1.99
CA GLU B 454 -18.74 44.63 -0.55
C GLU B 454 -19.86 43.70 -0.17
N PRO B 455 -19.70 42.95 0.93
CA PRO B 455 -20.76 42.07 1.39
C PRO B 455 -21.84 42.86 2.11
N LEU B 456 -22.60 43.67 1.39
CA LEU B 456 -23.59 44.54 2.02
C LEU B 456 -24.68 43.81 2.78
N PHE B 457 -25.18 42.71 2.24
CA PHE B 457 -26.27 41.99 2.88
C PHE B 457 -25.87 41.48 4.25
N ALA B 458 -24.71 40.85 4.34
CA ALA B 458 -24.23 40.35 5.62
C ALA B 458 -23.98 41.49 6.58
N GLU B 459 -23.36 42.55 6.08
CA GLU B 459 -23.08 43.71 6.92
C GLU B 459 -24.37 44.24 7.49
N TYR B 460 -25.44 44.20 6.71
CA TYR B 460 -26.71 44.67 7.19
C TYR B 460 -27.20 43.83 8.35
N ILE B 461 -27.06 42.51 8.23
CA ILE B 461 -27.50 41.63 9.29
C ILE B 461 -26.73 41.88 10.57
N GLN B 462 -25.43 42.12 10.45
CA GLN B 462 -24.62 42.41 11.62
C GLN B 462 -25.12 43.68 12.27
N ALA B 463 -25.41 44.68 11.46
CA ALA B 463 -25.92 45.95 11.98
C ALA B 463 -27.25 45.75 12.65
N ALA B 464 -28.06 44.88 12.08
CA ALA B 464 -29.39 44.65 12.62
C ALA B 464 -29.31 44.16 14.05
N SER B 465 -28.24 43.47 14.40
CA SER B 465 -28.08 42.97 15.76
C SER B 465 -27.30 43.94 16.63
N GLY B 466 -26.88 45.08 16.08
CA GLY B 466 -26.21 46.08 16.90
C GLY B 466 -24.86 46.62 16.46
N LYS B 467 -24.21 45.97 15.50
CA LYS B 467 -22.93 46.45 15.01
C LYS B 467 -23.08 47.85 14.46
N ALA B 468 -22.11 48.72 14.73
CA ALA B 468 -22.23 50.11 14.32
C ALA B 468 -21.21 50.56 13.28
N VAL B 469 -20.15 49.79 13.10
CA VAL B 469 -19.09 50.20 12.18
C VAL B 469 -19.60 50.45 10.77
N TYR B 470 -20.51 49.60 10.29
CA TYR B 470 -20.98 49.73 8.91
C TYR B 470 -21.83 50.97 8.72
N GLN B 471 -22.28 51.57 9.82
CA GLN B 471 -23.06 52.81 9.73
C GLN B 471 -24.46 52.62 9.16
N PHE B 472 -24.96 51.39 9.14
CA PHE B 472 -26.31 51.16 8.69
C PHE B 472 -27.20 51.35 9.90
N ASN B 473 -27.93 52.46 9.96
CA ASN B 473 -28.74 52.73 11.12
C ASN B 473 -30.03 51.94 11.06
N VAL B 474 -29.97 50.69 11.50
CA VAL B 474 -31.15 49.82 11.42
C VAL B 474 -31.39 49.00 12.68
N LEU B 475 -32.64 48.76 13.01
CA LEU B 475 -32.97 47.90 14.15
C LEU B 475 -32.13 48.18 15.39
N LEU B 476 -31.50 47.15 15.93
CA LEU B 476 -30.74 47.32 17.17
C LEU B 476 -29.61 48.34 17.06
N ALA B 477 -29.24 48.70 15.84
CA ALA B 477 -28.21 49.71 15.65
C ALA B 477 -28.84 51.09 15.71
N SER B 478 -30.17 51.14 15.81
CA SER B 478 -30.87 52.40 15.90
C SER B 478 -31.43 52.60 17.29
N SER B 479 -31.16 53.75 17.88
CA SER B 479 -31.67 54.04 19.21
C SER B 479 -33.18 54.25 19.20
N THR B 480 -33.72 54.66 18.06
CA THR B 480 -35.15 54.95 17.96
C THR B 480 -35.96 53.73 17.53
N SER B 481 -35.29 52.63 17.22
CA SER B 481 -35.99 51.43 16.77
C SER B 481 -36.80 50.84 17.90
N PRO B 482 -37.99 50.34 17.58
CA PRO B 482 -38.83 49.73 18.61
C PRO B 482 -38.11 48.55 19.25
N ALA B 483 -37.33 47.82 18.48
CA ALA B 483 -36.61 46.67 19.00
C ALA B 483 -35.63 47.06 20.10
N THR B 484 -34.88 48.13 19.89
CA THR B 484 -33.92 48.57 20.88
C THR B 484 -34.60 48.90 22.17
N ALA B 485 -35.75 49.57 22.09
CA ALA B 485 -36.47 49.94 23.28
C ALA B 485 -36.89 48.74 24.06
N ALA B 486 -37.23 47.66 23.37
CA ALA B 486 -37.71 46.46 24.05
C ALA B 486 -36.65 45.81 24.92
N GLY B 487 -35.48 45.55 24.37
CA GLY B 487 -34.45 44.85 25.11
C GLY B 487 -33.41 45.73 25.76
N ASN B 488 -33.59 47.03 25.70
CA ASN B 488 -32.60 47.95 26.25
C ASN B 488 -32.46 47.76 27.74
N GLN B 489 -33.50 47.25 28.38
CA GLN B 489 -33.46 47.04 29.82
C GLN B 489 -33.45 45.57 30.16
N VAL B 490 -33.16 44.73 29.18
CA VAL B 490 -33.18 43.30 29.42
C VAL B 490 -31.84 42.64 29.14
N TRP B 491 -31.46 42.48 27.87
CA TRP B 491 -30.21 41.78 27.56
C TRP B 491 -29.33 42.57 26.64
N LEU B 492 -29.88 43.61 26.02
CA LEU B 492 -29.10 44.37 25.06
C LEU B 492 -27.90 45.05 25.68
N PRO B 493 -28.06 45.61 26.88
CA PRO B 493 -26.89 46.32 27.39
C PRO B 493 -25.62 45.51 27.23
N GLY B 494 -25.60 44.30 27.73
CA GLY B 494 -24.42 43.46 27.63
C GLY B 494 -24.07 43.03 26.23
N TRP B 495 -25.08 42.72 25.42
CA TRP B 495 -24.84 42.30 24.05
C TRP B 495 -24.25 43.41 23.23
N LEU B 496 -24.80 44.62 23.35
CA LEU B 496 -24.34 45.71 22.51
C LEU B 496 -22.91 46.07 22.83
N GLU B 497 -22.45 45.71 24.02
CA GLU B 497 -21.06 45.93 24.36
C GLU B 497 -20.16 44.95 23.63
N ALA B 498 -20.50 43.67 23.70
CA ALA B 498 -19.67 42.65 23.06
C ALA B 498 -19.69 42.75 21.55
N ILE B 499 -20.85 42.98 20.96
CA ILE B 499 -20.94 43.02 19.51
C ILE B 499 -20.12 44.18 18.97
N ASN B 500 -20.00 45.25 19.73
CA ASN B 500 -19.27 46.42 19.28
C ASN B 500 -17.87 46.50 19.87
N ASN B 501 -17.32 45.36 20.30
CA ASN B 501 -15.96 45.33 20.80
C ASN B 501 -15.09 44.65 19.77
N PRO B 502 -14.05 45.34 19.30
CA PRO B 502 -13.22 44.79 18.22
C PRO B 502 -12.40 43.58 18.63
N LYS B 503 -12.27 43.33 19.92
CA LYS B 503 -11.42 42.24 20.40
C LYS B 503 -12.22 40.98 20.70
N THR B 504 -13.34 40.80 20.02
CA THR B 504 -14.17 39.63 20.23
C THR B 504 -14.54 39.04 18.88
N ASP B 505 -14.88 37.77 18.86
CA ASP B 505 -15.25 37.12 17.61
C ASP B 505 -16.74 37.15 17.38
N LEU B 506 -17.45 37.98 18.14
CA LEU B 506 -18.88 38.12 17.93
C LEU B 506 -19.08 38.96 16.69
N PHE B 507 -19.57 38.35 15.63
CA PHE B 507 -19.78 39.07 14.37
C PHE B 507 -18.53 39.80 13.94
N LEU B 508 -17.51 39.06 13.54
CA LEU B 508 -16.27 39.66 13.08
C LEU B 508 -16.54 40.58 11.90
N LYS B 509 -15.72 41.60 11.72
CA LYS B 509 -15.93 42.54 10.62
C LYS B 509 -15.69 41.87 9.29
N ILE B 510 -16.52 42.17 8.31
CA ILE B 510 -16.39 41.55 7.00
C ILE B 510 -16.05 42.58 5.94
N GLY B 511 -15.42 42.14 4.87
CA GLY B 511 -15.04 43.04 3.79
C GLY B 511 -15.14 42.37 2.45
N PRO B 512 -14.70 43.05 1.39
CA PRO B 512 -14.81 42.50 0.04
C PRO B 512 -14.21 41.11 -0.06
N GLY B 513 -13.14 40.84 0.67
CA GLY B 513 -12.48 39.54 0.60
C GLY B 513 -13.35 38.41 1.07
N ASP B 514 -14.20 38.66 2.07
CA ASP B 514 -15.08 37.65 2.59
C ASP B 514 -16.19 37.30 1.60
N PHE B 515 -16.58 38.27 0.79
CA PHE B 515 -17.61 38.04 -0.21
C PHE B 515 -17.25 36.89 -1.12
N LEU B 516 -16.05 36.94 -1.67
CA LEU B 516 -15.64 35.91 -2.62
C LEU B 516 -15.54 34.54 -1.99
N VAL B 517 -14.94 34.43 -0.82
CA VAL B 517 -14.75 33.12 -0.22
C VAL B 517 -16.09 32.50 0.09
N HIS B 518 -17.06 33.31 0.49
CA HIS B 518 -18.37 32.79 0.81
C HIS B 518 -19.02 32.21 -0.42
N HIS B 519 -18.83 32.85 -1.56
CA HIS B 519 -19.40 32.34 -2.80
C HIS B 519 -18.70 31.06 -3.23
N ALA B 520 -17.44 30.90 -2.86
CA ALA B 520 -16.73 29.66 -3.16
C ALA B 520 -17.29 28.53 -2.32
N ILE B 521 -17.55 28.81 -1.05
CA ILE B 521 -18.13 27.81 -0.18
C ILE B 521 -19.48 27.40 -0.74
N ALA B 522 -20.21 28.35 -1.29
CA ALA B 522 -21.50 28.05 -1.87
C ALA B 522 -21.34 27.07 -3.01
N LEU B 523 -20.32 27.28 -3.83
CA LEU B 523 -20.09 26.38 -4.94
C LEU B 523 -19.87 24.98 -4.44
N GLY B 524 -19.09 24.85 -3.37
CA GLY B 524 -18.77 23.55 -2.84
C GLY B 524 -20.01 22.81 -2.40
N LEU B 525 -20.85 23.50 -1.63
CA LEU B 525 -22.04 22.85 -1.12
C LEU B 525 -22.93 22.41 -2.26
N HIS B 526 -23.12 23.30 -3.24
CA HIS B 526 -23.99 22.98 -4.35
C HIS B 526 -23.47 21.79 -5.18
N VAL B 527 -22.18 21.78 -5.48
CA VAL B 527 -21.64 20.72 -6.31
C VAL B 527 -21.60 19.40 -5.57
N THR B 528 -21.25 19.43 -4.30
CA THR B 528 -21.25 18.20 -3.51
C THR B 528 -22.66 17.68 -3.46
N ALA B 529 -23.62 18.55 -3.25
CA ALA B 529 -25.02 18.14 -3.22
C ALA B 529 -25.46 17.53 -4.54
N LEU B 530 -25.04 18.12 -5.64
CA LEU B 530 -25.44 17.61 -6.95
C LEU B 530 -25.04 16.16 -7.07
N ILE B 531 -23.80 15.86 -6.76
CA ILE B 531 -23.32 14.51 -6.89
C ILE B 531 -24.14 13.58 -6.02
N LEU B 532 -24.31 13.95 -4.76
CA LEU B 532 -25.04 13.09 -3.83
C LEU B 532 -26.51 12.94 -4.21
N VAL B 533 -27.16 14.04 -4.57
CA VAL B 533 -28.58 13.98 -4.91
C VAL B 533 -28.80 13.16 -6.16
N LYS B 534 -27.96 13.36 -7.16
CA LYS B 534 -28.09 12.60 -8.39
C LYS B 534 -27.95 11.14 -8.10
N GLY B 535 -26.98 10.78 -7.26
CA GLY B 535 -26.77 9.40 -6.92
C GLY B 535 -28.01 8.80 -6.32
N ALA B 536 -28.66 9.53 -5.42
CA ALA B 536 -29.86 9.02 -4.78
C ALA B 536 -30.99 8.85 -5.76
N LEU B 537 -31.27 9.87 -6.56
CA LEU B 537 -32.38 9.80 -7.49
C LEU B 537 -32.15 8.80 -8.60
N ASP B 538 -30.93 8.76 -9.12
CA ASP B 538 -30.60 7.83 -10.19
C ASP B 538 -30.00 6.54 -9.65
N ALA B 539 -30.52 6.07 -8.53
CA ALA B 539 -29.99 4.86 -7.92
C ALA B 539 -30.86 3.67 -8.27
N ARG B 540 -32.11 3.93 -8.61
CA ARG B 540 -33.03 2.86 -8.92
C ARG B 540 -33.11 2.64 -10.41
N GLY B 541 -32.42 3.48 -11.18
CA GLY B 541 -32.43 3.33 -12.62
C GLY B 541 -32.07 4.58 -13.40
N SER B 542 -31.62 4.40 -14.64
CA SER B 542 -31.27 5.51 -15.49
C SER B 542 -31.49 5.10 -16.93
N LYS B 543 -31.25 6.00 -17.87
CA LYS B 543 -31.39 5.63 -19.28
C LYS B 543 -30.31 4.64 -19.70
N LEU B 544 -29.10 4.79 -19.17
CA LEU B 544 -28.02 3.88 -19.49
C LEU B 544 -28.30 2.51 -18.91
N MET B 545 -28.74 2.46 -17.66
CA MET B 545 -29.07 1.19 -17.02
C MET B 545 -30.43 1.26 -16.38
N PRO B 546 -31.48 1.01 -17.16
CA PRO B 546 -32.85 1.08 -16.64
C PRO B 546 -33.16 0.03 -15.58
N ASP B 547 -32.27 -0.92 -15.36
CA ASP B 547 -32.51 -1.97 -14.38
C ASP B 547 -31.50 -1.94 -13.24
N LYS B 548 -31.00 -0.76 -12.92
CA LYS B 548 -29.98 -0.63 -11.88
C LYS B 548 -30.43 -1.19 -10.54
N LYS B 549 -31.72 -1.08 -10.22
CA LYS B 549 -32.19 -1.51 -8.92
C LYS B 549 -31.94 -2.99 -8.67
N ASP B 550 -31.86 -3.78 -9.73
CA ASP B 550 -31.67 -5.21 -9.58
C ASP B 550 -30.22 -5.61 -9.33
N PHE B 551 -29.31 -4.65 -9.40
CA PHE B 551 -27.90 -4.94 -9.20
C PHE B 551 -27.43 -4.48 -7.81
N GLY B 552 -28.09 -3.50 -7.24
CA GLY B 552 -27.76 -3.08 -5.89
C GLY B 552 -27.20 -1.69 -5.72
N TYR B 553 -26.75 -1.37 -4.52
CA TYR B 553 -26.18 -0.06 -4.24
C TYR B 553 -24.77 0.03 -4.81
N SER B 554 -24.02 -1.05 -4.72
CA SER B 554 -22.64 -1.02 -5.17
C SER B 554 -22.28 -2.17 -6.08
N PHE B 555 -21.91 -1.87 -7.31
CA PHE B 555 -21.49 -2.90 -8.25
C PHE B 555 -20.37 -2.31 -9.06
N PRO B 556 -19.49 -3.15 -9.60
CA PRO B 556 -18.33 -2.59 -10.29
C PRO B 556 -18.71 -1.71 -11.46
N CYS B 557 -19.50 -2.23 -12.38
CA CYS B 557 -19.89 -1.50 -13.56
C CYS B 557 -20.94 -2.31 -14.26
N ASP B 558 -21.22 -2.02 -15.52
CA ASP B 558 -22.15 -2.85 -16.27
C ASP B 558 -21.54 -3.29 -17.58
N GLY B 559 -20.24 -3.14 -17.71
CA GLY B 559 -19.59 -3.61 -18.91
C GLY B 559 -19.04 -2.53 -19.78
N PRO B 560 -18.23 -2.90 -20.77
CA PRO B 560 -17.63 -1.93 -21.67
C PRO B 560 -18.56 -1.56 -22.82
N GLY B 561 -19.78 -2.04 -22.79
CA GLY B 561 -20.71 -1.78 -23.87
C GLY B 561 -21.61 -0.59 -23.68
N ARG B 562 -22.55 -0.39 -24.61
CA ARG B 562 -23.45 0.74 -24.54
C ARG B 562 -22.67 2.01 -24.28
N GLY B 563 -21.42 2.05 -24.70
CA GLY B 563 -20.61 3.24 -24.55
C GLY B 563 -19.62 3.20 -23.42
N GLY B 564 -19.84 2.32 -22.46
CA GLY B 564 -18.96 2.26 -21.30
C GLY B 564 -19.73 2.66 -20.08
N THR B 565 -19.74 1.81 -19.06
CA THR B 565 -20.52 2.10 -17.88
C THR B 565 -19.70 2.05 -16.61
N CYS B 566 -18.62 2.80 -16.57
CA CYS B 566 -17.79 2.86 -15.38
C CYS B 566 -18.39 3.82 -14.37
N ASP B 567 -18.25 3.50 -13.08
CA ASP B 567 -18.77 4.39 -12.04
C ASP B 567 -20.24 4.74 -12.24
N ILE B 568 -21.07 3.75 -12.51
CA ILE B 568 -22.48 4.01 -12.77
C ILE B 568 -23.35 3.68 -11.56
N SER B 569 -22.79 3.00 -10.58
CA SER B 569 -23.54 2.65 -9.38
C SER B 569 -23.72 3.84 -8.46
N ALA B 570 -24.64 3.74 -7.51
CA ALA B 570 -24.86 4.82 -6.56
C ALA B 570 -23.71 4.96 -5.58
N TRP B 571 -23.07 3.86 -5.25
CA TRP B 571 -21.95 3.89 -4.33
C TRP B 571 -20.89 4.81 -4.88
N ASP B 572 -20.75 4.83 -6.19
CA ASP B 572 -19.74 5.65 -6.82
C ASP B 572 -20.02 7.13 -6.62
N ALA B 573 -21.28 7.50 -6.45
CA ALA B 573 -21.61 8.89 -6.18
C ALA B 573 -21.03 9.28 -4.85
N PHE B 574 -21.14 8.41 -3.86
CA PHE B 574 -20.55 8.69 -2.56
C PHE B 574 -19.05 8.82 -2.75
N TYR B 575 -18.48 7.92 -3.53
CA TYR B 575 -17.05 7.96 -3.77
C TYR B 575 -16.62 9.28 -4.37
N LEU B 576 -17.35 9.76 -5.36
CA LEU B 576 -17.00 11.03 -6.01
C LEU B 576 -17.28 12.23 -5.13
N ALA B 577 -18.35 12.17 -4.34
CA ALA B 577 -18.72 13.30 -3.49
C ALA B 577 -17.75 13.51 -2.35
N MET B 578 -17.10 12.44 -1.90
CA MET B 578 -16.17 12.55 -0.79
C MET B 578 -15.09 13.55 -1.12
N PHE B 579 -14.57 13.50 -2.34
CA PHE B 579 -13.50 14.40 -2.72
C PHE B 579 -13.97 15.85 -2.64
N TRP B 580 -15.16 16.12 -3.15
CA TRP B 580 -15.70 17.47 -3.11
C TRP B 580 -15.98 17.92 -1.68
N MET B 581 -16.42 16.99 -0.84
CA MET B 581 -16.68 17.32 0.54
C MET B 581 -15.41 17.80 1.18
N LEU B 582 -14.32 17.08 0.96
CA LEU B 582 -13.06 17.45 1.54
C LEU B 582 -12.64 18.83 1.03
N ASN B 583 -12.80 19.06 -0.27
CA ASN B 583 -12.40 20.33 -0.85
C ASN B 583 -13.16 21.48 -0.22
N THR B 584 -14.47 21.36 -0.11
CA THR B 584 -15.26 22.45 0.44
C THR B 584 -14.91 22.70 1.90
N ILE B 585 -14.78 21.64 2.67
CA ILE B 585 -14.46 21.80 4.09
C ILE B 585 -13.09 22.42 4.19
N GLY B 586 -12.19 22.06 3.28
CA GLY B 586 -10.87 22.64 3.28
C GLY B 586 -10.95 24.13 3.08
N TRP B 587 -11.73 24.57 2.11
CA TRP B 587 -11.88 26.00 1.87
C TRP B 587 -12.42 26.68 3.11
N VAL B 588 -13.44 26.10 3.72
CA VAL B 588 -14.03 26.70 4.91
C VAL B 588 -13.00 26.83 6.01
N THR B 589 -12.26 25.77 6.27
CA THR B 589 -11.27 25.79 7.35
C THR B 589 -10.13 26.74 7.06
N PHE B 590 -9.68 26.79 5.82
CA PHE B 590 -8.61 27.70 5.46
C PHE B 590 -9.05 29.12 5.75
N TYR B 591 -10.27 29.46 5.38
CA TYR B 591 -10.78 30.81 5.59
C TYR B 591 -10.75 31.17 7.05
N TRP B 592 -11.26 30.29 7.90
CA TRP B 592 -11.32 30.59 9.31
C TRP B 592 -9.93 30.80 9.85
N HIS B 593 -9.02 29.89 9.51
CA HIS B 593 -7.68 29.98 10.06
C HIS B 593 -6.97 31.26 9.63
N TRP B 594 -6.94 31.55 8.34
CA TRP B 594 -6.19 32.71 7.88
C TRP B 594 -6.75 33.99 8.48
N LYS B 595 -8.08 34.11 8.50
CA LYS B 595 -8.68 35.32 9.02
C LYS B 595 -8.27 35.49 10.45
N HIS B 596 -8.41 34.44 11.24
CA HIS B 596 -8.06 34.53 12.65
C HIS B 596 -6.58 34.74 12.84
N MET B 597 -5.76 34.10 12.02
CA MET B 597 -4.33 34.22 12.17
C MET B 597 -3.91 35.67 12.06
N THR B 598 -4.44 36.35 11.05
CA THR B 598 -4.09 37.75 10.85
C THR B 598 -4.60 38.59 12.01
N ILE B 599 -5.80 38.31 12.48
CA ILE B 599 -6.35 39.04 13.61
C ILE B 599 -5.48 38.85 14.84
N TRP B 600 -5.14 37.61 15.15
CA TRP B 600 -4.32 37.32 16.31
C TRP B 600 -2.97 37.99 16.19
N GLY B 601 -2.42 38.00 14.99
CA GLY B 601 -1.12 38.60 14.77
C GLY B 601 -1.12 40.11 14.83
N GLY B 602 -2.30 40.71 14.74
CA GLY B 602 -2.39 42.15 14.83
C GLY B 602 -2.38 42.87 13.50
N ASN B 603 -2.44 42.11 12.41
CA ASN B 603 -2.44 42.71 11.09
C ASN B 603 -3.63 42.22 10.28
N PRO B 604 -4.83 42.67 10.64
CA PRO B 604 -6.03 42.23 9.94
C PRO B 604 -5.99 42.64 8.48
N GLY B 605 -5.22 43.68 8.15
CA GLY B 605 -5.16 44.17 6.80
C GLY B 605 -4.65 43.19 5.77
N GLN B 606 -3.76 42.29 6.17
CA GLN B 606 -3.18 41.35 5.22
C GLN B 606 -4.25 40.52 4.56
N PHE B 607 -5.19 40.00 5.34
CA PHE B 607 -6.28 39.22 4.77
C PHE B 607 -7.15 40.14 3.95
N ASP B 608 -7.45 41.30 4.48
CA ASP B 608 -8.37 42.20 3.80
C ASP B 608 -7.92 42.53 2.40
N GLU B 609 -6.61 42.62 2.17
CA GLU B 609 -6.12 43.00 0.85
C GLU B 609 -5.63 41.85 0.00
N SER B 610 -5.06 40.83 0.62
CA SER B 610 -4.48 39.72 -0.15
C SER B 610 -5.46 38.59 -0.39
N SER B 611 -6.62 38.62 0.25
CA SER B 611 -7.58 37.53 0.10
C SER B 611 -8.37 37.69 -1.17
N ASN B 612 -8.22 38.81 -1.85
CA ASN B 612 -8.98 39.08 -3.06
C ASN B 612 -8.49 38.26 -4.24
N TYR B 613 -7.21 37.91 -4.26
CA TYR B 613 -6.67 37.10 -5.35
C TYR B 613 -6.03 35.81 -4.84
N ILE B 614 -5.87 34.82 -5.70
CA ILE B 614 -5.37 33.51 -5.27
C ILE B 614 -3.92 33.49 -4.78
N MET B 615 -3.04 34.25 -5.42
CA MET B 615 -1.64 34.23 -5.03
C MET B 615 -1.50 34.59 -3.57
N GLY B 616 -2.37 35.47 -3.09
CA GLY B 616 -2.27 35.89 -1.70
C GLY B 616 -2.40 34.71 -0.78
N TRP B 617 -3.38 33.86 -1.05
CA TRP B 617 -3.60 32.70 -0.20
C TRP B 617 -2.39 31.80 -0.19
N LEU B 618 -1.77 31.60 -1.35
CA LEU B 618 -0.63 30.72 -1.45
C LEU B 618 0.61 31.30 -0.79
N ARG B 619 0.85 32.58 -1.00
CA ARG B 619 2.07 33.19 -0.50
C ARG B 619 1.96 33.72 0.92
N ASP B 620 0.88 34.43 1.22
CA ASP B 620 0.74 35.06 2.52
C ASP B 620 0.10 34.17 3.56
N TYR B 621 -0.35 32.98 3.15
CA TYR B 621 -0.94 32.06 4.10
C TYR B 621 -0.21 30.74 4.14
N LEU B 622 -0.28 29.97 3.07
CA LEU B 622 0.35 28.65 3.07
C LEU B 622 1.87 28.72 3.14
N TRP B 623 2.48 29.60 2.35
CA TRP B 623 3.93 29.69 2.32
C TRP B 623 4.49 30.35 3.57
N LEU B 624 3.92 31.47 3.96
CA LEU B 624 4.43 32.21 5.11
C LEU B 624 4.28 31.47 6.42
N ASN B 625 3.14 30.83 6.63
CA ASN B 625 2.89 30.19 7.92
C ASN B 625 3.39 28.75 7.99
N SER B 626 4.12 28.32 6.97
CA SER B 626 4.66 26.97 6.98
C SER B 626 6.09 26.94 7.49
N SER B 627 6.66 28.10 7.73
CA SER B 627 8.05 28.17 8.16
C SER B 627 8.33 27.48 9.50
N PRO B 628 7.47 27.70 10.51
CA PRO B 628 7.70 26.99 11.77
C PRO B 628 7.62 25.49 11.59
N LEU B 629 6.65 25.01 10.83
CA LEU B 629 6.47 23.56 10.66
C LEU B 629 7.62 22.89 9.95
N ILE B 630 8.06 23.44 8.82
CA ILE B 630 9.11 22.79 8.04
C ILE B 630 10.46 22.83 8.74
N ASN B 631 10.56 23.59 9.83
CA ASN B 631 11.81 23.67 10.58
C ASN B 631 11.71 22.95 11.91
N GLY B 632 10.78 22.02 12.04
CA GLY B 632 10.67 21.25 13.26
C GLY B 632 11.98 20.53 13.46
N TYR B 633 12.49 19.92 12.40
CA TYR B 633 13.79 19.28 12.48
C TYR B 633 14.62 19.72 11.30
N ASN B 634 15.81 20.22 11.55
CA ASN B 634 16.66 20.72 10.49
C ASN B 634 18.06 20.17 10.66
N PRO B 635 18.95 20.46 9.69
CA PRO B 635 20.32 19.98 9.79
C PRO B 635 21.04 20.49 11.02
N PHE B 636 20.39 21.35 11.81
CA PHE B 636 21.06 21.95 12.96
C PHE B 636 20.41 21.58 14.29
N GLY B 637 19.33 20.80 14.26
CA GLY B 637 18.67 20.41 15.49
C GLY B 637 17.21 20.07 15.37
N MET B 638 16.50 20.11 16.49
CA MET B 638 15.09 19.77 16.50
C MET B 638 14.37 20.44 17.65
N ASN B 639 13.04 20.53 17.57
CA ASN B 639 12.27 21.09 18.65
C ASN B 639 10.99 20.29 18.86
N ASN B 640 10.14 20.73 19.78
CA ASN B 640 8.93 19.99 20.09
C ASN B 640 7.96 19.89 18.92
N LEU B 641 8.21 20.65 17.86
CA LEU B 641 7.35 20.61 16.69
C LEU B 641 7.81 19.56 15.71
N SER B 642 8.80 18.77 16.10
CA SER B 642 9.31 17.73 15.22
C SER B 642 8.24 16.71 14.88
N VAL B 643 7.46 16.29 15.87
CA VAL B 643 6.43 15.29 15.63
C VAL B 643 5.45 15.83 14.63
N TRP B 644 5.10 17.10 14.75
CA TRP B 644 4.15 17.70 13.85
C TRP B 644 4.76 17.83 12.48
N SER B 645 6.03 18.21 12.41
CA SER B 645 6.70 18.26 11.11
C SER B 645 6.68 16.91 10.40
N TRP B 646 7.06 15.86 11.10
CA TRP B 646 7.12 14.54 10.50
C TRP B 646 5.75 14.10 9.99
N MET B 647 4.71 14.36 10.77
CA MET B 647 3.36 13.97 10.37
C MET B 647 2.93 14.68 9.11
N PHE B 648 3.35 15.92 8.93
CA PHE B 648 3.01 16.68 7.75
C PHE B 648 3.50 15.96 6.51
N LEU B 649 4.75 15.54 6.51
CA LEU B 649 5.30 14.81 5.39
C LEU B 649 4.63 13.46 5.25
N PHE B 650 4.36 12.82 6.37
CA PHE B 650 3.70 11.52 6.37
C PHE B 650 2.38 11.61 5.64
N GLY B 651 1.64 12.68 5.88
CA GLY B 651 0.36 12.86 5.25
C GLY B 651 0.48 12.95 3.74
N HIS B 652 1.46 13.69 3.27
CA HIS B 652 1.65 13.82 1.83
C HIS B 652 1.86 12.45 1.21
N LEU B 653 2.63 11.59 1.87
CA LEU B 653 2.88 10.26 1.35
C LEU B 653 1.60 9.47 1.19
N ILE B 654 0.78 9.43 2.23
CA ILE B 654 -0.43 8.64 2.17
C ILE B 654 -1.32 9.17 1.07
N TRP B 655 -1.45 10.48 0.97
CA TRP B 655 -2.30 11.09 -0.03
C TRP B 655 -1.88 10.66 -1.42
N ALA B 656 -0.60 10.78 -1.73
CA ALA B 656 -0.12 10.41 -3.04
C ALA B 656 -0.24 8.93 -3.30
N THR B 657 0.00 8.11 -2.27
CA THR B 657 -0.10 6.68 -2.42
C THR B 657 -1.51 6.36 -2.87
N GLY B 658 -2.48 7.12 -2.38
CA GLY B 658 -3.86 6.90 -2.77
C GLY B 658 -4.03 7.03 -4.25
N PHE B 659 -3.31 7.97 -4.86
CA PHE B 659 -3.44 8.19 -6.30
C PHE B 659 -3.21 6.90 -7.07
N MET B 660 -2.31 6.05 -6.61
CA MET B 660 -1.99 4.82 -7.32
C MET B 660 -3.23 3.98 -7.51
N PHE B 661 -4.02 3.84 -6.46
CA PHE B 661 -5.23 3.03 -6.54
C PHE B 661 -6.28 3.71 -7.39
N LEU B 662 -6.33 5.03 -7.36
CA LEU B 662 -7.35 5.76 -8.10
C LEU B 662 -7.11 5.81 -9.60
N ILE B 663 -5.85 5.95 -10.03
CA ILE B 663 -5.56 6.07 -11.46
C ILE B 663 -5.26 4.72 -12.12
N SER B 664 -4.56 3.84 -11.42
CA SER B 664 -4.26 2.52 -11.94
C SER B 664 -5.40 1.57 -11.63
N TRP B 665 -5.82 0.79 -12.62
CA TRP B 665 -6.94 -0.12 -12.41
C TRP B 665 -6.52 -1.59 -12.36
N ARG B 666 -7.45 -2.50 -12.13
CA ARG B 666 -7.09 -3.91 -11.91
C ARG B 666 -6.34 -4.69 -12.99
N GLY B 667 -6.75 -4.60 -14.24
CA GLY B 667 -6.12 -5.43 -15.26
C GLY B 667 -4.61 -5.51 -15.17
N TYR B 668 -3.95 -4.37 -15.10
CA TYR B 668 -2.50 -4.35 -15.06
C TYR B 668 -1.97 -5.15 -13.90
N TRP B 669 -2.51 -4.91 -12.72
CA TRP B 669 -2.01 -5.58 -11.53
C TRP B 669 -2.24 -7.08 -11.53
N GLN B 670 -3.39 -7.51 -12.03
CA GLN B 670 -3.70 -8.92 -12.02
C GLN B 670 -2.66 -9.67 -12.82
N GLU B 671 -2.32 -9.15 -13.99
CA GLU B 671 -1.35 -9.83 -14.84
C GLU B 671 0.00 -9.91 -14.14
N LEU B 672 0.40 -8.85 -13.46
CA LEU B 672 1.67 -8.83 -12.77
C LEU B 672 1.69 -9.85 -11.64
N ILE B 673 0.60 -9.95 -10.90
CA ILE B 673 0.53 -10.90 -9.79
C ILE B 673 0.68 -12.32 -10.32
N GLU B 674 0.14 -12.58 -11.50
CA GLU B 674 0.25 -13.91 -12.08
C GLU B 674 1.70 -14.30 -12.26
N THR B 675 2.53 -13.37 -12.73
CA THR B 675 3.94 -13.66 -12.92
C THR B 675 4.60 -14.00 -11.58
N LEU B 676 4.22 -13.29 -10.54
CA LEU B 676 4.81 -13.54 -9.22
C LEU B 676 4.46 -14.93 -8.73
N VAL B 677 3.24 -15.38 -8.99
CA VAL B 677 2.84 -16.72 -8.60
C VAL B 677 3.75 -17.72 -9.27
N TRP B 678 4.01 -17.53 -10.56
CA TRP B 678 4.85 -18.45 -11.29
C TRP B 678 6.19 -18.55 -10.62
N ALA B 679 6.76 -17.42 -10.26
CA ALA B 679 8.07 -17.41 -9.65
C ALA B 679 8.11 -18.22 -8.36
N HIS B 680 7.16 -17.99 -7.47
CA HIS B 680 7.21 -18.67 -6.19
C HIS B 680 7.12 -20.17 -6.37
N GLU B 681 6.32 -20.60 -7.33
CA GLU B 681 6.15 -22.03 -7.55
C GLU B 681 7.36 -22.65 -8.23
N ARG B 682 8.19 -21.84 -8.85
CA ARG B 682 9.33 -22.37 -9.58
C ARG B 682 10.67 -22.13 -8.89
N THR B 683 10.66 -21.39 -7.78
CA THR B 683 11.90 -21.14 -7.06
C THR B 683 12.13 -22.17 -5.97
N PRO B 684 13.25 -22.90 -6.05
CA PRO B 684 13.52 -23.95 -5.07
C PRO B 684 13.59 -23.39 -3.67
N LEU B 685 13.39 -24.23 -2.66
CA LEU B 685 13.41 -23.81 -1.25
C LEU B 685 12.13 -23.09 -0.84
N ALA B 686 11.78 -22.03 -1.54
CA ALA B 686 10.52 -21.34 -1.24
C ALA B 686 9.35 -22.19 -1.67
N ASN B 687 9.58 -23.09 -2.62
CA ASN B 687 8.52 -23.99 -3.07
C ASN B 687 7.96 -24.75 -1.89
N LEU B 688 8.78 -24.98 -0.87
CA LEU B 688 8.34 -25.72 0.31
C LEU B 688 7.12 -25.08 0.94
N ILE B 689 7.08 -23.75 0.97
CA ILE B 689 5.96 -23.04 1.55
C ILE B 689 4.98 -22.64 0.47
N ARG B 690 3.69 -22.79 0.72
CA ARG B 690 2.69 -22.43 -0.27
C ARG B 690 1.46 -21.80 0.38
N TRP B 691 0.71 -21.04 -0.40
CA TRP B 691 -0.47 -20.36 0.13
C TRP B 691 -1.69 -21.25 0.17
N ARG B 692 -2.67 -20.86 0.98
CA ARG B 692 -3.90 -21.62 1.04
C ARG B 692 -5.01 -20.76 0.48
N ASP B 693 -4.72 -19.51 0.19
CA ASP B 693 -5.69 -18.61 -0.42
C ASP B 693 -5.08 -18.03 -1.66
N LYS B 694 -5.61 -18.38 -2.83
CA LYS B 694 -5.00 -17.95 -4.08
C LYS B 694 -4.80 -16.44 -4.11
N PRO B 695 -3.57 -16.01 -4.40
CA PRO B 695 -3.27 -14.58 -4.46
C PRO B 695 -3.89 -13.93 -5.70
N VAL B 696 -4.74 -12.94 -5.50
CA VAL B 696 -5.37 -12.25 -6.61
C VAL B 696 -5.37 -10.74 -6.39
N ALA B 697 -5.59 -9.96 -7.44
CA ALA B 697 -5.60 -8.52 -7.33
C ALA B 697 -6.86 -7.98 -6.67
N LEU B 698 -6.77 -6.78 -6.09
CA LEU B 698 -7.92 -6.18 -5.43
C LEU B 698 -9.01 -5.89 -6.43
N SER B 699 -10.26 -5.92 -6.00
CA SER B 699 -11.39 -5.71 -6.90
C SER B 699 -11.55 -4.25 -7.30
N ILE B 700 -12.44 -3.99 -8.25
CA ILE B 700 -12.62 -2.63 -8.74
C ILE B 700 -13.11 -1.71 -7.63
N VAL B 701 -14.19 -2.08 -6.97
CA VAL B 701 -14.73 -1.25 -5.89
C VAL B 701 -13.77 -1.18 -4.72
N GLN B 702 -13.10 -2.29 -4.41
CA GLN B 702 -12.18 -2.31 -3.29
C GLN B 702 -11.11 -1.27 -3.48
N ALA B 703 -10.55 -1.21 -4.68
CA ALA B 703 -9.48 -0.26 -4.95
C ALA B 703 -9.99 1.15 -4.77
N ARG B 704 -11.21 1.41 -5.22
CA ARG B 704 -11.78 2.73 -5.06
C ARG B 704 -11.85 3.09 -3.59
N LEU B 705 -12.33 2.17 -2.76
CA LEU B 705 -12.41 2.43 -1.33
C LEU B 705 -11.04 2.65 -0.73
N VAL B 706 -10.10 1.78 -1.05
CA VAL B 706 -8.77 1.88 -0.49
C VAL B 706 -8.18 3.21 -0.85
N GLY B 707 -8.33 3.61 -2.11
CA GLY B 707 -7.78 4.86 -2.56
C GLY B 707 -8.40 6.06 -1.88
N LEU B 708 -9.71 6.05 -1.73
CA LEU B 708 -10.39 7.15 -1.06
C LEU B 708 -9.92 7.27 0.37
N VAL B 709 -9.73 6.14 1.05
CA VAL B 709 -9.27 6.17 2.42
C VAL B 709 -7.87 6.76 2.52
N HIS B 710 -6.97 6.33 1.63
CA HIS B 710 -5.62 6.88 1.63
C HIS B 710 -5.64 8.36 1.38
N PHE B 711 -6.46 8.80 0.42
CA PHE B 711 -6.57 10.20 0.09
C PHE B 711 -7.08 10.97 1.27
N SER B 712 -8.13 10.45 1.91
CA SER B 712 -8.74 11.14 3.04
C SER B 712 -7.82 11.24 4.24
N VAL B 713 -7.20 10.13 4.62
CA VAL B 713 -6.33 10.13 5.79
C VAL B 713 -5.20 11.11 5.61
N GLY B 714 -4.57 11.10 4.45
CA GLY B 714 -3.48 12.02 4.18
C GLY B 714 -3.97 13.45 4.23
N TYR B 715 -5.14 13.70 3.65
CA TYR B 715 -5.70 15.04 3.64
C TYR B 715 -5.83 15.58 5.05
N ILE B 716 -6.51 14.83 5.90
CA ILE B 716 -6.72 15.29 7.27
C ILE B 716 -5.41 15.41 8.04
N LEU B 717 -4.56 14.41 7.95
CA LEU B 717 -3.32 14.44 8.73
C LEU B 717 -2.46 15.64 8.37
N THR B 718 -2.29 15.93 7.09
CA THR B 718 -1.40 17.01 6.70
C THR B 718 -1.90 18.34 7.24
N TYR B 719 -3.21 18.60 7.13
CA TYR B 719 -3.74 19.86 7.60
C TYR B 719 -3.68 19.94 9.11
N ALA B 720 -3.89 18.81 9.76
CA ALA B 720 -3.86 18.80 11.22
C ALA B 720 -2.52 19.28 11.73
N ALA B 721 -1.44 18.84 11.08
CA ALA B 721 -0.12 19.28 11.49
C ALA B 721 0.05 20.76 11.25
N PHE B 722 -0.37 21.24 10.08
CA PHE B 722 -0.21 22.65 9.75
C PHE B 722 -0.97 23.54 10.71
N VAL B 723 -2.25 23.26 10.92
CA VAL B 723 -3.06 24.12 11.76
C VAL B 723 -2.50 24.19 13.18
N ILE B 724 -1.89 23.11 13.63
CA ILE B 724 -1.38 23.08 15.01
C ILE B 724 0.00 23.69 15.10
N ALA B 725 0.93 23.21 14.28
CA ALA B 725 2.30 23.72 14.34
C ALA B 725 2.40 25.20 13.98
N SER B 726 1.65 25.62 12.96
CA SER B 726 1.70 27.01 12.54
C SER B 726 1.18 27.94 13.62
N THR B 727 0.05 27.59 14.22
CA THR B 727 -0.53 28.44 15.25
C THR B 727 0.31 28.42 16.51
N SER B 728 0.71 27.23 16.95
CA SER B 728 1.51 27.11 18.15
C SER B 728 2.89 27.69 17.98
N GLY B 729 3.51 27.42 16.84
CA GLY B 729 4.85 27.91 16.59
C GLY B 729 4.96 29.41 16.54
N LYS B 730 3.87 30.08 16.22
CA LYS B 730 3.92 31.53 16.08
C LYS B 730 3.37 32.26 17.29
N PHE B 731 2.23 31.81 17.79
CA PHE B 731 1.58 32.52 18.90
C PHE B 731 1.75 31.85 20.25
N ALA B 732 2.30 30.64 20.26
CA ALA B 732 2.49 29.92 21.51
C ALA B 732 3.96 29.63 21.76
N SER C 1 -21.82 -20.08 -10.45
CA SER C 1 -21.21 -18.80 -10.11
C SER C 1 -22.11 -17.64 -10.51
N HIS C 2 -21.82 -17.02 -11.65
CA HIS C 2 -22.62 -15.89 -12.09
C HIS C 2 -23.96 -16.35 -12.64
N THR C 3 -24.91 -15.44 -12.76
CA THR C 3 -26.24 -15.80 -13.24
C THR C 3 -26.56 -15.11 -14.55
N VAL C 4 -26.88 -15.90 -15.58
CA VAL C 4 -27.25 -15.33 -16.86
C VAL C 4 -28.68 -15.69 -17.18
N LYS C 5 -29.50 -14.69 -17.48
CA LYS C 5 -30.91 -14.93 -17.75
C LYS C 5 -31.30 -14.40 -19.12
N ILE C 6 -32.15 -15.11 -19.83
CA ILE C 6 -32.60 -14.67 -21.14
C ILE C 6 -34.07 -14.29 -21.07
N TYR C 7 -34.45 -13.21 -21.74
CA TYR C 7 -35.82 -12.73 -21.66
C TYR C 7 -36.59 -12.94 -22.95
N ASP C 8 -37.91 -12.80 -22.91
CA ASP C 8 -38.74 -13.07 -24.09
C ASP C 8 -38.48 -12.16 -25.27
N THR C 9 -37.73 -11.09 -25.07
CA THR C 9 -37.49 -10.14 -26.14
C THR C 9 -36.41 -10.63 -27.12
N CYS C 10 -35.92 -11.84 -26.91
CA CYS C 10 -34.88 -12.38 -27.79
C CYS C 10 -35.37 -12.55 -29.21
N ILE C 11 -34.47 -12.40 -30.18
CA ILE C 11 -34.84 -12.51 -31.58
C ILE C 11 -34.06 -13.60 -32.30
N GLY C 12 -33.31 -14.39 -31.54
CA GLY C 12 -32.54 -15.48 -32.12
C GLY C 12 -31.49 -15.04 -33.13
N CYS C 13 -30.79 -13.96 -32.84
CA CYS C 13 -29.74 -13.48 -33.73
C CYS C 13 -28.48 -14.30 -33.59
N THR C 14 -28.38 -15.10 -32.53
CA THR C 14 -27.22 -15.98 -32.32
C THR C 14 -25.95 -15.22 -32.04
N GLN C 15 -26.01 -13.90 -31.98
CA GLN C 15 -24.80 -13.11 -31.80
C GLN C 15 -24.18 -13.36 -30.44
N CYS C 16 -25.00 -13.51 -29.42
CA CYS C 16 -24.51 -13.74 -28.07
C CYS C 16 -23.73 -15.04 -27.96
N VAL C 17 -24.27 -16.12 -28.50
CA VAL C 17 -23.62 -17.41 -28.40
C VAL C 17 -22.35 -17.44 -29.22
N ARG C 18 -22.20 -16.50 -30.13
CA ARG C 18 -21.02 -16.46 -30.98
C ARG C 18 -19.96 -15.58 -30.36
N ALA C 19 -20.26 -14.96 -29.23
CA ALA C 19 -19.32 -14.05 -28.61
C ALA C 19 -18.78 -14.57 -27.29
N CYS C 20 -19.46 -15.55 -26.69
CA CYS C 20 -19.03 -16.05 -25.40
C CYS C 20 -17.64 -16.64 -25.53
N PRO C 21 -16.75 -16.27 -24.61
CA PRO C 21 -15.39 -16.78 -24.67
C PRO C 21 -15.26 -18.14 -23.99
N THR C 22 -16.33 -18.64 -23.39
CA THR C 22 -16.25 -19.91 -22.66
C THR C 22 -17.43 -20.84 -22.90
N ASP C 23 -18.10 -20.71 -24.05
CA ASP C 23 -19.21 -21.60 -24.39
C ASP C 23 -20.20 -21.81 -23.26
N VAL C 24 -20.86 -20.75 -22.82
CA VAL C 24 -21.85 -20.85 -21.77
C VAL C 24 -23.24 -20.78 -22.37
N LEU C 25 -23.34 -20.26 -23.58
CA LEU C 25 -24.66 -20.06 -24.18
C LEU C 25 -24.92 -20.95 -25.38
N GLU C 26 -26.18 -21.33 -25.59
CA GLU C 26 -26.54 -22.18 -26.73
C GLU C 26 -27.81 -21.68 -27.37
N MET C 27 -28.06 -22.11 -28.61
CA MET C 27 -29.28 -21.72 -29.29
C MET C 27 -30.27 -22.87 -29.29
N VAL C 28 -31.39 -22.69 -28.63
CA VAL C 28 -32.39 -23.77 -28.54
C VAL C 28 -33.65 -23.43 -29.30
N PRO C 29 -34.37 -24.46 -29.76
CA PRO C 29 -35.60 -24.25 -30.53
C PRO C 29 -36.66 -23.49 -29.75
N TRP C 30 -37.41 -22.62 -30.41
CA TRP C 30 -38.44 -21.82 -29.73
C TRP C 30 -39.45 -21.33 -30.75
N ASP C 31 -40.61 -20.89 -30.29
CA ASP C 31 -41.66 -20.47 -31.22
C ASP C 31 -42.12 -19.04 -31.02
N GLY C 32 -41.54 -18.34 -30.04
CA GLY C 32 -41.98 -16.99 -29.74
C GLY C 32 -41.45 -15.94 -30.69
N CYS C 33 -40.48 -16.31 -31.52
CA CYS C 33 -39.88 -15.37 -32.44
C CYS C 33 -39.92 -15.88 -33.86
N LYS C 34 -39.74 -14.99 -34.82
CA LYS C 34 -39.76 -15.39 -36.22
C LYS C 34 -38.64 -16.36 -36.52
N SER C 35 -37.48 -16.14 -35.94
CA SER C 35 -36.33 -17.00 -36.20
C SER C 35 -36.56 -18.42 -35.71
N GLY C 36 -37.46 -18.58 -34.76
CA GLY C 36 -37.74 -19.90 -34.22
C GLY C 36 -36.63 -20.42 -33.35
N GLN C 37 -35.89 -19.52 -32.72
CA GLN C 37 -34.81 -19.94 -31.84
C GLN C 37 -34.63 -18.98 -30.68
N ILE C 38 -34.19 -19.50 -29.54
CA ILE C 38 -33.94 -18.66 -28.39
C ILE C 38 -32.63 -19.08 -27.77
N ALA C 39 -32.02 -18.21 -26.97
CA ALA C 39 -30.74 -18.52 -26.36
C ALA C 39 -30.93 -19.12 -24.99
N SER C 40 -30.00 -19.98 -24.60
CA SER C 40 -30.07 -20.59 -23.28
C SER C 40 -28.72 -20.52 -22.62
N SER C 41 -28.68 -20.63 -21.31
CA SER C 41 -27.42 -20.62 -20.60
C SER C 41 -27.24 -21.91 -19.83
N PRO C 42 -26.94 -23.01 -20.54
CA PRO C 42 -26.82 -24.31 -19.88
C PRO C 42 -25.62 -24.43 -18.97
N ARG C 43 -24.52 -23.78 -19.31
CA ARG C 43 -23.28 -23.93 -18.53
C ARG C 43 -22.78 -22.65 -17.91
N VAL C 44 -23.54 -22.11 -16.97
CA VAL C 44 -23.16 -20.87 -16.32
C VAL C 44 -21.98 -21.04 -15.38
N GLU C 45 -21.60 -22.30 -15.13
CA GLU C 45 -20.49 -22.57 -14.23
C GLU C 45 -19.18 -22.15 -14.86
N ASP C 46 -19.22 -21.80 -16.14
CA ASP C 46 -18.01 -21.40 -16.84
C ASP C 46 -18.03 -19.92 -17.24
N CYS C 47 -19.03 -19.17 -16.77
CA CYS C 47 -19.10 -17.75 -17.08
C CYS C 47 -18.05 -16.99 -16.33
N VAL C 48 -17.30 -16.15 -17.03
CA VAL C 48 -16.25 -15.38 -16.40
C VAL C 48 -16.74 -13.98 -16.07
N GLY C 49 -17.90 -13.59 -16.58
CA GLY C 49 -18.44 -12.28 -16.31
C GLY C 49 -18.01 -11.20 -17.29
N CYS C 50 -17.54 -11.60 -18.46
CA CYS C 50 -17.04 -10.65 -19.45
C CYS C 50 -18.09 -9.68 -19.93
N LYS C 51 -19.33 -10.12 -20.03
CA LYS C 51 -20.42 -9.28 -20.54
C LYS C 51 -20.27 -8.97 -22.02
N ARG C 52 -19.50 -9.79 -22.73
CA ARG C 52 -19.38 -9.60 -24.17
C ARG C 52 -20.73 -9.92 -24.79
N CYS C 53 -21.42 -10.89 -24.21
CA CYS C 53 -22.72 -11.28 -24.72
C CYS C 53 -23.67 -10.11 -24.72
N GLU C 54 -23.72 -9.39 -23.61
CA GLU C 54 -24.61 -8.25 -23.50
C GLU C 54 -24.26 -7.21 -24.55
N THR C 55 -22.97 -7.02 -24.79
CA THR C 55 -22.54 -6.02 -25.76
C THR C 55 -22.99 -6.38 -27.16
N ALA C 56 -23.29 -7.65 -27.40
CA ALA C 56 -23.68 -8.08 -28.74
C ALA C 56 -25.17 -8.07 -28.98
N CYS C 57 -25.96 -8.03 -27.91
CA CYS C 57 -27.42 -8.09 -28.08
C CYS C 57 -27.93 -6.86 -28.81
N PRO C 58 -28.86 -7.07 -29.75
CA PRO C 58 -29.39 -5.96 -30.53
C PRO C 58 -30.69 -5.41 -30.00
N THR C 59 -31.29 -6.03 -28.98
CA THR C 59 -32.59 -5.60 -28.48
C THR C 59 -32.50 -4.28 -27.73
N ASP C 60 -33.59 -3.52 -27.69
CA ASP C 60 -33.57 -2.22 -27.04
C ASP C 60 -32.86 -2.38 -25.75
N PHE C 61 -33.41 -3.20 -24.86
CA PHE C 61 -32.65 -3.48 -23.66
C PHE C 61 -32.23 -4.93 -23.69
N LEU C 62 -31.01 -5.20 -23.26
CA LEU C 62 -30.47 -6.55 -23.35
C LEU C 62 -31.49 -7.63 -23.06
N SER C 63 -31.57 -8.61 -23.94
CA SER C 63 -32.45 -9.75 -23.69
C SER C 63 -31.64 -10.74 -22.90
N VAL C 64 -30.33 -10.56 -22.87
CA VAL C 64 -29.47 -11.43 -22.09
C VAL C 64 -28.81 -10.60 -21.01
N ARG C 65 -29.08 -10.93 -19.75
CA ARG C 65 -28.51 -10.15 -18.67
C ARG C 65 -27.61 -11.00 -17.81
N VAL C 66 -26.42 -10.50 -17.52
CA VAL C 66 -25.49 -11.24 -16.67
C VAL C 66 -25.40 -10.55 -15.33
N TYR C 67 -25.76 -11.27 -14.27
CA TYR C 67 -25.67 -10.71 -12.92
C TYR C 67 -24.51 -11.36 -12.21
N LEU C 68 -23.47 -10.59 -11.93
CA LEU C 68 -22.28 -11.15 -11.29
C LEU C 68 -22.60 -11.64 -9.89
N GLY C 69 -21.97 -12.72 -9.46
CA GLY C 69 -22.25 -13.28 -8.16
C GLY C 69 -21.09 -14.00 -7.51
N ALA C 70 -21.36 -15.16 -6.91
CA ALA C 70 -20.32 -15.92 -6.23
C ALA C 70 -19.15 -16.19 -7.15
N GLU C 71 -17.94 -16.13 -6.62
CA GLU C 71 -16.76 -16.30 -7.46
C GLU C 71 -16.03 -17.60 -7.21
N THR C 72 -15.67 -18.29 -8.28
CA THR C 72 -14.93 -19.53 -8.17
C THR C 72 -13.68 -19.42 -9.00
N THR C 73 -12.84 -20.45 -9.00
CA THR C 73 -11.61 -20.41 -9.76
C THR C 73 -11.94 -20.17 -11.22
N ARG C 74 -12.97 -20.84 -11.71
CA ARG C 74 -13.35 -20.69 -13.11
C ARG C 74 -13.84 -19.29 -13.40
N SER C 75 -14.68 -18.74 -12.54
CA SER C 75 -15.24 -17.42 -12.77
C SER C 75 -14.20 -16.32 -12.63
N LEU C 76 -13.17 -16.57 -11.83
CA LEU C 76 -12.13 -15.57 -11.61
C LEU C 76 -11.03 -15.72 -12.64
N GLY C 77 -11.22 -16.62 -13.59
CA GLY C 77 -10.23 -16.81 -14.64
C GLY C 77 -8.83 -17.04 -14.12
N LEU C 78 -8.68 -17.94 -13.17
CA LEU C 78 -7.38 -18.21 -12.59
C LEU C 78 -6.75 -19.44 -13.20
N ALA C 79 -5.66 -19.25 -13.93
CA ALA C 79 -4.96 -20.39 -14.54
C ALA C 79 -3.99 -20.98 -13.55
N TYR C 80 -3.80 -20.30 -12.42
CA TYR C 80 -2.90 -20.79 -11.40
C TYR C 80 -3.69 -21.29 -10.22
N PRO D 1 1.08 -37.36 -30.15
CA PRO D 1 0.51 -36.52 -31.21
C PRO D 1 0.66 -35.05 -30.87
N PHE D 2 1.64 -34.71 -30.04
CA PHE D 2 1.82 -33.33 -29.64
C PHE D 2 2.38 -32.48 -30.76
N PRO D 3 1.86 -31.27 -30.92
CA PRO D 3 2.40 -30.38 -31.94
C PRO D 3 3.84 -30.03 -31.61
N THR D 4 4.59 -29.53 -32.58
CA THR D 4 6.00 -29.23 -32.35
C THR D 4 6.19 -27.89 -31.68
N PHE D 5 6.60 -27.90 -30.43
CA PHE D 5 6.82 -26.66 -29.69
C PHE D 5 8.06 -26.81 -28.83
N GLY D 6 8.81 -25.73 -28.64
CA GLY D 6 10.05 -25.83 -27.90
C GLY D 6 9.99 -25.53 -26.42
N GLY D 7 8.80 -25.20 -25.92
CA GLY D 7 8.65 -24.97 -24.50
C GLY D 7 8.51 -23.51 -24.16
N SER D 8 7.87 -23.21 -23.04
CA SER D 8 7.65 -21.83 -22.63
C SER D 8 7.51 -21.77 -21.14
N THR D 9 7.63 -20.58 -20.56
CA THR D 9 7.43 -20.42 -19.14
C THR D 9 5.99 -20.05 -18.89
N GLY D 10 5.16 -20.16 -19.91
CA GLY D 10 3.76 -19.79 -19.77
C GLY D 10 2.83 -20.98 -19.81
N GLY D 11 3.35 -22.16 -19.51
CA GLY D 11 2.54 -23.35 -19.53
C GLY D 11 1.71 -23.53 -18.27
N TRP D 12 1.34 -24.77 -17.97
CA TRP D 12 0.48 -25.01 -16.82
C TRP D 12 1.24 -25.07 -15.52
N LEU D 13 0.54 -24.94 -14.40
CA LEU D 13 1.17 -24.97 -13.10
C LEU D 13 0.61 -26.07 -12.23
N ARG D 14 0.70 -25.93 -10.90
CA ARG D 14 0.24 -27.01 -10.01
C ARG D 14 -1.23 -27.29 -10.11
N ALA D 15 -2.04 -26.26 -10.32
CA ALA D 15 -3.47 -26.44 -10.36
C ALA D 15 -3.83 -27.51 -11.37
N ALA D 16 -3.07 -27.59 -12.44
CA ALA D 16 -3.34 -28.58 -13.46
C ALA D 16 -3.09 -29.98 -12.94
N GLU D 17 -2.34 -30.11 -11.87
CA GLU D 17 -2.02 -31.43 -11.35
C GLU D 17 -2.78 -31.77 -10.08
N VAL D 18 -3.36 -30.77 -9.43
CA VAL D 18 -4.04 -31.03 -8.16
C VAL D 18 -5.51 -30.61 -8.13
N GLU D 19 -5.89 -29.68 -9.00
CA GLU D 19 -7.28 -29.25 -9.05
C GLU D 19 -7.94 -29.76 -10.34
N GLU D 20 -7.55 -29.24 -11.51
CA GLU D 20 -8.14 -29.66 -12.80
C GLU D 20 -7.33 -29.27 -14.05
N LYS D 21 -7.55 -29.95 -15.18
CA LYS D 21 -6.77 -29.69 -16.41
C LYS D 21 -7.61 -29.80 -17.67
N TYR D 22 -7.16 -29.21 -18.77
CA TYR D 22 -7.93 -29.22 -20.01
C TYR D 22 -7.12 -29.72 -21.19
N ALA D 23 -7.79 -30.20 -22.23
CA ALA D 23 -7.09 -30.71 -23.41
C ALA D 23 -7.91 -30.54 -24.67
N ILE D 24 -7.26 -30.08 -25.74
CA ILE D 24 -7.93 -29.92 -27.02
C ILE D 24 -7.32 -30.83 -28.06
N THR D 25 -8.14 -31.33 -28.97
CA THR D 25 -7.65 -32.23 -30.01
C THR D 25 -8.21 -31.84 -31.36
N TRP D 26 -7.42 -32.00 -32.41
CA TRP D 26 -7.88 -31.69 -33.76
C TRP D 26 -7.08 -32.41 -34.81
N THR D 27 -7.57 -32.41 -36.05
CA THR D 27 -6.86 -33.06 -37.14
C THR D 27 -6.55 -32.07 -38.24
N SER D 28 -5.33 -32.11 -38.75
CA SER D 28 -4.92 -31.18 -39.80
C SER D 28 -4.55 -31.89 -41.07
N THR D 29 -4.55 -31.17 -42.19
CA THR D 29 -4.20 -31.76 -43.47
C THR D 29 -2.81 -31.33 -43.91
N LYS D 30 -2.21 -30.40 -43.18
CA LYS D 30 -0.89 -29.91 -43.52
C LYS D 30 -0.17 -29.43 -42.28
N GLU D 31 1.15 -29.40 -42.32
CA GLU D 31 1.90 -28.89 -41.18
C GLU D 31 2.06 -27.39 -41.29
N GLN D 32 1.45 -26.65 -40.38
CA GLN D 32 1.47 -25.20 -40.45
C GLN D 32 1.78 -24.59 -39.09
N ILE D 33 2.20 -23.34 -39.09
CA ILE D 33 2.55 -22.67 -37.83
C ILE D 33 1.37 -21.90 -37.26
N PHE D 34 1.08 -22.12 -35.99
CA PHE D 34 0.01 -21.41 -35.33
C PHE D 34 0.56 -20.73 -34.10
N GLU D 35 -0.18 -19.77 -33.56
CA GLU D 35 0.26 -19.09 -32.36
C GLU D 35 -0.51 -19.64 -31.19
N MET D 36 0.20 -20.04 -30.14
CA MET D 36 -0.46 -20.62 -29.00
C MET D 36 -0.79 -19.56 -27.97
N PRO D 37 -1.94 -19.71 -27.31
CA PRO D 37 -2.37 -18.70 -26.34
C PRO D 37 -1.34 -18.46 -25.25
N THR D 38 -0.60 -19.50 -24.87
CA THR D 38 0.39 -19.38 -23.81
C THR D 38 1.48 -18.39 -24.17
N GLY D 39 1.80 -18.29 -25.45
CA GLY D 39 2.84 -17.39 -25.89
C GLY D 39 3.89 -18.09 -26.72
N GLY D 40 4.01 -17.73 -27.99
CA GLY D 40 4.97 -18.36 -28.85
C GLY D 40 4.36 -18.94 -30.11
N ALA D 41 5.15 -19.63 -30.91
CA ALA D 41 4.66 -20.22 -32.14
C ALA D 41 4.95 -21.70 -32.17
N ALA D 42 4.04 -22.48 -32.72
CA ALA D 42 4.23 -23.92 -32.81
C ALA D 42 3.79 -24.45 -34.16
N ILE D 43 4.27 -25.62 -34.52
CA ILE D 43 3.92 -26.21 -35.80
C ILE D 43 3.06 -27.44 -35.58
N MET D 44 1.85 -27.41 -36.12
CA MET D 44 0.95 -28.54 -35.98
C MET D 44 1.42 -29.70 -36.83
N ARG D 45 0.98 -30.91 -36.48
CA ARG D 45 1.41 -32.09 -37.22
C ARG D 45 0.40 -32.45 -38.28
N ASN D 46 0.82 -33.23 -39.28
CA ASN D 46 -0.09 -33.56 -40.35
C ASN D 46 -0.95 -34.72 -39.92
N GLY D 47 -2.03 -34.43 -39.21
CA GLY D 47 -2.89 -35.48 -38.71
C GLY D 47 -3.43 -35.11 -37.35
N GLU D 48 -3.51 -36.07 -36.45
CA GLU D 48 -4.03 -35.81 -35.11
C GLU D 48 -3.10 -34.93 -34.29
N ASN D 49 -3.67 -34.06 -33.47
CA ASN D 49 -2.87 -33.19 -32.63
C ASN D 49 -3.51 -33.07 -31.26
N LEU D 50 -2.71 -33.08 -30.20
CA LEU D 50 -3.24 -32.93 -28.84
C LEU D 50 -2.42 -31.90 -28.07
N LEU D 51 -3.09 -31.05 -27.32
CA LEU D 51 -2.41 -30.02 -26.56
C LEU D 51 -3.10 -29.83 -25.23
N TYR D 52 -2.34 -29.56 -24.17
CA TYR D 52 -2.92 -29.37 -22.85
C TYR D 52 -2.85 -27.91 -22.41
N LEU D 53 -3.92 -27.42 -21.80
CA LEU D 53 -3.94 -26.04 -21.32
C LEU D 53 -4.55 -26.00 -19.92
N ALA D 54 -4.49 -24.85 -19.27
CA ALA D 54 -4.98 -24.75 -17.90
C ALA D 54 -6.38 -24.15 -17.79
N ARG D 55 -6.86 -23.52 -18.86
CA ARG D 55 -8.16 -22.89 -18.81
C ARG D 55 -8.98 -23.21 -20.04
N LYS D 56 -10.30 -23.26 -19.88
CA LYS D 56 -11.18 -23.56 -21.01
C LYS D 56 -11.11 -22.44 -22.02
N GLU D 57 -10.98 -21.21 -21.55
CA GLU D 57 -10.94 -20.07 -22.46
C GLU D 57 -9.72 -20.17 -23.35
N GLN D 58 -8.59 -20.57 -22.79
CA GLN D 58 -7.39 -20.72 -23.59
C GLN D 58 -7.62 -21.73 -24.69
N CYS D 59 -8.32 -22.81 -24.39
CA CYS D 59 -8.61 -23.83 -25.39
C CYS D 59 -9.52 -23.32 -26.46
N LEU D 60 -10.57 -22.61 -26.06
CA LEU D 60 -11.53 -22.09 -27.03
C LEU D 60 -10.93 -20.98 -27.87
N ALA D 61 -9.97 -20.26 -27.32
CA ALA D 61 -9.29 -19.24 -28.10
C ALA D 61 -8.53 -19.88 -29.23
N LEU D 62 -7.86 -20.98 -28.95
CA LEU D 62 -7.12 -21.69 -29.98
C LEU D 62 -8.07 -22.19 -31.05
N SER D 63 -9.25 -22.63 -30.64
CA SER D 63 -10.23 -23.13 -31.59
C SER D 63 -10.57 -22.06 -32.59
N THR D 64 -10.71 -20.82 -32.14
CA THR D 64 -11.00 -19.73 -33.04
C THR D 64 -9.93 -19.65 -34.09
N GLN D 65 -8.67 -19.70 -33.66
CA GLN D 65 -7.58 -19.65 -34.62
C GLN D 65 -7.65 -20.82 -35.58
N LEU D 66 -8.00 -21.99 -35.06
CA LEU D 66 -8.07 -23.17 -35.90
C LEU D 66 -9.09 -23.00 -37.00
N ARG D 67 -10.21 -22.37 -36.67
CA ARG D 67 -11.25 -22.16 -37.67
C ARG D 67 -10.71 -21.36 -38.84
N THR D 68 -9.76 -20.48 -38.58
CA THR D 68 -9.14 -19.72 -39.66
C THR D 68 -8.42 -20.66 -40.60
N PHE D 69 -7.81 -21.71 -40.06
CA PHE D 69 -7.12 -22.68 -40.87
C PHE D 69 -8.11 -23.65 -41.49
N LYS D 70 -9.41 -23.41 -41.27
CA LYS D 70 -10.46 -24.27 -41.82
C LYS D 70 -10.53 -25.61 -41.12
N ILE D 71 -10.20 -25.64 -39.83
CA ILE D 71 -10.30 -26.87 -39.07
C ILE D 71 -11.51 -26.75 -38.17
N ASN D 72 -12.45 -27.66 -38.30
CA ASN D 72 -13.67 -27.61 -37.50
C ASN D 72 -13.96 -28.92 -36.81
N ASP D 73 -12.92 -29.72 -36.56
CA ASP D 73 -13.11 -31.01 -35.92
C ASP D 73 -12.53 -31.02 -34.53
N TYR D 74 -12.39 -29.85 -33.92
CA TYR D 74 -11.77 -29.78 -32.61
C TYR D 74 -12.66 -30.28 -31.49
N LYS D 75 -12.06 -30.86 -30.46
CA LYS D 75 -12.82 -31.33 -29.31
C LYS D 75 -12.10 -30.95 -28.03
N ILE D 76 -12.84 -30.50 -27.02
CA ILE D 76 -12.23 -30.07 -25.78
C ILE D 76 -12.65 -30.92 -24.61
N TYR D 77 -11.71 -31.32 -23.76
CA TYR D 77 -12.02 -32.17 -22.62
C TYR D 77 -11.44 -31.62 -21.33
N ARG D 78 -12.03 -32.00 -20.20
CA ARG D 78 -11.47 -31.59 -18.91
C ARG D 78 -11.04 -32.83 -18.17
N ILE D 79 -9.75 -32.91 -17.85
CA ILE D 79 -9.25 -34.08 -17.16
C ILE D 79 -9.03 -33.76 -15.69
N PHE D 80 -9.71 -34.49 -14.81
CA PHE D 80 -9.54 -34.29 -13.38
C PHE D 80 -8.30 -35.02 -12.90
N PRO D 81 -7.81 -34.68 -11.70
CA PRO D 81 -6.57 -35.29 -11.19
C PRO D 81 -6.63 -36.82 -11.14
N SER D 82 -7.78 -37.38 -10.80
CA SER D 82 -7.91 -38.83 -10.69
C SER D 82 -7.92 -39.53 -12.04
N GLY D 83 -8.06 -38.77 -13.12
CA GLY D 83 -8.08 -39.35 -14.44
C GLY D 83 -9.42 -39.29 -15.12
N GLU D 84 -10.45 -38.87 -14.40
CA GLU D 84 -11.78 -38.75 -14.98
C GLU D 84 -11.78 -37.67 -16.05
N VAL D 85 -12.48 -37.92 -17.16
CA VAL D 85 -12.50 -36.98 -18.26
C VAL D 85 -13.91 -36.55 -18.61
N GLN D 86 -14.11 -35.27 -18.89
CA GLN D 86 -15.42 -34.79 -19.28
C GLN D 86 -15.37 -34.16 -20.66
N TYR D 87 -16.21 -34.63 -21.58
CA TYR D 87 -16.27 -34.02 -22.89
C TYR D 87 -17.06 -32.74 -22.77
N LEU D 88 -16.50 -31.62 -23.19
CA LEU D 88 -17.17 -30.35 -22.99
C LEU D 88 -17.67 -29.68 -24.27
N HIS D 89 -16.84 -29.59 -25.30
CA HIS D 89 -17.22 -28.90 -26.52
C HIS D 89 -16.75 -29.66 -27.76
N PRO D 90 -17.46 -29.49 -28.89
CA PRO D 90 -18.91 -29.34 -29.05
C PRO D 90 -19.67 -30.37 -28.22
N LYS D 91 -20.50 -29.93 -27.28
CA LYS D 91 -21.17 -30.87 -26.38
C LYS D 91 -22.07 -31.90 -27.06
N ASP D 92 -22.99 -31.45 -27.90
CA ASP D 92 -23.92 -32.37 -28.53
C ASP D 92 -23.50 -32.73 -29.95
N GLY D 93 -22.26 -32.41 -30.29
CA GLY D 93 -21.77 -32.71 -31.63
C GLY D 93 -22.05 -31.57 -32.57
N VAL D 94 -23.00 -30.72 -32.22
CA VAL D 94 -23.32 -29.57 -33.04
C VAL D 94 -22.89 -28.29 -32.34
N PHE D 95 -22.20 -27.41 -33.06
CA PHE D 95 -21.74 -26.17 -32.45
C PHE D 95 -22.90 -25.41 -31.85
N PRO D 96 -22.66 -24.69 -30.76
CA PRO D 96 -23.77 -24.02 -30.06
C PRO D 96 -24.49 -22.96 -30.89
N GLU D 97 -23.82 -22.36 -31.86
CA GLU D 97 -24.44 -21.30 -32.65
C GLU D 97 -25.48 -21.84 -33.60
N LYS D 98 -25.56 -23.16 -33.74
CA LYS D 98 -26.52 -23.75 -34.64
C LYS D 98 -27.60 -24.49 -33.86
N VAL D 99 -28.85 -24.09 -34.04
CA VAL D 99 -29.94 -24.71 -33.29
C VAL D 99 -29.98 -26.20 -33.58
N ASN D 100 -29.97 -27.00 -32.53
CA ASN D 100 -30.05 -28.43 -32.70
C ASN D 100 -31.28 -28.92 -31.98
N PRO D 101 -32.21 -29.51 -32.72
CA PRO D 101 -33.40 -30.06 -32.07
C PRO D 101 -33.01 -31.03 -30.99
N GLY D 102 -33.61 -30.91 -29.82
CA GLY D 102 -33.27 -31.78 -28.71
C GLY D 102 -32.62 -31.06 -27.55
N ARG D 103 -32.46 -29.75 -27.68
CA ARG D 103 -31.85 -28.96 -26.62
C ARG D 103 -32.92 -28.14 -25.91
N THR D 104 -32.96 -28.22 -24.58
CA THR D 104 -34.00 -27.53 -23.82
C THR D 104 -33.55 -26.18 -23.29
N SER D 105 -34.50 -25.27 -23.11
CA SER D 105 -34.17 -23.92 -22.62
C SER D 105 -33.82 -23.94 -21.14
N VAL D 106 -32.90 -23.06 -20.75
CA VAL D 106 -32.50 -22.97 -19.35
C VAL D 106 -32.34 -21.52 -18.97
N ASN D 107 -32.68 -21.17 -17.73
CA ASN D 107 -32.55 -19.80 -17.26
C ASN D 107 -33.25 -18.81 -18.15
N SER D 108 -34.52 -19.06 -18.44
CA SER D 108 -35.29 -18.15 -19.28
C SER D 108 -36.43 -17.52 -18.52
N ARG D 109 -36.57 -16.20 -18.63
CA ARG D 109 -37.67 -15.51 -17.96
C ARG D 109 -38.64 -15.01 -19.01
N GLY D 110 -39.91 -15.37 -18.88
CA GLY D 110 -40.88 -15.01 -19.91
C GLY D 110 -41.49 -13.62 -19.80
N PHE D 111 -40.65 -12.60 -19.75
CA PHE D 111 -41.13 -11.24 -19.72
C PHE D 111 -39.98 -10.30 -20.02
N SER D 112 -40.29 -9.05 -20.34
CA SER D 112 -39.23 -8.08 -20.63
C SER D 112 -38.41 -7.81 -19.39
N ILE D 113 -37.18 -7.36 -19.57
CA ILE D 113 -36.29 -7.12 -18.45
C ILE D 113 -36.95 -6.20 -17.43
N GLY D 114 -37.85 -5.35 -17.88
CA GLY D 114 -38.46 -4.39 -16.99
C GLY D 114 -39.60 -4.90 -16.14
N LYS D 115 -39.90 -6.19 -16.23
CA LYS D 115 -41.02 -6.74 -15.48
C LYS D 115 -40.56 -7.48 -14.23
N ASN D 116 -39.28 -7.41 -13.92
CA ASN D 116 -38.76 -8.05 -12.71
C ASN D 116 -39.36 -7.41 -11.47
N PRO D 117 -39.42 -8.14 -10.36
CA PRO D 117 -40.04 -7.63 -9.14
C PRO D 117 -39.22 -6.52 -8.47
N ASN D 118 -39.84 -5.74 -7.58
CA ASN D 118 -39.14 -4.67 -6.86
C ASN D 118 -38.33 -5.24 -5.71
N PRO D 119 -37.14 -4.69 -5.48
CA PRO D 119 -36.27 -5.25 -4.43
C PRO D 119 -36.95 -5.29 -3.06
N ALA D 120 -37.67 -4.25 -2.70
CA ALA D 120 -38.29 -4.19 -1.38
C ALA D 120 -39.28 -5.32 -1.17
N SER D 121 -39.99 -5.72 -2.21
CA SER D 121 -40.99 -6.76 -2.09
C SER D 121 -40.41 -8.07 -1.62
N ILE D 122 -39.19 -8.39 -2.07
CA ILE D 122 -38.58 -9.66 -1.71
C ILE D 122 -37.64 -9.55 -0.53
N LYS D 123 -37.80 -8.52 0.28
CA LYS D 123 -36.89 -8.32 1.41
C LYS D 123 -36.96 -9.45 2.41
N PHE D 124 -35.83 -9.78 3.02
CA PHE D 124 -35.77 -10.87 3.98
C PHE D 124 -36.31 -12.17 3.38
N SER D 125 -35.91 -12.46 2.15
CA SER D 125 -36.36 -13.69 1.50
C SER D 125 -35.18 -14.55 1.08
N GLY D 126 -34.05 -13.92 0.79
CA GLY D 126 -32.87 -14.65 0.39
C GLY D 126 -32.74 -14.75 -1.11
N ILE D 127 -33.83 -14.53 -1.83
CA ILE D 127 -33.80 -14.58 -3.28
C ILE D 127 -33.54 -13.19 -3.84
N THR D 128 -33.13 -13.13 -5.10
CA THR D 128 -32.90 -11.85 -5.74
C THR D 128 -34.04 -11.56 -6.68
N THR D 129 -34.19 -10.31 -7.08
CA THR D 129 -35.26 -9.94 -7.98
C THR D 129 -35.16 -10.71 -9.28
N TYR D 130 -33.95 -10.87 -9.79
CA TYR D 130 -33.77 -11.54 -11.08
C TYR D 130 -33.94 -13.04 -10.98
N GLU D 131 -34.02 -13.57 -9.77
CA GLU D 131 -34.24 -14.99 -9.58
C GLU D 131 -35.65 -15.20 -9.08
N SER D 132 -36.30 -14.12 -8.70
CA SER D 132 -37.66 -14.20 -8.21
C SER D 132 -38.61 -14.43 -9.36
N MET E 1 -53.82 3.39 -35.66
CA MET E 1 -53.63 1.95 -35.57
C MET E 1 -52.24 1.53 -36.02
N ILE E 2 -51.72 0.47 -35.43
CA ILE E 2 -50.41 -0.01 -35.82
C ILE E 2 -50.51 -0.62 -37.20
N ASP E 3 -49.74 -0.10 -38.14
CA ASP E 3 -49.74 -0.61 -39.50
C ASP E 3 -48.51 -0.07 -40.22
N ARG E 4 -48.15 -0.65 -41.35
CA ARG E 4 -46.96 -0.21 -42.04
C ARG E 4 -46.97 1.29 -42.30
N ASN E 5 -45.85 1.95 -42.03
CA ASN E 5 -45.74 3.40 -42.28
C ASN E 5 -46.51 4.26 -41.28
N SER E 6 -47.14 3.64 -40.29
CA SER E 6 -47.84 4.40 -39.27
C SER E 6 -46.83 5.00 -38.31
N LYS E 7 -47.21 6.09 -37.65
CA LYS E 7 -46.31 6.69 -36.66
C LYS E 7 -46.85 6.45 -35.26
N VAL E 8 -46.01 5.96 -34.36
CA VAL E 8 -46.47 5.63 -33.02
C VAL E 8 -45.55 6.15 -31.93
N ARG E 9 -46.05 6.21 -30.70
CA ARG E 9 -45.22 6.64 -29.58
C ARG E 9 -44.93 5.47 -28.67
N ILE E 10 -43.66 5.23 -28.37
CA ILE E 10 -43.27 4.08 -27.56
C ILE E 10 -43.80 4.21 -26.14
N LEU E 11 -44.22 3.09 -25.56
CA LEU E 11 -44.73 3.09 -24.20
C LEU E 11 -43.98 2.10 -23.32
N ARG E 12 -42.81 1.65 -23.77
CA ARG E 12 -42.00 0.75 -22.96
C ARG E 12 -41.03 1.58 -22.14
N LYS E 13 -41.15 1.52 -20.83
CA LYS E 13 -40.32 2.36 -19.97
C LYS E 13 -38.83 2.08 -20.09
N GLU E 14 -38.47 0.86 -20.45
CA GLU E 14 -37.07 0.50 -20.55
C GLU E 14 -36.46 0.95 -21.86
N SER E 15 -37.29 1.44 -22.78
CA SER E 15 -36.80 1.83 -24.09
C SER E 15 -36.08 3.16 -24.12
N TYR E 16 -35.04 3.27 -24.93
CA TYR E 16 -34.31 4.52 -25.07
C TYR E 16 -35.21 5.54 -25.72
N TRP E 17 -36.23 5.06 -26.44
CA TRP E 17 -37.11 5.95 -27.15
C TRP E 17 -38.47 6.06 -26.50
N PHE E 18 -38.53 5.96 -25.18
CA PHE E 18 -39.80 6.10 -24.48
C PHE E 18 -40.37 7.47 -24.71
N ASN E 19 -41.68 7.57 -24.85
CA ASN E 19 -42.34 8.84 -25.09
C ASN E 19 -41.77 9.54 -26.31
N GLN E 20 -41.37 8.75 -27.31
CA GLN E 20 -40.84 9.32 -28.54
C GLN E 20 -41.58 8.72 -29.72
N ILE E 21 -41.42 9.33 -30.89
CA ILE E 21 -42.18 8.85 -32.05
C ILE E 21 -41.35 8.03 -33.02
N GLY E 22 -41.92 6.95 -33.52
CA GLY E 22 -41.23 6.10 -34.48
C GLY E 22 -42.20 5.69 -35.58
N THR E 23 -41.67 5.13 -36.66
CA THR E 23 -42.52 4.71 -37.76
C THR E 23 -42.58 3.20 -37.86
N VAL E 24 -43.77 2.64 -37.77
CA VAL E 24 -43.93 1.20 -37.86
C VAL E 24 -43.54 0.74 -39.24
N ALA E 25 -42.58 -0.17 -39.32
CA ALA E 25 -42.13 -0.67 -40.61
C ALA E 25 -43.02 -1.82 -41.06
N THR E 26 -43.04 -2.88 -40.27
CA THR E 26 -43.85 -4.05 -40.61
C THR E 26 -44.42 -4.69 -39.36
N VAL E 27 -45.62 -5.25 -39.47
CA VAL E 27 -46.20 -5.95 -38.33
C VAL E 27 -46.42 -7.41 -38.70
N ASP E 28 -45.72 -8.31 -38.03
CA ASP E 28 -45.83 -9.74 -38.33
C ASP E 28 -47.15 -10.29 -37.85
N GLN E 29 -47.72 -11.23 -38.61
CA GLN E 29 -49.03 -11.78 -38.25
C GLN E 29 -48.95 -13.26 -37.94
N SER E 30 -47.83 -13.73 -37.40
CA SER E 30 -47.65 -15.15 -37.13
C SER E 30 -47.77 -15.49 -35.65
N GLY E 31 -48.18 -14.53 -34.83
CA GLY E 31 -48.35 -14.79 -33.41
C GLY E 31 -47.11 -14.64 -32.57
N ILE E 32 -46.06 -14.05 -33.12
CA ILE E 32 -44.83 -13.82 -32.37
C ILE E 32 -45.13 -12.88 -31.21
N ARG E 33 -44.34 -12.95 -30.15
CA ARG E 33 -44.61 -12.13 -28.97
C ARG E 33 -44.55 -10.64 -29.24
N TYR E 34 -43.55 -10.20 -29.98
CA TYR E 34 -43.43 -8.79 -30.32
C TYR E 34 -43.47 -8.62 -31.81
N PRO E 35 -44.66 -8.43 -32.37
CA PRO E 35 -44.80 -8.37 -33.83
C PRO E 35 -44.32 -7.09 -34.52
N ALA E 36 -44.68 -5.92 -34.02
CA ALA E 36 -44.35 -4.66 -34.71
C ALA E 36 -42.87 -4.34 -34.74
N VAL E 37 -42.40 -3.80 -35.86
CA VAL E 37 -41.01 -3.39 -35.99
C VAL E 37 -40.94 -1.91 -36.24
N VAL E 38 -40.56 -1.13 -35.22
CA VAL E 38 -40.54 0.32 -35.36
C VAL E 38 -39.13 0.84 -35.60
N ARG E 39 -39.02 1.87 -36.43
CA ARG E 39 -37.71 2.45 -36.73
C ARG E 39 -37.62 3.87 -36.24
N PHE E 40 -36.50 4.24 -35.64
CA PHE E 40 -36.34 5.57 -35.10
C PHE E 40 -35.26 6.33 -35.81
N GLU E 41 -35.25 7.65 -35.67
CA GLU E 41 -34.26 8.48 -36.35
C GLU E 41 -33.07 8.77 -35.46
N SER E 42 -33.07 8.23 -34.25
CA SER E 42 -31.98 8.47 -33.32
C SER E 42 -31.41 7.16 -32.84
N VAL E 43 -30.10 7.05 -32.83
CA VAL E 43 -29.45 5.83 -32.36
C VAL E 43 -29.50 5.75 -30.85
N ASN E 44 -29.52 4.54 -30.31
CA ASN E 44 -29.51 4.37 -28.87
C ASN E 44 -28.07 4.38 -28.37
N TYR E 45 -27.87 4.10 -27.10
CA TYR E 45 -26.53 4.12 -26.54
C TYR E 45 -25.67 3.03 -27.18
N ALA E 46 -26.31 2.10 -27.88
CA ALA E 46 -25.58 1.02 -28.51
C ALA E 46 -25.36 1.27 -29.99
N GLY E 47 -26.11 2.20 -30.56
CA GLY E 47 -25.97 2.51 -31.96
C GLY E 47 -27.03 1.92 -32.87
N THR E 48 -28.08 1.35 -32.29
CA THR E 48 -29.17 0.79 -33.09
C THR E 48 -30.28 1.81 -33.31
N ASN E 49 -31.05 1.64 -34.37
CA ASN E 49 -32.14 2.56 -34.67
C ASN E 49 -33.47 1.85 -34.80
N THR E 50 -33.50 0.56 -34.50
CA THR E 50 -34.73 -0.22 -34.64
C THR E 50 -34.97 -1.18 -33.48
N ASN E 51 -36.22 -1.54 -33.25
CA ASN E 51 -36.55 -2.52 -32.21
C ASN E 51 -37.94 -3.04 -32.47
N ASN E 52 -38.25 -4.22 -31.94
CA ASN E 52 -39.57 -4.79 -32.13
C ASN E 52 -40.41 -4.63 -30.88
N PHE E 53 -41.62 -4.11 -31.03
CA PHE E 53 -42.48 -3.88 -29.87
C PHE E 53 -43.83 -4.53 -30.06
N ALA E 54 -44.55 -4.72 -28.96
CA ALA E 54 -45.89 -5.29 -29.05
C ALA E 54 -46.87 -4.18 -29.33
N LEU E 55 -48.05 -4.51 -29.82
CA LEU E 55 -49.01 -3.48 -30.20
C LEU E 55 -49.45 -2.63 -29.01
N ASP E 56 -49.55 -3.23 -27.83
CA ASP E 56 -49.94 -2.49 -26.64
C ASP E 56 -48.90 -1.46 -26.22
N GLU E 57 -47.64 -1.71 -26.53
CA GLU E 57 -46.58 -0.80 -26.15
C GLU E 57 -46.53 0.38 -27.10
N LEU E 58 -47.35 0.36 -28.13
CA LEU E 58 -47.32 1.42 -29.13
C LEU E 58 -48.66 2.13 -29.22
N VAL E 59 -48.64 3.46 -29.20
CA VAL E 59 -49.87 4.22 -29.37
C VAL E 59 -49.76 5.08 -30.61
N GLU E 60 -50.75 5.00 -31.48
CA GLU E 60 -50.68 5.73 -32.74
C GLU E 60 -50.74 7.23 -32.51
N VAL E 61 -49.86 7.97 -33.17
CA VAL E 61 -49.84 9.42 -33.03
C VAL E 61 -50.17 10.08 -34.34
N LYS E 62 -51.15 10.98 -34.33
CA LYS E 62 -51.55 11.64 -35.56
C LYS E 62 -52.43 12.85 -35.26
N GLU F 1 -20.54 56.86 4.84
CA GLU F 1 -21.05 56.34 3.58
C GLU F 1 -21.54 54.92 3.74
N ILE F 2 -22.04 54.35 2.65
CA ILE F 2 -22.51 52.98 2.70
C ILE F 2 -21.39 52.11 3.19
N GLY F 3 -21.63 51.34 4.24
CA GLY F 3 -20.63 50.41 4.73
C GLY F 3 -19.41 51.06 5.35
N GLY F 4 -19.50 52.35 5.65
CA GLY F 4 -18.38 53.04 6.27
C GLY F 4 -17.28 53.32 5.29
N LEU F 5 -17.55 53.16 4.00
CA LEU F 5 -16.56 53.42 2.98
C LEU F 5 -16.42 54.91 2.74
N THR F 6 -15.43 55.30 1.94
CA THR F 6 -15.25 56.71 1.63
C THR F 6 -15.14 56.89 0.13
N LYS F 7 -15.62 58.01 -0.39
CA LYS F 7 -15.48 58.27 -1.80
C LYS F 7 -14.01 58.30 -2.16
N CYS F 8 -13.66 57.73 -3.30
CA CYS F 8 -12.26 57.66 -3.68
C CYS F 8 -11.63 59.04 -3.87
N SER F 9 -12.44 60.01 -4.27
CA SER F 9 -11.93 61.36 -4.44
C SER F 9 -11.48 61.92 -3.11
N GLU F 10 -12.03 61.41 -2.03
CA GLU F 10 -11.69 61.92 -0.71
C GLU F 10 -10.87 60.94 0.11
N SER F 11 -10.33 59.91 -0.53
CA SER F 11 -9.52 58.93 0.18
C SER F 11 -8.04 59.19 0.00
N ALA F 12 -7.32 59.36 1.10
CA ALA F 12 -5.90 59.62 1.03
C ALA F 12 -5.14 58.42 0.51
N ALA F 13 -5.56 57.23 0.90
CA ALA F 13 -4.90 56.02 0.45
C ALA F 13 -4.93 55.93 -1.06
N PHE F 14 -6.05 56.30 -1.66
CA PHE F 14 -6.18 56.25 -3.11
C PHE F 14 -5.11 57.13 -3.73
N THR F 15 -4.96 58.34 -3.22
CA THR F 15 -3.97 59.26 -3.78
C THR F 15 -2.57 58.74 -3.57
N LYS F 16 -2.30 58.15 -2.41
CA LYS F 16 -0.98 57.62 -2.13
C LYS F 16 -0.64 56.56 -3.14
N ARG F 17 -1.60 55.71 -3.47
CA ARG F 17 -1.38 54.68 -4.46
C ARG F 17 -0.97 55.31 -5.77
N LEU F 18 -1.67 56.38 -6.17
CA LEU F 18 -1.38 57.01 -7.44
C LEU F 18 0.05 57.53 -7.45
N ASN F 19 0.42 58.28 -6.44
CA ASN F 19 1.75 58.85 -6.40
C ASN F 19 2.78 57.75 -6.49
N ALA F 20 2.60 56.71 -5.69
CA ALA F 20 3.57 55.62 -5.66
C ALA F 20 3.72 54.97 -7.02
N SER F 21 2.60 54.69 -7.68
CA SER F 21 2.66 54.03 -8.97
C SER F 21 3.44 54.85 -9.97
N VAL F 22 3.14 56.14 -10.04
CA VAL F 22 3.80 56.99 -11.00
C VAL F 22 5.29 57.06 -10.69
N LYS F 23 5.63 57.15 -9.41
CA LYS F 23 7.02 57.24 -9.03
C LYS F 23 7.80 56.05 -9.54
N LYS F 24 7.23 54.86 -9.43
CA LYS F 24 7.94 53.67 -9.85
C LYS F 24 8.29 53.75 -11.32
N LEU F 25 7.32 54.13 -12.15
CA LEU F 25 7.57 54.24 -13.58
C LEU F 25 8.60 55.30 -13.87
N GLU F 26 8.50 56.43 -13.20
CA GLU F 26 9.43 57.52 -13.42
C GLU F 26 10.85 57.13 -13.06
N GLN F 27 11.01 56.43 -11.95
CA GLN F 27 12.33 55.99 -11.53
C GLN F 27 12.95 55.12 -12.61
N ARG F 28 12.14 54.27 -13.23
CA ARG F 28 12.64 53.42 -14.30
C ARG F 28 13.05 54.25 -15.49
N ALA F 29 12.25 55.25 -15.83
CA ALA F 29 12.55 56.07 -17.01
C ALA F 29 13.84 56.82 -16.86
N SER F 30 14.22 57.13 -15.63
CA SER F 30 15.44 57.89 -15.41
C SER F 30 16.65 57.18 -16.02
N GLN F 31 16.69 55.86 -15.92
CA GLN F 31 17.81 55.11 -16.45
C GLN F 31 17.95 55.38 -17.93
N TYR F 32 16.86 55.22 -18.67
CA TYR F 32 16.89 55.53 -20.08
C TYR F 32 16.98 57.02 -20.23
N GLU F 33 17.13 57.53 -21.44
CA GLU F 33 17.36 58.96 -21.58
C GLU F 33 16.68 59.69 -22.73
N ALA F 34 16.25 60.91 -22.46
CA ALA F 34 15.69 61.74 -23.53
C ALA F 34 14.61 61.09 -24.35
N ASP F 35 14.79 61.11 -25.67
CA ASP F 35 13.79 60.57 -26.56
C ASP F 35 14.03 59.09 -26.83
N SER F 36 14.85 58.45 -26.01
CA SER F 36 15.07 57.04 -26.18
C SER F 36 13.73 56.35 -26.23
N PRO F 37 13.54 55.47 -27.21
CA PRO F 37 12.24 54.82 -27.36
C PRO F 37 11.75 54.22 -26.05
N PRO F 38 12.63 53.58 -25.26
CA PRO F 38 12.16 53.10 -23.95
C PRO F 38 11.58 54.19 -23.06
N ALA F 39 12.24 55.35 -22.98
CA ALA F 39 11.78 56.40 -22.08
C ALA F 39 10.44 56.97 -22.50
N LEU F 40 10.25 57.14 -23.81
CA LEU F 40 9.00 57.69 -24.31
C LEU F 40 7.86 56.78 -23.93
N ALA F 41 8.07 55.48 -24.02
CA ALA F 41 7.04 54.52 -23.68
C ALA F 41 6.64 54.65 -22.23
N LEU F 42 7.63 54.66 -21.34
CA LEU F 42 7.34 54.76 -19.92
C LEU F 42 6.60 56.05 -19.63
N LYS F 43 6.99 57.12 -20.32
CA LYS F 43 6.32 58.40 -20.13
C LYS F 43 4.86 58.32 -20.50
N GLN F 44 4.55 57.67 -21.62
CA GLN F 44 3.17 57.52 -22.04
C GLN F 44 2.41 56.69 -21.03
N GLN F 45 3.06 55.71 -20.43
CA GLN F 45 2.40 54.85 -19.47
C GLN F 45 1.95 55.61 -18.23
N VAL F 46 2.75 56.55 -17.78
CA VAL F 46 2.38 57.35 -16.61
C VAL F 46 1.14 58.16 -16.91
N GLU F 47 1.00 58.63 -18.14
CA GLU F 47 -0.16 59.40 -18.52
C GLU F 47 -1.40 58.57 -18.35
N ARG F 48 -1.36 57.33 -18.81
CA ARG F 48 -2.50 56.45 -18.68
C ARG F 48 -2.82 56.21 -17.22
N THR F 49 -1.79 56.02 -16.40
CA THR F 49 -2.01 55.78 -14.98
C THR F 49 -2.71 56.96 -14.36
N GLN F 50 -2.24 58.16 -14.66
CA GLN F 50 -2.84 59.35 -14.10
C GLN F 50 -4.28 59.46 -14.54
N ALA F 51 -4.55 59.14 -15.79
CA ALA F 51 -5.91 59.20 -16.31
C ALA F 51 -6.82 58.22 -15.59
N ARG F 52 -6.35 57.00 -15.39
CA ARG F 52 -7.19 55.99 -14.76
C ARG F 52 -7.62 56.44 -13.38
N PHE F 53 -6.68 56.89 -12.58
CA PHE F 53 -7.00 57.31 -11.23
C PHE F 53 -7.96 58.48 -11.27
N ASP F 54 -7.74 59.41 -12.20
CA ASP F 54 -8.60 60.56 -12.30
C ASP F 54 -10.02 60.14 -12.63
N LYS F 55 -10.17 59.23 -13.57
CA LYS F 55 -11.50 58.77 -13.96
C LYS F 55 -12.21 58.22 -12.75
N TYR F 56 -11.53 57.35 -12.02
CA TYR F 56 -12.14 56.73 -10.85
C TYR F 56 -12.49 57.79 -9.81
N SER F 57 -11.65 58.81 -9.69
CA SER F 57 -11.89 59.87 -8.73
C SER F 57 -13.15 60.65 -9.07
N ARG F 58 -13.34 60.98 -10.34
CA ARG F 58 -14.51 61.72 -10.76
C ARG F 58 -15.77 60.86 -10.68
N SER F 59 -15.58 59.55 -10.59
CA SER F 59 -16.71 58.64 -10.54
C SER F 59 -17.39 58.64 -9.19
N GLU F 60 -18.36 57.78 -9.02
CA GLU F 60 -19.05 57.68 -7.74
C GLU F 60 -18.56 56.48 -6.97
N LEU F 61 -17.45 55.89 -7.42
CA LEU F 61 -16.93 54.70 -6.77
C LEU F 61 -16.54 55.01 -5.33
N LEU F 62 -16.76 54.05 -4.44
CA LEU F 62 -16.41 54.24 -3.05
C LEU F 62 -15.20 53.38 -2.71
N CYS F 63 -14.18 54.00 -2.13
CA CYS F 63 -12.97 53.27 -1.77
C CYS F 63 -12.99 52.86 -0.32
N GLY F 64 -12.20 51.85 0.02
CA GLY F 64 -12.11 51.42 1.41
C GLY F 64 -10.84 51.94 2.05
N ALA F 65 -10.42 51.32 3.15
CA ALA F 65 -9.23 51.77 3.85
C ALA F 65 -7.98 51.53 3.05
N ASP F 66 -7.96 50.47 2.25
CA ASP F 66 -6.79 50.15 1.44
C ASP F 66 -6.63 51.13 0.30
N GLY F 67 -7.64 51.94 0.05
CA GLY F 67 -7.58 52.88 -1.05
C GLY F 67 -7.92 52.22 -2.36
N LEU F 68 -8.63 51.10 -2.31
CA LEU F 68 -9.01 50.39 -3.51
C LEU F 68 -10.50 50.48 -3.70
N PRO F 69 -10.95 50.65 -4.96
CA PRO F 69 -12.38 50.81 -5.21
C PRO F 69 -13.22 49.59 -4.83
N HIS F 70 -14.33 49.81 -4.14
CA HIS F 70 -15.21 48.70 -3.77
C HIS F 70 -16.56 48.90 -4.45
N LEU F 71 -17.11 47.84 -5.04
CA LEU F 71 -18.37 47.97 -5.79
C LEU F 71 -19.60 47.70 -4.94
N VAL F 72 -20.69 48.40 -5.25
CA VAL F 72 -21.93 48.22 -4.49
C VAL F 72 -23.00 47.58 -5.36
N ALA F 73 -23.60 46.50 -4.87
CA ALA F 73 -24.61 45.79 -5.63
C ALA F 73 -25.77 45.33 -4.78
N ASP F 74 -26.53 46.27 -4.24
CA ASP F 74 -27.68 45.92 -3.42
C ASP F 74 -28.97 46.32 -4.11
N GLY F 75 -28.85 46.93 -5.28
CA GLY F 75 -30.02 47.35 -6.02
C GLY F 75 -30.19 48.85 -6.08
N ARG F 76 -29.46 49.57 -5.24
CA ARG F 76 -29.55 51.01 -5.25
C ARG F 76 -29.15 51.51 -6.62
N TRP F 77 -29.88 52.49 -7.12
CA TRP F 77 -29.59 53.01 -8.45
C TRP F 77 -28.52 54.07 -8.40
N SER F 78 -28.12 54.46 -7.20
CA SER F 78 -27.05 55.43 -7.06
C SER F 78 -25.78 54.87 -7.64
N HIS F 79 -25.58 53.57 -7.49
CA HIS F 79 -24.39 52.92 -8.01
C HIS F 79 -24.75 51.93 -9.09
N ALA F 80 -25.72 52.27 -9.92
CA ALA F 80 -26.18 51.34 -10.95
C ALA F 80 -25.12 51.05 -11.99
N ALA F 81 -24.23 51.99 -12.22
CA ALA F 81 -23.21 51.81 -13.24
C ALA F 81 -22.30 50.65 -12.89
N GLU F 82 -22.17 50.37 -11.60
CA GLU F 82 -21.27 49.31 -11.16
C GLU F 82 -21.76 47.90 -11.52
N PHE F 83 -23.06 47.65 -11.42
CA PHE F 83 -23.57 46.31 -11.71
C PHE F 83 -24.84 46.26 -12.54
N ILE F 84 -25.85 47.04 -12.17
CA ILE F 84 -27.15 46.96 -12.87
C ILE F 84 -27.06 47.27 -14.35
N LEU F 85 -26.50 48.43 -14.70
CA LEU F 85 -26.44 48.82 -16.10
C LEU F 85 -25.58 47.88 -16.94
N PRO F 86 -24.38 47.54 -16.45
CA PRO F 86 -23.60 46.56 -17.19
C PRO F 86 -24.31 45.23 -17.25
N GLY F 87 -25.07 44.90 -16.21
CA GLY F 87 -25.78 43.64 -16.18
C GLY F 87 -26.78 43.50 -17.30
N PHE F 88 -27.50 44.57 -17.61
CA PHE F 88 -28.46 44.53 -18.69
C PHE F 88 -27.76 44.19 -19.99
N GLY F 89 -26.57 44.74 -20.18
CA GLY F 89 -25.82 44.46 -21.40
C GLY F 89 -25.59 42.97 -21.58
N PHE F 90 -25.13 42.32 -20.52
CA PHE F 90 -24.87 40.89 -20.61
C PHE F 90 -26.14 40.14 -20.95
N ILE F 91 -27.24 40.46 -20.27
CA ILE F 91 -28.46 39.73 -20.51
C ILE F 91 -28.91 39.87 -21.95
N TYR F 92 -28.85 41.09 -22.47
CA TYR F 92 -29.28 41.31 -23.84
C TYR F 92 -28.45 40.50 -24.81
N ILE F 93 -27.13 40.59 -24.68
CA ILE F 93 -26.24 39.88 -25.60
C ILE F 93 -26.38 38.39 -25.45
N SER F 94 -26.40 37.90 -24.22
CA SER F 94 -26.49 36.47 -23.98
C SER F 94 -27.77 35.89 -24.54
N GLY F 95 -28.88 36.58 -24.31
CA GLY F 95 -30.15 36.11 -24.82
C GLY F 95 -30.11 36.09 -26.32
N TRP F 96 -29.52 37.11 -26.92
CA TRP F 96 -29.42 37.17 -28.36
C TRP F 96 -28.76 35.90 -28.86
N ILE F 97 -27.61 35.56 -28.30
CA ILE F 97 -26.88 34.40 -28.76
C ILE F 97 -27.69 33.12 -28.57
N GLY F 98 -28.27 32.94 -27.40
CA GLY F 98 -29.04 31.75 -27.15
C GLY F 98 -30.24 31.62 -28.05
N TRP F 99 -30.96 32.72 -28.23
CA TRP F 99 -32.17 32.68 -29.04
C TRP F 99 -31.85 32.32 -30.47
N VAL F 100 -30.84 32.97 -31.04
CA VAL F 100 -30.51 32.72 -32.43
C VAL F 100 -30.03 31.29 -32.60
N GLY F 101 -29.29 30.78 -31.62
CA GLY F 101 -28.81 29.41 -31.70
C GLY F 101 -29.94 28.42 -31.72
N ARG F 102 -30.89 28.58 -30.81
CA ARG F 102 -32.03 27.70 -30.77
C ARG F 102 -32.78 27.78 -32.09
N LYS F 103 -32.93 28.99 -32.62
CA LYS F 103 -33.67 29.17 -33.85
C LYS F 103 -33.03 28.39 -34.99
N TYR F 104 -31.72 28.50 -35.13
CA TYR F 104 -31.02 27.81 -36.20
C TYR F 104 -31.17 26.31 -36.05
N LEU F 105 -30.99 25.80 -34.84
CA LEU F 105 -31.06 24.35 -34.64
C LEU F 105 -32.41 23.83 -35.04
N ARG F 106 -33.45 24.52 -34.59
CA ARG F 106 -34.80 24.10 -34.91
C ARG F 106 -35.06 24.23 -36.40
N ALA F 107 -34.49 25.25 -37.02
CA ALA F 107 -34.69 25.48 -38.45
C ALA F 107 -34.08 24.40 -39.31
N VAL F 108 -32.86 24.00 -39.00
CA VAL F 108 -32.17 23.03 -39.82
C VAL F 108 -32.57 21.61 -39.44
N SER F 109 -33.38 21.48 -38.40
CA SER F 109 -33.78 20.16 -37.92
C SER F 109 -34.64 19.45 -38.95
N THR F 110 -35.33 20.21 -39.78
CA THR F 110 -36.23 19.61 -40.74
C THR F 110 -35.62 19.51 -42.13
N SER F 111 -34.29 19.55 -42.21
CA SER F 111 -33.62 19.51 -43.49
C SER F 111 -33.32 18.10 -43.96
N ALA F 112 -32.81 17.96 -45.18
CA ALA F 112 -32.49 16.65 -45.71
C ALA F 112 -31.54 15.90 -44.79
N ASN F 113 -30.45 16.54 -44.39
CA ASN F 113 -29.53 15.99 -43.42
C ASN F 113 -29.41 16.92 -42.23
N PRO F 114 -30.18 16.70 -41.16
CA PRO F 114 -30.13 17.61 -40.00
C PRO F 114 -28.82 17.58 -39.24
N SER F 115 -28.00 16.55 -39.40
CA SER F 115 -26.72 16.47 -38.71
C SER F 115 -25.56 17.01 -39.50
N GLU F 116 -25.66 17.06 -40.82
CA GLU F 116 -24.59 17.65 -41.61
C GLU F 116 -24.59 19.15 -41.46
N SER F 117 -25.75 19.73 -41.20
CA SER F 117 -25.86 21.18 -41.09
C SER F 117 -25.41 21.68 -39.73
N GLU F 118 -25.03 20.78 -38.85
CA GLU F 118 -24.52 21.19 -37.55
C GLU F 118 -23.01 21.19 -37.55
N ILE F 119 -22.42 20.35 -38.38
CA ILE F 119 -20.97 20.31 -38.48
C ILE F 119 -20.50 21.25 -39.57
N ILE F 120 -21.30 21.41 -40.62
CA ILE F 120 -20.96 22.35 -41.69
C ILE F 120 -22.09 23.36 -41.76
N ILE F 121 -21.94 24.48 -41.08
CA ILE F 121 -23.01 25.46 -41.00
C ILE F 121 -23.40 26.09 -42.32
N ASN F 122 -24.69 26.32 -42.51
CA ASN F 122 -25.15 27.01 -43.71
C ASN F 122 -25.00 28.47 -43.41
N VAL F 123 -23.87 29.05 -43.79
CA VAL F 123 -23.61 30.45 -43.41
C VAL F 123 -24.72 31.40 -43.84
N PRO F 124 -25.20 31.29 -45.09
CA PRO F 124 -26.23 32.27 -45.45
C PRO F 124 -27.40 32.28 -44.46
N LEU F 125 -27.97 31.12 -44.17
CA LEU F 125 -29.11 31.04 -43.26
C LEU F 125 -28.74 31.51 -41.86
N ALA F 126 -27.57 31.12 -41.40
CA ALA F 126 -27.15 31.48 -40.06
C ALA F 126 -27.13 32.97 -39.89
N LEU F 127 -26.57 33.68 -40.86
CA LEU F 127 -26.47 35.13 -40.75
C LEU F 127 -27.86 35.73 -40.67
N LYS F 128 -28.77 35.27 -41.50
CA LYS F 128 -30.13 35.77 -41.46
C LYS F 128 -30.73 35.57 -40.08
N ILE F 129 -30.63 34.37 -39.55
CA ILE F 129 -31.20 34.06 -38.24
C ILE F 129 -30.52 34.88 -37.15
N MET F 130 -29.22 35.08 -37.27
CA MET F 130 -28.48 35.83 -36.26
C MET F 130 -28.94 37.27 -36.15
N THR F 131 -29.26 37.88 -37.29
CA THR F 131 -29.71 39.27 -37.29
C THR F 131 -31.06 39.44 -36.64
N THR F 132 -31.85 38.38 -36.60
CA THR F 132 -33.20 38.49 -36.07
C THR F 132 -33.29 38.33 -34.56
N GLY F 133 -32.17 38.42 -33.87
CA GLY F 133 -32.17 38.23 -32.44
C GLY F 133 -32.24 39.49 -31.61
N TYR F 134 -32.22 40.64 -32.27
CA TYR F 134 -32.21 41.90 -31.54
C TYR F 134 -33.53 42.12 -30.81
N ILE F 135 -34.57 41.43 -31.23
CA ILE F 135 -35.86 41.56 -30.57
C ILE F 135 -36.19 40.29 -29.82
N TRP F 136 -35.17 39.60 -29.32
CA TRP F 136 -35.40 38.33 -28.65
C TRP F 136 -36.32 38.44 -27.44
N PRO F 137 -36.24 39.54 -26.69
CA PRO F 137 -37.15 39.57 -25.54
C PRO F 137 -38.60 39.44 -25.99
N ILE F 138 -39.01 40.23 -26.97
CA ILE F 138 -40.39 40.19 -27.43
C ILE F 138 -40.75 38.83 -27.98
N SER F 139 -39.91 38.30 -28.85
CA SER F 139 -40.21 37.01 -29.48
C SER F 139 -40.38 35.92 -28.46
N ALA F 140 -39.52 35.89 -27.46
CA ALA F 140 -39.57 34.83 -26.47
C ALA F 140 -40.88 34.85 -25.72
N TRP F 141 -41.29 36.03 -25.27
CA TRP F 141 -42.53 36.13 -24.52
C TRP F 141 -43.68 35.67 -25.37
N GLN F 142 -43.68 36.08 -26.63
CA GLN F 142 -44.75 35.70 -27.53
C GLN F 142 -44.81 34.20 -27.70
N GLU F 143 -43.64 33.56 -27.76
CA GLU F 143 -43.60 32.12 -27.92
C GLU F 143 -44.07 31.41 -26.67
N LEU F 144 -43.79 31.98 -25.51
CA LEU F 144 -44.21 31.37 -24.26
C LEU F 144 -45.72 31.35 -24.15
N ILE F 145 -46.35 32.49 -24.44
CA ILE F 145 -47.80 32.58 -24.29
C ILE F 145 -48.52 31.87 -25.44
N SER F 146 -47.77 31.38 -26.41
CA SER F 146 -48.37 30.64 -27.51
C SER F 146 -48.15 29.15 -27.34
N ASN F 147 -47.64 28.75 -26.18
CA ASN F 147 -47.35 27.35 -25.92
C ASN F 147 -46.48 26.75 -27.01
N ASP F 148 -45.43 27.47 -27.40
CA ASP F 148 -44.53 26.98 -28.43
C ASP F 148 -43.11 26.90 -27.90
N LEU F 149 -42.90 27.34 -26.68
CA LEU F 149 -41.56 27.31 -26.10
C LEU F 149 -41.40 26.11 -25.18
N VAL F 150 -42.31 25.94 -24.24
CA VAL F 150 -42.19 24.85 -23.28
C VAL F 150 -42.93 23.61 -23.75
N ALA F 151 -42.26 22.46 -23.72
CA ALA F 151 -42.88 21.21 -24.16
C ALA F 151 -43.80 20.61 -23.12
N VAL F 152 -44.51 19.54 -23.47
CA VAL F 152 -45.49 18.97 -22.55
C VAL F 152 -45.38 17.46 -22.33
N SER F 153 -44.48 17.03 -21.45
CA SER F 153 -44.37 15.61 -21.09
C SER F 153 -44.47 14.63 -22.26
N GLU F 154 -43.91 14.99 -23.41
CA GLU F 154 -43.86 14.08 -24.54
C GLU F 154 -42.40 13.89 -24.79
N GLU F 155 -41.61 13.97 -23.74
CA GLU F 155 -40.17 13.82 -23.86
C GLU F 155 -39.69 12.62 -23.10
N ILE F 156 -38.59 12.03 -23.54
CA ILE F 156 -38.07 10.84 -22.90
C ILE F 156 -37.77 11.07 -21.43
N THR F 157 -38.05 10.08 -20.61
CA THR F 157 -37.76 10.19 -19.19
C THR F 157 -37.12 8.90 -18.71
N VAL F 158 -36.50 8.94 -17.55
CA VAL F 158 -35.82 7.78 -17.01
C VAL F 158 -36.80 6.68 -16.66
N SER F 159 -36.29 5.48 -16.40
CA SER F 159 -37.16 4.36 -16.09
C SER F 159 -38.02 4.64 -14.86
N PRO F 160 -37.39 5.05 -13.74
CA PRO F 160 -38.22 5.40 -12.59
C PRO F 160 -38.94 6.74 -12.75
N VAL G 1 -17.92 -44.47 -17.33
CA VAL G 1 -17.55 -43.13 -16.91
C VAL G 1 -18.59 -42.54 -15.97
N ASP G 2 -18.14 -42.00 -14.84
CA ASP G 2 -19.07 -41.36 -13.92
C ASP G 2 -19.38 -39.97 -14.44
N LEU G 3 -20.53 -39.82 -15.07
CA LEU G 3 -20.88 -38.53 -15.64
C LEU G 3 -21.14 -37.51 -14.56
N ASP G 4 -21.28 -37.97 -13.31
CA ASP G 4 -21.58 -37.07 -12.21
C ASP G 4 -20.35 -36.78 -11.35
N TYR G 5 -19.19 -37.27 -11.76
CA TYR G 5 -17.98 -37.09 -10.97
C TYR G 5 -17.75 -35.62 -10.64
N GLY G 6 -17.90 -34.75 -11.63
CA GLY G 6 -17.71 -33.33 -11.41
C GLY G 6 -18.81 -32.74 -10.55
N MET G 7 -20.05 -33.15 -10.79
CA MET G 7 -21.18 -32.65 -10.01
C MET G 7 -21.02 -33.04 -8.55
N LYS G 8 -20.44 -34.20 -8.31
CA LYS G 8 -20.25 -34.66 -6.94
C LYS G 8 -19.06 -33.93 -6.33
N ASN G 9 -19.23 -32.64 -6.07
CA ASN G 9 -18.16 -31.84 -5.48
C ASN G 9 -18.61 -31.27 -4.16
N SER G 10 -17.69 -30.63 -3.44
CA SER G 10 -18.02 -30.08 -2.13
C SER G 10 -18.77 -28.76 -2.21
N TYR G 11 -18.92 -28.21 -3.41
CA TYR G 11 -19.57 -26.92 -3.58
C TYR G 11 -21.03 -26.97 -3.18
N VAL G 12 -21.47 -25.99 -2.42
CA VAL G 12 -22.88 -25.92 -2.05
C VAL G 12 -23.42 -24.58 -2.49
N PRO G 13 -24.35 -24.58 -3.45
CA PRO G 13 -24.86 -23.31 -3.97
C PRO G 13 -25.49 -22.45 -2.90
N ALA G 14 -25.33 -21.14 -2.99
CA ALA G 14 -25.88 -20.23 -2.01
C ALA G 14 -27.28 -19.79 -2.40
N THR G 15 -28.03 -19.24 -1.45
CA THR G 15 -29.36 -18.77 -1.74
C THR G 15 -29.30 -17.35 -2.29
N GLY G 16 -29.33 -17.22 -3.61
CA GLY G 16 -29.26 -15.92 -4.24
C GLY G 16 -27.84 -15.50 -4.54
N GLY G 17 -27.58 -15.15 -5.79
CA GLY G 17 -26.25 -14.72 -6.18
C GLY G 17 -25.34 -15.83 -6.66
N ASP G 18 -25.90 -16.98 -7.03
CA ASP G 18 -25.11 -18.09 -7.52
C ASP G 18 -25.81 -18.83 -8.64
N GLY G 19 -25.12 -19.05 -9.75
CA GLY G 19 -25.70 -19.77 -10.87
C GLY G 19 -25.94 -21.23 -10.53
N GLY G 20 -25.05 -21.82 -9.76
CA GLY G 20 -25.20 -23.20 -9.36
C GLY G 20 -24.15 -24.11 -9.96
N GLN G 21 -24.36 -25.42 -9.85
CA GLN G 21 -23.40 -26.39 -10.37
C GLN G 21 -23.44 -26.43 -11.89
N GLY G 22 -24.41 -25.76 -12.50
CA GLY G 22 -24.48 -25.71 -13.94
C GLY G 22 -24.72 -27.05 -14.60
N GLN G 23 -23.88 -27.39 -15.58
CA GLN G 23 -24.07 -28.65 -16.31
C GLN G 23 -22.97 -29.64 -16.01
N PHE G 24 -21.77 -29.16 -15.71
CA PHE G 24 -20.65 -30.06 -15.47
C PHE G 24 -20.04 -29.88 -14.09
N GLY G 25 -20.76 -29.23 -13.19
CA GLY G 25 -20.25 -29.00 -11.84
C GLY G 25 -19.51 -27.69 -11.78
N ALA G 26 -19.48 -27.05 -10.61
CA ALA G 26 -18.86 -25.74 -10.49
C ALA G 26 -17.40 -25.79 -10.08
N GLN G 27 -17.01 -26.85 -9.38
CA GLN G 27 -15.63 -26.95 -8.90
C GLN G 27 -15.11 -28.38 -8.99
N SER G 28 -13.80 -28.52 -9.04
CA SER G 28 -13.21 -29.85 -9.09
C SER G 28 -13.54 -30.62 -7.83
N PRO G 29 -13.72 -31.94 -7.94
CA PRO G 29 -13.95 -32.67 -6.70
C PRO G 29 -12.77 -32.55 -5.76
N ASN G 30 -11.55 -32.49 -6.29
CA ASN G 30 -10.35 -32.44 -5.45
C ASN G 30 -10.04 -31.04 -4.94
N ASP G 31 -9.41 -30.96 -3.77
CA ASP G 31 -9.04 -29.66 -3.21
C ASP G 31 -7.65 -29.23 -3.65
N TRP G 32 -7.54 -28.02 -4.15
CA TRP G 32 -6.26 -27.52 -4.63
C TRP G 32 -5.30 -27.24 -3.48
N ARG G 33 -5.83 -27.08 -2.28
CA ARG G 33 -4.98 -26.71 -1.15
C ARG G 33 -4.14 -27.88 -0.67
N VAL G 34 -3.14 -28.25 -1.46
CA VAL G 34 -2.24 -29.32 -1.07
C VAL G 34 -0.96 -28.70 -0.54
N ALA G 35 0.01 -29.51 -0.14
CA ALA G 35 1.24 -28.99 0.45
C ALA G 35 2.26 -28.52 -0.58
N GLY G 36 3.47 -28.25 -0.13
CA GLY G 36 4.53 -27.83 -1.05
C GLY G 36 5.50 -28.95 -1.36
N THR G 37 6.73 -28.62 -1.69
CA THR G 37 7.70 -29.63 -2.07
C THR G 37 8.22 -30.42 -0.89
N SER G 38 8.77 -31.59 -1.14
CA SER G 38 9.25 -32.44 -0.06
C SER G 38 10.67 -32.92 -0.32
N PRO G 39 11.35 -33.40 0.72
CA PRO G 39 12.72 -33.88 0.57
C PRO G 39 12.82 -35.10 -0.34
N VAL G 40 14.00 -35.36 -0.88
CA VAL G 40 14.20 -36.49 -1.78
C VAL G 40 13.73 -37.79 -1.14
N GLY G 41 12.99 -38.59 -1.89
CA GLY G 41 12.50 -39.85 -1.36
C GLY G 41 11.21 -39.72 -0.59
N GLU G 42 10.51 -38.59 -0.73
CA GLU G 42 9.25 -38.40 -0.04
C GLU G 42 8.18 -37.83 -0.97
N THR G 43 6.92 -38.02 -0.61
CA THR G 43 5.82 -37.53 -1.43
C THR G 43 4.92 -36.61 -0.61
N SER G 44 4.27 -35.65 -1.24
CA SER G 44 3.46 -34.69 -0.49
C SER G 44 2.01 -34.62 -0.93
N TYR G 45 1.78 -34.31 -2.20
CA TYR G 45 0.41 -34.16 -2.68
C TYR G 45 -0.24 -35.50 -2.93
N ALA G 46 -0.36 -36.32 -1.90
CA ALA G 46 -1.03 -37.62 -2.05
C ALA G 46 -0.44 -38.38 -3.20
N GLY G 47 -1.23 -38.63 -4.24
CA GLY G 47 -0.73 -39.32 -5.42
C GLY G 47 0.11 -38.40 -6.26
N ALA G 48 1.15 -37.82 -5.66
CA ALA G 48 2.03 -36.91 -6.38
C ALA G 48 3.07 -37.67 -7.17
N ALA G 49 3.81 -36.95 -8.00
CA ALA G 49 4.87 -37.57 -8.77
C ALA G 49 6.17 -37.45 -8.02
N ASP G 50 6.90 -38.55 -7.88
CA ASP G 50 8.20 -38.49 -7.22
C ASP G 50 9.11 -37.60 -8.03
N GLY G 51 9.79 -36.68 -7.35
CA GLY G 51 10.66 -35.75 -8.05
C GLY G 51 12.00 -36.34 -8.38
N GLY G 52 12.23 -37.58 -7.95
CA GLY G 52 13.52 -38.21 -8.20
C GLY G 52 14.61 -37.44 -7.51
N GLU G 53 15.62 -37.04 -8.27
CA GLU G 53 16.72 -36.28 -7.71
C GLU G 53 16.45 -34.78 -7.76
N GLU G 54 15.30 -34.39 -8.30
CA GLU G 54 14.95 -32.98 -8.33
C GLU G 54 13.56 -32.80 -7.75
N PRO G 55 13.42 -32.99 -6.44
CA PRO G 55 12.12 -32.83 -5.79
C PRO G 55 11.61 -31.40 -5.91
N TRP G 56 12.51 -30.44 -6.07
CA TRP G 56 12.13 -29.03 -6.14
C TRP G 56 11.23 -28.74 -7.33
N PHE G 57 11.34 -29.52 -8.39
CA PHE G 57 10.54 -29.28 -9.59
C PHE G 57 9.59 -30.43 -9.85
N ALA G 58 9.16 -31.10 -8.79
CA ALA G 58 8.26 -32.23 -8.92
C ALA G 58 6.91 -31.85 -9.51
N GLU G 59 6.42 -30.66 -9.18
CA GLU G 59 5.11 -30.24 -9.65
C GLU G 59 5.08 -30.12 -11.16
N ALA G 60 6.26 -30.10 -11.78
CA ALA G 60 6.34 -29.97 -13.24
C ALA G 60 6.31 -31.34 -13.91
N ILE G 61 6.21 -32.40 -13.12
CA ILE G 61 6.13 -33.74 -13.68
C ILE G 61 4.68 -34.11 -13.84
N SER G 62 4.22 -34.24 -15.09
CA SER G 62 2.81 -34.53 -15.32
C SER G 62 2.41 -35.94 -14.98
N THR G 63 1.22 -36.10 -14.42
CA THR G 63 0.71 -37.43 -14.10
C THR G 63 -0.71 -37.51 -14.59
N VAL G 64 -1.28 -36.38 -14.97
CA VAL G 64 -2.65 -36.35 -15.46
C VAL G 64 -2.65 -36.17 -16.97
N SER G 65 -3.19 -37.15 -17.69
CA SER G 65 -3.19 -37.09 -19.15
C SER G 65 -4.47 -37.66 -19.76
N LEU G 66 -4.59 -37.56 -21.08
CA LEU G 66 -5.78 -38.06 -21.76
C LEU G 66 -5.44 -39.19 -22.72
N ASP G 67 -6.02 -40.36 -22.51
CA ASP G 67 -5.81 -41.47 -23.43
C ASP G 67 -6.71 -41.30 -24.62
N LEU G 68 -6.14 -41.35 -25.82
CA LEU G 68 -6.93 -41.17 -27.02
C LEU G 68 -8.05 -42.19 -27.08
N GLN G 69 -7.73 -43.45 -26.74
CA GLN G 69 -8.75 -44.47 -26.72
C GLN G 69 -9.82 -44.11 -25.72
N LYS G 70 -9.42 -43.78 -24.50
CA LYS G 70 -10.38 -43.39 -23.48
C LYS G 70 -11.14 -42.16 -23.91
N ALA G 71 -10.50 -41.29 -24.68
CA ALA G 71 -11.15 -40.09 -25.15
C ALA G 71 -12.39 -40.44 -25.95
N ASP G 72 -12.29 -41.50 -26.76
CA ASP G 72 -13.42 -41.91 -27.55
C ASP G 72 -14.60 -42.26 -26.66
N GLU G 73 -14.33 -43.01 -25.60
CA GLU G 73 -15.40 -43.43 -24.70
C GLU G 73 -16.12 -42.24 -24.09
N THR G 74 -15.37 -41.25 -23.60
CA THR G 74 -15.99 -40.12 -22.94
C THR G 74 -16.87 -39.38 -23.94
N LEU G 75 -16.43 -39.31 -25.18
CA LEU G 75 -17.23 -38.65 -26.21
C LEU G 75 -18.55 -39.38 -26.37
N LYS G 76 -18.51 -40.70 -26.44
CA LYS G 76 -19.72 -41.47 -26.63
C LYS G 76 -20.66 -41.38 -25.44
N ALA G 77 -20.12 -41.52 -24.24
CA ALA G 77 -20.96 -41.52 -23.04
C ALA G 77 -21.67 -40.19 -22.84
N PHE G 78 -20.94 -39.09 -22.95
CA PHE G 78 -21.54 -37.78 -22.70
C PHE G 78 -22.52 -37.37 -23.79
N THR G 79 -22.43 -38.01 -24.95
CA THR G 79 -23.32 -37.68 -26.05
C THR G 79 -24.32 -38.79 -26.32
N LYS G 80 -24.48 -39.70 -25.37
CA LYS G 80 -25.39 -40.83 -25.55
C LYS G 80 -26.83 -40.38 -25.73
N ASP G 81 -27.28 -39.50 -24.87
CA ASP G 81 -28.67 -39.05 -24.94
C ASP G 81 -28.99 -38.36 -26.24
N ALA G 82 -28.07 -37.53 -26.73
CA ALA G 82 -28.29 -36.82 -27.98
C ALA G 82 -28.47 -37.83 -29.09
N ALA G 83 -27.62 -38.84 -29.12
CA ALA G 83 -27.72 -39.87 -30.15
C ALA G 83 -29.07 -40.54 -30.05
N ALA G 84 -29.52 -40.78 -28.82
CA ALA G 84 -30.81 -41.43 -28.63
C ALA G 84 -31.93 -40.61 -29.24
N PHE G 85 -31.95 -39.31 -28.92
CA PHE G 85 -32.99 -38.45 -29.47
C PHE G 85 -32.94 -38.48 -30.98
N LYS G 86 -31.75 -38.40 -31.54
CA LYS G 86 -31.61 -38.38 -32.98
C LYS G 86 -32.21 -39.61 -33.61
N ILE G 87 -31.80 -40.78 -33.13
CA ILE G 87 -32.28 -42.03 -33.73
C ILE G 87 -33.77 -42.19 -33.51
N GLU G 88 -34.26 -41.75 -32.37
CA GLU G 88 -35.68 -41.87 -32.08
C GLU G 88 -36.49 -41.15 -33.13
N GLU G 89 -36.12 -39.92 -33.45
CA GLU G 89 -36.83 -39.16 -34.46
C GLU G 89 -36.76 -39.85 -35.80
N PHE G 90 -35.59 -40.38 -36.13
CA PHE G 90 -35.43 -41.09 -37.39
C PHE G 90 -36.40 -42.25 -37.44
N ALA G 91 -36.56 -42.93 -36.31
CA ALA G 91 -37.49 -44.05 -36.24
C ALA G 91 -38.93 -43.60 -36.40
N ALA G 92 -39.26 -42.46 -35.81
CA ALA G 92 -40.62 -41.98 -35.85
C ALA G 92 -41.06 -41.71 -37.28
N GLU G 93 -40.14 -41.20 -38.10
CA GLU G 93 -40.50 -40.84 -39.47
C GLU G 93 -40.57 -42.04 -40.40
N LYS G 94 -41.21 -43.12 -39.96
CA LYS G 94 -41.38 -44.30 -40.82
C LYS G 94 -40.13 -44.66 -41.63
N PRO G 95 -39.15 -45.26 -40.95
CA PRO G 95 -37.92 -45.66 -41.65
C PRO G 95 -38.20 -46.79 -42.62
N TYR G 96 -37.50 -46.80 -43.74
CA TYR G 96 -37.67 -47.85 -44.72
C TYR G 96 -37.18 -49.18 -44.16
N GLY G 97 -38.07 -50.18 -44.11
CA GLY G 97 -37.68 -51.47 -43.62
C GLY G 97 -36.89 -51.37 -42.34
N PHE G 98 -37.43 -50.65 -41.36
CA PHE G 98 -36.72 -50.46 -40.10
C PHE G 98 -36.58 -51.75 -39.33
N THR G 99 -35.58 -51.82 -38.46
CA THR G 99 -35.38 -53.01 -37.65
C THR G 99 -35.45 -52.65 -36.18
N SER G 100 -34.30 -52.38 -35.57
CA SER G 100 -34.27 -51.98 -34.18
C SER G 100 -33.48 -50.69 -34.03
N SER G 101 -33.88 -49.86 -33.09
CA SER G 101 -33.19 -48.59 -32.88
C SER G 101 -31.70 -48.83 -32.87
N ASP G 102 -31.26 -49.73 -32.00
CA ASP G 102 -29.83 -49.99 -31.87
C ASP G 102 -29.27 -50.45 -33.20
N ALA G 103 -29.96 -51.37 -33.85
CA ALA G 103 -29.49 -51.86 -35.13
C ALA G 103 -29.34 -50.71 -36.08
N ALA G 104 -30.36 -49.87 -36.15
CA ALA G 104 -30.32 -48.73 -37.06
C ALA G 104 -29.12 -47.87 -36.72
N MET G 105 -28.91 -47.62 -35.44
CA MET G 105 -27.79 -46.81 -35.02
C MET G 105 -26.51 -47.37 -35.58
N GLU G 106 -26.27 -48.66 -35.37
CA GLU G 106 -25.04 -49.27 -35.83
C GLU G 106 -24.89 -49.11 -37.33
N GLU G 107 -25.96 -49.38 -38.07
CA GLU G 107 -25.90 -49.25 -39.51
C GLU G 107 -25.64 -47.81 -39.91
N LEU G 108 -26.38 -46.89 -39.32
CA LEU G 108 -26.22 -45.48 -39.67
C LEU G 108 -24.88 -44.92 -39.25
N VAL G 109 -24.31 -45.44 -38.18
CA VAL G 109 -23.02 -44.94 -37.70
C VAL G 109 -21.88 -45.73 -38.32
N GLY G 110 -22.17 -46.92 -38.84
CA GLY G 110 -21.14 -47.67 -39.51
C GLY G 110 -20.70 -46.76 -40.60
N LYS G 111 -21.66 -46.19 -41.33
CA LYS G 111 -21.32 -45.22 -42.33
C LYS G 111 -21.40 -43.87 -41.63
N LEU G 112 -20.88 -42.82 -42.23
CA LEU G 112 -21.03 -41.50 -41.63
C LEU G 112 -20.46 -41.44 -40.23
N GLY G 113 -19.54 -42.35 -39.89
CA GLY G 113 -18.92 -42.34 -38.58
C GLY G 113 -19.91 -42.12 -37.45
N TYR G 114 -19.46 -41.49 -36.37
CA TYR G 114 -20.35 -41.19 -35.26
C TYR G 114 -20.55 -39.69 -35.14
N SER G 115 -19.46 -38.94 -35.26
CA SER G 115 -19.55 -37.50 -35.18
C SER G 115 -20.47 -36.98 -36.27
N LYS G 116 -20.29 -37.47 -37.48
CA LYS G 116 -21.14 -37.06 -38.58
C LYS G 116 -22.59 -37.42 -38.27
N PHE G 117 -22.80 -38.58 -37.67
CA PHE G 117 -24.15 -39.00 -37.32
C PHE G 117 -24.81 -37.98 -36.39
N LEU G 118 -24.07 -37.52 -35.41
CA LEU G 118 -24.62 -36.57 -34.45
C LEU G 118 -24.96 -35.24 -35.10
N GLU G 119 -24.30 -34.91 -36.20
CA GLU G 119 -24.53 -33.61 -36.83
C GLU G 119 -25.41 -33.66 -38.07
N MET G 120 -26.20 -34.71 -38.21
CA MET G 120 -27.04 -34.85 -39.40
C MET G 120 -28.52 -34.77 -39.09
N SER G 121 -29.28 -34.09 -39.96
CA SER G 121 -30.71 -33.97 -39.75
C SER G 121 -31.41 -35.28 -40.03
N THR G 122 -32.57 -35.48 -39.43
CA THR G 122 -33.31 -36.72 -39.64
C THR G 122 -33.55 -36.93 -41.12
N LYS G 123 -33.79 -35.86 -41.86
CA LYS G 123 -34.03 -35.97 -43.29
C LYS G 123 -32.82 -36.56 -43.97
N GLN G 124 -31.64 -36.03 -43.68
CA GLN G 124 -30.43 -36.54 -44.27
C GLN G 124 -30.25 -38.00 -43.89
N LEU G 125 -30.55 -38.32 -42.64
CA LEU G 125 -30.40 -39.69 -42.18
C LEU G 125 -31.30 -40.61 -42.97
N MET G 126 -32.56 -40.21 -43.16
CA MET G 126 -33.50 -41.05 -43.90
C MET G 126 -33.00 -41.24 -45.32
N LYS G 127 -32.49 -40.18 -45.92
CA LYS G 127 -31.94 -40.29 -47.25
C LYS G 127 -30.80 -41.27 -47.23
N THR G 128 -29.95 -41.18 -46.21
CA THR G 128 -28.81 -42.07 -46.12
C THR G 128 -29.26 -43.51 -45.88
N TRP G 129 -30.31 -43.68 -45.10
CA TRP G 129 -30.76 -45.03 -44.78
C TRP G 129 -31.84 -45.51 -45.73
N GLY G 130 -31.97 -44.85 -46.88
CA GLY G 130 -32.93 -45.29 -47.86
C GLY G 130 -32.62 -46.72 -48.23
N THR G 131 -31.33 -47.04 -48.30
CA THR G 131 -30.91 -48.39 -48.64
C THR G 131 -31.01 -49.32 -47.43
N ALA H 1 5.96 0.43 42.13
CA ALA H 1 5.60 1.82 41.90
C ALA H 1 4.86 1.98 40.58
N ALA H 2 3.84 2.83 40.58
CA ALA H 2 3.06 3.03 39.36
C ALA H 2 3.88 3.70 38.28
N SER H 3 4.89 4.46 38.66
CA SER H 3 5.69 5.17 37.69
C SER H 3 6.40 4.23 36.72
N PHE H 4 6.62 3.00 37.13
CA PHE H 4 7.29 2.04 36.28
C PHE H 4 6.34 1.46 35.26
N LEU H 5 5.04 1.69 35.42
CA LEU H 5 4.06 1.08 34.52
C LEU H 5 4.22 1.46 33.05
N PRO H 6 4.52 2.71 32.75
CA PRO H 6 4.72 3.03 31.34
C PRO H 6 5.75 2.13 30.68
N SER H 7 6.81 1.76 31.38
CA SER H 7 7.88 0.96 30.79
C SER H 7 7.61 -0.54 30.84
N ILE H 8 6.51 -0.93 31.46
CA ILE H 8 6.18 -2.35 31.56
C ILE H 8 4.98 -2.67 30.69
N LEU H 9 4.11 -1.69 30.47
CA LEU H 9 2.90 -1.93 29.70
C LEU H 9 3.07 -1.63 28.22
N VAL H 10 3.73 -0.53 27.89
CA VAL H 10 3.88 -0.15 26.49
C VAL H 10 4.57 -1.22 25.67
N PRO H 11 5.63 -1.83 26.20
CA PRO H 11 6.22 -2.93 25.43
C PRO H 11 5.21 -4.00 25.13
N LEU H 12 4.34 -4.32 26.08
CA LEU H 12 3.33 -5.35 25.90
C LEU H 12 2.20 -4.96 24.95
N VAL H 13 1.66 -3.77 25.12
CA VAL H 13 0.55 -3.33 24.28
C VAL H 13 0.92 -3.14 22.83
N GLY H 14 2.12 -2.63 22.58
CA GLY H 14 2.52 -2.35 21.21
C GLY H 14 3.24 -3.46 20.48
N LEU H 15 3.63 -4.52 21.19
CA LEU H 15 4.38 -5.60 20.55
C LEU H 15 3.75 -6.96 20.79
N ILE H 16 3.62 -7.37 22.04
CA ILE H 16 3.07 -8.70 22.34
C ILE H 16 1.61 -8.82 21.95
N PHE H 17 0.80 -7.86 22.37
CA PHE H 17 -0.63 -7.92 22.07
C PHE H 17 -0.91 -7.96 20.57
N PRO H 18 -0.36 -7.01 19.81
CA PRO H 18 -0.71 -7.02 18.39
C PRO H 18 -0.31 -8.33 17.74
N ALA H 19 0.84 -8.88 18.11
CA ALA H 19 1.30 -10.11 17.50
C ALA H 19 0.33 -11.24 17.72
N PHE H 20 -0.03 -11.48 18.97
CA PHE H 20 -0.91 -12.59 19.28
C PHE H 20 -2.26 -12.41 18.59
N SER H 21 -2.75 -11.17 18.56
CA SER H 21 -4.02 -10.90 17.93
C SER H 21 -3.99 -11.25 16.46
N MET H 22 -2.93 -10.83 15.77
CA MET H 22 -2.81 -11.13 14.35
C MET H 22 -2.71 -12.62 14.12
N ALA H 23 -1.97 -13.31 14.98
CA ALA H 23 -1.83 -14.74 14.84
C ALA H 23 -3.18 -15.41 14.96
N LEU H 24 -3.97 -15.00 15.94
CA LEU H 24 -5.27 -15.61 16.15
C LEU H 24 -6.18 -15.38 14.96
N PHE H 25 -6.16 -14.18 14.40
CA PHE H 25 -6.99 -13.88 13.24
C PHE H 25 -6.60 -14.77 12.08
N PHE H 26 -5.31 -14.96 11.87
CA PHE H 26 -4.85 -15.82 10.79
C PHE H 26 -5.35 -17.23 10.99
N LEU H 27 -5.21 -17.76 12.20
CA LEU H 27 -5.64 -19.11 12.48
C LEU H 27 -7.14 -19.22 12.31
N TYR H 28 -7.87 -18.16 12.63
CA TYR H 28 -9.32 -18.17 12.50
C TYR H 28 -9.78 -18.13 11.05
N VAL H 29 -9.07 -17.39 10.21
CA VAL H 29 -9.48 -17.26 8.82
C VAL H 29 -8.93 -18.38 7.95
N GLN H 30 -7.97 -19.12 8.47
CA GLN H 30 -7.37 -20.21 7.71
C GLN H 30 -7.94 -21.56 8.11
N THR H 31 -8.90 -21.54 9.03
CA THR H 31 -9.50 -22.79 9.49
C THR H 31 -10.79 -23.08 8.76
N ASP H 32 -11.06 -24.35 8.51
CA ASP H 32 -12.29 -24.74 7.86
C ASP H 32 -13.16 -25.49 8.84
N ASP H 33 -14.01 -24.77 9.56
CA ASP H 33 -14.85 -25.39 10.57
C ASP H 33 -15.54 -26.61 10.02
N MET I 1 -14.24 26.38 -55.87
CA MET I 1 -14.76 27.46 -55.04
C MET I 1 -15.87 26.99 -54.11
N ASN I 2 -16.90 26.38 -54.68
CA ASN I 2 -18.01 25.91 -53.89
C ASN I 2 -17.48 24.98 -52.81
N ASP I 3 -16.64 24.03 -53.19
CA ASP I 3 -16.12 23.08 -52.23
C ASP I 3 -15.26 23.75 -51.16
N PHE I 4 -14.46 24.71 -51.58
CA PHE I 4 -13.61 25.42 -50.63
C PHE I 4 -14.47 26.19 -49.64
N GLN I 5 -15.54 26.79 -50.14
CA GLN I 5 -16.45 27.52 -49.27
C GLN I 5 -17.05 26.59 -48.25
N LYS I 6 -17.33 25.35 -48.65
CA LYS I 6 -17.85 24.38 -47.70
C LYS I 6 -16.82 24.09 -46.61
N TYR I 7 -15.56 23.94 -47.00
CA TYR I 7 -14.52 23.73 -46.01
C TYR I 7 -14.47 24.90 -45.06
N LEU I 8 -14.60 26.11 -45.60
CA LEU I 8 -14.57 27.30 -44.77
C LEU I 8 -15.82 27.39 -43.93
N SER I 9 -16.81 26.58 -44.26
CA SER I 9 -18.07 26.60 -43.51
C SER I 9 -18.07 25.53 -42.43
N THR I 10 -16.99 24.77 -42.32
CA THR I 10 -16.91 23.72 -41.31
C THR I 10 -16.90 24.34 -39.92
N ALA I 11 -17.35 23.58 -38.93
CA ALA I 11 -17.45 24.13 -37.59
C ALA I 11 -16.12 24.65 -37.05
N PRO I 12 -15.06 23.85 -37.13
CA PRO I 12 -13.83 24.34 -36.52
C PRO I 12 -13.39 25.66 -37.14
N VAL I 13 -13.38 25.75 -38.45
CA VAL I 13 -12.91 26.96 -39.12
C VAL I 13 -13.75 28.16 -38.72
N LEU I 14 -15.07 28.02 -38.76
CA LEU I 14 -15.95 29.14 -38.44
C LEU I 14 -15.76 29.62 -37.02
N LEU I 15 -15.60 28.70 -36.08
CA LEU I 15 -15.38 29.08 -34.70
C LEU I 15 -14.15 29.94 -34.59
N THR I 16 -13.05 29.51 -35.17
CA THR I 16 -11.80 30.25 -35.07
C THR I 16 -11.97 31.64 -35.61
N LEU I 17 -12.58 31.76 -36.79
CA LEU I 17 -12.77 33.08 -37.38
C LEU I 17 -13.64 33.94 -36.50
N TRP I 18 -14.75 33.40 -36.02
CA TRP I 18 -15.66 34.16 -35.20
C TRP I 18 -14.99 34.62 -33.92
N MET I 19 -14.28 33.71 -33.26
CA MET I 19 -13.62 34.05 -32.00
C MET I 19 -12.51 35.06 -32.23
N THR I 20 -11.79 34.94 -33.32
CA THR I 20 -10.76 35.91 -33.63
C THR I 20 -11.40 37.27 -33.80
N PHE I 21 -12.51 37.33 -34.50
CA PHE I 21 -13.21 38.58 -34.67
C PHE I 21 -13.69 39.12 -33.33
N THR I 22 -14.29 38.26 -32.52
CA THR I 22 -14.79 38.70 -31.22
C THR I 22 -13.64 39.19 -30.36
N ALA I 23 -12.57 38.42 -30.31
CA ALA I 23 -11.43 38.81 -29.50
C ALA I 23 -10.90 40.12 -29.98
N GLY I 24 -10.77 40.28 -31.29
CA GLY I 24 -10.24 41.50 -31.84
C GLY I 24 -11.05 42.70 -31.44
N PHE I 25 -12.37 42.62 -31.58
CA PHE I 25 -13.18 43.78 -31.29
C PHE I 25 -13.11 44.13 -29.81
N ILE I 26 -13.04 43.12 -28.95
CA ILE I 26 -12.90 43.39 -27.53
C ILE I 26 -11.58 44.09 -27.26
N ILE I 27 -10.51 43.60 -27.87
CA ILE I 27 -9.20 44.21 -27.68
C ILE I 27 -9.22 45.64 -28.17
N GLU I 28 -9.81 45.87 -29.33
CA GLU I 28 -9.86 47.21 -29.89
C GLU I 28 -10.63 48.17 -29.00
N VAL I 29 -11.74 47.70 -28.44
CA VAL I 29 -12.52 48.54 -27.54
C VAL I 29 -11.67 48.97 -26.35
N ASN I 30 -10.92 48.04 -25.79
CA ASN I 30 -10.07 48.36 -24.66
C ASN I 30 -8.93 49.29 -25.07
N ARG I 31 -8.50 49.20 -26.32
CA ARG I 31 -7.44 50.07 -26.80
C ARG I 31 -7.90 51.52 -26.81
N PHE I 32 -9.15 51.75 -27.18
CA PHE I 32 -9.64 53.12 -27.28
C PHE I 32 -10.40 53.57 -26.04
N PHE I 33 -10.99 52.64 -25.31
CA PHE I 33 -11.69 52.97 -24.08
C PHE I 33 -11.10 52.12 -22.99
N PRO I 34 -9.95 52.52 -22.44
CA PRO I 34 -9.31 51.61 -21.49
C PRO I 34 -9.56 51.79 -20.00
N ASP I 35 -9.28 50.76 -19.20
CA ASP I 35 -9.35 50.87 -17.73
C ASP I 35 -10.71 51.01 -17.05
N MET I 36 -11.79 50.59 -17.71
CA MET I 36 -13.15 50.75 -17.16
C MET I 36 -13.65 49.68 -16.19
N LEU I 37 -14.05 50.07 -14.99
CA LEU I 37 -14.61 49.13 -14.01
C LEU I 37 -16.10 49.36 -13.84
N GLY I 38 -16.64 50.31 -14.58
CA GLY I 38 -18.07 50.57 -14.52
C GLY I 38 -18.38 51.43 -15.72
N LEU I 39 -19.65 51.67 -15.99
CA LEU I 39 -19.98 52.57 -17.07
C LEU I 39 -19.70 53.95 -16.54
N TYR I 40 -18.44 54.23 -16.23
CA TYR I 40 -18.06 55.51 -15.65
C TYR I 40 -18.70 55.67 -14.26
N ALA J 1 23.58 -26.48 -31.31
CA ALA J 1 23.44 -26.86 -29.91
C ALA J 1 22.43 -25.99 -29.23
N ASN J 2 21.49 -26.59 -28.51
CA ASN J 2 20.52 -25.81 -27.77
C ASN J 2 20.67 -26.11 -26.29
N PHE J 3 20.94 -25.09 -25.50
CA PHE J 3 21.13 -25.29 -24.08
C PHE J 3 19.83 -25.04 -23.30
N ILE J 4 18.74 -24.79 -24.00
CA ILE J 4 17.45 -24.62 -23.34
C ILE J 4 16.44 -25.58 -23.95
N LYS J 5 15.88 -26.46 -23.15
CA LYS J 5 14.92 -27.44 -23.65
C LYS J 5 13.69 -27.49 -22.77
N PRO J 6 12.58 -28.01 -23.30
CA PRO J 6 11.37 -28.13 -22.49
C PRO J 6 11.63 -28.98 -21.25
N TYR J 7 11.09 -28.60 -20.11
CA TYR J 7 11.36 -29.33 -18.88
C TYR J 7 10.71 -30.69 -18.88
N ASN J 8 11.46 -31.71 -18.48
CA ASN J 8 10.91 -33.06 -18.43
C ASN J 8 10.38 -33.46 -19.78
N ASP J 9 10.89 -32.84 -20.83
CA ASP J 9 10.43 -33.17 -22.18
C ASP J 9 8.94 -32.96 -22.33
N ASP J 10 8.36 -32.06 -21.53
CA ASP J 10 6.95 -31.74 -21.69
C ASP J 10 6.89 -30.37 -22.31
N PRO J 11 6.51 -30.29 -23.58
CA PRO J 11 6.53 -28.99 -24.26
C PRO J 11 5.49 -28.05 -23.73
N PHE J 12 4.56 -28.52 -22.90
CA PHE J 12 3.47 -27.67 -22.46
C PHE J 12 3.48 -27.30 -20.98
N VAL J 13 4.46 -27.79 -20.22
CA VAL J 13 4.56 -27.40 -18.83
C VAL J 13 5.14 -25.99 -18.75
N GLY J 14 4.78 -25.24 -17.72
CA GLY J 14 5.27 -23.89 -17.58
C GLY J 14 6.64 -23.82 -16.94
N HIS J 15 7.64 -24.43 -17.57
CA HIS J 15 8.99 -24.41 -17.03
C HIS J 15 9.96 -24.82 -18.12
N LEU J 16 11.21 -24.43 -17.99
CA LEU J 16 12.20 -24.76 -19.00
C LEU J 16 13.48 -25.29 -18.37
N ALA J 17 14.17 -26.16 -19.06
CA ALA J 17 15.42 -26.72 -18.56
C ALA J 17 16.59 -25.89 -19.02
N THR J 18 16.88 -24.82 -18.28
CA THR J 18 18.00 -23.96 -18.63
C THR J 18 19.22 -24.41 -17.87
N PRO J 19 20.39 -23.90 -18.26
CA PRO J 19 21.60 -24.24 -17.52
C PRO J 19 21.45 -23.89 -16.04
N ILE J 20 20.83 -22.77 -15.72
CA ILE J 20 20.63 -22.38 -14.34
C ILE J 20 19.69 -23.34 -13.63
N THR J 21 18.58 -23.69 -14.27
CA THR J 21 17.61 -24.57 -13.63
C THR J 21 18.10 -25.99 -13.48
N SER J 22 18.76 -26.52 -14.49
CA SER J 22 19.17 -27.92 -14.44
C SER J 22 20.61 -28.16 -14.82
N SER J 23 21.55 -27.73 -13.98
CA SER J 23 22.96 -27.99 -14.23
C SER J 23 23.47 -28.86 -13.13
N SER J 24 24.57 -29.57 -13.37
CA SER J 24 25.10 -30.45 -12.37
C SER J 24 25.33 -29.69 -11.09
N LEU J 25 25.80 -28.46 -11.21
CA LEU J 25 26.07 -27.64 -10.04
C LEU J 25 24.80 -27.40 -9.24
N THR J 26 23.75 -26.96 -9.91
CA THR J 26 22.51 -26.66 -9.20
C THR J 26 21.92 -27.93 -8.61
N ARG J 27 21.91 -29.00 -9.40
CA ARG J 27 21.36 -30.24 -8.92
C ARG J 27 22.11 -30.71 -7.69
N ALA J 28 23.43 -30.67 -7.75
CA ALA J 28 24.23 -31.16 -6.63
C ALA J 28 23.98 -30.33 -5.38
N LEU J 29 24.01 -29.03 -5.51
CA LEU J 29 23.84 -28.16 -4.35
C LEU J 29 22.49 -28.38 -3.72
N LEU J 30 21.44 -28.43 -4.52
CA LEU J 30 20.09 -28.56 -3.97
C LEU J 30 19.84 -29.93 -3.35
N LYS J 31 20.44 -30.96 -3.92
CA LYS J 31 20.24 -32.31 -3.41
C LYS J 31 20.82 -32.47 -2.02
N ASN J 32 21.92 -31.80 -1.74
CA ASN J 32 22.59 -31.98 -0.46
C ASN J 32 22.24 -30.91 0.57
N LEU J 33 21.38 -29.97 0.21
CA LEU J 33 20.95 -28.98 1.19
C LEU J 33 20.09 -29.67 2.23
N PRO J 34 20.12 -29.17 3.47
CA PRO J 34 19.39 -29.86 4.55
C PRO J 34 17.92 -30.03 4.23
N ALA J 35 17.32 -29.09 3.53
CA ALA J 35 15.90 -29.14 3.24
C ALA J 35 15.51 -30.32 2.38
N TYR J 36 16.32 -30.65 1.38
CA TYR J 36 15.96 -31.71 0.45
C TYR J 36 16.84 -32.95 0.56
N ARG J 37 17.84 -32.92 1.42
CA ARG J 37 18.77 -34.05 1.52
C ARG J 37 18.06 -35.31 1.96
N PHE J 38 18.61 -36.46 1.59
CA PHE J 38 17.98 -37.73 1.92
C PHE J 38 18.48 -38.31 3.23
N GLY J 39 17.56 -38.79 4.07
CA GLY J 39 17.96 -39.43 5.30
C GLY J 39 17.83 -38.60 6.56
N LEU J 40 17.84 -37.28 6.41
CA LEU J 40 17.76 -36.41 7.58
C LEU J 40 16.39 -36.50 8.20
N THR J 41 16.34 -36.51 9.53
CA THR J 41 15.07 -36.54 10.23
C THR J 41 14.54 -35.13 10.34
N PRO J 42 13.25 -34.97 10.63
CA PRO J 42 12.70 -33.62 10.65
C PRO J 42 13.49 -32.72 11.60
N LEU J 43 13.82 -33.22 12.78
CA LEU J 43 14.55 -32.42 13.76
C LEU J 43 15.89 -31.98 13.23
N LEU J 44 16.65 -32.91 12.66
CA LEU J 44 17.97 -32.58 12.15
C LEU J 44 17.90 -31.58 11.00
N ARG J 45 16.88 -31.70 10.16
CA ARG J 45 16.73 -30.76 9.07
C ARG J 45 16.57 -29.36 9.63
N GLY J 46 15.70 -29.20 10.62
CA GLY J 46 15.52 -27.90 11.24
C GLY J 46 16.79 -27.41 11.90
N LEU J 47 17.48 -28.31 12.59
CA LEU J 47 18.68 -27.91 13.29
C LEU J 47 19.70 -27.32 12.33
N GLU J 48 19.96 -28.00 11.23
CA GLU J 48 20.99 -27.52 10.31
C GLU J 48 20.58 -26.17 9.76
N ILE J 49 19.31 -26.03 9.39
CA ILE J 49 18.86 -24.78 8.82
C ILE J 49 19.00 -23.67 9.83
N GLY J 50 18.65 -23.95 11.08
CA GLY J 50 18.75 -22.94 12.11
C GLY J 50 20.17 -22.53 12.41
N LEU J 51 21.07 -23.51 12.48
CA LEU J 51 22.46 -23.23 12.77
C LEU J 51 23.00 -22.29 11.72
N ALA J 52 22.60 -22.49 10.48
CA ALA J 52 23.09 -21.67 9.40
C ALA J 52 22.56 -20.24 9.46
N HIS J 53 21.26 -20.09 9.69
CA HIS J 53 20.67 -18.75 9.65
C HIS J 53 20.97 -17.87 10.88
N GLY J 54 21.14 -18.49 12.04
CA GLY J 54 21.45 -17.72 13.23
C GLY J 54 22.81 -17.07 13.24
N TYR J 55 23.81 -17.75 12.68
CA TYR J 55 25.17 -17.24 12.70
C TYR J 55 25.34 -15.96 11.93
N PHE J 56 24.64 -15.80 10.82
CA PHE J 56 24.83 -14.61 10.00
C PHE J 56 23.93 -13.46 10.41
N LEU J 57 22.95 -13.72 11.26
CA LEU J 57 22.00 -12.67 11.64
C LEU J 57 22.52 -11.74 12.73
N ILE J 58 23.43 -12.23 13.56
CA ILE J 58 23.95 -11.40 14.65
C ILE J 58 24.74 -10.23 14.10
N GLY J 59 25.33 -10.41 12.93
CA GLY J 59 26.14 -9.35 12.34
C GLY J 59 25.41 -8.05 12.12
N PRO J 60 24.34 -8.07 11.31
CA PRO J 60 23.66 -6.82 10.99
C PRO J 60 23.30 -6.04 12.25
N PHE J 61 22.74 -6.70 13.25
CA PHE J 61 22.36 -6.03 14.49
C PHE J 61 23.55 -5.49 15.25
N ALA J 62 24.59 -6.31 15.39
CA ALA J 62 25.76 -5.91 16.17
C ALA J 62 26.52 -4.73 15.60
N GLN J 63 26.64 -4.65 14.29
CA GLN J 63 27.45 -3.59 13.70
C GLN J 63 26.68 -2.36 13.23
N LEU J 64 25.37 -2.43 13.17
CA LEU J 64 24.59 -1.30 12.67
C LEU J 64 23.42 -0.93 13.56
N GLY J 65 23.33 -1.54 14.74
CA GLY J 65 22.21 -1.29 15.62
C GLY J 65 22.30 -0.02 16.42
N PRO J 66 21.25 0.29 17.18
CA PRO J 66 21.22 1.53 17.98
C PRO J 66 22.39 1.65 18.94
N LEU J 67 22.82 0.55 19.55
CA LEU J 67 23.88 0.60 20.53
C LEU J 67 25.16 0.00 19.99
N ARG J 68 25.43 0.19 18.72
CA ARG J 68 26.62 -0.39 18.09
C ARG J 68 27.91 0.11 18.71
N ASN J 69 27.98 1.38 19.03
CA ASN J 69 29.22 1.95 19.56
C ASN J 69 29.35 1.77 21.06
N SER J 70 28.33 1.21 21.70
CA SER J 70 28.38 0.98 23.13
C SER J 70 29.19 -0.26 23.44
N ASP J 71 29.77 -0.31 24.63
CA ASP J 71 30.56 -1.47 25.02
C ASP J 71 29.70 -2.72 25.10
N ILE J 72 28.40 -2.54 25.32
CA ILE J 72 27.49 -3.67 25.40
C ILE J 72 26.80 -3.91 24.06
N GLY J 73 27.39 -3.41 22.98
CA GLY J 73 26.78 -3.55 21.67
C GLY J 73 26.59 -4.97 21.21
N LEU J 74 27.61 -5.81 21.38
CA LEU J 74 27.51 -7.19 20.95
C LEU J 74 26.44 -7.92 21.74
N LEU J 75 26.36 -7.65 23.03
CA LEU J 75 25.34 -8.28 23.85
C LEU J 75 23.98 -7.87 23.35
N ALA J 76 23.80 -6.60 23.06
CA ALA J 76 22.53 -6.12 22.55
C ALA J 76 22.21 -6.78 21.23
N GLY J 77 23.22 -6.95 20.38
CA GLY J 77 23.01 -7.58 19.11
C GLY J 77 22.49 -8.99 19.29
N PHE J 78 23.07 -9.71 20.25
CA PHE J 78 22.63 -11.07 20.50
C PHE J 78 21.16 -11.07 20.89
N LEU J 79 20.77 -10.18 21.78
CA LEU J 79 19.39 -10.16 22.25
C LEU J 79 18.47 -9.87 21.09
N SER J 80 18.86 -8.95 20.22
CA SER J 80 18.02 -8.61 19.08
C SER J 80 17.83 -9.80 18.19
N THR J 81 18.88 -10.57 17.96
CA THR J 81 18.79 -11.74 17.10
C THR J 81 17.83 -12.74 17.69
N ILE J 82 17.91 -12.95 19.00
CA ILE J 82 17.03 -13.90 19.65
C ILE J 82 15.59 -13.47 19.46
N GLY J 83 15.34 -12.17 19.52
CA GLY J 83 14.01 -11.65 19.31
C GLY J 83 13.50 -11.98 17.93
N LEU J 84 14.35 -11.78 16.93
CA LEU J 84 13.95 -12.06 15.55
C LEU J 84 13.67 -13.55 15.37
N ILE J 85 14.48 -14.39 16.00
CA ILE J 85 14.27 -15.82 15.90
C ILE J 85 12.92 -16.20 16.47
N LEU J 86 12.54 -15.55 17.56
CA LEU J 86 11.24 -15.84 18.17
C LEU J 86 10.11 -15.49 17.22
N ILE J 87 10.22 -14.35 16.55
CA ILE J 87 9.19 -13.95 15.61
C ILE J 87 9.07 -14.97 14.49
N LEU J 88 10.21 -15.38 13.95
CA LEU J 88 10.20 -16.36 12.86
C LEU J 88 9.63 -17.69 13.33
N THR J 89 9.93 -18.07 14.57
CA THR J 89 9.41 -19.31 15.11
C THR J 89 7.90 -19.27 15.26
N LEU J 90 7.37 -18.11 15.65
CA LEU J 90 5.92 -17.98 15.74
C LEU J 90 5.33 -18.23 14.39
N GLY J 91 5.94 -17.66 13.36
CA GLY J 91 5.44 -17.85 12.01
C GLY J 91 5.42 -19.31 11.63
N LEU J 92 6.49 -20.03 11.91
CA LEU J 92 6.55 -21.44 11.57
C LEU J 92 5.44 -22.20 12.26
N THR J 93 5.22 -21.92 13.54
CA THR J 93 4.18 -22.60 14.28
C THR J 93 2.83 -22.36 13.65
N ILE J 94 2.51 -21.10 13.39
CA ILE J 94 1.23 -20.75 12.81
C ILE J 94 1.03 -21.38 11.43
N TYR J 95 2.07 -21.40 10.62
CA TYR J 95 1.97 -21.97 9.28
C TYR J 95 1.60 -23.41 9.38
N GLY J 96 2.26 -24.14 10.28
CA GLY J 96 2.01 -25.55 10.40
C GLY J 96 0.58 -25.79 10.77
N ALA J 97 0.05 -25.03 11.71
CA ALA J 97 -1.30 -25.25 12.16
C ALA J 97 -2.26 -25.13 11.01
N ALA J 98 -2.12 -24.08 10.21
CA ALA J 98 -3.04 -23.85 9.11
C ALA J 98 -2.85 -24.82 7.98
N ALA J 99 -1.60 -25.08 7.61
CA ALA J 99 -1.34 -25.95 6.46
C ALA J 99 -1.60 -27.42 6.71
N PHE J 100 -1.29 -27.91 7.91
CA PHE J 100 -1.40 -29.34 8.16
C PHE J 100 -2.62 -29.75 8.98
N GLY J 101 -3.07 -28.92 9.90
CA GLY J 101 -4.27 -29.24 10.65
C GLY J 101 -4.06 -29.58 12.11
N GLN J 102 -4.67 -30.66 12.59
CA GLN J 102 -4.56 -31.04 14.01
C GLN J 102 -4.13 -32.47 14.33
N GLU J 103 -4.50 -33.45 13.50
CA GLU J 103 -4.02 -34.82 13.72
C GLU J 103 -3.40 -35.44 12.47
N LYS J 104 -2.25 -36.10 12.61
CA LYS J 104 -1.56 -36.63 11.41
C LYS J 104 -1.28 -38.11 11.50
N SER J 105 -0.87 -38.71 10.39
CA SER J 105 -0.68 -40.16 10.38
C SER J 105 0.56 -40.60 9.64
N ASN J 106 0.74 -40.12 8.41
CA ASN J 106 1.87 -40.57 7.60
C ASN J 106 3.15 -40.65 8.40
N GLY J 107 3.57 -39.53 8.97
CA GLY J 107 4.78 -39.52 9.76
C GLY J 107 5.99 -39.42 8.87
N SER J 108 7.07 -38.85 9.39
CA SER J 108 8.30 -38.75 8.62
C SER J 108 8.04 -38.25 7.21
N GLU J 109 7.38 -37.11 7.12
CA GLU J 109 7.13 -36.50 5.85
C GLU J 109 7.13 -35.08 6.32
N LEU J 110 8.14 -34.30 5.94
CA LEU J 110 8.24 -32.95 6.47
C LEU J 110 6.89 -32.25 6.37
N GLN J 111 6.04 -32.69 5.45
CA GLN J 111 4.76 -32.05 5.26
C GLN J 111 3.62 -32.62 6.10
N THR J 112 3.86 -32.89 7.38
CA THR J 112 2.80 -33.34 8.26
C THR J 112 2.90 -32.55 9.55
N LYS J 113 1.86 -32.55 10.36
CA LYS J 113 1.87 -31.74 11.57
C LYS J 113 3.00 -32.12 12.50
N LYS J 114 3.13 -33.41 12.79
CA LYS J 114 4.14 -33.84 13.75
C LYS J 114 5.53 -33.48 13.25
N SER J 115 5.80 -33.82 12.00
CA SER J 115 7.12 -33.56 11.44
C SER J 115 7.39 -32.07 11.47
N TRP J 116 6.41 -31.26 11.14
CA TRP J 116 6.62 -29.83 11.09
C TRP J 116 6.97 -29.30 12.47
N ASP J 117 6.28 -29.78 13.49
CA ASP J 117 6.54 -29.33 14.84
C ASP J 117 7.97 -29.65 15.22
N GLN J 118 8.43 -30.84 14.88
CA GLN J 118 9.80 -31.23 15.18
C GLN J 118 10.75 -30.32 14.43
N PHE J 119 10.44 -30.04 13.17
CA PHE J 119 11.28 -29.18 12.37
C PHE J 119 11.40 -27.81 13.01
N LYS J 120 10.28 -27.26 13.44
CA LYS J 120 10.29 -25.95 14.06
C LYS J 120 11.16 -25.94 15.29
N GLY J 121 11.03 -26.97 16.12
CA GLY J 121 11.80 -27.02 17.35
C GLY J 121 13.28 -27.01 17.05
N GLY J 122 13.68 -27.78 16.06
CA GLY J 122 15.08 -27.83 15.70
C GLY J 122 15.58 -26.47 15.29
N PHE J 123 14.79 -25.76 14.49
CA PHE J 123 15.18 -24.44 14.04
C PHE J 123 15.46 -23.54 15.21
N PHE J 124 14.58 -23.53 16.20
CA PHE J 124 14.75 -22.64 17.33
C PHE J 124 16.05 -22.93 18.06
N VAL J 125 16.28 -24.19 18.39
CA VAL J 125 17.48 -24.53 19.13
C VAL J 125 18.71 -24.16 18.33
N GLY J 126 18.75 -24.56 17.07
CA GLY J 126 19.91 -24.28 16.24
C GLY J 126 20.16 -22.81 16.09
N ALA J 127 19.10 -22.05 15.80
CA ALA J 127 19.27 -20.62 15.58
C ALA J 127 19.80 -19.91 16.81
N CYS J 128 19.18 -20.15 17.95
CA CYS J 128 19.61 -19.46 19.16
C CYS J 128 21.03 -19.86 19.53
N GLY J 129 21.33 -21.15 19.44
CA GLY J 129 22.67 -21.60 19.74
C GLY J 129 23.69 -21.05 18.78
N SER J 130 23.35 -20.99 17.50
CA SER J 130 24.27 -20.48 16.52
C SER J 130 24.57 -19.03 16.79
N ALA J 131 23.57 -18.27 17.19
CA ALA J 131 23.76 -16.87 17.50
C ALA J 131 24.70 -16.74 18.67
N GLY J 132 24.55 -17.63 19.64
CA GLY J 132 25.44 -17.62 20.79
C GLY J 132 26.86 -17.92 20.39
N PHE J 133 27.03 -18.84 19.46
CA PHE J 133 28.36 -19.18 18.99
C PHE J 133 29.01 -17.98 18.37
N ALA J 134 28.24 -17.23 17.59
CA ALA J 134 28.78 -16.04 16.95
C ALA J 134 29.18 -15.02 18.00
N PHE J 135 28.41 -14.94 19.08
CA PHE J 135 28.75 -14.03 20.16
C PHE J 135 30.12 -14.38 20.71
N ILE J 136 30.35 -15.65 20.97
CA ILE J 136 31.63 -16.08 21.49
C ILE J 136 32.74 -15.79 20.50
N CYS J 137 32.49 -16.05 19.23
CA CYS J 137 33.50 -15.82 18.21
C CYS J 137 33.81 -14.35 18.03
N LEU J 138 32.78 -13.52 18.03
CA LEU J 138 32.98 -12.09 17.79
C LEU J 138 33.52 -11.38 19.03
N SER J 139 33.54 -12.08 20.16
CA SER J 139 34.07 -11.49 21.37
C SER J 139 35.55 -11.19 21.19
N SER J 140 36.29 -12.11 20.58
CA SER J 140 37.70 -11.88 20.30
C SER J 140 38.03 -12.31 18.89
N ILE J 141 38.36 -11.36 18.02
CA ILE J 141 38.61 -11.69 16.63
C ILE J 141 40.09 -11.92 16.35
N PRO J 142 40.42 -13.05 15.73
CA PRO J 142 41.82 -13.39 15.45
C PRO J 142 42.39 -12.59 14.30
N THR J 143 43.66 -12.21 14.40
CA THR J 143 44.31 -11.47 13.32
C THR J 143 45.09 -12.41 12.43
N PHE J 144 45.21 -13.66 12.83
CA PHE J 144 45.92 -14.65 12.02
C PHE J 144 47.26 -14.12 11.57
N ALA J 145 48.01 -13.55 12.51
CA ALA J 145 49.33 -13.00 12.17
C ALA J 145 50.44 -13.73 12.90
N LEU J 146 51.48 -14.12 12.16
CA LEU J 146 52.61 -14.82 12.76
C LEU J 146 53.75 -13.85 13.06
N MET K 1 -2.53 13.91 44.60
CA MET K 1 -1.76 13.10 43.67
C MET K 1 -2.27 11.68 43.64
N ILE K 2 -2.61 11.19 42.45
CA ILE K 2 -3.11 9.84 42.34
C ILE K 2 -2.11 8.88 42.93
N THR K 3 -2.50 8.16 43.97
CA THR K 3 -1.58 7.23 44.62
C THR K 3 -1.48 5.95 43.83
N ASP K 4 -0.46 5.15 44.13
CA ASP K 4 -0.28 3.89 43.43
C ASP K 4 -1.49 3.01 43.61
N PHE K 5 -2.00 2.95 44.83
CA PHE K 5 -3.16 2.15 45.10
C PHE K 5 -4.31 2.57 44.22
N GLN K 6 -4.50 3.87 44.07
CA GLN K 6 -5.57 4.37 43.23
C GLN K 6 -5.38 3.91 41.79
N VAL K 7 -4.16 3.99 41.29
CA VAL K 7 -3.89 3.55 39.92
C VAL K 7 -4.18 2.07 39.78
N TYR K 8 -3.77 1.29 40.77
CA TYR K 8 -3.99 -0.15 40.71
C TYR K 8 -5.47 -0.47 40.74
N ILE K 9 -6.24 0.27 41.53
CA ILE K 9 -7.68 0.06 41.57
C ILE K 9 -8.27 0.28 40.19
N ALA K 10 -7.84 1.33 39.52
CA ALA K 10 -8.36 1.62 38.20
C ALA K 10 -8.09 0.46 37.27
N LEU K 11 -6.89 -0.08 37.33
CA LEU K 11 -6.52 -1.19 36.45
C LEU K 11 -7.41 -2.39 36.69
N MET K 12 -7.73 -2.66 37.94
CA MET K 12 -8.62 -3.78 38.25
C MET K 12 -9.97 -3.57 37.61
N ALA K 13 -10.49 -2.35 37.67
CA ALA K 13 -11.77 -2.05 37.06
C ALA K 13 -11.72 -2.29 35.57
N ALA K 14 -10.63 -1.86 34.94
CA ALA K 14 -10.50 -2.05 33.51
C ALA K 14 -10.57 -3.52 33.15
N LEU K 15 -9.95 -4.37 33.96
CA LEU K 15 -9.94 -5.79 33.68
C LEU K 15 -11.36 -6.33 33.63
N LEU K 16 -12.19 -5.87 34.55
CA LEU K 16 -13.57 -6.32 34.58
C LEU K 16 -14.25 -5.95 33.29
N ALA K 17 -14.01 -4.74 32.82
CA ALA K 17 -14.59 -4.29 31.58
C ALA K 17 -14.15 -5.19 30.44
N SER K 18 -12.87 -5.56 30.43
CA SER K 18 -12.35 -6.39 29.36
C SER K 18 -13.05 -7.73 29.31
N VAL K 19 -13.17 -8.39 30.44
CA VAL K 19 -13.78 -9.72 30.46
C VAL K 19 -15.25 -9.62 30.06
N LEU K 20 -15.91 -8.54 30.46
CA LEU K 20 -17.31 -8.36 30.11
C LEU K 20 -17.45 -7.97 28.66
N ALA K 21 -16.37 -7.46 28.07
CA ALA K 21 -16.40 -7.08 26.66
C ALA K 21 -16.26 -8.29 25.77
N ILE K 22 -15.38 -9.20 26.15
CA ILE K 22 -15.20 -10.41 25.37
C ILE K 22 -16.53 -11.14 25.29
N ARG K 23 -17.25 -11.21 26.40
CA ARG K 23 -18.51 -11.92 26.42
C ARG K 23 -19.49 -11.29 25.46
N LEU K 24 -19.61 -9.96 25.50
CA LEU K 24 -20.57 -9.28 24.64
C LEU K 24 -20.21 -9.55 23.19
N GLY K 25 -18.93 -9.50 22.87
CA GLY K 25 -18.50 -9.77 21.51
C GLY K 25 -18.83 -11.17 21.11
N ALA K 26 -18.63 -12.12 22.02
CA ALA K 26 -18.87 -13.51 21.69
C ALA K 26 -20.36 -13.82 21.65
N THR K 27 -21.16 -12.98 22.28
CA THR K 27 -22.60 -13.18 22.29
C THR K 27 -23.18 -12.60 21.02
N LEU K 28 -22.54 -11.57 20.48
CA LEU K 28 -23.00 -10.98 19.24
C LEU K 28 -22.59 -11.85 18.08
N TYR K 29 -21.62 -12.72 18.29
CA TYR K 29 -21.12 -13.58 17.23
C TYR K 29 -22.08 -14.73 16.95
N ASP L 1 -57.83 6.46 6.74
CA ASP L 1 -58.58 6.98 7.87
C ASP L 1 -58.67 8.48 7.80
N MET L 2 -57.57 9.16 8.09
CA MET L 2 -57.58 10.62 8.07
C MET L 2 -57.34 11.14 6.67
N THR L 3 -57.00 10.25 5.74
CA THR L 3 -56.79 10.67 4.37
C THR L 3 -58.05 11.30 3.83
N TRP L 4 -57.93 12.44 3.18
CA TRP L 4 -59.10 13.14 2.68
C TRP L 4 -58.86 13.70 1.29
N GLU L 5 -59.94 13.94 0.55
CA GLU L 5 -59.81 14.50 -0.79
C GLU L 5 -60.86 15.56 -1.02
N GLY L 6 -60.56 16.51 -1.88
CA GLY L 6 -61.51 17.56 -2.18
C GLY L 6 -61.00 18.94 -1.86
N GLU L 7 -61.89 19.82 -1.41
CA GLU L 7 -61.51 21.19 -1.11
C GLU L 7 -61.58 21.49 0.38
N TYR L 8 -62.10 20.56 1.17
CA TYR L 8 -62.14 20.76 2.61
C TYR L 8 -61.99 19.44 3.35
N PRO L 9 -61.26 19.47 4.48
CA PRO L 9 -61.04 18.25 5.26
C PRO L 9 -62.28 17.83 6.03
N PRO L 10 -62.37 16.55 6.41
CA PRO L 10 -63.49 16.08 7.22
C PRO L 10 -63.35 16.53 8.66
N SER L 11 -64.44 16.54 9.42
CA SER L 11 -64.40 17.03 10.80
C SER L 11 -63.60 16.13 11.72
N LYS L 12 -63.41 14.87 11.34
CA LYS L 12 -62.67 13.94 12.17
C LYS L 12 -61.26 14.42 12.43
N VAL L 13 -60.73 15.25 11.52
CA VAL L 13 -59.35 15.71 11.66
C VAL L 13 -59.22 16.76 12.74
N LEU L 14 -60.33 17.31 13.22
CA LEU L 14 -60.27 18.37 14.22
C LEU L 14 -60.23 17.81 15.64
N GLY L 15 -60.13 16.48 15.76
CA GLY L 15 -60.02 15.89 17.07
C GLY L 15 -61.30 15.24 17.57
N PRO L 16 -61.31 14.84 18.85
CA PRO L 16 -62.47 14.17 19.42
C PRO L 16 -63.48 15.12 20.05
N ILE L 17 -63.13 16.40 20.19
CA ILE L 17 -64.02 17.35 20.84
C ILE L 17 -64.47 18.45 19.90
N MET L 18 -63.51 19.15 19.30
CA MET L 18 -63.85 20.24 18.40
C MET L 18 -64.62 19.75 17.18
N SER L 19 -64.54 18.46 16.90
CA SER L 19 -65.24 17.90 15.75
C SER L 19 -66.74 17.97 15.94
N LYS L 20 -67.16 18.33 17.15
CA LYS L 20 -68.58 18.41 17.44
C LYS L 20 -69.01 19.83 17.73
N MET L 21 -68.07 20.76 17.73
CA MET L 21 -68.38 22.15 18.05
C MET L 21 -68.89 22.90 16.84
N PRO L 22 -69.78 23.87 17.06
CA PRO L 22 -70.32 24.66 15.95
C PRO L 22 -69.29 25.64 15.40
N SER L 23 -69.41 26.01 14.13
CA SER L 23 -68.44 26.92 13.52
C SER L 23 -68.41 28.28 14.19
N GLY L 24 -69.57 28.83 14.49
CA GLY L 24 -69.64 30.14 15.10
C GLY L 24 -68.95 30.21 16.44
N LEU L 25 -69.15 29.20 17.28
CA LEU L 25 -68.54 29.18 18.59
C LEU L 25 -67.03 29.23 18.46
N LEU L 26 -66.50 28.44 17.55
CA LEU L 26 -65.06 28.40 17.37
C LEU L 26 -64.56 29.77 16.94
N ALA L 27 -65.31 30.44 16.08
CA ALA L 27 -64.94 31.76 15.62
C ALA L 27 -64.88 32.75 16.78
N ILE L 28 -65.90 32.70 17.64
CA ILE L 28 -65.93 33.60 18.78
C ILE L 28 -64.70 33.35 19.63
N ILE L 29 -64.41 32.09 19.91
CA ILE L 29 -63.27 31.75 20.73
C ILE L 29 -61.99 32.25 20.08
N SER L 30 -61.88 32.10 18.77
CA SER L 30 -60.67 32.51 18.07
C SER L 30 -60.43 33.99 18.25
N MET L 31 -61.46 34.78 18.03
CA MET L 31 -61.30 36.23 18.12
C MET L 31 -60.92 36.62 19.53
N ALA L 32 -61.58 36.03 20.52
CA ALA L 32 -61.28 36.34 21.90
C ALA L 32 -59.85 36.00 22.25
N SER L 33 -59.39 34.83 21.82
CA SER L 33 -58.04 34.40 22.13
C SER L 33 -57.01 35.35 21.54
N LEU L 34 -57.21 35.75 20.30
CA LEU L 34 -56.27 36.67 19.66
C LEU L 34 -56.23 37.97 20.42
N GLY L 35 -57.40 38.43 20.86
CA GLY L 35 -57.45 39.68 21.60
C GLY L 35 -56.62 39.61 22.86
N VAL L 36 -56.75 38.51 23.60
CA VAL L 36 -56.01 38.39 24.83
C VAL L 36 -54.52 38.41 24.54
N CYS L 37 -54.09 37.67 23.53
CA CYS L 37 -52.68 37.63 23.19
C CYS L 37 -52.15 39.01 22.84
N VAL L 38 -52.88 39.75 22.01
CA VAL L 38 -52.44 41.08 21.62
C VAL L 38 -52.39 42.01 22.83
N TYR L 39 -53.42 41.94 23.66
CA TYR L 39 -53.46 42.77 24.84
C TYR L 39 -52.24 42.50 25.71
N SER L 40 -51.93 41.24 25.90
CA SER L 40 -50.80 40.87 26.74
C SER L 40 -49.52 41.47 26.19
N CYS L 41 -49.33 41.37 24.88
CA CYS L 41 -48.12 41.89 24.27
C CYS L 41 -48.01 43.39 24.45
N VAL L 42 -49.08 44.12 24.18
CA VAL L 42 -49.03 45.57 24.30
C VAL L 42 -48.72 45.97 25.74
N GLN L 43 -49.40 45.34 26.68
CA GLN L 43 -49.20 45.69 28.08
C GLN L 43 -47.78 45.38 28.53
N THR L 44 -47.28 44.22 28.15
CA THR L 44 -45.92 43.84 28.52
C THR L 44 -44.93 44.80 27.91
N GLY L 45 -45.25 45.29 26.71
CA GLY L 45 -44.37 46.22 26.04
C GLY L 45 -44.16 47.45 26.88
N PHE L 46 -45.21 47.94 27.51
CA PHE L 46 -45.09 49.10 28.36
C PHE L 46 -44.15 48.81 29.51
N LEU L 47 -44.27 47.63 30.11
CA LEU L 47 -43.42 47.27 31.23
C LEU L 47 -41.97 47.26 30.82
N LEU L 48 -41.67 46.65 29.69
CA LEU L 48 -40.30 46.61 29.22
C LEU L 48 -39.79 48.00 28.91
N ARG L 49 -40.67 48.89 28.46
CA ARG L 49 -40.24 50.22 28.07
C ARG L 49 -40.37 51.28 29.15
N GLU L 50 -40.77 50.88 30.35
CA GLU L 50 -40.85 51.83 31.44
C GLU L 50 -39.50 52.02 32.10
N PRO L 51 -39.14 53.27 32.42
CA PRO L 51 -37.81 53.54 32.98
C PRO L 51 -37.53 52.78 34.25
N GLY L 52 -36.46 51.99 34.26
CA GLY L 52 -36.09 51.23 35.44
C GLY L 52 -37.25 50.40 35.95
N ALA L 53 -37.20 50.04 37.22
CA ALA L 53 -38.31 49.29 37.83
C ALA L 53 -38.56 47.91 37.24
N ILE L 54 -37.83 47.53 36.20
CA ILE L 54 -37.97 46.17 35.66
C ILE L 54 -36.72 45.36 35.90
N GLU L 55 -35.90 45.80 36.85
CA GLU L 55 -34.69 45.07 37.17
C GLU L 55 -35.06 43.70 37.69
N ASN L 56 -34.19 42.73 37.50
CA ASN L 56 -34.45 41.37 37.99
C ASN L 56 -35.60 40.75 37.22
N GLY L 57 -35.87 41.25 36.03
CA GLY L 57 -36.93 40.71 35.20
C GLY L 57 -38.32 40.78 35.81
N SER L 58 -38.65 41.91 36.42
CA SER L 58 -39.95 42.09 37.02
C SER L 58 -41.02 42.22 35.96
N TRP L 59 -40.62 42.43 34.72
CA TRP L 59 -41.59 42.64 33.64
C TRP L 59 -42.34 41.36 33.27
N VAL L 60 -41.81 40.21 33.67
CA VAL L 60 -42.47 38.95 33.33
C VAL L 60 -43.59 38.66 34.31
N ARG L 61 -44.81 38.56 33.79
CA ARG L 61 -45.96 38.31 34.65
C ARG L 61 -46.62 37.01 34.28
N TRP L 62 -47.03 36.23 35.27
CA TRP L 62 -47.59 34.92 34.97
C TRP L 62 -48.82 35.02 34.09
N TYR L 63 -49.68 35.97 34.38
CA TYR L 63 -50.91 36.10 33.60
C TYR L 63 -50.62 36.40 32.16
N TYR L 64 -49.75 37.37 31.91
CA TYR L 64 -49.44 37.75 30.55
C TYR L 64 -48.80 36.60 29.79
N VAL L 65 -47.97 35.82 30.46
CA VAL L 65 -47.35 34.68 29.82
C VAL L 65 -48.41 33.69 29.34
N VAL L 66 -49.37 33.39 30.21
CA VAL L 66 -50.43 32.47 29.83
C VAL L 66 -51.27 33.07 28.73
N GLU L 67 -51.58 34.35 28.83
CA GLU L 67 -52.40 35.01 27.83
C GLU L 67 -51.74 34.96 26.47
N GLY L 68 -50.42 35.09 26.43
CA GLY L 68 -49.72 35.12 25.17
C GLY L 68 -49.87 33.83 24.39
N LEU L 69 -50.27 32.77 25.07
CA LEU L 69 -50.41 31.47 24.43
C LEU L 69 -51.71 31.42 23.63
N GLY L 70 -52.53 32.45 23.75
CA GLY L 70 -53.78 32.50 23.01
C GLY L 70 -53.53 32.66 21.53
N GLY L 71 -52.43 33.31 21.18
CA GLY L 71 -52.14 33.55 19.78
C GLY L 71 -52.10 32.29 18.94
N PRO L 72 -51.30 31.30 19.37
CA PRO L 72 -51.29 30.02 18.65
C PRO L 72 -52.65 29.35 18.66
N LEU L 73 -53.35 29.38 19.79
CA LEU L 73 -54.68 28.81 19.87
C LEU L 73 -55.62 29.52 18.92
N ALA L 74 -55.45 30.82 18.76
CA ALA L 74 -56.29 31.60 17.86
C ALA L 74 -56.17 31.05 16.46
N TRP L 75 -54.96 30.77 16.03
CA TRP L 75 -54.75 30.21 14.71
C TRP L 75 -55.51 28.91 14.57
N GLY L 76 -55.30 28.00 15.50
CA GLY L 76 -55.96 26.71 15.40
C GLY L 76 -57.46 26.83 15.37
N THR L 77 -58.00 27.62 16.27
CA THR L 77 -59.45 27.75 16.36
C THR L 77 -60.05 28.33 15.09
N HIS L 78 -59.40 29.34 14.52
CA HIS L 78 -59.93 29.97 13.31
C HIS L 78 -59.91 29.00 12.14
N VAL L 79 -58.84 28.22 12.04
CA VAL L 79 -58.77 27.22 10.99
C VAL L 79 -59.87 26.20 11.18
N ALA L 80 -60.09 25.78 12.42
CA ALA L 80 -61.12 24.79 12.71
C ALA L 80 -62.51 25.28 12.37
N SER L 81 -62.78 26.54 12.65
CA SER L 81 -64.10 27.10 12.38
C SER L 81 -64.39 26.98 10.90
N TRP L 82 -63.39 27.27 10.07
CA TRP L 82 -63.57 27.17 8.64
C TRP L 82 -63.93 25.75 8.25
N ILE L 83 -63.18 24.79 8.79
CA ILE L 83 -63.43 23.39 8.45
C ILE L 83 -64.84 22.98 8.83
N GLN L 84 -65.27 23.37 10.02
CA GLN L 84 -66.61 23.04 10.47
C GLN L 84 -67.66 23.68 9.57
N ARG L 85 -67.45 24.93 9.18
CA ARG L 85 -68.39 25.62 8.31
C ARG L 85 -68.56 24.87 7.01
N LYS L 86 -67.45 24.52 6.38
CA LYS L 86 -67.51 23.82 5.11
C LYS L 86 -68.16 22.46 5.29
N ASN L 87 -67.90 21.82 6.42
CA ASN L 87 -68.46 20.49 6.67
C ASN L 87 -69.94 20.59 6.93
N GLY L 88 -70.44 21.81 7.12
CA GLY L 88 -71.86 22.00 7.30
C GLY L 88 -72.29 22.18 8.74
N MET L 89 -71.45 21.74 9.67
CA MET L 89 -71.79 21.86 11.07
C MET L 89 -71.41 23.24 11.59
N TYR M 1 10.14 -49.86 39.42
CA TYR M 1 10.98 -49.37 38.33
C TYR M 1 10.65 -50.10 37.04
N ALA M 2 11.15 -49.57 35.92
CA ALA M 2 10.87 -50.17 34.62
C ALA M 2 11.42 -51.59 34.54
N SER M 3 10.68 -52.48 33.91
CA SER M 3 11.10 -53.88 33.81
C SER M 3 12.39 -54.05 33.01
N GLU M 4 12.55 -53.27 31.95
CA GLU M 4 13.72 -53.42 31.10
C GLU M 4 15.00 -53.32 31.89
N LEU M 5 14.99 -52.53 32.96
CA LEU M 5 16.19 -52.35 33.76
C LEU M 5 16.69 -53.71 34.22
N ASP M 6 15.78 -54.63 34.44
CA ASP M 6 16.16 -55.97 34.88
C ASP M 6 17.04 -56.67 33.88
N SER M 7 16.95 -56.27 32.62
CA SER M 7 17.72 -56.94 31.57
C SER M 7 18.82 -56.06 31.00
N MET M 8 19.40 -55.19 31.82
CA MET M 8 20.42 -54.27 31.32
C MET M 8 21.68 -54.28 32.17
N THR M 9 22.79 -53.83 31.58
CA THR M 9 24.04 -53.75 32.33
C THR M 9 23.95 -52.65 33.36
N GLY M 10 24.56 -52.84 34.52
CA GLY M 10 24.56 -51.81 35.54
C GLY M 10 24.51 -52.33 36.95
N THR M 11 23.72 -53.37 37.17
CA THR M 11 23.64 -53.97 38.49
C THR M 11 24.87 -54.81 38.75
N GLY M 12 25.45 -54.68 39.94
CA GLY M 12 26.67 -55.41 40.24
C GLY M 12 26.83 -55.84 41.69
N ILE M 13 28.07 -56.04 42.12
CA ILE M 13 28.32 -56.48 43.49
C ILE M 13 27.79 -55.47 44.49
N GLU M 14 28.15 -54.21 44.36
CA GLU M 14 27.67 -53.16 45.26
C GLU M 14 26.21 -52.83 44.99
N SER M 15 25.68 -53.17 43.84
CA SER M 15 24.27 -53.01 43.57
C SER M 15 23.71 -54.28 42.94
N PRO M 16 23.42 -55.30 43.76
CA PRO M 16 22.96 -56.58 43.21
C PRO M 16 21.70 -56.44 42.36
N LYS M 17 20.80 -55.56 42.75
CA LYS M 17 19.55 -55.38 42.02
C LYS M 17 19.43 -53.97 41.46
N VAL M 18 18.41 -53.73 40.66
CA VAL M 18 18.21 -52.41 40.07
C VAL M 18 18.09 -51.36 41.16
N PHE M 19 18.84 -50.28 41.02
CA PHE M 19 18.78 -49.20 42.00
C PHE M 19 17.99 -48.05 41.44
N ASP M 20 16.72 -47.97 41.81
CA ASP M 20 15.87 -46.86 41.37
C ASP M 20 14.87 -46.60 42.46
N PRO M 21 15.33 -46.11 43.61
CA PRO M 21 14.42 -45.92 44.73
C PRO M 21 13.22 -45.05 44.39
N LEU M 22 13.43 -43.97 43.66
CA LEU M 22 12.36 -43.04 43.36
C LEU M 22 11.65 -43.39 42.05
N ASN M 23 12.02 -44.52 41.47
CA ASN M 23 11.39 -44.96 40.22
C ASN M 23 11.40 -43.88 39.15
N LEU M 24 12.55 -43.26 38.93
CA LEU M 24 12.66 -42.26 37.88
C LEU M 24 12.53 -42.94 36.54
N SER M 25 12.77 -44.24 36.51
CA SER M 25 12.67 -44.98 35.26
C SER M 25 11.28 -44.84 34.69
N ASP M 26 10.31 -44.61 35.56
CA ASP M 26 8.94 -44.45 35.11
C ASP M 26 8.81 -43.27 34.18
N TYR M 27 9.55 -42.21 34.47
CA TYR M 27 9.43 -41.00 33.66
C TYR M 27 10.42 -40.99 32.50
N VAL M 28 11.71 -40.97 32.79
CA VAL M 28 12.71 -40.95 31.74
C VAL M 28 12.77 -42.30 31.05
N PRO M 29 12.76 -42.30 29.71
CA PRO M 29 12.85 -43.56 28.97
C PRO M 29 14.13 -44.28 29.32
N VAL M 30 14.09 -45.61 29.37
CA VAL M 30 15.26 -46.38 29.78
C VAL M 30 16.45 -46.15 28.85
N ASP M 31 16.21 -46.16 27.55
CA ASP M 31 17.29 -45.98 26.60
C ASP M 31 17.96 -44.64 26.79
N TRP M 32 17.19 -43.57 26.74
CA TRP M 32 17.75 -42.24 26.87
C TRP M 32 18.58 -42.16 28.13
N ALA M 33 18.10 -42.76 29.21
CA ALA M 33 18.81 -42.69 30.46
C ALA M 33 20.21 -43.26 30.35
N ARG M 34 20.34 -44.44 29.75
CA ARG M 34 21.65 -45.06 29.63
C ARG M 34 22.56 -44.24 28.74
N ARG M 35 22.01 -43.73 27.64
CA ARG M 35 22.80 -42.92 26.74
C ARG M 35 23.32 -41.72 27.49
N ALA M 36 22.47 -41.09 28.28
CA ALA M 36 22.88 -39.93 29.06
C ALA M 36 23.84 -40.31 30.19
N GLU M 37 23.59 -41.46 30.81
CA GLU M 37 24.43 -41.88 31.91
C GLU M 37 25.86 -42.00 31.45
N LEU M 38 26.04 -42.64 30.30
CA LEU M 38 27.39 -42.82 29.78
C LEU M 38 27.97 -41.49 29.31
N SER M 39 27.16 -40.67 28.65
CA SER M 39 27.67 -39.41 28.12
C SER M 39 28.16 -38.50 29.22
N ASN M 40 27.34 -38.28 30.24
CA ASN M 40 27.74 -37.41 31.34
C ASN M 40 28.91 -38.05 32.06
N GLY M 41 28.89 -39.37 32.17
CA GLY M 41 29.96 -40.07 32.86
C GLY M 41 31.29 -39.97 32.16
N ARG M 42 31.29 -40.20 30.85
CA ARG M 42 32.53 -40.16 30.10
C ARG M 42 33.12 -38.77 30.13
N SER M 43 32.28 -37.76 29.98
CA SER M 43 32.75 -36.39 30.03
C SER M 43 33.32 -36.09 31.41
N ALA M 44 32.66 -36.59 32.45
CA ALA M 44 33.13 -36.37 33.80
C ALA M 44 34.47 -37.05 34.04
N MET M 45 34.65 -38.23 33.49
CA MET M 45 35.90 -38.94 33.66
C MET M 45 37.04 -38.06 33.19
N LEU M 46 36.85 -37.39 32.07
CA LEU M 46 37.87 -36.50 31.55
C LEU M 46 38.08 -35.30 32.44
N ALA M 47 36.98 -34.74 32.95
CA ALA M 47 37.07 -33.54 33.78
C ALA M 47 37.92 -33.77 35.01
N THR M 48 37.69 -34.88 35.69
CA THR M 48 38.40 -35.14 36.92
C THR M 48 39.88 -34.93 36.70
N VAL M 49 40.41 -35.52 35.64
CA VAL M 49 41.83 -35.38 35.34
C VAL M 49 42.17 -33.93 35.09
N GLY M 50 41.33 -33.23 34.34
CA GLY M 50 41.60 -31.85 34.01
C GLY M 50 41.56 -30.92 35.20
N TRP M 51 40.85 -31.30 36.25
CA TRP M 51 40.72 -30.45 37.42
C TRP M 51 42.06 -30.22 38.09
N PHE M 52 42.92 -31.22 38.09
CA PHE M 52 44.20 -31.10 38.79
C PHE M 52 45.42 -31.19 37.89
N PHE M 53 45.27 -31.74 36.68
CA PHE M 53 46.44 -31.94 35.83
C PHE M 53 47.26 -30.68 35.65
N PRO M 54 46.62 -29.56 35.27
CA PRO M 54 47.46 -28.39 35.04
C PRO M 54 48.25 -28.03 36.29
N LYS M 55 47.64 -28.14 37.46
CA LYS M 55 48.30 -27.77 38.71
C LYS M 55 49.41 -28.72 39.09
N VAL M 56 49.11 -30.01 39.08
CA VAL M 56 50.10 -31.00 39.51
C VAL M 56 51.26 -31.19 38.54
N PHE M 57 50.99 -31.17 37.24
CA PHE M 57 52.05 -31.46 36.27
C PHE M 57 52.52 -30.28 35.44
N GLY M 58 52.01 -29.09 35.73
CA GLY M 58 52.44 -27.90 35.00
C GLY M 58 51.48 -27.47 33.91
N THR M 59 51.77 -26.32 33.30
CA THR M 59 50.90 -25.79 32.25
C THR M 59 51.66 -25.54 30.98
N PHE M 60 50.94 -25.32 29.87
CA PHE M 60 51.59 -25.06 28.60
C PHE M 60 52.32 -23.73 28.67
N ASP M 61 53.24 -23.49 27.74
CA ASP M 61 54.03 -22.26 27.78
C ASP M 61 53.29 -21.10 27.18
N SER M 62 52.37 -20.51 27.94
CA SER M 62 51.65 -19.35 27.48
C SER M 62 51.16 -18.56 28.67
N THR M 63 50.70 -17.34 28.43
CA THR M 63 50.29 -16.48 29.55
C THR M 63 48.82 -16.11 29.53
N ASP M 64 48.05 -16.73 28.64
CA ASP M 64 46.63 -16.42 28.55
C ASP M 64 45.97 -16.68 29.89
N VAL M 65 46.27 -17.81 30.49
CA VAL M 65 45.71 -18.14 31.79
C VAL M 65 46.80 -18.15 32.84
N THR M 66 46.65 -17.32 33.87
CA THR M 66 47.67 -17.22 34.90
C THR M 66 47.32 -18.04 36.13
N THR M 67 46.03 -18.13 36.43
CA THR M 67 45.59 -18.89 37.59
C THR M 67 45.64 -20.38 37.35
N THR M 68 45.56 -21.16 38.41
CA THR M 68 45.52 -22.60 38.25
C THR M 68 44.21 -23.12 38.82
N ASP M 69 43.48 -22.27 39.54
CA ASP M 69 42.20 -22.66 40.08
C ASP M 69 41.32 -23.10 38.94
N PRO M 70 40.74 -24.29 39.04
CA PRO M 70 39.96 -24.81 37.91
C PRO M 70 38.86 -23.85 37.46
N ILE M 71 38.10 -23.32 38.40
CA ILE M 71 36.98 -22.46 38.03
C ILE M 71 37.42 -21.13 37.45
N ASP M 72 38.44 -20.53 38.03
CA ASP M 72 38.89 -19.21 37.58
C ASP M 72 39.38 -19.22 36.14
N ALA M 73 40.09 -20.28 35.76
CA ALA M 73 40.66 -20.35 34.42
C ALA M 73 39.60 -20.25 33.34
N ILE M 74 38.35 -20.56 33.69
CA ILE M 74 37.30 -20.55 32.70
C ILE M 74 37.19 -19.20 32.03
N MET M 75 37.24 -18.13 32.81
CA MET M 75 37.10 -16.79 32.24
C MET M 75 38.41 -16.23 31.70
N GLN M 76 39.53 -16.63 32.29
CA GLN M 76 40.82 -16.15 31.84
C GLN M 76 41.15 -16.66 30.44
N ALA M 77 40.76 -17.89 30.13
CA ALA M 77 41.07 -18.47 28.83
C ALA M 77 40.45 -17.67 27.70
N ASP M 78 41.18 -17.52 26.60
CA ASP M 78 40.69 -16.73 25.49
C ASP M 78 39.42 -17.31 24.93
N PRO M 79 38.47 -16.44 24.57
CA PRO M 79 37.20 -16.92 24.01
C PRO M 79 37.41 -17.83 22.81
N GLN M 80 38.46 -17.59 22.02
CA GLN M 80 38.69 -18.39 20.84
C GLN M 80 38.84 -19.86 21.19
N TRP M 81 39.47 -20.14 22.31
CA TRP M 81 39.61 -21.51 22.75
C TRP M 81 38.24 -22.12 22.95
N TRP M 82 37.37 -21.40 23.63
CA TRP M 82 36.06 -21.93 23.93
C TRP M 82 35.26 -22.22 22.68
N ALA M 83 35.35 -21.35 21.70
CA ALA M 83 34.64 -21.57 20.45
C ALA M 83 35.12 -22.85 19.79
N GLN M 84 36.43 -23.02 19.69
CA GLN M 84 36.98 -24.20 19.06
C GLN M 84 36.63 -25.44 19.86
N TRP M 85 36.54 -25.30 21.18
CA TRP M 85 36.17 -26.43 22.03
C TRP M 85 34.76 -26.89 21.72
N ILE M 86 33.84 -25.95 21.58
CA ILE M 86 32.47 -26.32 21.23
C ILE M 86 32.47 -27.02 19.89
N LEU M 87 33.25 -26.52 18.96
CA LEU M 87 33.32 -27.12 17.64
C LEU M 87 33.78 -28.56 17.68
N ILE M 88 34.83 -28.84 18.44
CA ILE M 88 35.35 -30.20 18.48
C ILE M 88 34.33 -31.15 19.09
N CYS M 89 33.60 -30.66 20.09
CA CYS M 89 32.58 -31.49 20.71
C CYS M 89 31.48 -31.76 19.70
N GLY M 90 31.13 -30.77 18.90
CA GLY M 90 30.13 -30.95 17.88
C GLY M 90 30.57 -32.00 16.89
N VAL M 91 31.85 -31.97 16.52
CA VAL M 91 32.37 -32.97 15.60
C VAL M 91 32.24 -34.35 16.18
N PHE M 92 32.57 -34.49 17.45
CA PHE M 92 32.44 -35.77 18.12
C PHE M 92 30.99 -36.23 18.09
N GLU M 93 30.08 -35.32 18.40
CA GLU M 93 28.67 -35.67 18.42
C GLU M 93 28.23 -36.14 17.05
N THR M 94 28.73 -35.50 16.00
CA THR M 94 28.38 -35.90 14.65
C THR M 94 28.92 -37.27 14.32
N TRP M 95 30.13 -37.56 14.78
CA TRP M 95 30.74 -38.85 14.51
C TRP M 95 29.88 -39.94 15.09
N LYS M 96 29.43 -39.74 16.32
CA LYS M 96 28.59 -40.74 16.97
C LYS M 96 27.33 -40.97 16.17
N TYR M 97 26.76 -39.90 15.62
CA TYR M 97 25.55 -40.03 14.83
C TYR M 97 25.80 -40.82 13.56
N LYS M 98 26.77 -40.38 12.77
CA LYS M 98 27.04 -41.05 11.50
C LYS M 98 27.41 -42.51 11.70
N LYS M 99 28.30 -42.79 12.62
CA LYS M 99 28.75 -44.14 12.83
C LYS M 99 27.63 -45.04 13.34
N GLU M 100 26.76 -44.50 14.18
CA GLU M 100 25.64 -45.27 14.67
C GLU M 100 24.76 -45.65 13.49
N MET M 101 24.57 -44.72 12.57
CA MET M 101 23.74 -44.99 11.41
C MET M 101 24.36 -46.05 10.52
N GLU M 102 25.66 -46.27 10.66
CA GLU M 102 26.33 -47.30 9.88
C GLU M 102 26.21 -48.65 10.56
N GLY M 103 25.48 -48.69 11.66
CA GLY M 103 25.31 -49.94 12.38
C GLY M 103 26.28 -50.12 13.53
N LYS M 104 27.26 -49.24 13.63
CA LYS M 104 28.22 -49.31 14.71
C LYS M 104 27.58 -48.81 15.99
N SER M 105 28.20 -49.09 17.14
CA SER M 105 27.63 -48.68 18.41
C SER M 105 28.63 -48.06 19.35
N PHE M 106 28.20 -47.03 20.07
CA PHE M 106 29.08 -46.41 21.07
C PHE M 106 28.53 -46.73 22.44
N LEU M 107 27.63 -47.70 22.51
CA LEU M 107 27.04 -48.06 23.77
C LEU M 107 27.15 -49.55 24.02
N GLY M 108 28.37 -50.08 24.01
CA GLY M 108 28.58 -51.48 24.28
C GLY M 108 27.99 -52.43 23.26
N GLY M 109 27.87 -51.97 22.01
CA GLY M 109 27.32 -52.81 20.95
C GLY M 109 28.37 -53.73 20.36
N ALA M 110 27.96 -54.56 19.42
CA ALA M 110 28.88 -55.52 18.82
C ALA M 110 30.03 -54.84 18.09
N ASP M 111 29.71 -53.87 17.23
CA ASP M 111 30.76 -53.19 16.47
C ASP M 111 31.10 -51.86 17.12
N PRO M 112 32.32 -51.74 17.65
CA PRO M 112 32.72 -50.51 18.32
C PRO M 112 32.69 -49.32 17.39
N ALA M 113 32.31 -48.16 17.89
CA ALA M 113 32.35 -46.95 17.07
C ALA M 113 33.70 -46.29 17.21
N VAL M 114 34.29 -46.38 18.41
CA VAL M 114 35.62 -45.84 18.61
C VAL M 114 36.50 -46.81 19.37
N ASP M 115 37.31 -47.58 18.66
CA ASP M 115 38.24 -48.49 19.32
C ASP M 115 39.60 -48.38 18.67
N TYR M 116 40.22 -47.21 18.78
CA TYR M 116 41.51 -46.99 18.13
C TYR M 116 42.60 -47.89 18.69
N LEU M 117 42.43 -48.34 19.92
CA LEU M 117 43.42 -49.24 20.52
C LEU M 117 43.09 -50.68 20.20
N LYS M 118 41.99 -50.91 19.50
CA LYS M 118 41.60 -52.27 19.11
C LYS M 118 41.64 -53.25 20.28
N LEU M 119 40.97 -52.90 21.38
CA LEU M 119 40.95 -53.77 22.54
C LEU M 119 39.55 -54.25 22.92
N TRP M 120 38.62 -54.21 21.98
CA TRP M 120 37.26 -54.68 22.25
C TRP M 120 37.22 -56.18 22.11
N PRO M 121 36.85 -56.88 23.18
CA PRO M 121 36.81 -58.35 23.14
C PRO M 121 35.80 -58.86 22.13
N ALA M 122 36.04 -60.05 21.58
CA ALA M 122 35.10 -60.62 20.63
C ALA M 122 34.04 -61.44 21.34
N ASP M 123 34.44 -62.18 22.37
CA ASP M 123 33.50 -62.98 23.13
C ASP M 123 32.53 -62.10 23.91
N ALA M 124 31.24 -62.42 23.84
CA ALA M 124 30.24 -61.63 24.53
C ALA M 124 30.49 -61.55 26.03
N ALA M 125 30.98 -62.63 26.61
CA ALA M 125 31.21 -62.66 28.04
C ALA M 125 32.17 -61.55 28.43
N ALA M 126 33.30 -61.46 27.75
CA ALA M 126 34.28 -60.45 28.08
C ALA M 126 33.73 -59.08 27.76
N GLN M 127 32.99 -58.98 26.66
CA GLN M 127 32.41 -57.71 26.28
C GLN M 127 31.56 -57.21 27.42
N GLU M 128 30.73 -58.07 27.97
CA GLU M 128 29.84 -57.65 29.05
C GLU M 128 30.66 -57.17 30.22
N GLU M 129 31.67 -57.94 30.58
CA GLU M 129 32.49 -57.57 31.72
C GLU M 129 33.16 -56.23 31.46
N MET M 130 33.62 -56.01 30.24
CA MET M 130 34.31 -54.77 29.92
C MET M 130 33.37 -53.60 30.08
N LYS M 131 32.14 -53.74 29.61
CA LYS M 131 31.18 -52.65 29.70
C LYS M 131 30.91 -52.29 31.15
N THR M 132 30.82 -53.30 32.02
CA THR M 132 30.51 -53.04 33.41
C THR M 132 31.59 -52.18 34.04
N LYS M 133 32.84 -52.45 33.69
CA LYS M 133 33.93 -51.70 34.28
C LYS M 133 33.85 -50.23 33.89
N GLU M 134 33.52 -49.97 32.63
CA GLU M 134 33.42 -48.60 32.18
C GLU M 134 32.31 -47.87 32.92
N LEU M 135 31.16 -48.52 33.06
CA LEU M 135 30.04 -47.88 33.71
C LEU M 135 30.41 -47.53 35.13
N LYS M 136 31.16 -48.40 35.78
CA LYS M 136 31.47 -48.16 37.16
C LYS M 136 32.36 -47.00 37.22
N ASN M 137 33.42 -47.03 36.49
CA ASN M 137 34.37 -45.94 36.53
C ASN M 137 33.66 -44.64 36.22
N ALA M 138 32.70 -44.68 35.29
CA ALA M 138 31.96 -43.49 34.94
C ALA M 138 31.17 -42.97 36.11
N ARG M 139 30.43 -43.84 36.77
CA ARG M 139 29.61 -43.43 37.89
C ARG M 139 30.49 -42.84 38.98
N LEU M 140 31.62 -43.47 39.23
CA LEU M 140 32.53 -42.99 40.25
C LEU M 140 33.03 -41.61 39.90
N ALA M 141 33.36 -41.39 38.63
CA ALA M 141 33.90 -40.11 38.20
C ALA M 141 32.90 -38.98 38.38
N MET M 142 31.65 -39.23 38.04
CA MET M 142 30.64 -38.21 38.17
C MET M 142 30.58 -37.77 39.61
N ILE M 143 30.58 -38.73 40.52
CA ILE M 143 30.56 -38.40 41.94
C ILE M 143 31.78 -37.59 42.30
N GLY M 144 32.93 -38.00 41.80
CA GLY M 144 34.16 -37.32 42.14
C GLY M 144 34.21 -35.87 41.71
N ILE M 145 33.84 -35.59 40.48
CA ILE M 145 33.91 -34.23 39.98
C ILE M 145 32.96 -33.37 40.80
N ALA M 146 31.80 -33.91 41.13
CA ALA M 146 30.85 -33.18 41.94
C ALA M 146 31.48 -32.87 43.29
N GLY M 147 32.14 -33.87 43.87
CA GLY M 147 32.77 -33.67 45.16
C GLY M 147 33.83 -32.60 45.11
N PHE M 148 34.65 -32.61 44.07
CA PHE M 148 35.70 -31.63 43.95
C PHE M 148 35.09 -30.25 43.96
N ALA M 149 34.05 -30.06 43.16
CA ALA M 149 33.41 -28.76 43.08
C ALA M 149 32.87 -28.35 44.43
N ALA M 150 32.25 -29.29 45.12
CA ALA M 150 31.66 -28.98 46.41
C ALA M 150 32.69 -28.43 47.36
N ASN M 151 33.81 -29.13 47.50
CA ASN M 151 34.83 -28.68 48.43
C ASN M 151 35.38 -27.34 47.96
N HIS M 152 35.37 -27.12 46.66
CA HIS M 152 35.88 -25.86 46.13
C HIS M 152 35.06 -24.68 46.58
N PHE M 153 33.74 -24.80 46.53
CA PHE M 153 32.89 -23.68 46.89
C PHE M 153 32.53 -23.71 48.37
N ILE M 154 32.02 -24.83 48.84
CA ILE M 154 31.72 -24.97 50.26
C ILE M 154 32.79 -25.84 50.88
N PRO M 155 33.82 -25.22 51.44
CA PRO M 155 34.94 -26.01 51.97
C PRO M 155 34.51 -27.02 53.02
N GLY M 156 35.12 -28.20 53.00
CA GLY M 156 34.80 -29.22 53.99
C GLY M 156 33.67 -30.14 53.57
N SER M 157 32.98 -29.79 52.49
CA SER M 157 31.86 -30.59 52.05
C SER M 157 32.27 -32.00 51.67
N CYS M 158 33.48 -32.14 51.14
CA CYS M 158 33.97 -33.45 50.73
C CYS M 158 35.41 -33.65 51.13
N PRO M 159 35.79 -34.90 51.41
CA PRO M 159 37.17 -35.19 51.80
C PRO M 159 38.08 -35.31 50.59
N VAL M 160 38.63 -34.20 50.11
CA VAL M 160 39.49 -34.22 48.94
C VAL M 160 40.95 -34.06 49.32
N PRO M 161 41.84 -34.78 48.62
CA PRO M 161 43.27 -34.62 48.88
C PRO M 161 43.69 -33.18 48.66
N ASP M 162 44.69 -32.72 49.39
CA ASP M 162 45.12 -31.33 49.28
C ASP M 162 45.56 -30.95 47.88
N PHE M 163 46.39 -31.78 47.26
CA PHE M 163 46.91 -31.43 45.94
C PHE M 163 45.77 -31.25 44.93
N ILE M 164 44.81 -32.17 44.95
CA ILE M 164 43.67 -32.05 44.06
C ILE M 164 42.96 -30.74 44.37
N ALA M 165 42.85 -30.43 45.65
CA ALA M 165 42.19 -29.19 46.05
C ALA M 165 40.84 -29.04 45.39
N ALA N 1 50.36 -57.59 -12.72
CA ALA N 1 49.36 -56.99 -13.58
C ALA N 1 48.52 -55.97 -12.82
N ASP N 2 47.39 -56.41 -12.29
CA ASP N 2 46.54 -55.51 -11.52
C ASP N 2 46.96 -55.52 -10.08
N PHE N 3 47.60 -54.44 -9.64
CA PHE N 3 48.06 -54.36 -8.27
C PHE N 3 47.13 -53.50 -7.46
N SER N 4 45.92 -53.27 -7.97
CA SER N 4 44.95 -52.46 -7.26
C SER N 4 44.67 -53.05 -5.90
N GLY N 5 44.61 -54.37 -5.83
CA GLY N 5 44.33 -55.03 -4.56
C GLY N 5 45.38 -54.77 -3.51
N GLU N 6 46.62 -54.52 -3.94
CA GLU N 6 47.70 -54.29 -3.00
C GLU N 6 47.37 -53.13 -2.08
N ILE N 7 47.88 -53.17 -0.85
CA ILE N 7 47.67 -52.07 0.07
C ILE N 7 48.34 -50.82 -0.46
N GLY N 8 47.82 -49.66 -0.11
CA GLY N 8 48.46 -48.42 -0.53
C GLY N 8 48.06 -47.87 -1.88
N ALA N 9 47.02 -48.43 -2.48
CA ALA N 9 46.55 -47.90 -3.75
C ALA N 9 46.06 -46.48 -3.55
N ALA N 10 46.28 -45.63 -4.54
CA ALA N 10 45.91 -44.22 -4.39
C ALA N 10 44.45 -44.08 -4.03
N ASN N 11 43.57 -44.70 -4.82
CA ASN N 11 42.15 -44.65 -4.54
C ASN N 11 41.46 -45.71 -5.37
N ALA N 12 40.16 -45.87 -5.19
CA ALA N 12 39.44 -46.93 -5.88
C ALA N 12 39.53 -46.82 -7.39
N GLU N 13 39.50 -45.60 -7.91
CA GLU N 13 39.50 -45.41 -9.35
C GLU N 13 40.90 -45.51 -9.95
N LEU N 14 41.81 -44.68 -9.48
CA LEU N 14 43.15 -44.67 -10.03
C LEU N 14 43.85 -46.00 -9.79
N GLY N 15 43.44 -46.72 -8.75
CA GLY N 15 44.08 -47.97 -8.42
C GLY N 15 45.52 -47.72 -8.07
N CYS N 16 46.44 -48.41 -8.73
CA CYS N 16 47.86 -48.21 -8.48
C CYS N 16 48.36 -47.03 -9.28
N TRP N 17 48.84 -46.00 -8.60
CA TRP N 17 49.33 -44.82 -9.29
C TRP N 17 50.77 -45.04 -9.68
N ASP N 18 50.99 -45.65 -10.84
CA ASP N 18 52.33 -45.85 -11.34
C ASP N 18 52.48 -45.07 -12.63
N PRO N 19 52.81 -43.79 -12.51
CA PRO N 19 52.90 -42.96 -13.71
C PRO N 19 53.95 -43.43 -14.70
N LEU N 20 55.10 -43.87 -14.21
CA LEU N 20 56.19 -44.27 -15.10
C LEU N 20 56.23 -45.79 -15.34
N ASN N 21 55.20 -46.49 -14.91
CA ASN N 21 55.13 -47.93 -15.11
C ASN N 21 56.39 -48.63 -14.62
N PHE N 22 56.83 -48.31 -13.42
CA PHE N 22 57.98 -49.00 -12.87
C PHE N 22 57.60 -50.45 -12.62
N CYS N 23 56.45 -50.66 -12.01
CA CYS N 23 56.00 -52.01 -11.70
C CYS N 23 55.41 -52.69 -12.90
N THR N 24 55.90 -53.88 -13.22
CA THR N 24 55.40 -54.62 -14.37
C THR N 24 54.78 -55.94 -13.95
N ASP N 25 55.48 -56.68 -13.09
CA ASP N 25 54.97 -57.96 -12.62
C ASP N 25 55.02 -58.05 -11.11
N GLN N 26 54.38 -59.07 -10.55
CA GLN N 26 54.34 -59.18 -9.09
C GLN N 26 55.74 -59.20 -8.53
N ALA N 27 56.67 -59.79 -9.26
CA ALA N 27 58.04 -59.85 -8.79
C ALA N 27 58.58 -58.46 -8.57
N SER N 28 58.37 -57.59 -9.55
CA SER N 28 58.85 -56.23 -9.44
C SER N 28 58.14 -55.52 -8.31
N PHE N 29 56.83 -55.71 -8.23
CA PHE N 29 56.07 -54.99 -7.21
C PHE N 29 56.61 -55.31 -5.84
N ASP N 30 56.86 -56.58 -5.58
CA ASP N 30 57.39 -56.98 -4.30
C ASP N 30 58.68 -56.25 -4.04
N LYS N 31 59.54 -56.16 -5.05
CA LYS N 31 60.79 -55.45 -4.89
C LYS N 31 60.53 -54.01 -4.51
N MET N 32 59.67 -53.35 -5.27
CA MET N 32 59.39 -51.94 -5.01
C MET N 32 58.71 -51.76 -3.65
N ARG N 33 57.80 -52.65 -3.30
CA ARG N 33 57.11 -52.52 -2.03
C ARG N 33 58.09 -52.62 -0.88
N TYR N 34 58.99 -53.59 -0.95
CA TYR N 34 59.97 -53.77 0.11
C TYR N 34 60.76 -52.50 0.26
N ALA N 35 61.19 -51.93 -0.85
CA ALA N 35 61.99 -50.72 -0.81
C ALA N 35 61.21 -49.59 -0.19
N GLU N 36 59.95 -49.43 -0.61
CA GLU N 36 59.15 -48.33 -0.10
C GLU N 36 59.03 -48.45 1.39
N LEU N 37 58.76 -49.65 1.88
CA LEU N 37 58.59 -49.85 3.30
C LEU N 37 59.88 -49.53 4.04
N LYS N 38 61.00 -50.01 3.53
CA LYS N 38 62.26 -49.77 4.22
C LYS N 38 62.53 -48.30 4.29
N HIS N 39 62.41 -47.61 3.16
CA HIS N 39 62.67 -46.18 3.14
C HIS N 39 61.71 -45.50 4.08
N GLY N 40 60.47 -45.97 4.09
CA GLY N 40 59.46 -45.36 4.95
C GLY N 40 59.79 -45.49 6.41
N ARG N 41 60.08 -46.70 6.85
CA ARG N 41 60.41 -46.91 8.25
C ARG N 41 61.61 -46.06 8.62
N VAL N 42 62.64 -46.09 7.79
CA VAL N 42 63.83 -45.32 8.07
C VAL N 42 63.50 -43.84 8.17
N ALA N 43 62.69 -43.35 7.26
CA ALA N 43 62.34 -41.94 7.26
C ALA N 43 61.54 -41.55 8.50
N GLN N 44 60.63 -42.40 8.91
CA GLN N 44 59.80 -42.08 10.06
C GLN N 44 60.69 -41.82 11.26
N LEU N 45 61.70 -42.66 11.45
CA LEU N 45 62.62 -42.45 12.56
C LEU N 45 63.44 -41.21 12.31
N ALA N 46 63.84 -40.98 11.08
CA ALA N 46 64.68 -39.84 10.77
C ALA N 46 64.04 -38.52 11.13
N ALA N 47 62.78 -38.34 10.76
CA ALA N 47 62.08 -37.10 11.05
C ALA N 47 62.05 -36.89 12.54
N TRP N 48 61.73 -37.94 13.28
CA TRP N 48 61.67 -37.84 14.73
C TRP N 48 63.01 -37.36 15.25
N GLY N 49 64.09 -37.97 14.76
CA GLY N 49 65.42 -37.61 15.22
C GLY N 49 65.79 -36.20 14.89
N TYR N 50 65.55 -35.79 13.66
CA TYR N 50 65.92 -34.45 13.24
C TYR N 50 65.24 -33.44 14.12
N ALA N 51 63.94 -33.61 14.34
CA ALA N 51 63.19 -32.65 15.13
C ALA N 51 63.71 -32.59 16.55
N THR N 52 63.93 -33.75 17.15
CA THR N 52 64.41 -33.77 18.51
C THR N 52 65.69 -32.97 18.61
N THR N 53 66.66 -33.30 17.77
CA THR N 53 67.94 -32.62 17.83
C THR N 53 67.82 -31.15 17.49
N TRP N 54 67.13 -30.82 16.41
CA TRP N 54 67.06 -29.43 15.99
C TRP N 54 66.44 -28.59 17.07
N SER N 55 65.48 -29.16 17.79
CA SER N 55 64.79 -28.42 18.83
C SER N 55 65.75 -28.17 19.99
N GLY N 56 66.78 -28.99 20.12
CA GLY N 56 67.77 -28.75 21.15
C GLY N 56 68.19 -29.90 22.03
N ALA N 57 67.42 -30.98 22.04
CA ALA N 57 67.74 -32.09 22.92
C ALA N 57 69.02 -32.79 22.51
N ARG N 58 69.84 -33.17 23.49
CA ARG N 58 71.09 -33.86 23.19
C ARG N 58 71.35 -34.96 24.20
N PHE N 59 71.90 -36.08 23.74
CA PHE N 59 72.21 -37.18 24.65
C PHE N 59 73.38 -36.81 25.56
N PRO N 60 73.53 -37.53 26.67
CA PRO N 60 74.69 -37.27 27.53
C PRO N 60 75.97 -37.41 26.74
N GLY N 61 76.82 -36.40 26.75
CA GLY N 61 78.07 -36.46 26.00
C GLY N 61 77.92 -35.95 24.59
N CYS N 62 76.76 -35.42 24.25
CA CYS N 62 76.54 -34.89 22.92
C CYS N 62 75.95 -33.49 23.02
N GLU N 63 76.34 -32.74 24.04
CA GLU N 63 75.74 -31.43 24.26
C GLU N 63 76.34 -30.31 23.43
N ASP N 64 77.46 -30.58 22.76
CA ASP N 64 78.13 -29.52 22.00
C ASP N 64 78.05 -29.76 20.50
N PHE N 65 77.48 -30.89 20.11
CA PHE N 65 77.38 -31.22 18.70
C PHE N 65 76.38 -30.29 18.04
N PRO N 66 76.55 -30.03 16.74
CA PRO N 66 75.58 -29.20 16.02
C PRO N 66 74.36 -30.02 15.62
N ALA N 67 73.38 -29.40 14.97
CA ALA N 67 72.16 -30.11 14.58
C ALA N 67 71.93 -30.05 13.08
N GLY N 68 71.13 -30.96 12.56
CA GLY N 68 70.86 -30.99 11.12
C GLY N 68 71.96 -31.67 10.35
N HIS N 69 72.01 -31.44 9.04
CA HIS N 69 73.06 -32.03 8.22
C HIS N 69 74.40 -31.48 8.65
N GLU N 70 74.37 -30.32 9.29
CA GLU N 70 75.61 -29.71 9.75
C GLU N 70 76.31 -30.67 10.68
N ALA N 71 75.54 -31.40 11.47
CA ALA N 71 76.13 -32.35 12.40
C ALA N 71 76.94 -33.37 11.64
N VAL N 72 76.38 -33.93 10.58
CA VAL N 72 77.09 -34.96 9.84
C VAL N 72 78.40 -34.42 9.33
N LEU N 73 78.41 -33.15 8.93
CA LEU N 73 79.63 -32.54 8.41
C LEU N 73 80.63 -32.22 9.49
N LYS N 74 80.17 -31.74 10.64
CA LYS N 74 81.08 -31.31 11.70
C LYS N 74 81.41 -32.37 12.74
N ILE N 75 80.40 -33.05 13.27
CA ILE N 75 80.65 -34.02 14.32
C ILE N 75 81.67 -35.05 13.85
N GLY N 76 82.52 -35.51 14.76
CA GLY N 76 83.56 -36.45 14.39
C GLY N 76 83.02 -37.73 13.78
N THR N 77 83.67 -38.22 12.74
CA THR N 77 83.21 -39.43 12.08
C THR N 77 83.31 -40.61 13.02
N GLU N 78 84.26 -40.55 13.95
CA GLU N 78 84.45 -41.64 14.88
C GLU N 78 83.21 -41.87 15.70
N ASN N 79 82.52 -40.79 16.05
CA ASN N 79 81.34 -40.90 16.88
C ASN N 79 80.12 -41.19 16.01
N LEU N 80 80.31 -41.22 14.70
CA LEU N 80 79.21 -41.53 13.80
C LEU N 80 79.27 -42.99 13.40
N ILE N 81 80.46 -43.57 13.40
CA ILE N 81 80.62 -44.95 13.01
C ILE N 81 79.73 -45.89 13.82
N PRO N 82 79.60 -45.62 15.11
CA PRO N 82 78.68 -46.47 15.87
C PRO N 82 77.36 -46.67 15.15
N VAL N 83 76.83 -45.61 14.55
CA VAL N 83 75.52 -45.73 13.91
C VAL N 83 75.55 -46.82 12.86
N LEU N 84 76.58 -46.83 12.03
CA LEU N 84 76.66 -47.82 10.97
C LEU N 84 76.73 -49.21 11.58
N VAL N 85 77.53 -49.38 12.63
CA VAL N 85 77.68 -50.69 13.22
C VAL N 85 76.38 -51.20 13.81
N VAL N 86 75.61 -50.30 14.41
CA VAL N 86 74.38 -50.72 15.06
C VAL N 86 73.31 -50.96 14.02
N ALA N 87 73.52 -50.43 12.81
CA ALA N 87 72.54 -50.57 11.76
C ALA N 87 72.84 -51.81 10.95
N GLY N 88 74.12 -52.02 10.65
CA GLY N 88 74.52 -53.17 9.87
C GLY N 88 74.13 -54.44 10.59
N ALA N 89 74.27 -54.44 11.90
CA ALA N 89 73.90 -55.60 12.68
C ALA N 89 72.43 -55.90 12.47
N LEU N 90 71.61 -54.87 12.55
CA LEU N 90 70.17 -55.06 12.36
C LEU N 90 69.91 -55.58 10.96
N GLU N 91 70.65 -55.05 9.98
CA GLU N 91 70.46 -55.48 8.61
C GLU N 91 70.56 -56.99 8.55
N THR N 92 71.55 -57.55 9.23
CA THR N 92 71.74 -58.99 9.22
C THR N 92 70.65 -59.72 9.99
N LEU N 93 70.26 -59.19 11.14
CA LEU N 93 69.28 -59.88 11.99
C LEU N 93 67.90 -60.05 11.38
N TRP N 94 67.32 -58.96 10.87
CA TRP N 94 65.96 -59.05 10.34
C TRP N 94 65.82 -60.19 9.36
N LYS N 95 64.82 -61.04 9.56
CA LYS N 95 64.63 -62.18 8.68
C LYS N 95 63.25 -62.16 8.05
N GLN N 96 63.19 -62.10 6.73
CA GLN N 96 61.90 -62.02 6.04
C GLN N 96 61.13 -63.32 6.17
N LYS N 97 59.85 -63.22 6.48
CA LYS N 97 59.02 -64.40 6.58
C LYS N 97 58.61 -64.84 5.19
N GLU N 98 58.91 -66.07 4.84
CA GLU N 98 58.60 -66.58 3.52
C GLU N 98 57.10 -66.61 3.29
N GLY N 99 56.69 -66.42 2.03
CA GLY N 99 55.27 -66.45 1.70
C GLY N 99 54.47 -65.40 2.42
N SER N 100 55.06 -64.24 2.65
CA SER N 100 54.36 -63.16 3.33
C SER N 100 54.63 -61.83 2.66
N PHE N 101 53.84 -60.82 2.98
CA PHE N 101 54.01 -59.53 2.37
C PHE N 101 55.44 -59.03 2.54
N PRO N 102 55.95 -58.31 1.54
CA PRO N 102 57.31 -57.78 1.64
C PRO N 102 57.47 -56.94 2.89
N GLY N 103 58.56 -57.14 3.62
CA GLY N 103 58.80 -56.37 4.83
C GLY N 103 58.34 -57.03 6.12
N ASP N 104 57.84 -58.25 6.04
CA ASP N 104 57.45 -58.97 7.25
C ASP N 104 58.64 -59.73 7.77
N PHE N 105 59.10 -59.38 8.96
CA PHE N 105 60.29 -60.01 9.51
C PHE N 105 59.96 -60.94 10.65
N SER N 106 58.76 -61.50 10.64
CA SER N 106 58.34 -62.36 11.74
C SER N 106 59.30 -63.50 11.99
N ALA N 107 60.07 -63.88 10.98
CA ALA N 107 60.99 -65.00 11.12
C ALA N 107 62.27 -64.61 11.84
N THR N 108 62.37 -63.37 12.28
CA THR N 108 63.59 -62.91 12.94
C THR N 108 63.79 -63.64 14.25
N SER N 109 65.05 -63.75 14.69
CA SER N 109 65.34 -64.48 15.92
C SER N 109 64.57 -63.96 17.12
N PHE N 110 64.70 -62.67 17.40
CA PHE N 110 63.95 -62.07 18.50
C PHE N 110 62.47 -62.00 18.14
N PRO N 111 61.59 -62.12 19.13
CA PRO N 111 60.15 -62.15 18.82
C PRO N 111 59.68 -60.91 18.08
N VAL N 112 59.10 -61.09 16.90
CA VAL N 112 58.59 -59.97 16.12
C VAL N 112 57.32 -60.40 15.40
N GLY N 113 56.29 -59.56 15.44
CA GLY N 113 55.04 -59.87 14.77
C GLY N 113 53.89 -59.01 15.25
N PHE N 114 52.69 -59.26 14.73
CA PHE N 114 51.54 -58.48 15.12
C PHE N 114 51.24 -58.66 16.58
N GLY N 115 51.65 -59.78 17.15
CA GLY N 115 51.46 -60.01 18.56
C GLY N 115 50.07 -59.69 19.06
N PRO N 116 49.99 -58.92 20.15
CA PRO N 116 48.69 -58.57 20.72
C PRO N 116 48.03 -57.42 20.01
N PHE N 117 48.79 -56.71 19.19
CA PHE N 117 48.25 -55.52 18.53
C PHE N 117 47.11 -55.80 17.57
N ALA N 118 47.17 -56.91 16.84
CA ALA N 118 46.15 -57.19 15.84
C ALA N 118 45.46 -58.52 16.07
N LYS N 119 44.17 -58.58 15.73
CA LYS N 119 43.41 -59.82 15.91
C LYS N 119 42.83 -60.27 14.59
N THR N 120 41.87 -59.52 14.08
CA THR N 120 41.24 -59.87 12.81
C THR N 120 42.12 -59.53 11.64
N GLU N 121 41.86 -60.12 10.49
CA GLU N 121 42.63 -59.82 9.29
C GLU N 121 42.53 -58.35 8.95
N ALA N 122 41.32 -57.80 9.07
CA ALA N 122 41.12 -56.41 8.75
C ALA N 122 42.01 -55.51 9.59
N ASP N 123 42.12 -55.82 10.88
CA ASP N 123 42.96 -55.03 11.76
C ASP N 123 44.37 -55.02 11.22
N MET N 124 44.84 -56.18 10.79
CA MET N 124 46.19 -56.28 10.29
C MET N 124 46.38 -55.38 9.08
N ILE N 125 45.44 -55.45 8.14
CA ILE N 125 45.55 -54.63 6.95
C ILE N 125 45.59 -53.16 7.31
N ASP N 126 44.75 -52.75 8.25
CA ASP N 126 44.72 -51.35 8.66
C ASP N 126 46.06 -50.90 9.19
N LEU N 127 46.63 -51.67 10.12
CA LEU N 127 47.90 -51.29 10.71
C LEU N 127 48.95 -51.21 9.61
N ARG N 128 48.93 -52.16 8.71
CA ARG N 128 49.90 -52.17 7.62
C ARG N 128 49.75 -50.92 6.77
N THR N 129 48.52 -50.59 6.41
CA THR N 129 48.29 -49.41 5.59
C THR N 129 48.79 -48.17 6.29
N LYS N 130 48.49 -48.06 7.58
CA LYS N 130 48.91 -46.88 8.34
C LYS N 130 50.42 -46.77 8.39
N GLU N 131 51.12 -47.89 8.58
CA GLU N 131 52.57 -47.85 8.59
C GLU N 131 53.06 -47.31 7.26
N LEU N 132 52.54 -47.85 6.18
CA LEU N 132 52.97 -47.42 4.86
C LEU N 132 52.67 -45.96 4.63
N ASN N 133 51.47 -45.53 4.96
CA ASN N 133 51.08 -44.15 4.72
C ASN N 133 51.92 -43.16 5.52
N ASN N 134 52.14 -43.46 6.80
CA ASN N 134 52.90 -42.56 7.63
C ASN N 134 54.32 -42.49 7.12
N GLY N 135 54.82 -43.61 6.60
CA GLY N 135 56.17 -43.62 6.05
C GLY N 135 56.23 -42.77 4.81
N ARG N 136 55.21 -42.88 3.97
CA ARG N 136 55.17 -42.07 2.76
C ARG N 136 55.23 -40.60 3.13
N ALA N 137 54.47 -40.21 4.14
CA ALA N 137 54.46 -38.82 4.56
C ALA N 137 55.81 -38.38 5.10
N ALA N 138 56.42 -39.20 5.94
CA ALA N 138 57.71 -38.85 6.52
C ALA N 138 58.74 -38.71 5.42
N MET N 139 58.70 -39.61 4.45
CA MET N 139 59.67 -39.57 3.38
C MET N 139 59.65 -38.20 2.77
N MET N 140 58.46 -37.69 2.48
CA MET N 140 58.36 -36.35 1.95
C MET N 140 58.77 -35.34 2.99
N GLY N 141 58.39 -35.57 4.24
CA GLY N 141 58.68 -34.62 5.30
C GLY N 141 60.15 -34.39 5.55
N ILE N 142 60.91 -35.47 5.71
CA ILE N 142 62.33 -35.33 5.99
C ILE N 142 63.00 -34.55 4.88
N LEU N 143 62.61 -34.80 3.64
CA LEU N 143 63.17 -34.06 2.52
C LEU N 143 62.81 -32.61 2.66
N GLY N 144 61.52 -32.35 2.79
CA GLY N 144 61.06 -30.98 2.90
C GLY N 144 61.86 -30.23 3.92
N MET N 145 62.09 -30.86 5.07
CA MET N 145 62.82 -30.19 6.14
C MET N 145 64.24 -29.88 5.73
N ILE N 146 64.97 -30.89 5.28
CA ILE N 146 66.36 -30.69 4.93
C ILE N 146 66.49 -29.61 3.87
N VAL N 147 65.65 -29.66 2.85
CA VAL N 147 65.72 -28.68 1.78
C VAL N 147 65.58 -27.28 2.36
N HIS N 148 64.55 -27.06 3.16
CA HIS N 148 64.30 -25.74 3.70
C HIS N 148 65.41 -25.31 4.65
N GLU N 149 66.00 -26.26 5.35
CA GLU N 149 67.12 -25.93 6.23
C GLU N 149 68.19 -25.27 5.39
N GLN N 150 68.54 -25.89 4.29
CA GLN N 150 69.57 -25.35 3.42
C GLN N 150 69.13 -24.02 2.82
N ILE N 151 67.88 -23.92 2.42
CA ILE N 151 67.40 -22.70 1.79
C ILE N 151 67.42 -21.50 2.71
N ASP N 152 66.91 -21.64 3.92
CA ASP N 152 66.81 -20.47 4.81
C ASP N 152 67.35 -20.71 6.22
N GLY N 153 67.46 -21.96 6.64
CA GLY N 153 67.89 -22.22 7.99
C GLY N 153 66.69 -22.56 8.84
N LYS N 154 65.50 -22.36 8.31
CA LYS N 154 64.28 -22.73 9.02
C LYS N 154 63.81 -24.08 8.54
N PRO N 155 64.10 -25.14 9.29
CA PRO N 155 63.73 -26.48 8.83
C PRO N 155 62.23 -26.68 8.93
N PHE N 156 61.56 -25.92 9.79
CA PHE N 156 60.13 -26.09 9.99
C PHE N 156 59.33 -25.01 9.27
N ILE N 157 60.01 -24.16 8.51
CA ILE N 157 59.31 -23.15 7.71
C ILE N 157 58.57 -22.05 8.50
N PHE N 158 57.66 -22.44 9.38
CA PHE N 158 56.86 -21.43 10.08
C PHE N 158 57.34 -21.13 11.51
N PHE N 159 58.22 -21.96 12.04
CA PHE N 159 58.73 -21.75 13.39
C PHE N 159 60.14 -22.27 13.51
N ASP N 160 60.89 -21.78 14.49
CA ASP N 160 62.28 -22.19 14.64
C ASP N 160 62.41 -23.58 15.21
N LYS N 161 61.71 -23.86 16.30
CA LYS N 161 61.80 -25.18 16.93
C LYS N 161 60.57 -25.52 17.75
N PHE N 162 60.38 -26.80 18.02
CA PHE N 162 59.23 -27.24 18.79
C PHE N 162 59.45 -27.11 20.28
N GLU N 163 58.37 -26.95 21.04
CA GLU N 163 58.49 -26.93 22.48
C GLU N 163 57.63 -28.07 22.99
N ILE N 164 58.20 -28.95 23.79
CA ILE N 164 57.46 -30.13 24.21
C ILE N 164 56.75 -29.97 25.53
N TYR N 165 55.65 -30.68 25.71
CA TYR N 165 54.98 -30.66 27.01
C TYR N 165 55.00 -32.08 27.54
N ALA N 166 55.98 -32.38 28.37
CA ALA N 166 56.07 -33.70 28.95
C ALA N 166 55.91 -33.59 30.44
N PRO N 167 54.68 -33.76 30.93
CA PRO N 167 54.45 -33.58 32.36
C PRO N 167 55.23 -34.56 33.21
N PHE N 168 55.01 -35.85 33.00
CA PHE N 168 55.69 -36.86 33.81
C PHE N 168 57.18 -36.83 33.59
N GLY N 169 57.60 -36.67 32.34
CA GLY N 169 59.01 -36.64 32.03
C GLY N 169 59.69 -35.52 32.78
N ASN N 170 59.04 -34.37 32.88
CA ASN N 170 59.61 -33.22 33.58
C ASN N 170 61.11 -33.35 33.80
N ALA O 1 38.30 -47.72 -25.27
CA ALA O 1 39.65 -47.23 -25.03
C ALA O 1 39.70 -45.72 -25.20
N TRP O 2 40.28 -45.04 -24.23
CA TRP O 2 40.32 -43.59 -24.29
C TRP O 2 40.91 -43.13 -25.60
N ARG O 3 42.01 -43.75 -26.02
CA ARG O 3 42.68 -43.31 -27.25
C ARG O 3 41.78 -43.47 -28.46
N ASP O 4 40.90 -44.47 -28.43
CA ASP O 4 40.06 -44.73 -29.59
C ASP O 4 38.80 -43.90 -29.61
N GLU O 5 38.54 -43.16 -28.54
CA GLU O 5 37.29 -42.42 -28.46
C GLU O 5 37.51 -40.92 -28.31
N VAL O 6 38.61 -40.54 -27.68
CA VAL O 6 38.86 -39.12 -27.44
C VAL O 6 38.82 -38.33 -28.74
N VAL O 7 38.18 -37.17 -28.71
CA VAL O 7 38.11 -36.34 -29.89
C VAL O 7 38.59 -34.93 -29.60
N VAL O 8 38.29 -34.43 -28.40
CA VAL O 8 38.72 -33.09 -28.03
C VAL O 8 40.18 -33.10 -27.64
N GLY O 9 40.91 -32.05 -28.03
CA GLY O 9 42.32 -31.96 -27.69
C GLY O 9 43.24 -32.27 -28.85
N ILE O 10 42.73 -33.01 -29.83
CA ILE O 10 43.54 -33.33 -31.00
C ILE O 10 43.29 -32.28 -32.05
N THR O 11 44.29 -31.43 -32.31
CA THR O 11 44.08 -30.33 -33.25
C THR O 11 45.01 -30.39 -34.46
N ALA O 12 45.11 -29.29 -35.20
CA ALA O 12 45.89 -29.29 -36.45
C ALA O 12 47.40 -29.20 -36.37
N PRO O 13 47.93 -28.23 -35.60
CA PRO O 13 49.38 -28.09 -35.65
C PRO O 13 50.16 -29.38 -35.42
N VAL O 14 49.75 -30.22 -34.49
CA VAL O 14 50.55 -31.42 -34.17
C VAL O 14 49.77 -32.72 -34.11
N GLY O 15 48.44 -32.64 -34.13
CA GLY O 15 47.63 -33.85 -34.03
C GLY O 15 47.77 -34.42 -32.63
N PHE O 16 47.60 -35.73 -32.48
CA PHE O 16 47.78 -36.34 -31.17
C PHE O 16 49.22 -36.13 -30.75
N PHE O 17 49.42 -35.62 -29.55
CA PHE O 17 50.77 -35.29 -29.10
C PHE O 17 51.17 -36.03 -27.85
N ASP O 18 51.91 -37.13 -28.01
CA ASP O 18 52.41 -37.85 -26.87
C ASP O 18 53.77 -38.40 -27.23
N PRO O 19 54.76 -37.50 -27.38
CA PRO O 19 56.09 -37.94 -27.79
C PRO O 19 56.68 -38.95 -26.82
N LEU O 20 56.44 -38.77 -25.53
CA LEU O 20 57.00 -39.68 -24.53
C LEU O 20 56.08 -40.84 -24.27
N GLY O 21 54.94 -40.87 -24.95
CA GLY O 21 54.00 -41.97 -24.80
C GLY O 21 53.59 -42.18 -23.37
N LEU O 22 53.16 -41.13 -22.70
CA LEU O 22 52.80 -41.23 -21.28
C LEU O 22 51.39 -41.75 -21.10
N SER O 23 50.73 -42.12 -22.18
CA SER O 23 49.36 -42.60 -22.10
C SER O 23 49.15 -43.92 -22.81
N LYS O 24 50.22 -44.63 -23.10
CA LYS O 24 50.10 -45.87 -23.86
C LYS O 24 49.37 -46.97 -23.10
N GLY O 25 49.74 -47.20 -21.86
CA GLY O 25 49.14 -48.30 -21.11
C GLY O 25 48.13 -47.88 -20.06
N LYS O 26 47.85 -46.59 -19.97
CA LYS O 26 46.94 -46.10 -18.95
C LYS O 26 45.51 -46.54 -19.24
N ASP O 27 44.75 -46.81 -18.19
CA ASP O 27 43.35 -47.20 -18.36
C ASP O 27 42.48 -45.98 -18.50
N ASP O 28 41.19 -46.19 -18.72
CA ASP O 28 40.28 -45.07 -18.92
C ASP O 28 40.23 -44.17 -17.70
N ALA O 29 40.26 -44.75 -16.51
CA ALA O 29 40.19 -43.97 -15.29
C ALA O 29 41.39 -43.05 -15.14
N THR O 30 42.58 -43.58 -15.37
CA THR O 30 43.78 -42.77 -15.26
C THR O 30 43.75 -41.67 -16.29
N MET O 31 43.36 -42.02 -17.52
CA MET O 31 43.30 -41.03 -18.57
C MET O 31 42.28 -39.96 -18.23
N ALA O 32 41.17 -40.35 -17.61
CA ALA O 32 40.18 -39.37 -17.20
C ALA O 32 40.77 -38.42 -16.18
N TYR O 33 41.55 -38.95 -15.25
CA TYR O 33 42.18 -38.10 -14.26
C TYR O 33 43.09 -37.11 -14.96
N TYR O 34 43.84 -37.58 -15.94
CA TYR O 34 44.76 -36.71 -16.65
C TYR O 34 44.03 -35.57 -17.34
N ARG O 35 42.93 -35.87 -18.02
CA ARG O 35 42.20 -34.83 -18.73
C ARG O 35 41.64 -33.82 -17.76
N GLU O 36 41.09 -34.30 -16.65
CA GLU O 36 40.54 -33.40 -15.66
C GLU O 36 41.64 -32.51 -15.10
N ALA O 37 42.79 -33.09 -14.82
CA ALA O 37 43.90 -32.31 -14.32
C ALA O 37 44.35 -31.30 -15.34
N GLU O 38 44.40 -31.72 -16.60
CA GLU O 38 44.85 -30.83 -17.65
C GLU O 38 43.96 -29.62 -17.70
N LEU O 39 42.65 -29.85 -17.73
CA LEU O 39 41.71 -28.75 -17.83
C LEU O 39 41.79 -27.86 -16.61
N LYS O 40 41.86 -28.44 -15.43
CA LYS O 40 41.86 -27.63 -14.22
C LYS O 40 43.12 -26.80 -14.16
N ASN O 41 44.27 -27.43 -14.42
CA ASN O 41 45.52 -26.70 -14.35
C ASN O 41 45.47 -25.57 -15.35
N GLY O 42 45.00 -25.86 -16.55
CA GLY O 42 44.90 -24.83 -17.58
C GLY O 42 43.96 -23.70 -17.26
N ARG O 43 42.77 -24.02 -16.77
CA ARG O 43 41.79 -22.99 -16.45
C ARG O 43 42.30 -22.08 -15.37
N VAL O 44 42.92 -22.65 -14.34
CA VAL O 44 43.47 -21.84 -13.27
C VAL O 44 44.57 -20.95 -13.82
N ALA O 45 45.36 -21.48 -14.74
CA ALA O 45 46.42 -20.69 -15.34
C ALA O 45 45.85 -19.50 -16.09
N MET O 46 44.81 -19.72 -16.86
CA MET O 46 44.23 -18.64 -17.63
C MET O 46 43.83 -17.53 -16.69
N ALA O 47 43.16 -17.89 -15.60
CA ALA O 47 42.72 -16.89 -14.64
C ALA O 47 43.90 -16.16 -14.03
N ALA O 48 44.91 -16.91 -13.63
CA ALA O 48 46.08 -16.30 -13.02
C ALA O 48 46.69 -15.31 -13.98
N CYS O 49 46.77 -15.68 -15.24
CA CYS O 49 47.37 -14.81 -16.22
C CYS O 49 46.64 -13.47 -16.22
N LEU O 50 45.31 -13.51 -16.30
CA LEU O 50 44.55 -12.28 -16.34
C LEU O 50 44.81 -11.46 -15.08
N GLY O 51 44.85 -12.11 -13.94
CA GLY O 51 45.09 -11.41 -12.70
C GLY O 51 46.43 -10.71 -12.71
N TRP O 52 47.47 -11.43 -13.10
CA TRP O 52 48.79 -10.84 -13.14
C TRP O 52 48.80 -9.65 -14.06
N TYR O 53 48.22 -9.82 -15.24
CA TYR O 53 48.24 -8.73 -16.21
C TYR O 53 47.59 -7.48 -15.65
N LEU O 54 46.44 -7.62 -15.01
CA LEU O 54 45.75 -6.46 -14.48
C LEU O 54 46.57 -5.77 -13.40
N ASN O 55 47.11 -6.54 -12.47
CA ASN O 55 47.90 -5.95 -11.39
C ASN O 55 49.11 -5.25 -11.97
N ALA O 56 49.82 -5.92 -12.86
CA ALA O 56 51.01 -5.33 -13.46
C ALA O 56 50.65 -4.04 -14.16
N GLY O 57 49.52 -4.03 -14.84
CA GLY O 57 49.08 -2.84 -15.54
C GLY O 57 48.80 -1.71 -14.59
N GLY O 58 48.49 -2.05 -13.34
CA GLY O 58 48.23 -1.03 -12.35
C GLY O 58 46.76 -0.90 -12.00
N VAL O 59 45.91 -1.66 -12.68
CA VAL O 59 44.49 -1.62 -12.38
C VAL O 59 44.16 -2.54 -11.22
N HIS O 60 44.61 -2.19 -10.03
CA HIS O 60 44.26 -2.96 -8.85
C HIS O 60 43.55 -2.03 -7.90
N PRO O 61 42.29 -1.72 -8.20
CA PRO O 61 41.56 -0.74 -7.40
C PRO O 61 40.96 -1.32 -6.12
N ALA O 62 41.80 -1.91 -5.28
CA ALA O 62 41.32 -2.44 -4.01
C ALA O 62 42.27 -2.03 -2.92
N PHE O 63 41.77 -1.92 -1.69
CA PHE O 63 42.60 -1.48 -0.58
C PHE O 63 43.22 -0.15 -0.93
N ASN O 64 42.45 0.73 -1.56
CA ASN O 64 42.94 2.04 -1.95
C ASN O 64 44.20 1.91 -2.79
N SER O 65 44.26 0.88 -3.62
CA SER O 65 45.42 0.68 -4.49
C SER O 65 46.70 0.73 -3.68
N GLU O 66 46.65 0.26 -2.44
CA GLU O 66 47.82 0.28 -1.58
C GLU O 66 48.83 -0.78 -1.97
N LEU O 67 48.37 -1.95 -2.34
CA LEU O 67 49.28 -3.05 -2.66
C LEU O 67 50.15 -2.74 -3.87
N SER O 68 51.31 -3.39 -3.96
CA SER O 68 52.24 -3.10 -5.06
C SER O 68 51.75 -3.58 -6.41
N ASN O 69 52.28 -3.01 -7.48
CA ASN O 69 51.90 -3.43 -8.82
C ASN O 69 52.53 -4.77 -9.14
N ASP O 70 53.66 -5.08 -8.51
CA ASP O 70 54.28 -6.37 -8.72
C ASP O 70 53.38 -7.43 -8.12
N PRO O 71 52.92 -8.36 -8.96
CA PRO O 71 51.98 -9.36 -8.46
C PRO O 71 52.55 -10.21 -7.33
N LEU O 72 53.82 -10.61 -7.43
CA LEU O 72 54.41 -11.47 -6.42
C LEU O 72 54.62 -10.74 -5.09
N LYS O 73 54.93 -9.45 -5.14
CA LYS O 73 55.07 -8.69 -3.91
C LYS O 73 53.72 -8.51 -3.25
N ALA O 74 52.70 -8.28 -4.06
CA ALA O 74 51.37 -8.05 -3.52
C ALA O 74 50.89 -9.24 -2.69
N MET O 75 51.18 -10.45 -3.14
CA MET O 75 50.69 -11.63 -2.44
C MET O 75 51.22 -11.61 -1.01
N VAL O 76 52.47 -11.23 -0.85
CA VAL O 76 53.05 -11.18 0.49
C VAL O 76 52.34 -10.12 1.31
N GLU O 77 51.96 -9.03 0.67
CA GLU O 77 51.31 -7.93 1.38
C GLU O 77 49.88 -8.26 1.80
N LEU O 78 49.24 -9.21 1.13
CA LEU O 78 47.86 -9.56 1.44
C LEU O 78 47.75 -10.18 2.82
N PRO O 79 46.78 -9.73 3.63
CA PRO O 79 46.59 -10.38 4.93
C PRO O 79 46.24 -11.84 4.80
N ALA O 80 46.59 -12.65 5.78
CA ALA O 80 46.32 -14.08 5.72
C ALA O 80 44.82 -14.37 5.66
N VAL O 81 44.04 -13.54 6.33
CA VAL O 81 42.60 -13.74 6.34
C VAL O 81 42.09 -13.81 4.91
N GLY O 82 42.68 -13.01 4.03
CA GLY O 82 42.29 -13.03 2.64
C GLY O 82 42.64 -14.34 1.99
N TRP O 83 43.82 -14.86 2.28
CA TRP O 83 44.27 -16.10 1.69
C TRP O 83 43.44 -17.28 2.18
N LEU O 84 43.15 -17.29 3.47
CA LEU O 84 42.38 -18.39 4.04
C LEU O 84 41.04 -18.50 3.36
N GLN O 85 40.35 -17.37 3.19
CA GLN O 85 39.06 -17.40 2.54
C GLN O 85 39.19 -18.00 1.16
N PHE O 86 40.25 -17.63 0.44
CA PHE O 86 40.45 -18.13 -0.91
C PHE O 86 40.55 -19.64 -0.92
N VAL O 87 41.44 -20.18 -0.10
CA VAL O 87 41.64 -21.62 -0.08
C VAL O 87 40.38 -22.35 0.33
N LEU O 88 39.74 -21.87 1.39
CA LEU O 88 38.54 -22.54 1.88
C LEU O 88 37.41 -22.49 0.86
N GLY O 89 37.25 -21.35 0.20
CA GLY O 89 36.21 -21.22 -0.79
C GLY O 89 36.42 -22.16 -1.95
N CYS O 90 37.66 -22.22 -2.44
CA CYS O 90 37.96 -23.13 -3.54
C CYS O 90 37.75 -24.56 -3.07
N GLY O 91 38.08 -24.83 -1.82
CA GLY O 91 37.88 -26.16 -1.29
C GLY O 91 36.43 -26.55 -1.32
N ALA O 92 35.55 -25.62 -1.02
CA ALA O 92 34.13 -25.90 -1.05
C ALA O 92 33.70 -26.32 -2.43
N ILE O 93 34.13 -25.56 -3.44
CA ILE O 93 33.74 -25.88 -4.80
C ILE O 93 34.28 -27.24 -5.17
N GLU O 94 35.46 -27.57 -4.67
CA GLU O 94 36.05 -28.86 -4.97
C GLU O 94 35.15 -29.98 -4.45
N TRP O 95 34.57 -29.77 -3.28
CA TRP O 95 33.68 -30.77 -2.72
C TRP O 95 32.49 -30.98 -3.62
N LEU O 96 31.87 -29.89 -4.05
CA LEU O 96 30.70 -30.00 -4.91
C LEU O 96 31.09 -30.70 -6.19
N GLY O 97 32.27 -30.41 -6.70
CA GLY O 97 32.73 -31.05 -7.92
C GLY O 97 32.80 -32.55 -7.75
N GLN O 98 33.24 -33.00 -6.59
CA GLN O 98 33.34 -34.42 -6.33
C GLN O 98 31.97 -35.04 -6.41
N GLN O 99 30.96 -34.35 -5.91
CA GLN O 99 29.60 -34.87 -6.00
C GLN O 99 29.20 -35.05 -7.45
N ILE O 100 29.48 -34.06 -8.27
CA ILE O 100 29.14 -34.13 -9.69
C ILE O 100 29.86 -35.28 -10.36
N LYS O 101 31.11 -35.49 -10.00
CA LYS O 101 31.90 -36.54 -10.61
C LYS O 101 31.28 -37.90 -10.35
N GLU O 102 30.81 -38.11 -9.13
CA GLU O 102 30.22 -39.39 -8.77
C GLU O 102 28.97 -39.69 -9.59
N ARG O 103 28.19 -38.67 -9.88
CA ARG O 103 26.96 -38.88 -10.64
C ARG O 103 27.25 -39.58 -11.95
N PRO O 104 26.42 -40.55 -12.33
CA PRO O 104 26.64 -41.30 -13.56
C PRO O 104 26.61 -40.43 -14.81
N GLY O 105 27.46 -40.72 -15.78
CA GLY O 105 27.48 -39.95 -17.02
C GLY O 105 28.42 -38.77 -16.99
N TYR O 106 29.27 -38.70 -15.97
CA TYR O 106 30.17 -37.56 -15.85
C TYR O 106 31.20 -37.53 -16.96
N VAL O 107 31.33 -36.39 -17.61
CA VAL O 107 32.35 -36.24 -18.63
C VAL O 107 33.48 -35.46 -18.00
N PRO O 108 34.68 -36.03 -18.00
CA PRO O 108 35.78 -35.37 -17.30
C PRO O 108 35.88 -33.89 -17.63
N GLY O 109 35.82 -33.04 -16.60
CA GLY O 109 35.94 -31.61 -16.81
C GLY O 109 34.65 -30.83 -16.86
N ASP O 110 33.52 -31.51 -17.04
CA ASP O 110 32.25 -30.83 -17.15
C ASP O 110 31.60 -30.63 -15.79
N LEU O 111 31.52 -29.39 -15.34
CA LEU O 111 30.91 -29.11 -14.06
C LEU O 111 29.55 -28.45 -14.27
N LEU O 112 29.30 -27.97 -15.47
CA LEU O 112 28.02 -27.35 -15.78
C LEU O 112 27.04 -28.42 -16.22
N GLY O 113 27.55 -29.61 -16.51
CA GLY O 113 26.71 -30.69 -16.96
C GLY O 113 26.16 -30.45 -18.35
N ALA O 114 26.99 -29.92 -19.23
CA ALA O 114 26.56 -29.61 -20.60
C ALA O 114 26.19 -30.87 -21.35
N SER O 115 26.57 -32.02 -20.81
CA SER O 115 26.25 -33.28 -21.46
C SER O 115 24.75 -33.44 -21.58
N TYR O 116 24.01 -32.79 -20.69
CA TYR O 116 22.56 -32.89 -20.70
C TYR O 116 21.96 -32.36 -21.99
N TRP O 117 22.60 -31.35 -22.58
CA TRP O 117 22.06 -30.74 -23.79
C TRP O 117 22.84 -31.07 -25.04
N VAL O 118 24.16 -31.11 -24.95
CA VAL O 118 24.98 -31.34 -26.14
C VAL O 118 25.92 -32.51 -26.00
N ASP O 119 26.25 -33.16 -27.11
CA ASP O 119 27.21 -34.25 -27.08
C ASP O 119 28.38 -33.91 -28.00
N ASN O 120 29.37 -34.79 -28.08
CA ASN O 120 30.54 -34.51 -28.90
C ASN O 120 30.25 -34.73 -30.36
N SER O 121 29.05 -35.17 -30.70
CA SER O 121 28.68 -35.31 -32.09
C SER O 121 28.71 -33.95 -32.75
N ASP O 122 28.25 -32.94 -32.03
CA ASP O 122 28.27 -31.58 -32.56
C ASP O 122 29.69 -31.08 -32.74
N GLU O 123 30.03 -30.68 -33.95
CA GLU O 123 31.37 -30.19 -34.22
C GLU O 123 31.63 -28.84 -33.56
N GLY O 124 30.60 -28.01 -33.51
CA GLY O 124 30.76 -26.72 -32.86
C GLY O 124 31.15 -26.90 -31.43
N TRP O 125 30.52 -27.85 -30.75
CA TRP O 125 30.82 -28.10 -29.36
C TRP O 125 32.25 -28.55 -29.19
N VAL O 126 32.67 -29.51 -29.99
CA VAL O 126 34.03 -30.03 -29.85
C VAL O 126 35.03 -28.93 -30.16
N MET O 127 34.73 -28.09 -31.14
CA MET O 127 35.65 -27.04 -31.52
C MET O 127 35.83 -26.03 -30.40
N TYR O 128 34.74 -25.60 -29.80
CA TYR O 128 34.83 -24.60 -28.74
C TYR O 128 35.59 -25.20 -27.57
N GLN O 129 35.36 -26.46 -27.30
CA GLN O 129 36.07 -27.12 -26.21
C GLN O 129 37.54 -27.13 -26.52
N ASN O 130 37.90 -27.36 -27.77
CA ASN O 130 39.30 -27.36 -28.18
C ASN O 130 39.92 -26.01 -27.92
N LYS O 131 39.18 -24.94 -28.16
CA LYS O 131 39.70 -23.61 -27.94
C LYS O 131 40.05 -23.39 -26.47
N GLU O 132 39.20 -23.86 -25.58
CA GLU O 132 39.49 -23.75 -24.15
C GLU O 132 40.78 -24.47 -23.85
N LEU O 133 40.89 -25.71 -24.33
CA LEU O 133 42.09 -26.48 -24.06
C LEU O 133 43.33 -25.84 -24.63
N ASN O 134 43.26 -25.41 -25.88
CA ASN O 134 44.44 -24.84 -26.51
C ASN O 134 44.90 -23.58 -25.80
N ASN O 135 43.96 -22.71 -25.46
CA ASN O 135 44.31 -21.47 -24.78
C ASN O 135 44.82 -21.78 -23.39
N GLY O 136 44.27 -22.81 -22.77
CA GLY O 136 44.73 -23.21 -21.45
C GLY O 136 46.13 -23.74 -21.49
N ARG O 137 46.43 -24.53 -22.50
CA ARG O 137 47.77 -25.08 -22.63
C ARG O 137 48.76 -23.94 -22.76
N LEU O 138 48.43 -22.97 -23.60
CA LEU O 138 49.31 -21.82 -23.79
C LEU O 138 49.45 -21.04 -22.50
N ALA O 139 48.34 -20.84 -21.80
CA ALA O 139 48.38 -20.07 -20.57
C ALA O 139 49.27 -20.71 -19.53
N MET O 140 49.24 -22.03 -19.46
CA MET O 140 50.05 -22.73 -18.49
C MET O 140 51.50 -22.36 -18.71
N LEU O 141 51.97 -22.47 -19.94
CA LEU O 141 53.35 -22.15 -20.24
C LEU O 141 53.63 -20.70 -19.94
N ALA O 142 52.70 -19.82 -20.27
CA ALA O 142 52.90 -18.39 -20.05
C ALA O 142 53.09 -18.02 -18.60
N ILE O 143 52.23 -18.53 -17.72
CA ILE O 143 52.33 -18.18 -16.32
C ILE O 143 53.66 -18.64 -15.78
N VAL O 144 54.15 -19.77 -16.26
CA VAL O 144 55.45 -20.24 -15.84
C VAL O 144 56.54 -19.32 -16.37
N GLY O 145 56.39 -18.83 -17.58
CA GLY O 145 57.37 -17.91 -18.13
C GLY O 145 57.39 -16.61 -17.40
N MET O 146 56.22 -16.05 -17.12
CA MET O 146 56.15 -14.74 -16.47
C MET O 146 56.79 -14.76 -15.09
N VAL O 147 56.54 -15.81 -14.33
CA VAL O 147 57.13 -15.91 -13.00
C VAL O 147 58.63 -15.88 -13.10
N TYR O 148 59.19 -16.60 -14.06
CA TYR O 148 60.63 -16.59 -14.25
C TYR O 148 61.11 -15.16 -14.46
N GLN O 149 60.44 -14.45 -15.35
CA GLN O 149 60.84 -13.09 -15.65
C GLN O 149 60.80 -12.22 -14.41
N ASP O 150 59.75 -12.34 -13.61
CA ASP O 150 59.61 -11.51 -12.42
C ASP O 150 60.60 -11.89 -11.34
N VAL O 151 60.91 -13.17 -11.21
CA VAL O 151 61.80 -13.62 -10.14
C VAL O 151 63.26 -13.56 -10.52
N PHE O 152 63.58 -13.76 -11.79
CA PHE O 152 64.98 -13.80 -12.20
C PHE O 152 65.36 -12.61 -13.07
N VAL O 153 64.67 -12.44 -14.19
CA VAL O 153 64.95 -11.31 -15.07
C VAL O 153 64.70 -10.00 -14.34
N GLY O 154 63.64 -9.95 -13.53
CA GLY O 154 63.37 -8.75 -12.75
C GLY O 154 62.25 -7.84 -13.26
N ASP O 155 61.51 -8.30 -14.25
CA ASP O 155 60.42 -7.49 -14.80
C ASP O 155 59.10 -8.22 -14.67
N TYR O 156 58.01 -7.47 -14.52
CA TYR O 156 56.69 -8.09 -14.45
C TYR O 156 55.74 -7.49 -15.48
N GLY O 157 56.29 -7.09 -16.62
CA GLY O 157 55.47 -6.52 -17.68
C GLY O 157 55.87 -7.10 -19.02
N ASP O 158 55.12 -6.78 -20.06
CA ASP O 158 55.41 -7.37 -21.37
C ASP O 158 56.74 -6.89 -21.89
N MET O 159 57.61 -7.82 -22.24
CA MET O 159 58.90 -7.46 -22.79
C MET O 159 58.93 -7.91 -24.23
N MET O 160 57.76 -8.19 -24.78
CA MET O 160 57.69 -8.67 -26.15
C MET O 160 56.97 -7.69 -27.07
N TYR O 161 55.76 -7.29 -26.72
CA TYR O 161 55.00 -6.38 -27.58
C TYR O 161 55.05 -4.95 -27.08
N LYS O 162 55.77 -4.72 -26.00
CA LYS O 162 55.81 -3.38 -25.41
C LYS O 162 56.41 -2.39 -26.37
N GLN O 163 57.39 -2.83 -27.16
CA GLN O 163 58.03 -1.94 -28.13
C GLN O 163 57.13 -1.74 -29.32
N LEU O 164 55.93 -1.22 -29.08
CA LEU O 164 54.97 -0.98 -30.15
C LEU O 164 55.35 -1.70 -31.44
N SER P 1 -20.30 -23.69 41.68
CA SER P 1 -19.91 -24.16 43.01
C SER P 1 -19.47 -25.60 42.93
N VAL P 2 -20.11 -26.37 42.06
CA VAL P 2 -19.72 -27.75 41.89
C VAL P 2 -18.38 -27.81 41.18
N PHE P 3 -17.88 -26.65 40.76
CA PHE P 3 -16.60 -26.58 40.05
C PHE P 3 -16.71 -27.17 38.66
N ASP P 4 -17.12 -28.43 38.58
CA ASP P 4 -17.19 -29.08 37.29
C ASP P 4 -18.05 -28.30 36.30
N ASP P 5 -19.21 -27.85 36.75
CA ASP P 5 -20.11 -27.14 35.87
C ASP P 5 -19.46 -25.88 35.31
N ALA P 6 -18.83 -25.10 36.18
CA ALA P 6 -18.19 -23.88 35.75
C ALA P 6 -17.15 -24.17 34.68
N VAL P 7 -16.34 -25.19 34.91
CA VAL P 7 -15.32 -25.54 33.94
C VAL P 7 -15.97 -25.90 32.62
N LYS P 8 -17.04 -26.68 32.67
CA LYS P 8 -17.73 -27.08 31.45
C LYS P 8 -18.21 -25.87 30.70
N ASP P 9 -18.81 -24.93 31.42
CA ASP P 9 -19.33 -23.73 30.79
C ASP P 9 -18.22 -22.96 30.10
N TRP P 10 -17.07 -22.85 30.74
CA TRP P 10 -15.95 -22.14 30.16
C TRP P 10 -15.57 -22.81 28.85
N ALA P 11 -15.48 -24.13 28.86
CA ALA P 11 -15.10 -24.86 27.66
C ALA P 11 -16.07 -24.55 26.55
N GLU P 12 -17.35 -24.52 26.86
CA GLU P 12 -18.37 -24.24 25.86
C GLU P 12 -18.21 -22.84 25.31
N GLU P 13 -18.06 -21.86 26.18
CA GLU P 13 -17.92 -20.48 25.75
C GLU P 13 -16.63 -20.25 24.97
N TYR P 14 -15.55 -20.89 25.40
CA TYR P 14 -14.28 -20.73 24.71
C TYR P 14 -13.73 -22.10 24.35
N PRO P 15 -14.32 -22.75 23.35
CA PRO P 15 -13.92 -24.12 23.01
C PRO P 15 -12.53 -24.23 22.40
N GLN P 16 -12.17 -23.31 21.51
CA GLN P 16 -10.89 -23.41 20.81
C GLN P 16 -9.73 -23.49 21.79
N PHE P 17 -9.69 -22.58 22.75
CA PHE P 17 -8.60 -22.56 23.71
C PHE P 17 -8.65 -23.78 24.60
N ALA P 18 -9.85 -24.17 25.01
CA ALA P 18 -9.98 -25.30 25.93
C ALA P 18 -9.37 -26.55 25.35
N ALA P 19 -9.39 -26.68 24.04
CA ALA P 19 -8.87 -27.87 23.39
C ALA P 19 -7.41 -28.11 23.72
N TRP P 20 -6.62 -27.06 23.81
CA TRP P 20 -5.19 -27.20 24.06
C TRP P 20 -4.85 -27.32 25.54
N GLY P 21 -5.81 -27.06 26.40
CA GLY P 21 -5.56 -27.13 27.83
C GLY P 21 -5.52 -25.78 28.49
N TRP P 22 -5.84 -24.73 27.73
CA TRP P 22 -5.86 -23.39 28.29
C TRP P 22 -7.02 -23.23 29.24
N GLY P 23 -6.99 -22.20 30.06
CA GLY P 23 -8.10 -21.92 30.95
C GLY P 23 -8.12 -22.69 32.26
N PRO P 24 -9.30 -22.86 32.84
CA PRO P 24 -9.42 -23.57 34.11
C PRO P 24 -9.26 -25.07 33.93
N SER P 25 -8.02 -25.54 33.82
CA SER P 25 -7.76 -26.95 33.61
C SER P 25 -6.69 -27.47 34.54
N VAL P 26 -6.56 -28.79 34.63
CA VAL P 26 -5.53 -29.37 35.47
C VAL P 26 -4.15 -29.00 34.95
N GLN P 27 -3.99 -29.00 33.64
CA GLN P 27 -2.70 -28.65 33.06
C GLN P 27 -2.25 -27.30 33.56
N ALA P 28 -3.13 -26.32 33.48
CA ALA P 28 -2.80 -24.99 33.94
C ALA P 28 -2.47 -25.00 35.42
N GLU P 29 -3.27 -25.71 36.20
CA GLU P 29 -3.06 -25.74 37.63
C GLU P 29 -1.67 -26.26 37.92
N ILE P 30 -1.25 -27.29 37.21
CA ILE P 30 0.06 -27.86 37.44
C ILE P 30 1.16 -26.90 37.05
N TRP P 31 1.09 -26.36 35.84
CA TRP P 31 2.16 -25.48 35.37
C TRP P 31 2.27 -24.20 36.17
N ASN P 32 1.15 -23.53 36.39
CA ASN P 32 1.17 -22.29 37.14
C ASN P 32 1.67 -22.56 38.56
N GLY P 33 1.30 -23.69 39.12
CA GLY P 33 1.77 -24.05 40.45
C GLY P 33 3.26 -24.26 40.49
N ARG P 34 3.80 -24.96 39.49
CA ARG P 34 5.23 -25.20 39.43
C ARG P 34 5.97 -23.88 39.42
N HIS P 35 5.49 -22.94 38.63
CA HIS P 35 6.14 -21.64 38.54
C HIS P 35 6.11 -20.90 39.86
N ALA P 36 4.98 -20.94 40.55
CA ALA P 36 4.86 -20.28 41.84
C ALA P 36 5.81 -20.87 42.85
N MET P 37 5.90 -22.19 42.90
CA MET P 37 6.82 -22.84 43.82
C MET P 37 8.22 -22.35 43.55
N PHE P 38 8.61 -22.34 42.28
CA PHE P 38 9.94 -21.90 41.91
C PHE P 38 10.17 -20.46 42.30
N GLY P 39 9.18 -19.62 42.06
CA GLY P 39 9.31 -18.21 42.36
C GLY P 39 9.61 -17.96 43.83
N TRP P 40 8.91 -18.65 44.71
CA TRP P 40 9.14 -18.46 46.12
C TRP P 40 10.62 -18.44 46.38
N VAL P 41 11.35 -19.34 45.73
CA VAL P 41 12.79 -19.39 45.90
C VAL P 41 13.40 -18.10 45.43
N VAL P 42 12.97 -17.61 44.28
CA VAL P 42 13.53 -16.38 43.73
C VAL P 42 13.26 -15.22 44.66
N MET P 43 12.04 -15.11 45.15
CA MET P 43 11.68 -14.00 46.01
C MET P 43 12.47 -14.05 47.31
N CYS P 44 12.62 -15.23 47.89
CA CYS P 44 13.38 -15.36 49.11
C CYS P 44 14.83 -15.00 48.87
N ALA P 45 15.37 -15.42 47.73
CA ALA P 45 16.74 -15.11 47.39
C ALA P 45 16.93 -13.61 47.29
N CYS P 46 15.98 -12.94 46.64
CA CYS P 46 16.06 -11.50 46.49
C CYS P 46 16.07 -10.84 47.85
N ALA P 47 15.23 -11.33 48.75
CA ALA P 47 15.17 -10.77 50.08
C ALA P 47 16.49 -10.96 50.79
N TYR P 48 17.07 -12.14 50.69
CA TYR P 48 18.32 -12.41 51.36
C TYR P 48 19.39 -11.47 50.84
N ALA P 49 19.47 -11.34 49.52
CA ALA P 49 20.49 -10.49 48.94
C ALA P 49 20.31 -9.05 49.37
N LYS P 50 19.07 -8.57 49.37
CA LYS P 50 18.80 -7.21 49.75
C LYS P 50 19.24 -6.98 51.19
N GLY P 51 18.88 -7.89 52.07
CA GLY P 51 19.25 -7.75 53.46
C GLY P 51 20.74 -7.87 53.70
N HIS P 52 21.39 -8.78 52.97
CA HIS P 52 22.81 -9.01 53.18
C HIS P 52 23.65 -8.20 52.21
N GLY P 53 23.04 -7.23 51.55
CA GLY P 53 23.78 -6.37 50.65
C GLY P 53 24.68 -7.09 49.67
N LEU P 54 24.12 -8.08 48.99
CA LEU P 54 24.91 -8.86 48.05
C LEU P 54 24.90 -8.22 46.67
N ILE P 55 23.75 -7.71 46.23
CA ILE P 55 23.65 -7.12 44.91
C ILE P 55 24.70 -6.04 44.75
N PRO P 56 25.49 -6.12 43.67
CA PRO P 56 26.58 -5.16 43.49
C PRO P 56 26.11 -3.77 43.10
N ASP P 57 26.58 -2.74 43.78
CA ASP P 57 26.23 -1.36 43.42
C ASP P 57 24.76 -1.16 43.14
N ALA P 58 23.91 -1.43 44.12
CA ALA P 58 22.49 -1.21 43.93
C ALA P 58 22.21 0.27 44.05
N ASP P 59 20.94 0.65 44.09
CA ASP P 59 20.57 2.06 44.26
C ASP P 59 21.36 2.99 43.36
N GLN P 60 21.74 2.51 42.18
CA GLN P 60 22.43 3.36 41.23
C GLN P 60 21.79 3.12 39.88
N THR P 61 21.73 4.15 39.05
CA THR P 61 21.03 4.00 37.78
C THR P 61 21.97 3.72 36.62
N LEU P 62 21.54 2.86 35.70
CA LEU P 62 22.36 2.53 34.55
C LEU P 62 22.59 3.75 33.68
N ASP P 63 23.71 3.81 32.99
CA ASP P 63 24.04 4.98 32.16
C ASP P 63 23.17 5.07 30.92
N LEU P 64 22.59 6.23 30.67
CA LEU P 64 21.72 6.40 29.52
C LEU P 64 22.53 6.39 28.23
N LYS P 65 23.84 6.46 28.36
CA LYS P 65 24.69 6.45 27.19
C LYS P 65 25.13 5.05 26.85
N GLU P 66 25.63 4.31 27.84
CA GLU P 66 26.01 2.93 27.59
C GLU P 66 24.81 2.17 27.17
N TRP P 67 23.75 2.26 27.95
CA TRP P 67 22.50 1.62 27.58
C TRP P 67 21.70 2.66 26.86
N GLY P 68 20.46 2.38 26.51
CA GLY P 68 19.71 3.33 25.72
C GLY P 68 18.48 3.90 26.36
N THR P 69 17.61 4.48 25.55
CA THR P 69 16.37 5.02 26.06
C THR P 69 15.52 3.89 26.60
N LEU P 70 15.82 2.67 26.20
CA LEU P 70 15.07 1.52 26.68
C LEU P 70 15.25 1.38 28.17
N ALA P 71 16.29 2.01 28.72
CA ALA P 71 16.56 1.91 30.13
C ALA P 71 15.99 3.09 30.89
N THR P 72 15.13 3.86 30.25
CA THR P 72 14.59 5.04 30.90
C THR P 72 13.23 4.79 31.52
N ILE P 73 13.03 5.30 32.72
CA ILE P 73 11.74 5.15 33.38
C ILE P 73 10.90 6.37 33.09
N SER P 74 11.51 7.54 33.20
CA SER P 74 10.80 8.77 32.89
C SER P 74 11.80 9.81 32.44
N GLY P 75 11.66 10.30 31.21
CA GLY P 75 12.60 11.26 30.70
C GLY P 75 13.97 10.63 30.59
N LYS P 76 14.95 11.24 31.24
CA LYS P 76 16.30 10.70 31.21
C LYS P 76 16.58 9.82 32.43
N ASN P 77 15.63 9.71 33.33
CA ASN P 77 15.79 8.88 34.51
C ASN P 77 15.90 7.44 34.09
N THR P 78 16.79 6.68 34.72
CA THR P 78 17.00 5.30 34.29
C THR P 78 16.75 4.28 35.40
N ILE P 79 16.68 3.01 35.03
CA ILE P 79 16.43 1.95 35.99
C ILE P 79 17.61 1.73 36.93
N THR P 80 17.34 1.41 38.18
CA THR P 80 18.42 1.13 39.12
C THR P 80 19.05 -0.22 38.83
N ASN P 81 20.30 -0.40 39.22
CA ASN P 81 21.00 -1.65 38.94
C ASN P 81 20.29 -2.84 39.57
N GLU P 82 19.75 -2.67 40.76
CA GLU P 82 19.11 -3.78 41.44
C GLU P 82 17.99 -4.37 40.61
N ARG P 83 17.06 -3.52 40.16
CA ARG P 83 15.93 -4.02 39.40
C ARG P 83 16.42 -4.67 38.12
N ALA P 84 17.42 -4.06 37.50
CA ALA P 84 17.96 -4.62 36.27
C ALA P 84 18.47 -6.03 36.50
N ILE P 85 19.24 -6.22 37.57
CA ILE P 85 19.81 -7.53 37.85
C ILE P 85 18.72 -8.55 38.13
N ILE P 86 17.71 -8.16 38.91
CA ILE P 86 16.63 -9.08 39.23
C ILE P 86 15.97 -9.52 37.93
N LEU P 87 15.78 -8.59 37.01
CA LEU P 87 15.14 -8.91 35.75
C LEU P 87 15.98 -9.89 34.94
N ILE P 88 17.29 -9.67 34.90
CA ILE P 88 18.17 -10.54 34.12
C ILE P 88 18.12 -11.96 34.66
N ALA P 89 18.03 -12.10 35.97
CA ALA P 89 17.92 -13.42 36.55
C ALA P 89 16.68 -14.09 36.04
N ASN P 90 15.56 -13.37 36.05
CA ASN P 90 14.32 -13.93 35.58
C ASN P 90 14.41 -14.26 34.09
N VAL P 91 15.11 -13.43 33.33
CA VAL P 91 15.27 -13.68 31.90
C VAL P 91 16.06 -14.95 31.68
N HIS P 92 17.06 -15.22 32.49
CA HIS P 92 17.76 -16.49 32.35
C HIS P 92 16.72 -17.59 32.41
N ALA P 93 15.86 -17.55 33.41
CA ALA P 93 14.83 -18.60 33.58
C ALA P 93 13.83 -18.65 32.44
N LEU P 94 13.33 -17.50 32.02
CA LEU P 94 12.34 -17.46 30.95
C LEU P 94 12.87 -18.11 29.69
N MET P 95 14.16 -17.89 29.40
CA MET P 95 14.76 -18.46 28.21
C MET P 95 14.66 -19.97 28.24
N VAL P 96 14.94 -20.56 29.39
CA VAL P 96 14.84 -22.01 29.51
C VAL P 96 13.42 -22.43 29.22
N GLY P 97 12.46 -21.68 29.74
CA GLY P 97 11.06 -22.01 29.53
C GLY P 97 10.65 -21.96 28.08
N LEU P 98 11.12 -20.94 27.37
CA LEU P 98 10.78 -20.80 25.97
C LEU P 98 11.30 -21.97 25.17
N ALA P 99 12.52 -22.41 25.46
CA ALA P 99 13.09 -23.53 24.75
C ALA P 99 12.24 -24.77 24.99
N ALA P 100 11.83 -24.97 26.23
CA ALA P 100 11.01 -26.13 26.57
C ALA P 100 9.66 -26.08 25.88
N THR P 101 9.11 -24.89 25.72
CA THR P 101 7.83 -24.75 25.04
C THR P 101 7.94 -24.98 23.55
N ILE P 102 8.95 -24.40 22.92
CA ILE P 102 9.08 -24.50 21.47
C ILE P 102 9.72 -25.81 21.01
N SER P 103 10.64 -26.34 21.80
CA SER P 103 11.35 -27.55 21.39
C SER P 103 11.26 -28.63 22.45
N PRO P 104 10.07 -29.19 22.63
CA PRO P 104 9.88 -30.21 23.67
C PRO P 104 10.56 -31.52 23.33
N ASN P 105 10.87 -32.33 24.35
CA ASN P 105 11.48 -33.63 24.12
C ASN P 105 10.41 -34.65 23.81
N SER P 106 10.78 -35.93 23.74
CA SER P 106 9.81 -36.97 23.46
C SER P 106 9.24 -37.57 24.72
N PHE P 107 9.84 -37.23 25.86
CA PHE P 107 9.39 -37.78 27.13
C PHE P 107 9.15 -36.66 28.12
N ALA P 108 8.68 -35.53 27.64
CA ALA P 108 8.53 -34.38 28.51
C ALA P 108 7.09 -33.93 28.65
N ASP P 109 6.80 -33.22 29.72
CA ASP P 109 5.46 -32.70 29.91
C ASP P 109 5.33 -31.41 29.14
N THR P 110 4.61 -31.46 28.02
CA THR P 110 4.44 -30.28 27.20
C THR P 110 3.50 -29.30 27.87
N LEU P 111 3.68 -28.02 27.60
CA LEU P 111 2.82 -27.00 28.20
C LEU P 111 1.38 -27.21 27.78
N LEU P 112 1.16 -27.45 26.50
CA LEU P 112 -0.19 -27.65 26.01
C LEU P 112 -0.38 -29.09 25.55
N LEU P 113 -1.61 -29.58 25.63
CA LEU P 113 -1.88 -30.95 25.24
C LEU P 113 -1.96 -31.08 23.74
N ASP P 114 -0.97 -31.74 23.14
CA ASP P 114 -0.94 -31.89 21.69
C ASP P 114 -1.14 -33.34 21.30
N PRO P 115 -2.16 -33.61 20.50
CA PRO P 115 -2.46 -35.00 20.10
C PRO P 115 -1.29 -35.65 19.39
N ASN P 116 -0.39 -34.85 18.81
CA ASN P 116 0.71 -35.41 18.05
C ASN P 116 1.97 -35.61 18.88
N HIS P 117 1.91 -35.30 20.18
CA HIS P 117 3.05 -35.54 21.04
C HIS P 117 2.93 -36.90 21.69
N PRO P 118 4.07 -37.61 21.84
CA PRO P 118 3.99 -38.96 22.37
C PRO P 118 3.47 -39.03 23.80
N MET P 119 3.58 -37.95 24.55
CA MET P 119 3.18 -37.96 25.96
C MET P 119 1.74 -37.55 26.17
N TYR P 120 0.99 -37.37 25.08
CA TYR P 120 -0.39 -36.91 25.21
C TYR P 120 -1.20 -37.83 26.09
N GLU P 121 -1.13 -39.13 25.85
CA GLU P 121 -1.95 -40.06 26.60
C GLU P 121 -1.63 -40.06 28.09
N TRP P 122 -0.35 -40.12 28.43
CA TRP P 122 0.03 -40.12 29.83
C TRP P 122 -0.47 -38.87 30.51
N GLN P 123 -0.29 -37.73 29.86
CA GLN P 123 -0.71 -36.46 30.44
C GLN P 123 -2.21 -36.46 30.64
N MET P 124 -2.94 -36.92 29.64
CA MET P 124 -4.39 -36.95 29.75
C MET P 124 -4.81 -37.82 30.92
N GLU P 125 -4.14 -38.95 31.10
CA GLU P 125 -4.46 -39.85 32.20
C GLU P 125 -4.12 -39.22 33.53
N ARG P 126 -2.94 -38.63 33.65
CA ARG P 126 -2.52 -38.06 34.92
C ARG P 126 -3.49 -36.99 35.35
N ASN P 127 -3.87 -36.13 34.41
CA ASN P 127 -4.78 -35.05 34.73
C ASN P 127 -6.14 -35.59 35.15
N SER P 128 -6.55 -36.70 34.54
CA SER P 128 -7.87 -37.25 34.83
C SER P 128 -8.03 -37.76 36.24
N LYS P 129 -6.93 -38.05 36.91
CA LYS P 129 -7.00 -38.61 38.26
C LYS P 129 -6.30 -37.72 39.26
N LEU P 130 -6.14 -36.44 38.96
CA LEU P 130 -5.40 -35.56 39.85
C LEU P 130 -6.28 -34.46 40.41
N GLY P 131 -7.60 -34.61 40.31
CA GLY P 131 -8.50 -33.57 40.77
C GLY P 131 -9.19 -33.85 42.09
N GLY P 132 -9.10 -32.92 43.02
CA GLY P 132 -9.76 -33.09 44.31
C GLY P 132 -9.67 -31.85 45.15
N VAL P 133 -10.46 -31.78 46.22
CA VAL P 133 -10.42 -30.64 47.12
C VAL P 133 -9.35 -30.82 48.17
N MET P 134 -9.15 -32.05 48.62
CA MET P 134 -8.19 -32.31 49.68
C MET P 134 -6.98 -33.07 49.18
N PRO P 135 -5.78 -32.66 49.61
CA PRO P 135 -4.57 -33.38 49.21
C PRO P 135 -4.69 -34.85 49.53
N ASN P 136 -4.39 -35.72 48.58
CA ASN P 136 -4.51 -37.15 48.81
C ASN P 136 -3.23 -37.72 49.39
N LEU P 137 -3.22 -37.92 50.70
CA LEU P 137 -2.06 -38.51 51.33
C LEU P 137 -1.98 -39.95 50.89
N GLY P 138 -0.89 -40.62 51.25
CA GLY P 138 -0.70 -41.99 50.80
C GLY P 138 0.00 -41.98 49.46
N LYS P 139 0.12 -40.80 48.89
CA LYS P 139 0.83 -40.68 47.63
C LYS P 139 1.89 -39.64 47.84
N MET P 140 2.47 -39.64 49.04
CA MET P 140 3.51 -38.70 49.35
C MET P 140 4.73 -39.06 48.53
N GLY P 141 5.76 -38.23 48.62
CA GLY P 141 6.96 -38.48 47.84
C GLY P 141 6.84 -37.79 46.51
N VAL P 142 7.61 -38.26 45.55
CA VAL P 142 7.58 -37.63 44.25
C VAL P 142 6.50 -38.21 43.37
N THR P 143 5.29 -37.70 43.53
CA THR P 143 4.19 -38.17 42.74
C THR P 143 3.50 -36.98 42.12
N PRO P 144 2.73 -37.20 41.06
CA PRO P 144 1.97 -36.08 40.50
C PRO P 144 1.12 -35.43 41.57
N GLU P 145 0.54 -36.23 42.44
CA GLU P 145 -0.30 -35.70 43.50
C GLU P 145 0.44 -34.71 44.38
N ALA P 146 1.61 -35.10 44.87
CA ALA P 146 2.38 -34.22 45.73
C ALA P 146 2.66 -32.91 45.02
N GLU P 147 2.99 -32.99 43.73
CA GLU P 147 3.33 -31.79 43.00
C GLU P 147 2.17 -30.82 43.01
N LEU P 148 0.97 -31.30 42.69
CA LEU P 148 -0.18 -30.41 42.62
C LEU P 148 -0.47 -29.81 43.99
N ALA P 149 -0.40 -30.62 45.03
CA ALA P 149 -0.70 -30.13 46.36
C ALA P 149 0.23 -29.00 46.71
N ASN P 150 1.53 -29.23 46.52
CA ASN P 150 2.51 -28.21 46.85
C ASN P 150 2.32 -26.96 46.00
N GLY P 151 1.96 -27.15 44.73
CA GLY P 151 1.73 -26.02 43.85
C GLY P 151 0.59 -25.15 44.31
N ARG P 152 -0.52 -25.75 44.69
CA ARG P 152 -1.66 -24.99 45.19
C ARG P 152 -1.22 -24.23 46.43
N MET P 153 -0.47 -24.87 47.30
CA MET P 153 0.00 -24.23 48.50
C MET P 153 0.79 -22.98 48.15
N ALA P 154 1.71 -23.10 47.21
CA ALA P 154 2.56 -21.97 46.84
C ALA P 154 1.74 -20.82 46.28
N MET P 155 0.80 -21.13 45.41
CA MET P 155 -0.02 -20.08 44.81
C MET P 155 -0.82 -19.35 45.87
N MET P 156 -1.35 -20.09 46.83
CA MET P 156 -2.10 -19.47 47.92
C MET P 156 -1.19 -18.53 48.70
N GLY P 157 0.05 -18.95 48.93
CA GLY P 157 0.97 -18.14 49.68
C GLY P 157 1.20 -16.81 49.00
N ILE P 158 1.31 -16.82 47.69
CA ILE P 158 1.53 -15.59 46.95
C ILE P 158 0.40 -14.63 47.24
N ILE P 159 -0.83 -15.12 47.13
CA ILE P 159 -1.99 -14.28 47.38
C ILE P 159 -1.94 -13.73 48.79
N THR P 160 -1.66 -14.60 49.75
CA THR P 160 -1.64 -14.17 51.14
C THR P 160 -0.57 -13.10 51.38
N CYS P 161 0.60 -13.29 50.79
CA CYS P 161 1.68 -12.34 51.01
C CYS P 161 1.27 -10.95 50.54
N ILE P 162 0.71 -10.87 49.35
CA ILE P 162 0.31 -9.58 48.81
C ILE P 162 -0.70 -8.93 49.72
N ALA P 163 -1.69 -9.70 50.15
CA ALA P 163 -2.73 -9.15 51.01
C ALA P 163 -2.17 -8.67 52.33
N TYR P 164 -1.37 -9.50 52.98
CA TYR P 164 -0.81 -9.13 54.27
C TYR P 164 0.04 -7.88 54.11
N SER P 165 0.81 -7.83 53.04
CA SER P 165 1.66 -6.68 52.82
C SER P 165 0.82 -5.44 52.77
N GLY P 166 -0.28 -5.48 52.04
CA GLY P 166 -1.16 -4.33 51.94
C GLY P 166 -1.79 -3.96 53.26
N ILE P 167 -2.33 -4.95 53.97
CA ILE P 167 -2.99 -4.68 55.23
C ILE P 167 -2.01 -4.05 56.20
N GLN P 168 -0.79 -4.56 56.24
CA GLN P 168 0.21 -4.02 57.15
C GLN P 168 0.96 -2.86 56.50
N GLY P 169 0.58 -2.51 55.29
CA GLY P 169 1.23 -1.41 54.59
C GLY P 169 2.72 -1.58 54.52
N GLN P 170 3.18 -2.74 54.05
CA GLN P 170 4.61 -2.99 53.95
C GLN P 170 4.95 -3.64 52.62
N SER P 171 6.22 -3.65 52.25
CA SER P 171 6.63 -4.31 51.03
C SER P 171 6.54 -5.80 51.18
N MET P 172 6.39 -6.51 50.08
CA MET P 172 6.31 -7.96 50.14
C MET P 172 7.61 -8.54 50.69
N ILE P 173 8.74 -7.93 50.35
CA ILE P 173 10.02 -8.41 50.85
C ILE P 173 10.02 -8.36 52.37
N ASP P 174 9.48 -7.29 52.93
CA ASP P 174 9.44 -7.15 54.38
C ASP P 174 8.61 -8.25 55.01
N THR P 175 7.46 -8.54 54.42
CA THR P 175 6.60 -9.57 54.97
C THR P 175 7.32 -10.91 54.93
N ILE P 176 8.05 -11.16 53.87
CA ILE P 176 8.80 -12.40 53.77
C ILE P 176 9.78 -12.49 54.93
N ASN P 177 10.53 -11.43 55.14
CA ASN P 177 11.51 -11.44 56.21
C ASN P 177 10.82 -11.68 57.52
N GLU P 178 9.68 -11.04 57.72
CA GLU P 178 8.93 -11.18 58.96
C GLU P 178 8.50 -12.62 59.19
N TRP P 179 7.98 -13.26 58.16
CA TRP P 179 7.49 -14.62 58.31
C TRP P 179 8.64 -15.60 58.53
N VAL P 180 9.84 -15.20 58.12
CA VAL P 180 11.00 -16.06 58.34
C VAL P 180 11.58 -15.80 59.73
N GLY P 181 11.20 -14.70 60.34
CA GLY P 181 11.71 -14.36 61.65
C GLY P 181 12.72 -13.25 61.61
N GLY P 182 12.76 -12.51 60.51
CA GLY P 182 13.70 -11.42 60.39
C GLY P 182 15.11 -11.88 60.09
N ALA P 183 15.25 -13.11 59.63
CA ALA P 183 16.57 -13.66 59.35
C ALA P 183 17.26 -12.95 58.21
N TYR P 184 16.55 -12.72 57.11
CA TYR P 184 17.17 -12.11 55.94
C TYR P 184 17.69 -10.71 56.23
N PHE P 185 16.92 -9.92 56.94
CA PHE P 185 17.33 -8.55 57.25
C PHE P 185 17.74 -8.44 58.71
N GLU Q 1 -60.93 -9.53 37.31
CA GLU Q 1 -60.90 -8.34 36.48
C GLU Q 1 -60.38 -7.13 37.23
N MET Q 2 -61.04 -6.78 38.33
CA MET Q 2 -60.62 -5.62 39.10
C MET Q 2 -59.65 -6.02 40.21
N SER Q 3 -58.62 -5.21 40.42
CA SER Q 3 -57.62 -5.52 41.43
C SER Q 3 -58.20 -5.55 42.83
N LYS Q 4 -57.72 -6.47 43.65
CA LYS Q 4 -58.17 -6.54 45.03
C LYS Q 4 -57.59 -5.38 45.82
N SER Q 5 -56.31 -5.11 45.64
CA SER Q 5 -55.66 -4.03 46.37
C SER Q 5 -56.24 -2.68 45.98
N ILE Q 6 -56.33 -2.41 44.69
CA ILE Q 6 -56.92 -1.18 44.22
C ILE Q 6 -58.25 -1.54 43.59
N PRO Q 7 -59.35 -1.27 44.29
CA PRO Q 7 -60.67 -1.69 43.80
C PRO Q 7 -61.15 -1.01 42.52
N PHE Q 8 -60.55 0.11 42.13
CA PHE Q 8 -61.04 0.84 40.97
C PHE Q 8 -60.17 0.69 39.73
N LEU Q 9 -59.33 -0.34 39.69
CA LEU Q 9 -58.47 -0.58 38.54
C LEU Q 9 -58.52 -2.03 38.09
N THR Q 10 -58.23 -2.27 36.82
CA THR Q 10 -58.25 -3.63 36.30
C THR Q 10 -56.91 -4.32 36.56
N VAL Q 11 -56.95 -5.56 37.02
CA VAL Q 11 -55.72 -6.28 37.35
C VAL Q 11 -54.99 -6.77 36.11
N PRO Q 12 -53.66 -6.58 36.08
CA PRO Q 12 -52.89 -7.09 34.94
C PRO Q 12 -53.01 -8.60 34.85
N GLU Q 13 -52.94 -9.16 33.64
CA GLU Q 13 -53.15 -10.59 33.47
C GLU Q 13 -52.16 -11.47 34.22
N LYS Q 14 -50.88 -11.16 34.13
CA LYS Q 14 -49.87 -12.02 34.75
C LYS Q 14 -50.11 -12.19 36.24
N LEU Q 15 -50.64 -11.16 36.89
CA LEU Q 15 -50.95 -11.29 38.31
C LEU Q 15 -52.20 -12.11 38.44
N ASP Q 16 -52.04 -13.41 38.66
CA ASP Q 16 -53.19 -14.30 38.73
C ASP Q 16 -53.38 -14.95 40.09
N GLY Q 17 -52.54 -14.60 41.06
CA GLY Q 17 -52.67 -15.15 42.39
C GLY Q 17 -51.80 -16.37 42.62
N SER Q 18 -51.11 -16.80 41.58
CA SER Q 18 -50.23 -17.96 41.70
C SER Q 18 -49.08 -17.71 42.66
N MET Q 19 -48.37 -16.61 42.45
CA MET Q 19 -47.20 -16.33 43.29
C MET Q 19 -47.59 -15.76 44.64
N ALA Q 20 -46.70 -15.90 45.61
CA ALA Q 20 -46.98 -15.37 46.93
C ALA Q 20 -46.95 -13.85 46.91
N GLY Q 21 -47.82 -13.22 47.68
CA GLY Q 21 -47.83 -11.78 47.75
C GLY Q 21 -48.51 -11.11 46.58
N ASP Q 22 -49.32 -11.86 45.85
CA ASP Q 22 -50.03 -11.30 44.72
C ASP Q 22 -51.34 -10.69 45.17
N VAL Q 23 -51.32 -9.42 45.56
CA VAL Q 23 -52.54 -8.75 45.96
C VAL Q 23 -53.05 -7.96 44.77
N GLY Q 24 -52.66 -8.36 43.57
CA GLY Q 24 -53.09 -7.67 42.38
C GLY Q 24 -52.61 -6.23 42.31
N PHE Q 25 -51.35 -6.00 42.64
CA PHE Q 25 -50.83 -4.63 42.63
C PHE Q 25 -49.83 -4.38 41.53
N ASP Q 26 -50.27 -3.74 40.45
CA ASP Q 26 -49.35 -3.37 39.38
C ASP Q 26 -50.01 -2.24 38.63
N PRO Q 27 -50.15 -1.08 39.27
CA PRO Q 27 -50.85 0.04 38.65
C PRO Q 27 -50.19 0.50 37.36
N MET Q 28 -48.87 0.50 37.30
CA MET Q 28 -48.19 1.02 36.11
C MET Q 28 -48.00 -0.06 35.04
N GLY Q 29 -48.49 -1.26 35.28
CA GLY Q 29 -48.40 -2.31 34.28
C GLY Q 29 -47.02 -2.68 33.83
N LEU Q 30 -46.11 -2.90 34.76
CA LEU Q 30 -44.74 -3.26 34.42
C LEU Q 30 -44.60 -4.76 34.23
N SER Q 31 -45.69 -5.49 34.32
CA SER Q 31 -45.62 -6.94 34.21
C SER Q 31 -45.89 -7.46 32.81
N ASP Q 32 -46.48 -6.62 31.97
CA ASP Q 32 -46.84 -7.08 30.62
C ASP Q 32 -45.65 -7.31 29.71
N ILE Q 33 -44.70 -6.38 29.69
CA ILE Q 33 -43.57 -6.49 28.78
C ILE Q 33 -42.65 -7.64 29.17
N GLN Q 34 -42.74 -8.09 30.40
CA GLN Q 34 -41.86 -9.15 30.86
C GLN Q 34 -42.38 -10.52 30.48
N THR Q 35 -41.50 -11.40 30.04
CA THR Q 35 -41.91 -12.75 29.69
C THR Q 35 -42.46 -13.46 30.90
N ASP Q 36 -41.77 -13.33 32.02
CA ASP Q 36 -42.25 -13.93 33.26
C ASP Q 36 -41.79 -13.06 34.41
N LEU Q 37 -42.28 -13.34 35.61
CA LEU Q 37 -41.92 -12.51 36.74
C LEU Q 37 -40.88 -13.18 37.63
N ASN Q 38 -40.20 -14.17 37.08
CA ASN Q 38 -39.19 -14.89 37.86
C ASN Q 38 -38.01 -14.01 38.24
N TYR Q 39 -37.40 -13.37 37.26
CA TYR Q 39 -36.23 -12.54 37.53
C TYR Q 39 -36.62 -11.42 38.46
N ALA Q 40 -37.80 -10.86 38.24
CA ALA Q 40 -38.28 -9.78 39.09
C ALA Q 40 -38.46 -10.26 40.52
N ARG Q 41 -38.99 -11.47 40.70
CA ARG Q 41 -39.19 -12.00 42.03
C ARG Q 41 -37.86 -12.23 42.72
N TRP Q 42 -36.87 -12.71 41.99
CA TRP Q 42 -35.57 -12.89 42.57
C TRP Q 42 -35.10 -11.56 43.12
N ALA Q 43 -35.23 -10.51 42.32
CA ALA Q 43 -34.77 -9.19 42.73
C ALA Q 43 -35.54 -8.67 43.93
N GLU Q 44 -36.84 -8.87 43.94
CA GLU Q 44 -37.65 -8.38 45.03
C GLU Q 44 -37.14 -9.00 46.31
N LEU Q 45 -36.94 -10.31 46.28
CA LEU Q 45 -36.44 -11.01 47.46
C LEU Q 45 -35.05 -10.52 47.85
N LYS Q 46 -34.15 -10.43 46.88
CA LYS Q 46 -32.79 -10.02 47.19
C LYS Q 46 -32.78 -8.63 47.78
N HIS Q 47 -33.46 -7.70 47.13
CA HIS Q 47 -33.48 -6.33 47.61
C HIS Q 47 -34.03 -6.30 49.02
N GLY Q 48 -35.12 -7.02 49.25
CA GLY Q 48 -35.75 -7.03 50.56
C GLY Q 48 -34.89 -7.65 51.63
N ARG Q 49 -34.24 -8.75 51.31
CA ARG Q 49 -33.40 -9.42 52.29
C ARG Q 49 -32.24 -8.54 52.71
N ILE Q 50 -31.63 -7.85 51.75
CA ILE Q 50 -30.55 -6.95 52.07
C ILE Q 50 -31.05 -5.83 52.96
N CYS Q 51 -32.24 -5.32 52.62
CA CYS Q 51 -32.81 -4.23 53.40
C CYS Q 51 -33.13 -4.67 54.82
N MET Q 52 -33.59 -5.90 54.99
CA MET Q 52 -33.87 -6.40 56.31
C MET Q 52 -32.63 -6.28 57.16
N LEU Q 53 -31.54 -6.86 56.67
CA LEU Q 53 -30.30 -6.83 57.42
C LEU Q 53 -29.87 -5.40 57.68
N ALA Q 54 -30.02 -4.54 56.68
CA ALA Q 54 -29.57 -3.16 56.82
C ALA Q 54 -30.29 -2.45 57.95
N VAL Q 55 -31.61 -2.53 57.99
CA VAL Q 55 -32.37 -1.82 59.01
C VAL Q 55 -31.95 -2.30 60.39
N VAL Q 56 -31.85 -3.62 60.55
CA VAL Q 56 -31.46 -4.18 61.83
C VAL Q 56 -30.08 -3.68 62.19
N GLY Q 57 -29.16 -3.75 61.26
CA GLY Q 57 -27.80 -3.33 61.53
C GLY Q 57 -27.71 -1.88 61.92
N MET Q 58 -28.44 -1.03 61.21
CA MET Q 58 -28.37 0.39 61.49
C MET Q 58 -28.79 0.66 62.92
N VAL Q 59 -29.90 0.05 63.34
CA VAL Q 59 -30.36 0.24 64.70
C VAL Q 59 -29.34 -0.27 65.70
N TRP Q 60 -28.80 -1.46 65.45
CA TRP Q 60 -27.83 -2.02 66.38
C TRP Q 60 -26.63 -1.13 66.51
N GLN Q 61 -26.06 -0.72 65.39
CA GLN Q 61 -24.85 0.08 65.42
C GLN Q 61 -25.08 1.39 66.17
N GLU Q 62 -26.25 1.98 65.98
CA GLU Q 62 -26.56 3.22 66.70
C GLU Q 62 -26.79 2.97 68.18
N TYR Q 63 -27.49 1.89 68.50
CA TYR Q 63 -27.79 1.60 69.90
C TYR Q 63 -27.52 0.16 70.25
N GLY Q 64 -26.25 -0.24 70.24
CA GLY Q 64 -25.91 -1.63 70.52
C GLY Q 64 -24.44 -1.85 70.76
N PRO Q 65 -24.08 -3.06 71.22
CA PRO Q 65 -22.68 -3.37 71.50
C PRO Q 65 -21.86 -3.44 70.22
N HIS Q 66 -20.84 -2.59 70.10
CA HIS Q 66 -19.98 -2.61 68.93
C HIS Q 66 -18.87 -3.64 69.09
N LEU Q 67 -18.17 -3.94 68.01
CA LEU Q 67 -17.07 -4.89 68.09
C LEU Q 67 -15.89 -4.25 68.78
N PRO Q 68 -15.07 -5.07 69.44
CA PRO Q 68 -13.91 -4.54 70.16
C PRO Q 68 -12.95 -3.88 69.21
N GLY Q 69 -12.39 -2.74 69.61
CA GLY Q 69 -11.41 -2.06 68.78
C GLY Q 69 -11.89 -0.73 68.26
N ASP Q 70 -10.98 0.23 68.14
CA ASP Q 70 -11.34 1.53 67.59
C ASP Q 70 -11.54 1.35 66.10
N ALA Q 71 -12.08 2.37 65.45
CA ALA Q 71 -12.37 2.28 64.01
C ALA Q 71 -13.58 1.39 63.82
N TYR Q 72 -14.04 0.78 64.90
CA TYR Q 72 -15.22 -0.04 64.83
C TYR Q 72 -16.18 0.47 65.89
N ALA Q 73 -16.09 1.76 66.21
CA ALA Q 73 -16.91 2.30 67.27
C ALA Q 73 -17.88 3.39 66.80
N THR Q 74 -17.60 4.01 65.66
CA THR Q 74 -18.44 5.11 65.21
C THR Q 74 -19.90 4.68 65.12
N LYS Q 75 -20.77 5.38 65.83
CA LYS Q 75 -22.19 5.05 65.81
C LYS Q 75 -22.83 5.46 64.49
N ASP Q 76 -22.37 6.57 63.92
CA ASP Q 76 -22.91 7.02 62.65
C ASP Q 76 -22.77 5.92 61.61
N PRO Q 77 -23.90 5.48 61.03
CA PRO Q 77 -23.79 4.36 60.09
C PRO Q 77 -23.02 4.75 58.85
N TRP Q 78 -23.20 5.96 58.35
CA TRP Q 78 -22.53 6.39 57.13
C TRP Q 78 -21.03 6.57 57.31
N GLU Q 79 -20.63 7.12 58.44
CA GLU Q 79 -19.21 7.33 58.70
C GLU Q 79 -18.49 6.01 58.89
N ALA Q 80 -19.22 4.98 59.28
CA ALA Q 80 -18.59 3.70 59.55
C ALA Q 80 -17.78 3.20 58.37
N ILE Q 81 -18.33 3.34 57.17
CA ILE Q 81 -17.64 2.83 56.00
C ILE Q 81 -16.20 3.30 55.96
N SER Q 82 -16.01 4.61 55.96
CA SER Q 82 -14.66 5.16 55.88
C SER Q 82 -13.83 4.77 57.08
N SER Q 83 -14.42 4.83 58.26
CA SER Q 83 -13.69 4.52 59.48
C SER Q 83 -13.12 3.12 59.46
N VAL Q 84 -13.95 2.15 59.10
CA VAL Q 84 -13.50 0.75 59.15
C VAL Q 84 -12.36 0.51 58.16
N GLY Q 85 -12.42 1.14 57.00
CA GLY Q 85 -11.33 1.02 56.04
C GLY Q 85 -11.59 0.21 54.80
N PHE Q 86 -10.74 0.38 53.79
CA PHE Q 86 -10.92 -0.34 52.53
C PHE Q 86 -10.75 -1.83 52.68
N ALA Q 87 -9.76 -2.25 53.46
CA ALA Q 87 -9.48 -3.67 53.59
C ALA Q 87 -10.72 -4.43 54.05
N SER Q 88 -11.33 -3.98 55.13
CA SER Q 88 -12.49 -4.67 55.65
C SER Q 88 -13.59 -4.72 54.62
N ASN Q 89 -13.88 -3.59 54.01
CA ASN Q 89 -14.96 -3.53 53.04
C ASN Q 89 -14.69 -4.42 51.85
N PHE Q 90 -13.46 -4.40 51.36
CA PHE Q 90 -13.13 -5.19 50.19
C PHE Q 90 -13.35 -6.67 50.45
N GLN Q 91 -13.05 -7.12 51.63
CA GLN Q 91 -13.13 -8.52 51.88
C GLN Q 91 -14.56 -8.92 51.84
N THR Q 92 -15.44 -8.13 52.39
CA THR Q 92 -16.85 -8.44 52.34
C THR Q 92 -17.34 -8.46 50.90
N LEU Q 93 -16.94 -7.47 50.12
CA LEU Q 93 -17.39 -7.39 48.74
C LEU Q 93 -17.00 -8.63 47.97
N LEU Q 94 -15.75 -9.07 48.14
CA LEU Q 94 -15.29 -10.25 47.42
C LEU Q 94 -16.10 -11.47 47.80
N ALA Q 95 -16.40 -11.61 49.08
CA ALA Q 95 -17.20 -12.73 49.54
C ALA Q 95 -18.58 -12.73 48.89
N ILE Q 96 -19.22 -11.57 48.90
CA ILE Q 96 -20.54 -11.46 48.30
C ILE Q 96 -20.45 -11.80 46.84
N GLY Q 97 -19.39 -11.37 46.19
CA GLY Q 97 -19.21 -11.64 44.78
C GLY Q 97 -19.16 -13.12 44.51
N VAL Q 98 -18.44 -13.85 45.35
CA VAL Q 98 -18.30 -15.29 45.14
C VAL Q 98 -19.67 -15.92 45.16
N VAL Q 99 -20.45 -15.62 46.19
CA VAL Q 99 -21.77 -16.21 46.30
C VAL Q 99 -22.62 -15.85 45.09
N GLU Q 100 -22.57 -14.58 44.71
CA GLU Q 100 -23.38 -14.13 43.57
C GLU Q 100 -23.03 -14.86 42.29
N LEU Q 101 -21.74 -15.02 42.03
CA LEU Q 101 -21.33 -15.66 40.79
C LEU Q 101 -21.56 -17.17 40.84
N ALA Q 102 -21.51 -17.74 42.03
CA ALA Q 102 -21.74 -19.17 42.17
C ALA Q 102 -23.18 -19.52 41.89
N ASN Q 103 -24.11 -18.66 42.29
CA ASN Q 103 -25.52 -18.94 42.08
C ASN Q 103 -26.03 -18.26 40.83
N TRP Q 104 -25.12 -17.84 39.95
CA TRP Q 104 -25.52 -17.11 38.76
C TRP Q 104 -26.59 -17.83 37.97
N ASN Q 105 -26.40 -19.12 37.73
CA ASN Q 105 -27.35 -19.87 36.94
C ASN Q 105 -28.72 -19.88 37.57
N LYS Q 106 -28.76 -19.98 38.90
CA LYS Q 106 -30.04 -19.95 39.59
C LYS Q 106 -30.78 -18.67 39.31
N TYR Q 107 -30.09 -17.55 39.41
CA TYR Q 107 -30.73 -16.25 39.19
C TYR Q 107 -31.29 -16.15 37.79
N TYR Q 108 -30.57 -16.66 36.80
CA TYR Q 108 -31.02 -16.52 35.42
C TYR Q 108 -31.69 -17.78 34.93
N GLY Q 109 -32.00 -18.70 35.83
CA GLY Q 109 -32.61 -19.97 35.43
C GLY Q 109 -34.11 -20.02 35.61
N ASP Q 110 -34.67 -21.22 35.66
CA ASP Q 110 -36.11 -21.37 35.78
C ASP Q 110 -36.56 -22.06 37.07
N GLY Q 111 -35.72 -22.00 38.10
CA GLY Q 111 -36.06 -22.64 39.37
C GLY Q 111 -36.93 -21.76 40.24
N THR Q 112 -37.26 -22.24 41.43
CA THR Q 112 -38.06 -21.47 42.35
C THR Q 112 -37.36 -20.17 42.66
N PRO Q 113 -37.99 -19.04 42.32
CA PRO Q 113 -37.30 -17.77 42.53
C PRO Q 113 -36.99 -17.55 43.99
N GLY Q 114 -35.75 -17.23 44.31
CA GLY Q 114 -35.38 -16.94 45.69
C GLY Q 114 -34.75 -18.08 46.46
N ASP Q 115 -34.69 -19.26 45.87
CA ASP Q 115 -34.17 -20.42 46.57
C ASP Q 115 -32.76 -20.76 46.14
N ILE Q 116 -31.79 -20.59 47.04
CA ILE Q 116 -30.41 -20.91 46.72
C ILE Q 116 -29.94 -22.07 47.58
N GLY Q 117 -30.86 -22.73 48.27
CA GLY Q 117 -30.49 -23.89 49.07
C GLY Q 117 -30.28 -23.64 50.55
N TRP Q 118 -30.26 -22.38 50.94
CA TRP Q 118 -30.05 -22.04 52.34
C TRP Q 118 -31.37 -22.10 53.08
N THR Q 119 -32.00 -23.27 53.09
CA THR Q 119 -33.31 -23.38 53.72
C THR Q 119 -33.23 -23.95 55.13
N GLY Q 120 -32.03 -24.17 55.62
CA GLY Q 120 -31.90 -24.78 56.93
C GLY Q 120 -32.70 -26.05 56.94
N GLY Q 121 -33.26 -26.42 58.08
CA GLY Q 121 -34.11 -27.59 58.14
C GLY Q 121 -35.54 -27.14 57.95
N GLN Q 122 -35.74 -25.83 57.91
CA GLN Q 122 -37.07 -25.29 57.75
C GLN Q 122 -37.61 -25.63 56.38
N LEU Q 123 -38.86 -25.28 56.12
CA LEU Q 123 -39.47 -25.54 54.83
C LEU Q 123 -39.29 -27.00 54.47
N SER Q 124 -39.33 -27.85 55.48
CA SER Q 124 -39.22 -29.28 55.25
C SER Q 124 -40.28 -29.95 56.10
N LYS Q 125 -40.63 -31.18 55.74
CA LYS Q 125 -41.67 -31.89 56.48
C LYS Q 125 -42.91 -31.04 56.58
N MET Q 126 -43.23 -30.30 55.53
CA MET Q 126 -44.43 -29.47 55.53
C MET Q 126 -45.15 -29.49 54.20
N ASN Q 127 -46.47 -29.42 54.22
CA ASN Q 127 -47.24 -29.49 53.00
C ASN Q 127 -47.04 -28.25 52.15
N ASP Q 128 -47.42 -28.33 50.88
CA ASP Q 128 -47.23 -27.20 49.98
C ASP Q 128 -47.87 -25.94 50.52
N ALA Q 129 -49.06 -26.07 51.10
CA ALA Q 129 -49.76 -24.89 51.61
C ALA Q 129 -48.95 -24.23 52.70
N GLN Q 130 -48.42 -25.02 53.61
CA GLN Q 130 -47.61 -24.46 54.68
C GLN Q 130 -46.39 -23.77 54.10
N ILE Q 131 -45.82 -24.37 53.06
CA ILE Q 131 -44.65 -23.77 52.43
C ILE Q 131 -45.00 -22.40 51.89
N LYS Q 132 -46.15 -22.29 51.23
CA LYS Q 132 -46.54 -21.02 50.66
C LYS Q 132 -46.71 -19.99 51.75
N THR Q 133 -47.26 -20.39 52.88
CA THR Q 133 -47.46 -19.46 53.98
C THR Q 133 -46.12 -18.88 54.40
N ARG Q 134 -45.12 -19.74 54.55
CA ARG Q 134 -43.79 -19.25 54.93
C ARG Q 134 -43.28 -18.28 53.89
N MET Q 135 -43.41 -18.64 52.62
CA MET Q 135 -42.93 -17.78 51.56
C MET Q 135 -43.63 -16.44 51.55
N GLU Q 136 -44.92 -16.44 51.83
CA GLU Q 136 -45.66 -15.19 51.89
C GLU Q 136 -45.14 -14.33 53.02
N SER Q 137 -44.82 -14.96 54.15
CA SER Q 137 -44.31 -14.22 55.28
C SER Q 137 -43.03 -13.51 54.88
N GLU Q 138 -42.17 -14.20 54.14
CA GLU Q 138 -40.91 -13.60 53.73
C GLU Q 138 -41.14 -12.39 52.84
N ILE Q 139 -42.01 -12.53 51.86
CA ILE Q 139 -42.22 -11.43 50.92
C ILE Q 139 -42.82 -10.22 51.63
N VAL Q 140 -43.73 -10.46 52.56
CA VAL Q 140 -44.32 -9.36 53.30
C VAL Q 140 -43.24 -8.65 54.09
N HIS Q 141 -42.40 -9.42 54.77
CA HIS Q 141 -41.33 -8.81 55.55
C HIS Q 141 -40.33 -8.09 54.66
N CYS Q 142 -40.06 -8.63 53.48
CA CYS Q 142 -39.15 -7.99 52.55
C CYS Q 142 -39.66 -6.61 52.17
N ARG Q 143 -40.93 -6.54 51.81
CA ARG Q 143 -41.50 -5.27 51.38
C ARG Q 143 -41.49 -4.26 52.53
N LEU Q 144 -41.80 -4.72 53.73
CA LEU Q 144 -41.81 -3.83 54.87
C LEU Q 144 -40.42 -3.27 55.11
N ALA Q 145 -39.41 -4.12 55.01
CA ALA Q 145 -38.04 -3.68 55.23
C ALA Q 145 -37.64 -2.62 54.23
N MET Q 146 -37.97 -2.82 52.98
CA MET Q 146 -37.59 -1.88 51.93
C MET Q 146 -38.20 -0.50 52.18
N ILE Q 147 -39.47 -0.46 52.55
CA ILE Q 147 -40.10 0.82 52.87
C ILE Q 147 -39.40 1.43 54.06
N ALA Q 148 -39.12 0.62 55.06
CA ALA Q 148 -38.46 1.12 56.25
C ALA Q 148 -37.09 1.68 55.94
N PHE Q 149 -36.34 1.02 55.06
CA PHE Q 149 -35.01 1.47 54.74
C PHE Q 149 -35.06 2.88 54.19
N ILE Q 150 -35.96 3.14 53.26
CA ILE Q 150 -36.08 4.48 52.70
C ILE Q 150 -36.34 5.47 53.80
N GLY Q 151 -37.31 5.18 54.66
CA GLY Q 151 -37.65 6.08 55.74
C GLY Q 151 -36.48 6.33 56.67
N ALA Q 152 -35.82 5.26 57.09
CA ALA Q 152 -34.72 5.39 58.02
C ALA Q 152 -33.62 6.25 57.44
N THR Q 153 -33.20 5.94 56.21
CA THR Q 153 -32.14 6.69 55.58
C THR Q 153 -32.53 8.15 55.40
N HIS Q 154 -33.73 8.40 54.90
CA HIS Q 154 -34.17 9.76 54.67
C HIS Q 154 -34.25 10.53 55.97
N GLN Q 155 -34.81 9.93 57.00
CA GLN Q 155 -34.93 10.59 58.29
C GLN Q 155 -33.55 10.98 58.79
N THR Q 156 -32.58 10.07 58.62
CA THR Q 156 -31.23 10.35 59.10
C THR Q 156 -30.61 11.57 58.44
N PHE Q 157 -30.75 11.70 57.14
CA PHE Q 157 -30.11 12.81 56.43
C PHE Q 157 -30.93 14.09 56.38
N LEU Q 158 -32.22 13.99 56.72
CA LEU Q 158 -33.09 15.16 56.70
C LEU Q 158 -33.25 15.74 58.09
N LEU Q 159 -33.59 14.89 59.04
CA LEU Q 159 -33.80 15.35 60.40
C LEU Q 159 -32.51 15.33 61.18
N HIS Q 160 -31.53 14.57 60.69
CA HIS Q 160 -30.25 14.46 61.37
C HIS Q 160 -30.44 14.06 62.83
N LYS Q 161 -31.16 12.97 63.06
CA LYS Q 161 -31.39 12.50 64.42
C LYS Q 161 -31.38 10.98 64.47
N GLY Q 162 -31.12 10.42 65.63
CA GLY Q 162 -31.07 8.99 65.77
C GLY Q 162 -32.39 8.35 65.42
N LEU Q 163 -32.35 7.12 64.93
CA LEU Q 163 -33.57 6.46 64.52
C LEU Q 163 -34.56 6.32 65.67
N LEU Q 164 -34.08 5.93 66.84
CA LEU Q 164 -34.98 5.72 67.96
C LEU Q 164 -35.22 6.99 68.77
N ASP Q 165 -34.70 8.11 68.29
CA ASP Q 165 -34.95 9.38 68.96
C ASP Q 165 -36.27 9.95 68.49
N PHE Q 166 -37.27 9.91 69.36
CA PHE Q 166 -38.58 10.42 68.99
C PHE Q 166 -38.88 11.69 69.77
N SER Q 167 -38.57 12.83 69.18
CA SER Q 167 -38.80 14.10 69.85
C SER Q 167 -39.57 15.06 68.96
N TYR Q 168 -40.53 15.77 69.53
CA TYR Q 168 -41.35 16.69 68.75
C TYR Q 168 -41.44 18.05 69.44
#